data_1LDN
#
_entry.id   1LDN
#
_cell.length_a   84.900
_cell.length_b   118.200
_cell.length_c   135.500
_cell.angle_alpha   90.00
_cell.angle_beta   96.07
_cell.angle_gamma   90.00
#
_symmetry.space_group_name_H-M   'P 1 21 1'
#
loop_
_entity.id
_entity.type
_entity.pdbx_description
1 polymer 'L-LACTATE DEHYDROGENASE'
2 non-polymer 1,6-di-O-phosphono-beta-D-fructofuranose
3 non-polymer 'OXAMIC ACID'
4 non-polymer NICOTINAMIDE-ADENINE-DINUCLEOTIDE
5 water water
#
_entity_poly.entity_id   1
_entity_poly.type   'polypeptide(L)'
_entity_poly.pdbx_seq_one_letter_code
;MKNNGGARVVVIGAGFVGASYVFALMNQGIADEIVLIDANESKAIGDAMDFNHGKVFAPKPVDIWHGDYDDCRDADLVVI
CAGANQKPGETRLDLVDKNIAIFRSIVESVMASGFQGLFLVATNPVDILTYATWKFSGLPHERVIGSGTILDTARFRFLL
GEYFSVAPQNVHAYIIGEHGDTELPVWSQAYIGVMPIRKLVESKGEEAQKDLERIFVNVRDAAYQIIEKKGATYYGIAMG
LARVTRAILHNENAILTVSAYLDGLYGERDVYIGVPAVINRNGIREVIEIELNDDEKNRFHHSAATLKSVLARAFT
;
_entity_poly.pdbx_strand_id   A,B,C,D,E,F,G,H
#
loop_
_chem_comp.id
_chem_comp.type
_chem_comp.name
_chem_comp.formula
FBP D-saccharide, beta linking 1,6-di-O-phosphono-beta-D-fructofuranose 'C6 H14 O12 P2'
NAD non-polymer NICOTINAMIDE-ADENINE-DINUCLEOTIDE 'C21 H27 N7 O14 P2'
OXM non-polymer 'OXAMIC ACID' 'C2 H3 N O3'
#
# COMPACT_ATOMS: atom_id res chain seq x y z
N MET A 1 -8.55 8.81 -39.58
CA MET A 1 -8.57 9.43 -38.25
C MET A 1 -9.88 8.91 -37.62
N LYS A 2 -9.68 8.65 -36.33
CA LYS A 2 -10.78 8.18 -35.46
C LYS A 2 -11.28 9.46 -34.76
N ASN A 3 -10.34 10.38 -35.02
CA ASN A 3 -10.46 11.74 -34.51
C ASN A 3 -10.20 12.80 -35.60
N ASN A 4 -11.25 12.95 -36.39
CA ASN A 4 -11.42 13.92 -37.50
C ASN A 4 -10.26 13.76 -38.49
N GLY A 5 -10.36 12.64 -39.21
CA GLY A 5 -9.33 12.33 -40.20
C GLY A 5 -9.62 11.15 -41.10
N GLY A 6 -10.77 10.45 -40.95
CA GLY A 6 -10.96 9.31 -41.87
C GLY A 6 -12.30 9.25 -42.56
N ALA A 7 -12.80 8.01 -42.62
CA ALA A 7 -14.10 7.75 -43.26
C ALA A 7 -15.18 8.14 -42.27
N ARG A 8 -15.83 9.27 -42.58
CA ARG A 8 -16.91 9.66 -41.65
C ARG A 8 -18.23 9.30 -42.30
N VAL A 9 -18.91 8.34 -41.72
CA VAL A 9 -20.24 7.95 -42.24
C VAL A 9 -21.21 8.56 -41.20
N VAL A 10 -22.16 9.30 -41.68
CA VAL A 10 -23.16 10.00 -40.82
C VAL A 10 -24.54 9.38 -41.03
N VAL A 11 -25.14 8.78 -40.00
CA VAL A 11 -26.45 8.14 -40.18
C VAL A 11 -27.57 9.00 -39.62
N ILE A 12 -28.54 9.23 -40.47
CA ILE A 12 -29.70 10.05 -40.11
C ILE A 12 -30.94 9.16 -40.12
N GLY A 13 -31.40 8.92 -38.91
CA GLY A 13 -32.60 8.06 -38.72
C GLY A 13 -32.06 6.74 -38.12
N ALA A 14 -31.75 6.89 -36.85
CA ALA A 14 -31.26 5.80 -36.02
C ALA A 14 -32.47 5.03 -35.47
N GLY A 15 -33.28 4.47 -36.35
CA GLY A 15 -34.45 3.64 -35.93
C GLY A 15 -33.90 2.22 -36.17
N PHE A 16 -34.64 1.33 -36.77
CA PHE A 16 -34.17 -0.03 -37.09
C PHE A 16 -33.12 -0.10 -38.21
N VAL A 17 -33.53 0.27 -39.41
CA VAL A 17 -32.72 0.26 -40.62
C VAL A 17 -31.40 0.95 -40.32
N GLY A 18 -31.57 2.08 -39.64
CA GLY A 18 -30.39 2.87 -39.30
C GLY A 18 -29.33 2.28 -38.42
N ALA A 19 -29.76 1.78 -37.27
CA ALA A 19 -28.91 1.22 -36.23
C ALA A 19 -28.33 -0.14 -36.55
N SER A 20 -29.11 -0.92 -37.25
CA SER A 20 -28.79 -2.30 -37.71
C SER A 20 -27.58 -2.13 -38.65
N TYR A 21 -27.79 -1.09 -39.46
CA TYR A 21 -26.84 -0.64 -40.47
C TYR A 21 -25.52 -0.32 -39.77
N VAL A 22 -25.60 0.54 -38.78
CA VAL A 22 -24.44 0.98 -38.01
C VAL A 22 -23.76 -0.22 -37.34
N PHE A 23 -24.62 -1.21 -37.10
CA PHE A 23 -24.15 -2.43 -36.40
C PHE A 23 -23.19 -3.24 -37.26
N ALA A 24 -23.58 -3.30 -38.51
CA ALA A 24 -22.83 -3.99 -39.58
C ALA A 24 -21.52 -3.28 -39.86
N LEU A 25 -21.56 -1.96 -39.97
CA LEU A 25 -20.32 -1.20 -40.24
C LEU A 25 -19.32 -1.64 -39.17
N MET A 26 -19.81 -1.59 -37.95
CA MET A 26 -19.12 -1.93 -36.69
C MET A 26 -18.49 -3.31 -36.67
N ASN A 27 -19.18 -4.39 -36.99
CA ASN A 27 -18.67 -5.77 -37.05
C ASN A 27 -17.78 -6.09 -38.26
N GLN A 28 -18.12 -5.46 -39.38
CA GLN A 28 -17.34 -5.73 -40.62
C GLN A 28 -16.04 -4.94 -40.49
N GLY A 29 -16.17 -3.85 -39.76
CA GLY A 29 -15.12 -2.87 -39.46
C GLY A 29 -14.95 -1.96 -40.69
N ILE A 30 -16.03 -1.36 -41.18
CA ILE A 30 -15.97 -0.51 -42.38
C ILE A 30 -15.67 0.99 -42.30
N ALA A 31 -16.20 1.78 -41.39
CA ALA A 31 -15.81 3.22 -41.39
C ALA A 31 -14.89 3.55 -40.21
N ASP A 32 -14.19 4.67 -40.23
CA ASP A 32 -13.28 5.11 -39.18
C ASP A 32 -14.08 5.97 -38.19
N GLU A 33 -15.05 6.69 -38.71
CA GLU A 33 -15.90 7.57 -37.89
C GLU A 33 -17.35 7.38 -38.26
N ILE A 34 -18.17 7.19 -37.25
CA ILE A 34 -19.61 6.97 -37.39
C ILE A 34 -20.35 7.91 -36.42
N VAL A 35 -21.18 8.76 -36.99
CA VAL A 35 -21.99 9.75 -36.25
C VAL A 35 -23.47 9.40 -36.38
N LEU A 36 -24.22 9.62 -35.32
CA LEU A 36 -25.66 9.30 -35.39
C LEU A 36 -26.40 10.64 -35.18
N ILE A 37 -27.49 10.72 -35.91
CA ILE A 37 -28.37 11.90 -35.89
C ILE A 37 -29.79 11.35 -36.14
N ASP A 38 -30.57 11.53 -35.09
CA ASP A 38 -31.98 11.13 -35.07
C ASP A 38 -32.72 12.28 -34.39
N ALA A 39 -33.95 12.44 -34.87
CA ALA A 39 -34.80 13.51 -34.33
C ALA A 39 -34.92 13.25 -32.83
N ASN A 40 -35.00 11.95 -32.57
CA ASN A 40 -35.18 11.50 -31.17
C ASN A 40 -33.77 11.36 -30.60
N GLU A 41 -33.30 12.45 -30.00
CA GLU A 41 -31.92 12.34 -29.46
C GLU A 41 -31.81 11.19 -28.47
N SER A 42 -32.76 11.07 -27.56
CA SER A 42 -32.65 9.96 -26.57
C SER A 42 -32.18 8.67 -27.25
N LYS A 43 -33.00 8.25 -28.18
CA LYS A 43 -32.78 7.05 -29.01
C LYS A 43 -31.31 7.00 -29.41
N ALA A 44 -30.95 7.97 -30.22
CA ALA A 44 -29.60 8.19 -30.76
C ALA A 44 -28.51 8.11 -29.68
N ILE A 45 -28.86 8.58 -28.48
CA ILE A 45 -27.87 8.55 -27.41
C ILE A 45 -27.73 7.17 -26.76
N GLY A 46 -28.79 6.47 -26.47
CA GLY A 46 -28.62 5.13 -25.82
C GLY A 46 -27.99 4.17 -26.83
N ASP A 47 -28.18 4.50 -28.11
CA ASP A 47 -27.63 3.67 -29.19
C ASP A 47 -26.11 3.94 -29.25
N ALA A 48 -25.69 5.20 -29.25
CA ALA A 48 -24.23 5.49 -29.27
C ALA A 48 -23.47 4.83 -28.12
N MET A 49 -24.10 4.76 -26.94
CA MET A 49 -23.57 4.18 -25.72
C MET A 49 -23.57 2.65 -25.96
N ASP A 50 -24.76 2.13 -26.22
CA ASP A 50 -24.90 0.68 -26.47
C ASP A 50 -23.85 0.22 -27.48
N PHE A 51 -23.60 0.98 -28.52
CA PHE A 51 -22.62 0.67 -29.58
C PHE A 51 -21.22 0.50 -28.95
N ASN A 52 -20.70 1.62 -28.53
CA ASN A 52 -19.43 1.84 -27.89
C ASN A 52 -19.09 0.84 -26.80
N HIS A 53 -20.09 0.35 -26.08
CA HIS A 53 -19.79 -0.61 -24.98
C HIS A 53 -19.15 -1.86 -25.59
N GLY A 54 -19.67 -2.37 -26.69
CA GLY A 54 -19.14 -3.55 -27.37
C GLY A 54 -17.86 -3.47 -28.18
N LYS A 55 -17.42 -2.30 -28.59
CA LYS A 55 -16.25 -2.09 -29.42
C LYS A 55 -14.88 -2.53 -28.93
N VAL A 56 -14.68 -3.01 -27.71
CA VAL A 56 -13.34 -3.47 -27.30
C VAL A 56 -13.23 -4.86 -27.99
N PHE A 57 -14.41 -5.29 -28.38
CA PHE A 57 -14.62 -6.57 -29.07
C PHE A 57 -14.80 -6.30 -30.58
N ALA A 58 -15.08 -5.08 -31.00
CA ALA A 58 -15.23 -4.85 -32.46
C ALA A 58 -13.96 -5.37 -33.15
N PRO A 59 -14.13 -5.71 -34.41
CA PRO A 59 -13.01 -6.22 -35.22
C PRO A 59 -11.94 -5.15 -35.40
N LYS A 60 -12.39 -3.99 -35.77
CA LYS A 60 -11.62 -2.76 -36.07
C LYS A 60 -12.07 -1.58 -35.22
N PRO A 61 -11.11 -0.77 -34.78
CA PRO A 61 -11.38 0.44 -33.98
C PRO A 61 -12.18 1.41 -34.83
N VAL A 62 -13.35 1.74 -34.35
CA VAL A 62 -14.34 2.65 -34.97
C VAL A 62 -14.69 3.75 -33.97
N ASP A 63 -15.16 4.91 -34.38
CA ASP A 63 -15.55 6.02 -33.50
C ASP A 63 -17.05 6.30 -33.67
N ILE A 64 -17.94 5.77 -32.85
CA ILE A 64 -19.38 6.02 -32.92
C ILE A 64 -19.73 7.14 -31.91
N TRP A 65 -20.66 8.01 -32.29
CA TRP A 65 -21.15 9.09 -31.40
C TRP A 65 -22.40 9.74 -32.01
N HIS A 66 -23.19 10.33 -31.14
CA HIS A 66 -24.40 11.10 -31.46
C HIS A 66 -23.92 12.49 -31.89
N GLY A 67 -24.26 12.97 -33.07
CA GLY A 67 -23.80 14.33 -33.45
C GLY A 67 -24.99 15.18 -33.90
N ASP A 68 -24.59 16.14 -34.72
CA ASP A 68 -25.60 17.08 -35.32
C ASP A 68 -25.12 17.43 -36.74
N TYR A 69 -25.92 18.10 -37.56
CA TYR A 69 -25.59 18.40 -38.94
C TYR A 69 -24.24 19.02 -39.20
N ASP A 70 -23.63 19.69 -38.24
CA ASP A 70 -22.27 20.25 -38.48
C ASP A 70 -21.21 19.16 -38.60
N ASP A 71 -21.53 17.95 -38.17
CA ASP A 71 -20.65 16.75 -38.19
C ASP A 71 -20.59 16.28 -39.66
N CYS A 72 -21.50 16.78 -40.48
CA CYS A 72 -21.61 16.53 -41.90
C CYS A 72 -20.59 17.34 -42.72
N ARG A 73 -20.36 18.57 -42.27
CA ARG A 73 -19.39 19.42 -43.00
C ARG A 73 -18.25 18.49 -43.43
N ASP A 74 -17.79 17.67 -42.51
CA ASP A 74 -16.70 16.72 -42.76
C ASP A 74 -16.98 15.32 -43.28
N ALA A 75 -18.17 14.88 -43.62
CA ALA A 75 -18.41 13.49 -44.05
C ALA A 75 -18.32 13.14 -45.54
N ASP A 76 -17.80 11.92 -45.75
CA ASP A 76 -17.61 11.33 -47.09
C ASP A 76 -18.96 10.84 -47.64
N LEU A 77 -19.77 10.30 -46.73
CA LEU A 77 -21.10 9.79 -47.09
C LEU A 77 -22.11 9.99 -45.98
N VAL A 78 -23.31 10.39 -46.35
CA VAL A 78 -24.42 10.63 -45.41
C VAL A 78 -25.50 9.67 -45.91
N VAL A 79 -25.94 8.81 -45.04
CA VAL A 79 -26.96 7.80 -45.33
C VAL A 79 -28.28 8.20 -44.70
N ILE A 80 -29.32 8.24 -45.48
CA ILE A 80 -30.61 8.67 -44.89
C ILE A 80 -31.47 7.43 -44.68
N CYS A 81 -31.83 7.21 -43.41
CA CYS A 81 -32.71 6.09 -43.03
C CYS A 81 -33.84 6.56 -42.10
N ALA A 82 -34.07 7.85 -42.06
CA ALA A 82 -35.10 8.50 -41.23
C ALA A 82 -36.41 8.50 -41.98
N GLY A 83 -37.47 8.97 -41.37
CA GLY A 83 -38.76 9.03 -42.09
C GLY A 83 -39.71 7.94 -41.67
N ALA A 84 -40.87 7.97 -42.30
CA ALA A 84 -41.92 6.99 -41.97
C ALA A 84 -41.89 5.72 -42.82
N ASN A 85 -42.00 4.69 -41.96
CA ASN A 85 -42.08 3.25 -42.13
C ASN A 85 -43.46 2.90 -42.75
N GLN A 86 -43.31 2.04 -43.75
CA GLN A 86 -44.57 1.53 -44.38
C GLN A 86 -45.08 0.58 -43.28
N LYS A 87 -46.40 0.64 -43.04
CA LYS A 87 -47.00 -0.20 -41.96
C LYS A 87 -47.44 -1.56 -42.50
N PRO A 88 -48.03 -2.35 -41.61
CA PRO A 88 -48.52 -3.69 -41.96
C PRO A 88 -49.67 -3.38 -42.91
N GLY A 89 -50.15 -4.54 -43.30
CA GLY A 89 -51.31 -4.43 -44.22
C GLY A 89 -50.72 -4.27 -45.62
N GLU A 90 -50.65 -3.00 -46.02
CA GLU A 90 -50.12 -2.83 -47.42
C GLU A 90 -49.91 -1.38 -47.73
N THR A 91 -48.69 -0.87 -47.52
CA THR A 91 -48.47 0.59 -47.79
C THR A 91 -47.00 0.92 -47.93
N ARG A 92 -46.54 1.19 -49.17
CA ARG A 92 -45.10 1.54 -49.36
C ARG A 92 -44.99 3.01 -49.83
N LEU A 93 -45.42 3.14 -51.08
CA LEU A 93 -45.50 4.39 -51.85
C LEU A 93 -46.40 5.39 -51.10
N ASP A 94 -47.26 4.94 -50.19
CA ASP A 94 -48.13 5.85 -49.43
C ASP A 94 -47.31 6.66 -48.42
N LEU A 95 -46.00 6.50 -48.42
CA LEU A 95 -45.05 7.21 -47.53
C LEU A 95 -44.46 8.47 -48.16
N VAL A 96 -44.92 8.97 -49.29
CA VAL A 96 -44.43 10.08 -50.09
C VAL A 96 -44.40 11.48 -49.49
N ASP A 97 -45.52 12.17 -49.63
CA ASP A 97 -45.73 13.55 -49.18
C ASP A 97 -45.05 13.70 -47.81
N LYS A 98 -45.30 12.64 -47.07
CA LYS A 98 -44.81 12.35 -45.73
C LYS A 98 -43.30 12.60 -45.66
N ASN A 99 -42.66 11.64 -46.31
CA ASN A 99 -41.21 11.56 -46.41
C ASN A 99 -40.63 12.72 -47.21
N ILE A 100 -41.32 13.13 -48.27
CA ILE A 100 -40.74 14.24 -49.06
C ILE A 100 -40.44 15.43 -48.14
N ALA A 101 -41.44 15.57 -47.29
CA ALA A 101 -41.38 16.70 -46.34
C ALA A 101 -40.14 16.57 -45.47
N ILE A 102 -39.99 15.41 -44.87
CA ILE A 102 -38.86 15.15 -43.97
C ILE A 102 -37.54 15.33 -44.73
N PHE A 103 -37.63 14.94 -46.01
CA PHE A 103 -36.33 15.05 -46.77
C PHE A 103 -35.99 16.54 -46.88
N ARG A 104 -37.02 17.29 -47.22
CA ARG A 104 -36.88 18.75 -47.40
C ARG A 104 -36.01 19.38 -46.34
N SER A 105 -36.13 18.99 -45.08
CA SER A 105 -35.34 19.50 -43.94
C SER A 105 -33.92 18.93 -43.80
N ILE A 106 -33.89 17.62 -43.64
CA ILE A 106 -32.64 16.86 -43.49
C ILE A 106 -31.66 17.36 -44.54
N VAL A 107 -32.07 17.32 -45.81
CA VAL A 107 -31.12 17.76 -46.86
C VAL A 107 -30.50 19.12 -46.54
N GLU A 108 -31.33 20.11 -46.40
CA GLU A 108 -31.06 21.51 -46.10
C GLU A 108 -30.02 21.76 -45.04
N SER A 109 -30.30 21.02 -43.98
CA SER A 109 -29.47 21.07 -42.76
C SER A 109 -28.12 20.54 -43.21
N VAL A 110 -28.14 19.30 -43.72
CA VAL A 110 -26.87 18.68 -44.09
C VAL A 110 -26.10 19.55 -45.08
N MET A 111 -26.80 19.95 -46.13
CA MET A 111 -26.14 20.74 -47.21
C MET A 111 -25.58 22.02 -46.54
N ALA A 112 -26.37 22.45 -45.57
CA ALA A 112 -26.00 23.63 -44.77
C ALA A 112 -24.76 23.26 -43.96
N SER A 113 -24.62 22.00 -43.55
CA SER A 113 -23.40 21.65 -42.80
C SER A 113 -22.18 22.07 -43.62
N GLY A 114 -22.34 22.18 -44.91
CA GLY A 114 -21.25 22.51 -45.85
C GLY A 114 -20.70 21.22 -46.48
N PHE A 115 -21.52 20.20 -46.32
CA PHE A 115 -21.29 18.84 -46.83
C PHE A 115 -21.07 18.94 -48.36
N GLN A 116 -20.28 17.99 -48.81
CA GLN A 116 -19.85 17.78 -50.20
C GLN A 116 -19.39 16.34 -50.45
N GLY A 117 -19.96 15.34 -49.79
CA GLY A 117 -19.61 13.92 -49.97
C GLY A 117 -20.85 13.31 -50.62
N LEU A 118 -21.00 12.01 -50.51
CA LEU A 118 -22.17 11.37 -51.14
C LEU A 118 -23.33 11.17 -50.14
N PHE A 119 -24.50 11.08 -50.76
CA PHE A 119 -25.79 10.79 -50.10
C PHE A 119 -26.07 9.32 -50.55
N LEU A 120 -26.55 8.61 -49.57
CA LEU A 120 -26.96 7.19 -49.61
C LEU A 120 -28.34 7.21 -48.96
N VAL A 121 -29.38 7.03 -49.76
CA VAL A 121 -30.80 7.06 -49.35
C VAL A 121 -31.42 5.67 -49.18
N ALA A 122 -32.11 5.48 -48.06
CA ALA A 122 -32.73 4.18 -47.77
C ALA A 122 -34.19 4.21 -47.37
N THR A 123 -34.74 5.39 -47.14
CA THR A 123 -36.13 5.59 -46.71
C THR A 123 -37.08 5.24 -47.84
N ASN A 124 -38.32 4.93 -47.52
CA ASN A 124 -39.23 4.56 -48.62
C ASN A 124 -40.23 5.65 -48.99
N PRO A 125 -40.57 5.62 -50.28
CA PRO A 125 -40.10 4.76 -51.37
C PRO A 125 -38.73 5.16 -51.91
N VAL A 126 -37.66 4.46 -51.58
CA VAL A 126 -36.28 4.73 -51.95
C VAL A 126 -36.01 5.43 -53.27
N ASP A 127 -36.70 5.13 -54.34
CA ASP A 127 -36.42 5.76 -55.65
C ASP A 127 -36.91 7.21 -55.69
N ILE A 128 -38.12 7.41 -55.21
CA ILE A 128 -38.78 8.71 -55.13
C ILE A 128 -37.90 9.63 -54.28
N LEU A 129 -37.71 9.17 -53.07
CA LEU A 129 -36.87 9.90 -52.12
C LEU A 129 -35.48 10.13 -52.69
N THR A 130 -34.91 9.25 -53.52
CA THR A 130 -33.54 9.52 -54.02
C THR A 130 -33.52 10.79 -54.88
N TYR A 131 -34.53 10.96 -55.70
CA TYR A 131 -34.75 12.08 -56.63
C TYR A 131 -34.78 13.38 -55.83
N ALA A 132 -35.70 13.37 -54.87
CA ALA A 132 -35.94 14.43 -53.90
C ALA A 132 -34.56 14.86 -53.38
N THR A 133 -33.92 13.93 -52.70
CA THR A 133 -32.58 14.16 -52.15
C THR A 133 -31.66 14.88 -53.14
N TRP A 134 -31.71 14.35 -54.37
CA TRP A 134 -30.86 14.92 -55.42
C TRP A 134 -31.25 16.34 -55.82
N LYS A 135 -32.54 16.51 -55.92
CA LYS A 135 -33.27 17.73 -56.26
C LYS A 135 -32.89 18.81 -55.24
N PHE A 136 -33.23 18.53 -53.99
CA PHE A 136 -32.99 19.37 -52.82
C PHE A 136 -31.51 19.61 -52.54
N SER A 137 -30.68 18.64 -52.89
CA SER A 137 -29.24 18.81 -52.60
C SER A 137 -28.65 19.63 -53.77
N GLY A 138 -29.14 19.27 -54.94
CA GLY A 138 -28.68 19.92 -56.18
C GLY A 138 -27.22 19.54 -56.45
N LEU A 139 -26.88 18.36 -55.91
CA LEU A 139 -25.48 17.88 -56.15
C LEU A 139 -25.76 17.20 -57.49
N PRO A 140 -24.72 16.89 -58.24
CA PRO A 140 -24.94 16.19 -59.54
C PRO A 140 -25.55 14.86 -59.13
N HIS A 141 -26.36 14.21 -59.93
CA HIS A 141 -27.02 12.94 -59.63
C HIS A 141 -26.12 11.74 -59.35
N GLU A 142 -24.90 11.81 -59.86
CA GLU A 142 -23.87 10.79 -59.75
C GLU A 142 -23.26 10.70 -58.35
N ARG A 143 -23.85 11.54 -57.52
CA ARG A 143 -23.44 11.63 -56.11
C ARG A 143 -24.66 11.45 -55.20
N VAL A 144 -25.80 11.13 -55.78
CA VAL A 144 -27.01 10.89 -54.96
C VAL A 144 -27.43 9.44 -55.27
N ILE A 145 -26.87 8.46 -54.57
CA ILE A 145 -27.18 7.06 -54.84
C ILE A 145 -28.36 6.54 -54.04
N GLY A 146 -29.27 5.75 -54.59
CA GLY A 146 -30.44 5.20 -53.83
C GLY A 146 -30.15 3.71 -53.65
N SER A 147 -30.73 3.04 -52.67
CA SER A 147 -30.49 1.61 -52.40
C SER A 147 -31.22 0.72 -53.38
N GLY A 148 -32.27 1.35 -53.90
CA GLY A 148 -33.13 0.77 -54.91
C GLY A 148 -33.28 -0.73 -54.84
N THR A 149 -32.76 -1.41 -55.86
CA THR A 149 -32.92 -2.87 -55.93
C THR A 149 -31.78 -3.67 -55.32
N ILE A 150 -30.94 -3.12 -54.46
CA ILE A 150 -29.86 -3.95 -53.89
C ILE A 150 -30.38 -5.04 -52.93
N LEU A 151 -31.58 -5.01 -52.39
CA LEU A 151 -32.05 -6.04 -51.46
C LEU A 151 -32.77 -7.22 -52.16
N ASP A 152 -33.52 -6.82 -53.17
CA ASP A 152 -34.34 -7.62 -54.06
C ASP A 152 -33.43 -8.62 -54.82
N THR A 153 -32.18 -8.25 -55.03
CA THR A 153 -31.17 -9.07 -55.75
C THR A 153 -30.58 -9.99 -54.68
N ALA A 154 -30.08 -9.43 -53.58
CA ALA A 154 -29.56 -10.34 -52.53
C ALA A 154 -30.53 -11.51 -52.35
N ARG A 155 -31.82 -11.21 -52.38
CA ARG A 155 -32.87 -12.23 -52.23
C ARG A 155 -33.01 -13.16 -53.43
N PHE A 156 -32.94 -12.68 -54.66
CA PHE A 156 -33.06 -13.57 -55.87
C PHE A 156 -31.92 -14.56 -55.64
N ARG A 157 -30.72 -13.99 -55.58
CA ARG A 157 -29.50 -14.76 -55.36
C ARG A 157 -29.66 -15.78 -54.25
N PHE A 158 -30.17 -15.33 -53.11
CA PHE A 158 -30.31 -16.28 -51.97
C PHE A 158 -31.28 -17.43 -52.28
N LEU A 159 -32.47 -17.11 -52.75
CA LEU A 159 -33.54 -18.02 -53.15
C LEU A 159 -33.06 -19.01 -54.21
N LEU A 160 -32.35 -18.57 -55.25
CA LEU A 160 -31.79 -19.36 -56.35
C LEU A 160 -30.50 -20.08 -55.89
N GLY A 161 -29.78 -19.44 -54.97
CA GLY A 161 -28.56 -20.09 -54.40
C GLY A 161 -29.24 -21.39 -53.89
N GLU A 162 -30.32 -21.26 -53.12
CA GLU A 162 -31.05 -22.40 -52.59
C GLU A 162 -31.72 -23.31 -53.62
N TYR A 163 -32.66 -22.93 -54.45
CA TYR A 163 -33.22 -23.91 -55.41
C TYR A 163 -32.10 -24.82 -55.94
N PHE A 164 -31.09 -24.18 -56.50
CA PHE A 164 -29.92 -24.73 -57.14
C PHE A 164 -28.79 -25.28 -56.28
N SER A 165 -28.80 -24.97 -55.02
CA SER A 165 -27.83 -25.40 -54.01
C SER A 165 -26.37 -25.09 -54.31
N VAL A 166 -25.99 -23.85 -54.46
CA VAL A 166 -24.70 -23.24 -54.72
C VAL A 166 -24.61 -21.99 -53.83
N ALA A 167 -23.41 -21.48 -53.63
CA ALA A 167 -23.28 -20.21 -52.84
C ALA A 167 -24.17 -19.17 -53.53
N PRO A 168 -24.90 -18.33 -52.80
CA PRO A 168 -25.81 -17.34 -53.43
C PRO A 168 -24.93 -16.59 -54.42
N GLN A 169 -23.76 -16.37 -53.85
CA GLN A 169 -22.60 -15.74 -54.45
C GLN A 169 -22.26 -16.30 -55.84
N ASN A 170 -22.73 -17.48 -56.21
CA ASN A 170 -22.35 -18.03 -57.54
C ASN A 170 -23.58 -17.95 -58.46
N VAL A 171 -24.61 -17.36 -57.90
CA VAL A 171 -25.89 -17.19 -58.61
C VAL A 171 -25.84 -15.80 -59.20
N HIS A 172 -25.83 -15.60 -60.50
CA HIS A 172 -25.78 -14.24 -61.08
C HIS A 172 -27.05 -13.97 -61.87
N ALA A 173 -27.97 -13.25 -61.30
CA ALA A 173 -29.26 -12.83 -61.86
C ALA A 173 -29.55 -11.43 -61.28
N TYR A 174 -30.43 -10.63 -61.85
CA TYR A 174 -30.74 -9.31 -61.34
C TYR A 174 -32.24 -9.01 -61.20
N ILE A 175 -32.48 -7.98 -60.42
CA ILE A 175 -33.78 -7.38 -60.11
C ILE A 175 -33.52 -5.86 -60.23
N ILE A 176 -34.29 -5.27 -61.12
CA ILE A 176 -34.19 -3.84 -61.42
C ILE A 176 -35.53 -3.18 -61.61
N GLY A 177 -35.41 -1.88 -61.80
CA GLY A 177 -36.66 -1.08 -62.01
C GLY A 177 -37.11 -0.74 -60.58
N GLU A 178 -38.36 -0.40 -60.41
CA GLU A 178 -38.78 -0.06 -59.05
C GLU A 178 -38.45 -1.09 -57.98
N HIS A 179 -38.08 -0.54 -56.82
CA HIS A 179 -37.80 -1.30 -55.59
C HIS A 179 -39.18 -1.22 -54.91
N GLY A 180 -40.03 -2.08 -55.44
CA GLY A 180 -41.43 -2.05 -54.90
C GLY A 180 -42.14 -3.03 -55.82
N ASP A 181 -43.41 -2.82 -56.07
CA ASP A 181 -44.20 -3.75 -56.90
C ASP A 181 -43.95 -3.74 -58.41
N THR A 182 -43.28 -2.79 -59.04
CA THR A 182 -43.09 -2.89 -60.50
C THR A 182 -41.75 -3.46 -60.89
N GLU A 183 -41.00 -3.86 -59.87
CA GLU A 183 -39.68 -4.46 -60.07
C GLU A 183 -39.83 -5.66 -61.01
N LEU A 184 -38.83 -6.01 -61.79
CA LEU A 184 -38.82 -7.17 -62.68
C LEU A 184 -37.51 -7.96 -62.54
N PRO A 185 -37.59 -9.27 -62.65
CA PRO A 185 -36.43 -10.18 -62.63
C PRO A 185 -35.98 -10.30 -64.10
N VAL A 186 -34.71 -10.12 -64.35
CA VAL A 186 -34.02 -10.17 -65.63
C VAL A 186 -33.66 -11.64 -65.89
N TRP A 187 -34.63 -12.42 -66.34
CA TRP A 187 -34.40 -13.85 -66.60
C TRP A 187 -33.48 -14.00 -67.82
N SER A 188 -33.69 -13.22 -68.86
CA SER A 188 -32.85 -13.31 -70.07
C SER A 188 -31.33 -13.38 -69.82
N GLN A 189 -30.94 -12.82 -68.69
CA GLN A 189 -29.52 -12.70 -68.30
C GLN A 189 -29.22 -13.24 -66.92
N ALA A 190 -29.79 -14.38 -66.60
CA ALA A 190 -29.62 -15.03 -65.28
C ALA A 190 -28.75 -16.26 -65.46
N TYR A 191 -27.66 -16.31 -64.73
CA TYR A 191 -26.71 -17.42 -64.76
C TYR A 191 -26.46 -17.97 -63.34
N ILE A 192 -25.94 -19.18 -63.35
CA ILE A 192 -25.44 -20.03 -62.29
C ILE A 192 -24.04 -20.39 -62.80
N GLY A 193 -23.00 -19.82 -62.23
CA GLY A 193 -21.66 -20.17 -62.78
C GLY A 193 -21.63 -19.40 -64.11
N VAL A 194 -21.42 -19.99 -65.26
CA VAL A 194 -21.41 -19.18 -66.51
C VAL A 194 -22.51 -19.76 -67.39
N MET A 195 -23.29 -20.57 -66.70
CA MET A 195 -24.37 -21.32 -67.37
C MET A 195 -25.77 -20.79 -67.17
N PRO A 196 -26.28 -20.34 -68.30
CA PRO A 196 -27.64 -19.80 -68.36
C PRO A 196 -28.59 -20.61 -67.51
N ILE A 197 -29.43 -19.87 -66.79
CA ILE A 197 -30.44 -20.42 -65.90
C ILE A 197 -31.49 -21.13 -66.74
N ARG A 198 -32.02 -20.37 -67.70
CA ARG A 198 -33.07 -20.96 -68.57
C ARG A 198 -32.32 -21.76 -69.65
N LYS A 199 -31.88 -22.91 -69.24
CA LYS A 199 -31.10 -23.88 -70.00
C LYS A 199 -30.65 -25.02 -69.05
N LEU A 200 -30.61 -24.60 -67.80
CA LEU A 200 -30.29 -25.49 -66.67
C LEU A 200 -31.66 -26.13 -66.30
N VAL A 201 -32.64 -25.26 -66.45
CA VAL A 201 -34.04 -25.60 -66.19
C VAL A 201 -34.61 -25.97 -67.56
N GLU A 202 -33.71 -25.72 -68.51
CA GLU A 202 -34.02 -26.00 -69.91
C GLU A 202 -34.82 -27.32 -69.98
N SER A 203 -34.08 -28.30 -69.49
CA SER A 203 -34.42 -29.72 -69.45
C SER A 203 -35.52 -30.14 -68.49
N LYS A 204 -36.52 -29.33 -68.18
CA LYS A 204 -37.49 -29.86 -67.18
C LYS A 204 -38.72 -29.02 -67.01
N GLY A 205 -39.25 -28.58 -68.13
CA GLY A 205 -40.41 -27.70 -68.23
C GLY A 205 -41.60 -27.83 -67.29
N GLU A 206 -42.27 -26.68 -67.16
CA GLU A 206 -43.48 -26.41 -66.38
C GLU A 206 -43.55 -27.18 -65.06
N GLU A 207 -42.36 -27.20 -64.52
CA GLU A 207 -41.76 -27.75 -63.32
C GLU A 207 -40.66 -26.73 -62.96
N ALA A 208 -39.44 -26.95 -63.47
CA ALA A 208 -38.41 -25.94 -63.15
C ALA A 208 -39.04 -24.58 -63.50
N GLN A 209 -39.79 -24.55 -64.59
CA GLN A 209 -40.47 -23.36 -65.11
C GLN A 209 -41.27 -22.58 -64.08
N LYS A 210 -42.23 -23.32 -63.56
CA LYS A 210 -43.15 -22.78 -62.55
C LYS A 210 -42.41 -22.47 -61.26
N ASP A 211 -41.29 -23.13 -61.06
CA ASP A 211 -40.46 -22.93 -59.85
C ASP A 211 -39.66 -21.63 -59.92
N LEU A 212 -39.52 -21.20 -61.17
CA LEU A 212 -38.73 -19.97 -61.42
C LEU A 212 -39.57 -18.76 -61.12
N GLU A 213 -40.84 -18.80 -61.49
CA GLU A 213 -41.78 -17.71 -61.22
C GLU A 213 -42.23 -17.65 -59.76
N ARG A 214 -42.11 -18.78 -59.08
CA ARG A 214 -42.47 -18.97 -57.66
C ARG A 214 -41.34 -18.34 -56.84
N ILE A 215 -40.10 -18.51 -57.28
CA ILE A 215 -38.96 -17.89 -56.54
C ILE A 215 -39.14 -16.37 -56.57
N PHE A 216 -39.19 -15.84 -57.77
CA PHE A 216 -39.39 -14.41 -58.01
C PHE A 216 -40.54 -13.82 -57.18
N VAL A 217 -41.72 -14.37 -57.20
CA VAL A 217 -42.85 -13.87 -56.44
C VAL A 217 -42.54 -13.72 -54.95
N ASN A 218 -41.72 -14.58 -54.39
CA ASN A 218 -41.34 -14.51 -52.96
C ASN A 218 -40.23 -13.45 -52.78
N VAL A 219 -39.72 -13.07 -53.95
CA VAL A 219 -38.67 -12.03 -53.98
C VAL A 219 -39.52 -10.78 -53.74
N ARG A 220 -40.41 -10.49 -54.68
CA ARG A 220 -41.32 -9.36 -54.70
C ARG A 220 -42.13 -9.18 -53.42
N ASP A 221 -42.43 -10.38 -52.90
CA ASP A 221 -43.28 -10.38 -51.68
C ASP A 221 -42.56 -10.21 -50.37
N ALA A 222 -41.30 -10.55 -50.34
CA ALA A 222 -40.38 -10.55 -49.21
C ALA A 222 -40.67 -9.56 -48.08
N ALA A 223 -40.72 -8.28 -48.40
CA ALA A 223 -40.97 -7.31 -47.31
C ALA A 223 -42.34 -7.58 -46.70
N TYR A 224 -43.37 -7.54 -47.52
CA TYR A 224 -44.75 -7.76 -47.03
C TYR A 224 -44.82 -9.05 -46.21
N GLN A 225 -44.01 -10.06 -46.42
CA GLN A 225 -44.02 -11.35 -45.68
C GLN A 225 -43.31 -11.29 -44.32
N ILE A 226 -42.21 -10.57 -44.25
CA ILE A 226 -41.45 -10.36 -43.04
C ILE A 226 -42.21 -9.40 -42.12
N ILE A 227 -42.68 -8.31 -42.67
CA ILE A 227 -43.41 -7.22 -41.98
C ILE A 227 -44.60 -7.82 -41.22
N GLU A 228 -45.16 -8.88 -41.80
CA GLU A 228 -46.30 -9.52 -41.18
C GLU A 228 -45.89 -10.49 -40.07
N LYS A 229 -44.67 -10.98 -40.20
CA LYS A 229 -44.08 -11.92 -39.24
C LYS A 229 -43.33 -11.29 -38.08
N LYS A 230 -42.61 -10.23 -38.34
CA LYS A 230 -41.82 -9.54 -37.28
C LYS A 230 -41.95 -8.02 -37.36
N GLY A 231 -42.95 -7.53 -38.09
CA GLY A 231 -43.24 -6.12 -38.26
C GLY A 231 -42.41 -5.11 -38.99
N ALA A 232 -41.21 -5.37 -39.46
CA ALA A 232 -40.37 -4.39 -40.18
C ALA A 232 -39.11 -5.07 -40.73
N THR A 233 -38.78 -4.76 -41.97
CA THR A 233 -37.55 -5.37 -42.56
C THR A 233 -36.37 -4.49 -42.20
N TYR A 234 -35.24 -5.11 -41.88
CA TYR A 234 -34.09 -4.27 -41.48
C TYR A 234 -32.74 -4.95 -41.44
N TYR A 235 -32.70 -6.29 -41.41
CA TYR A 235 -31.33 -6.89 -41.37
C TYR A 235 -30.78 -6.96 -42.80
N GLY A 236 -31.65 -7.36 -43.72
CA GLY A 236 -31.30 -7.46 -45.14
C GLY A 236 -30.86 -6.13 -45.76
N ILE A 237 -31.52 -5.02 -45.47
CA ILE A 237 -31.21 -3.68 -45.98
C ILE A 237 -29.93 -3.11 -45.40
N ALA A 238 -29.70 -3.45 -44.14
CA ALA A 238 -28.48 -3.05 -43.41
C ALA A 238 -27.33 -3.77 -44.11
N MET A 239 -27.44 -5.09 -44.31
CA MET A 239 -26.35 -5.80 -45.05
C MET A 239 -26.17 -5.14 -46.43
N GLY A 240 -27.25 -4.62 -46.96
CA GLY A 240 -27.37 -3.93 -48.26
C GLY A 240 -26.64 -2.59 -48.17
N LEU A 241 -27.08 -1.73 -47.27
CA LEU A 241 -26.41 -0.41 -47.08
C LEU A 241 -24.89 -0.59 -46.95
N ALA A 242 -24.55 -1.55 -46.10
CA ALA A 242 -23.19 -1.90 -45.75
C ALA A 242 -22.31 -2.15 -46.98
N ARG A 243 -22.89 -2.84 -47.94
CA ARG A 243 -22.20 -3.24 -49.20
C ARG A 243 -21.81 -1.99 -49.96
N VAL A 244 -22.77 -1.25 -50.47
CA VAL A 244 -22.56 0.02 -51.20
C VAL A 244 -21.43 0.83 -50.55
N THR A 245 -21.66 1.06 -49.26
CA THR A 245 -20.69 1.78 -48.44
C THR A 245 -19.26 1.38 -48.77
N ARG A 246 -19.02 0.08 -48.84
CA ARG A 246 -17.63 -0.34 -49.11
C ARG A 246 -17.27 -0.06 -50.57
N ALA A 247 -18.30 0.01 -51.39
CA ALA A 247 -18.04 0.32 -52.83
C ALA A 247 -17.36 1.70 -52.81
N ILE A 248 -18.11 2.64 -52.25
CA ILE A 248 -17.69 4.05 -52.08
C ILE A 248 -16.37 4.22 -51.34
N LEU A 249 -16.35 3.83 -50.07
CA LEU A 249 -15.18 3.91 -49.20
C LEU A 249 -13.91 3.28 -49.78
N HIS A 250 -14.07 2.26 -50.62
CA HIS A 250 -12.90 1.59 -51.19
C HIS A 250 -12.61 1.77 -52.68
N ASN A 251 -13.17 2.71 -53.41
CA ASN A 251 -12.89 2.94 -54.83
C ASN A 251 -12.86 1.61 -55.58
N GLU A 252 -13.84 0.80 -55.29
CA GLU A 252 -14.02 -0.54 -55.82
C GLU A 252 -14.43 -0.76 -57.26
N ASN A 253 -15.31 0.03 -57.81
CA ASN A 253 -15.77 -0.19 -59.21
C ASN A 253 -16.57 -1.50 -59.21
N ALA A 254 -17.32 -1.61 -58.13
CA ALA A 254 -18.16 -2.80 -57.93
C ALA A 254 -19.35 -2.63 -58.81
N ILE A 255 -20.06 -3.65 -59.18
CA ILE A 255 -21.28 -3.41 -60.01
C ILE A 255 -22.45 -3.77 -59.10
N LEU A 256 -23.27 -2.81 -58.72
CA LEU A 256 -24.42 -3.09 -57.84
C LEU A 256 -25.71 -2.63 -58.52
N THR A 257 -26.85 -3.22 -58.20
CA THR A 257 -28.13 -2.84 -58.77
C THR A 257 -28.77 -1.82 -57.81
N VAL A 258 -28.37 -0.58 -58.03
CA VAL A 258 -28.79 0.57 -57.24
C VAL A 258 -29.80 1.47 -57.95
N SER A 259 -30.24 2.48 -57.22
CA SER A 259 -31.13 3.57 -57.60
C SER A 259 -30.17 4.56 -58.30
N ALA A 260 -30.30 4.70 -59.59
CA ALA A 260 -29.46 5.57 -60.44
C ALA A 260 -30.41 6.40 -61.29
N TYR A 261 -29.87 7.52 -61.72
CA TYR A 261 -30.68 8.44 -62.53
C TYR A 261 -30.53 8.08 -64.00
N LEU A 262 -31.66 8.16 -64.70
CA LEU A 262 -31.62 7.84 -66.15
C LEU A 262 -31.76 9.15 -66.94
N ASP A 263 -31.20 9.16 -68.13
CA ASP A 263 -31.23 10.27 -69.09
C ASP A 263 -31.08 9.65 -70.51
N GLY A 264 -32.07 8.84 -70.86
CA GLY A 264 -32.10 8.15 -72.14
C GLY A 264 -31.70 6.69 -71.97
N LEU A 265 -30.73 6.34 -71.14
CA LEU A 265 -30.31 4.97 -70.98
C LEU A 265 -31.29 3.82 -71.06
N TYR A 266 -32.45 3.71 -70.49
CA TYR A 266 -33.20 2.42 -70.74
C TYR A 266 -34.48 2.80 -71.48
N GLY A 267 -34.23 3.89 -72.20
CA GLY A 267 -35.30 4.51 -73.03
C GLY A 267 -36.01 5.44 -72.03
N GLU A 268 -35.22 5.83 -71.01
CA GLU A 268 -35.85 6.69 -70.00
C GLU A 268 -34.97 7.81 -69.50
N ARG A 269 -35.60 8.95 -69.19
CA ARG A 269 -34.95 10.13 -68.64
C ARG A 269 -35.76 10.65 -67.42
N ASP A 270 -35.04 11.43 -66.63
CA ASP A 270 -35.56 12.08 -65.41
C ASP A 270 -36.30 11.04 -64.56
N VAL A 271 -35.50 10.09 -64.09
CA VAL A 271 -36.09 9.01 -63.26
C VAL A 271 -34.91 8.33 -62.56
N TYR A 272 -35.10 8.29 -61.25
CA TYR A 272 -34.06 7.57 -60.45
C TYR A 272 -34.77 6.18 -60.40
N ILE A 273 -34.04 5.15 -60.75
CA ILE A 273 -34.64 3.78 -60.77
C ILE A 273 -33.55 2.74 -60.54
N GLY A 274 -33.91 1.53 -60.15
CA GLY A 274 -32.97 0.42 -59.86
C GLY A 274 -32.43 -0.16 -61.15
N VAL A 275 -31.12 -0.02 -61.28
CA VAL A 275 -30.34 -0.44 -62.46
C VAL A 275 -28.86 -0.64 -62.16
N PRO A 276 -28.26 -1.74 -62.61
CA PRO A 276 -26.84 -2.05 -62.38
C PRO A 276 -25.97 -0.82 -62.62
N ALA A 277 -25.03 -0.47 -61.77
CA ALA A 277 -24.18 0.71 -61.98
C ALA A 277 -22.79 0.52 -61.39
N VAL A 278 -21.73 0.97 -62.03
CA VAL A 278 -20.37 0.83 -61.50
C VAL A 278 -20.24 1.79 -60.30
N ILE A 279 -20.19 1.33 -59.06
CA ILE A 279 -20.02 2.28 -57.95
C ILE A 279 -18.55 2.41 -57.56
N ASN A 280 -18.21 3.55 -57.00
CA ASN A 280 -16.80 3.76 -56.57
C ASN A 280 -16.74 5.05 -55.74
N ARG A 281 -15.55 5.30 -55.23
CA ARG A 281 -15.33 6.48 -54.40
C ARG A 281 -15.98 7.77 -54.86
N ASN A 282 -16.43 7.93 -56.09
CA ASN A 282 -17.04 9.23 -56.47
C ASN A 282 -18.53 9.11 -56.77
N GLY A 283 -19.16 8.05 -56.34
CA GLY A 283 -20.62 7.92 -56.62
C GLY A 283 -20.64 6.93 -57.80
N ILE A 284 -21.72 6.97 -58.54
CA ILE A 284 -21.90 6.08 -59.70
C ILE A 284 -21.00 6.44 -60.88
N ARG A 285 -20.17 5.51 -61.36
CA ARG A 285 -19.29 5.84 -62.50
C ARG A 285 -20.16 5.92 -63.77
N GLU A 286 -21.06 4.96 -63.90
CA GLU A 286 -22.01 4.87 -65.00
C GLU A 286 -23.12 3.84 -64.69
N VAL A 287 -24.20 4.00 -65.45
CA VAL A 287 -25.34 3.05 -65.36
C VAL A 287 -24.92 1.96 -66.36
N ILE A 288 -25.10 0.67 -66.16
CA ILE A 288 -24.76 -0.39 -67.10
C ILE A 288 -26.09 -0.79 -67.76
N GLU A 289 -26.15 -0.59 -69.05
CA GLU A 289 -27.35 -0.91 -69.83
C GLU A 289 -27.28 -2.33 -70.35
N ILE A 290 -27.90 -3.21 -69.57
CA ILE A 290 -27.88 -4.64 -69.99
C ILE A 290 -28.80 -4.70 -71.18
N GLU A 291 -29.02 -5.85 -71.76
CA GLU A 291 -29.95 -5.92 -72.91
C GLU A 291 -31.16 -6.65 -72.35
N LEU A 292 -32.33 -6.20 -72.76
CA LEU A 292 -33.49 -6.91 -72.18
C LEU A 292 -34.24 -7.48 -73.39
N ASN A 293 -35.02 -8.48 -73.02
CA ASN A 293 -35.88 -9.13 -74.04
C ASN A 293 -37.08 -8.17 -74.11
N ASP A 294 -37.81 -8.20 -75.19
CA ASP A 294 -38.98 -7.34 -75.45
C ASP A 294 -39.83 -7.25 -74.16
N ASP A 295 -39.97 -8.49 -73.69
CA ASP A 295 -40.79 -8.69 -72.51
C ASP A 295 -40.30 -7.85 -71.34
N GLU A 296 -39.06 -8.04 -70.97
CA GLU A 296 -38.47 -7.31 -69.82
C GLU A 296 -38.35 -5.85 -70.25
N LYS A 297 -38.13 -5.70 -71.58
CA LYS A 297 -38.05 -4.34 -72.14
C LYS A 297 -39.34 -3.60 -71.75
N ASN A 298 -40.46 -4.27 -71.74
CA ASN A 298 -41.83 -3.87 -71.43
C ASN A 298 -42.20 -3.60 -69.96
N ARG A 299 -41.71 -4.49 -69.10
CA ARG A 299 -41.99 -4.34 -67.66
C ARG A 299 -41.24 -3.11 -67.16
N PHE A 300 -40.00 -3.03 -67.57
CA PHE A 300 -39.11 -1.93 -67.21
C PHE A 300 -39.70 -0.53 -67.45
N HIS A 301 -40.07 -0.32 -68.69
CA HIS A 301 -40.66 0.93 -69.16
C HIS A 301 -41.97 1.16 -68.40
N HIS A 302 -42.55 0.05 -68.02
CA HIS A 302 -43.80 0.01 -67.24
C HIS A 302 -43.62 0.52 -65.81
N SER A 303 -42.60 0.01 -65.15
CA SER A 303 -42.20 0.31 -63.78
C SER A 303 -41.82 1.81 -63.71
N ALA A 304 -41.04 2.15 -64.74
CA ALA A 304 -40.54 3.53 -64.90
C ALA A 304 -41.79 4.39 -65.16
N ALA A 305 -42.69 3.87 -66.00
CA ALA A 305 -43.93 4.63 -66.27
C ALA A 305 -44.54 4.98 -64.90
N THR A 306 -44.65 4.05 -63.98
CA THR A 306 -45.20 4.22 -62.62
C THR A 306 -44.65 5.24 -61.63
N LEU A 307 -43.34 5.32 -61.46
CA LEU A 307 -42.57 6.22 -60.62
C LEU A 307 -42.68 7.68 -61.07
N LYS A 308 -42.52 7.83 -62.38
CA LYS A 308 -42.62 9.13 -63.06
C LYS A 308 -43.95 9.80 -62.67
N SER A 309 -45.01 9.05 -62.44
CA SER A 309 -46.34 9.49 -61.99
C SER A 309 -46.25 10.31 -60.67
N VAL A 310 -45.85 9.49 -59.71
CA VAL A 310 -45.63 9.88 -58.32
C VAL A 310 -44.81 11.16 -58.32
N LEU A 311 -43.78 11.24 -59.15
CA LEU A 311 -42.94 12.45 -59.12
C LEU A 311 -43.66 13.64 -59.75
N ALA A 312 -44.33 13.27 -60.83
CA ALA A 312 -45.10 14.27 -61.60
C ALA A 312 -45.97 15.01 -60.58
N ARG A 313 -46.61 14.11 -59.84
CA ARG A 313 -47.57 14.52 -58.81
C ARG A 313 -47.08 14.83 -57.41
N ALA A 314 -45.96 14.43 -56.84
CA ALA A 314 -45.78 14.83 -55.40
C ALA A 314 -44.47 15.56 -55.26
N PHE A 315 -44.35 16.60 -56.10
CA PHE A 315 -43.06 17.30 -55.97
C PHE A 315 -43.22 18.64 -55.22
N THR A 316 -43.53 19.62 -56.02
CA THR A 316 -43.82 21.03 -56.07
C THR A 316 -44.26 21.75 -54.78
N MET B 1 -9.79 5.76 -51.99
CA MET B 1 -9.51 5.42 -53.39
C MET B 1 -8.34 4.50 -53.74
N LYS B 2 -8.81 3.51 -54.51
CA LYS B 2 -7.89 2.51 -55.10
C LYS B 2 -7.28 3.30 -56.28
N ASN B 3 -7.90 4.51 -56.33
CA ASN B 3 -7.61 5.51 -57.34
C ASN B 3 -7.35 6.94 -56.89
N ASN B 4 -6.10 7.04 -56.37
CA ASN B 4 -5.59 8.36 -55.92
C ASN B 4 -6.64 9.06 -55.09
N GLY B 5 -6.95 8.43 -53.95
CA GLY B 5 -7.94 9.03 -53.04
C GLY B 5 -8.05 8.42 -51.65
N GLY B 6 -7.11 7.56 -51.26
CA GLY B 6 -7.13 6.92 -49.95
C GLY B 6 -5.88 6.93 -49.09
N ALA B 7 -5.54 5.71 -48.67
CA ALA B 7 -4.35 5.55 -47.80
C ALA B 7 -3.36 4.78 -48.65
N ARG B 8 -2.35 5.50 -49.04
CA ARG B 8 -1.29 4.92 -49.88
C ARG B 8 -0.03 4.62 -49.08
N VAL B 9 0.35 3.34 -48.99
CA VAL B 9 1.60 3.01 -48.27
C VAL B 9 2.60 2.67 -49.38
N VAL B 10 3.80 3.15 -49.32
CA VAL B 10 4.90 2.92 -50.27
C VAL B 10 5.88 1.94 -49.59
N VAL B 11 6.45 0.93 -50.21
CA VAL B 11 7.41 0.00 -49.62
C VAL B 11 8.71 0.21 -50.44
N ILE B 12 9.75 0.68 -49.78
CA ILE B 12 11.04 0.89 -50.45
C ILE B 12 11.94 -0.29 -50.11
N GLY B 13 12.03 -1.27 -50.97
CA GLY B 13 12.89 -2.44 -50.70
C GLY B 13 11.96 -3.66 -50.53
N ALA B 14 11.59 -4.16 -51.69
CA ALA B 14 10.69 -5.32 -51.74
C ALA B 14 11.49 -6.60 -51.47
N GLY B 15 12.28 -6.63 -50.39
CA GLY B 15 13.07 -7.86 -50.09
C GLY B 15 12.12 -8.89 -49.49
N PHE B 16 12.67 -9.63 -48.53
CA PHE B 16 11.90 -10.66 -47.81
C PHE B 16 10.86 -9.98 -46.90
N VAL B 17 11.37 -9.02 -46.15
CA VAL B 17 10.53 -8.25 -45.19
C VAL B 17 9.55 -7.31 -45.88
N GLY B 18 10.07 -6.64 -46.89
CA GLY B 18 9.34 -5.64 -47.68
C GLY B 18 8.08 -6.23 -48.32
N ALA B 19 8.36 -7.37 -48.92
CA ALA B 19 7.37 -8.17 -49.68
C ALA B 19 6.39 -8.92 -48.77
N SER B 20 6.90 -9.47 -47.68
CA SER B 20 6.09 -10.20 -46.70
C SER B 20 5.04 -9.20 -46.16
N TYR B 21 5.54 -8.03 -45.78
CA TYR B 21 4.74 -6.91 -45.26
C TYR B 21 3.51 -6.74 -46.17
N VAL B 22 3.81 -6.48 -47.44
CA VAL B 22 2.75 -6.29 -48.44
C VAL B 22 1.80 -7.50 -48.39
N PHE B 23 2.32 -8.72 -48.24
CA PHE B 23 1.46 -9.93 -48.14
C PHE B 23 0.56 -9.80 -46.90
N ALA B 24 1.11 -9.39 -45.77
CA ALA B 24 0.42 -9.14 -44.50
C ALA B 24 -0.72 -8.14 -44.69
N LEU B 25 -0.43 -6.99 -45.26
CA LEU B 25 -1.42 -5.93 -45.52
C LEU B 25 -2.56 -6.34 -46.45
N MET B 26 -2.23 -6.93 -47.59
CA MET B 26 -3.23 -7.35 -48.60
C MET B 26 -4.23 -8.38 -48.08
N ASN B 27 -3.76 -9.38 -47.33
CA ASN B 27 -4.61 -10.42 -46.73
C ASN B 27 -5.44 -9.80 -45.59
N GLN B 28 -4.74 -8.99 -44.82
CA GLN B 28 -5.40 -8.34 -43.66
C GLN B 28 -6.40 -7.25 -44.08
N GLY B 29 -6.28 -6.66 -45.24
CA GLY B 29 -7.21 -5.61 -45.74
C GLY B 29 -6.86 -4.22 -45.24
N ILE B 30 -5.59 -3.90 -45.04
CA ILE B 30 -5.19 -2.57 -44.55
C ILE B 30 -4.92 -1.42 -45.52
N ALA B 31 -4.19 -1.51 -46.62
CA ALA B 31 -4.03 -0.24 -47.41
C ALA B 31 -5.11 -0.14 -48.49
N ASP B 32 -5.06 0.93 -49.24
CA ASP B 32 -5.95 1.19 -50.37
C ASP B 32 -5.10 1.13 -51.65
N GLU B 33 -3.86 1.56 -51.51
CA GLU B 33 -2.87 1.60 -52.58
C GLU B 33 -1.49 1.31 -52.00
N ILE B 34 -0.80 0.38 -52.61
CA ILE B 34 0.56 -0.04 -52.18
C ILE B 34 1.51 0.09 -53.37
N VAL B 35 2.52 0.92 -53.21
CA VAL B 35 3.53 1.18 -54.25
C VAL B 35 4.83 0.48 -53.84
N LEU B 36 5.42 -0.30 -54.72
CA LEU B 36 6.67 -1.01 -54.46
C LEU B 36 7.77 -0.37 -55.30
N ILE B 37 8.87 -0.03 -54.66
CA ILE B 37 10.08 0.60 -55.15
C ILE B 37 11.29 -0.26 -54.69
N ASP B 38 12.00 -0.80 -55.66
CA ASP B 38 13.20 -1.61 -55.38
C ASP B 38 14.37 -1.17 -56.29
N ALA B 39 15.59 -1.30 -55.80
CA ALA B 39 16.77 -0.92 -56.58
C ALA B 39 16.67 -1.65 -57.94
N ASN B 40 16.14 -2.84 -57.78
CA ASN B 40 15.90 -3.89 -58.77
C ASN B 40 14.42 -4.06 -59.11
N GLU B 41 14.09 -3.24 -60.11
CA GLU B 41 12.70 -3.23 -60.57
C GLU B 41 12.13 -4.65 -60.64
N SER B 42 12.69 -5.46 -61.52
CA SER B 42 12.32 -6.85 -61.82
C SER B 42 11.71 -7.52 -60.60
N LYS B 43 12.45 -7.42 -59.51
CA LYS B 43 11.97 -7.97 -58.26
C LYS B 43 10.56 -7.42 -58.06
N ALA B 44 10.57 -6.10 -58.06
CA ALA B 44 9.37 -5.25 -57.88
C ALA B 44 8.36 -5.54 -58.97
N ILE B 45 8.74 -5.67 -60.25
CA ILE B 45 7.76 -5.97 -61.32
C ILE B 45 7.18 -7.35 -61.03
N GLY B 46 8.02 -8.29 -60.67
CA GLY B 46 7.64 -9.65 -60.29
C GLY B 46 6.64 -9.70 -59.14
N ASP B 47 6.93 -9.16 -57.97
CA ASP B 47 5.97 -9.19 -56.84
C ASP B 47 4.59 -8.64 -57.19
N ALA B 48 4.59 -7.44 -57.73
CA ALA B 48 3.44 -6.65 -58.16
C ALA B 48 2.40 -7.46 -58.92
N MET B 49 2.81 -8.16 -59.96
CA MET B 49 1.96 -9.03 -60.79
C MET B 49 1.58 -10.25 -59.92
N ASP B 50 2.57 -10.72 -59.18
CA ASP B 50 2.31 -11.92 -58.33
C ASP B 50 1.13 -11.61 -57.43
N PHE B 51 1.25 -10.43 -56.84
CA PHE B 51 0.26 -9.90 -55.91
C PHE B 51 -1.10 -9.72 -56.58
N ASN B 52 -1.03 -9.06 -57.72
CA ASN B 52 -2.26 -8.72 -58.48
C ASN B 52 -3.02 -9.94 -58.95
N HIS B 53 -2.26 -10.99 -59.22
CA HIS B 53 -2.82 -12.28 -59.67
C HIS B 53 -3.73 -12.85 -58.60
N GLY B 54 -3.29 -12.69 -57.35
CA GLY B 54 -4.10 -13.20 -56.25
C GLY B 54 -5.15 -12.28 -55.68
N LYS B 55 -5.11 -11.01 -56.01
CA LYS B 55 -6.11 -10.07 -55.44
C LYS B 55 -7.57 -10.37 -55.69
N VAL B 56 -7.94 -11.31 -56.56
CA VAL B 56 -9.41 -11.51 -56.72
C VAL B 56 -9.86 -12.23 -55.45
N PHE B 57 -8.90 -12.72 -54.66
CA PHE B 57 -9.31 -13.45 -53.44
C PHE B 57 -8.82 -12.76 -52.16
N ALA B 58 -8.51 -11.49 -52.29
CA ALA B 58 -8.04 -10.74 -51.09
C ALA B 58 -9.41 -10.36 -50.49
N PRO B 59 -9.46 -10.09 -49.19
CA PRO B 59 -10.72 -9.73 -48.55
C PRO B 59 -11.37 -8.42 -49.02
N LYS B 60 -10.50 -7.50 -49.34
CA LYS B 60 -10.73 -6.13 -49.72
C LYS B 60 -9.97 -5.65 -50.92
N PRO B 61 -10.57 -4.78 -51.70
CA PRO B 61 -9.83 -4.27 -52.87
C PRO B 61 -8.66 -3.48 -52.31
N VAL B 62 -7.54 -3.63 -52.94
CA VAL B 62 -6.24 -3.01 -52.74
C VAL B 62 -5.68 -2.76 -54.16
N ASP B 63 -4.69 -1.92 -54.33
CA ASP B 63 -4.11 -1.64 -55.66
C ASP B 63 -2.58 -1.71 -55.50
N ILE B 64 -2.04 -2.75 -56.13
CA ILE B 64 -0.56 -2.84 -56.03
C ILE B 64 -0.03 -2.37 -57.39
N TRP B 65 1.22 -1.96 -57.37
CA TRP B 65 1.96 -1.51 -58.55
C TRP B 65 3.38 -1.10 -58.14
N HIS B 66 4.21 -1.14 -59.17
CA HIS B 66 5.62 -0.72 -59.02
C HIS B 66 5.61 0.73 -59.54
N GLY B 67 5.97 1.61 -58.65
CA GLY B 67 6.01 3.04 -58.99
C GLY B 67 7.43 3.59 -58.78
N ASP B 68 7.37 4.83 -58.30
CA ASP B 68 8.64 5.54 -58.03
C ASP B 68 8.35 6.59 -56.96
N TYR B 69 9.41 7.36 -56.74
CA TYR B 69 9.34 8.40 -55.71
C TYR B 69 8.17 9.34 -55.83
N ASP B 70 7.88 9.84 -57.00
CA ASP B 70 6.72 10.78 -57.06
C ASP B 70 5.51 10.15 -56.39
N ASP B 71 5.42 8.83 -56.43
CA ASP B 71 4.23 8.18 -55.83
C ASP B 71 4.25 8.38 -54.31
N CYS B 72 5.33 8.99 -53.85
CA CYS B 72 5.54 9.29 -52.43
C CYS B 72 4.91 10.63 -52.07
N ARG B 73 4.83 11.53 -53.03
CA ARG B 73 4.28 12.85 -52.78
C ARG B 73 2.89 12.77 -52.17
N ASP B 74 2.11 11.85 -52.72
CA ASP B 74 0.75 11.65 -52.18
C ASP B 74 0.70 10.60 -51.06
N ALA B 75 1.84 10.07 -50.66
CA ALA B 75 1.86 9.03 -49.64
C ALA B 75 1.60 9.40 -48.18
N ASP B 76 0.70 8.56 -47.67
CA ASP B 76 0.33 8.63 -46.26
C ASP B 76 1.57 8.17 -45.47
N LEU B 77 1.98 6.96 -45.80
CA LEU B 77 3.09 6.26 -45.16
C LEU B 77 4.14 5.66 -46.06
N VAL B 78 5.40 5.95 -45.79
CA VAL B 78 6.55 5.41 -46.51
C VAL B 78 7.29 4.46 -45.55
N VAL B 79 7.21 3.17 -45.75
CA VAL B 79 7.82 2.11 -44.95
C VAL B 79 9.20 1.74 -45.49
N ILE B 80 10.34 2.04 -44.91
CA ILE B 80 11.61 1.66 -45.54
C ILE B 80 12.19 0.28 -45.18
N CYS B 81 12.20 -0.66 -46.11
CA CYS B 81 12.74 -2.01 -45.88
C CYS B 81 14.00 -2.40 -46.68
N ALA B 82 14.50 -1.53 -47.51
CA ALA B 82 15.68 -1.77 -48.38
C ALA B 82 16.94 -1.83 -47.53
N GLY B 83 18.02 -2.39 -48.04
CA GLY B 83 19.33 -2.55 -47.43
C GLY B 83 19.80 -3.93 -47.00
N ALA B 84 21.08 -4.04 -46.63
CA ALA B 84 21.76 -5.25 -46.16
C ALA B 84 21.30 -5.85 -44.81
N ASN B 85 21.02 -7.13 -44.97
CA ASN B 85 20.56 -8.15 -43.99
C ASN B 85 21.81 -8.61 -43.24
N GLN B 86 21.64 -8.77 -41.92
CA GLN B 86 22.80 -9.26 -41.10
C GLN B 86 23.06 -10.72 -41.52
N LYS B 87 24.32 -11.08 -41.67
CA LYS B 87 24.73 -12.45 -42.05
C LYS B 87 24.87 -13.20 -40.71
N PRO B 88 24.99 -14.50 -40.83
CA PRO B 88 25.16 -15.34 -39.62
C PRO B 88 26.42 -14.89 -38.91
N GLY B 89 26.48 -14.97 -37.58
CA GLY B 89 27.74 -14.51 -36.91
C GLY B 89 27.82 -12.98 -36.83
N GLU B 90 27.26 -12.35 -37.85
CA GLU B 90 27.14 -10.88 -37.91
C GLU B 90 26.05 -10.39 -36.92
N THR B 91 26.34 -9.21 -36.36
CA THR B 91 25.43 -8.52 -35.43
C THR B 91 24.60 -7.48 -36.19
N ARG B 92 23.58 -7.03 -35.47
CA ARG B 92 22.68 -5.97 -35.99
C ARG B 92 23.60 -4.79 -36.38
N LEU B 93 24.45 -4.35 -35.45
CA LEU B 93 25.37 -3.24 -35.69
C LEU B 93 26.48 -3.38 -36.72
N ASP B 94 26.79 -4.51 -37.33
CA ASP B 94 27.90 -4.43 -38.31
C ASP B 94 27.39 -3.82 -39.61
N LEU B 95 26.08 -3.73 -39.77
CA LEU B 95 25.47 -3.15 -40.96
C LEU B 95 25.50 -1.63 -41.13
N VAL B 96 25.53 -0.80 -40.10
CA VAL B 96 25.47 0.65 -40.06
C VAL B 96 25.98 1.46 -41.26
N ASP B 97 27.31 1.56 -41.35
CA ASP B 97 27.78 2.39 -42.47
C ASP B 97 27.12 1.89 -43.76
N LYS B 98 26.92 0.59 -43.87
CA LYS B 98 26.31 0.04 -45.10
C LYS B 98 24.97 0.75 -45.33
N ASN B 99 24.12 0.51 -44.33
CA ASN B 99 22.76 1.04 -44.36
C ASN B 99 22.64 2.54 -44.22
N ILE B 100 23.54 3.27 -43.59
CA ILE B 100 23.37 4.76 -43.48
C ILE B 100 23.37 5.32 -44.90
N ALA B 101 24.49 4.99 -45.54
CA ALA B 101 24.78 5.37 -46.92
C ALA B 101 23.51 5.26 -47.77
N ILE B 102 22.89 4.09 -47.70
CA ILE B 102 21.65 3.92 -48.52
C ILE B 102 20.51 4.84 -48.11
N PHE B 103 20.35 5.09 -46.82
CA PHE B 103 19.23 5.91 -46.32
C PHE B 103 19.33 7.36 -46.77
N ARG B 104 20.52 7.90 -46.95
CA ARG B 104 20.76 9.27 -47.40
C ARG B 104 20.08 9.56 -48.75
N SER B 105 20.11 8.56 -49.62
CA SER B 105 19.52 8.63 -50.97
C SER B 105 18.01 8.45 -50.87
N ILE B 106 17.62 7.23 -50.53
CA ILE B 106 16.21 6.87 -50.36
C ILE B 106 15.52 8.09 -49.70
N VAL B 107 16.01 8.44 -48.52
CA VAL B 107 15.42 9.56 -47.75
C VAL B 107 15.28 10.79 -48.63
N GLU B 108 16.41 11.28 -49.04
CA GLU B 108 16.52 12.45 -49.92
C GLU B 108 15.67 12.51 -51.16
N SER B 109 15.50 11.31 -51.68
CA SER B 109 14.72 11.04 -52.90
C SER B 109 13.25 11.10 -52.52
N VAL B 110 12.80 10.47 -51.44
CA VAL B 110 11.36 10.60 -51.13
C VAL B 110 11.01 12.05 -50.75
N MET B 111 11.88 12.68 -49.99
CA MET B 111 11.60 14.09 -49.55
C MET B 111 11.24 14.92 -50.78
N ALA B 112 12.25 14.91 -51.64
CA ALA B 112 12.16 15.59 -52.94
C ALA B 112 10.84 15.24 -53.62
N SER B 113 10.24 14.08 -53.42
CA SER B 113 8.94 13.77 -54.06
C SER B 113 7.97 14.93 -53.79
N GLY B 114 8.10 15.35 -52.54
CA GLY B 114 7.25 16.43 -51.97
C GLY B 114 6.46 15.57 -50.96
N PHE B 115 7.27 14.66 -50.44
CA PHE B 115 6.70 13.71 -49.47
C PHE B 115 6.45 14.44 -48.15
N GLN B 116 5.29 14.13 -47.56
CA GLN B 116 4.98 14.77 -46.26
C GLN B 116 4.11 13.95 -45.32
N GLY B 117 4.20 12.63 -45.36
CA GLY B 117 3.42 11.75 -44.46
C GLY B 117 4.39 11.33 -43.34
N LEU B 118 4.21 10.09 -42.91
CA LEU B 118 5.05 9.51 -41.85
C LEU B 118 5.99 8.44 -42.46
N PHE B 119 7.06 8.13 -41.76
CA PHE B 119 8.07 7.13 -42.07
C PHE B 119 8.05 5.96 -41.06
N LEU B 120 8.01 4.73 -41.49
CA LEU B 120 8.11 3.55 -40.62
C LEU B 120 9.36 2.78 -41.10
N VAL B 121 10.44 2.88 -40.32
CA VAL B 121 11.77 2.28 -40.58
C VAL B 121 11.87 0.89 -39.95
N ALA B 122 12.27 -0.08 -40.75
CA ALA B 122 12.47 -1.50 -40.49
C ALA B 122 13.93 -1.94 -40.60
N THR B 123 14.67 -1.48 -41.58
CA THR B 123 16.07 -1.82 -41.77
C THR B 123 16.91 -1.74 -40.48
N ASN B 124 17.78 -2.71 -40.30
CA ASN B 124 18.68 -2.88 -39.16
C ASN B 124 20.07 -2.22 -39.42
N PRO B 125 20.63 -1.57 -38.42
CA PRO B 125 20.10 -1.35 -37.06
C PRO B 125 18.94 -0.36 -37.00
N VAL B 126 17.73 -0.86 -36.78
CA VAL B 126 16.50 -0.05 -36.74
C VAL B 126 16.58 1.22 -35.92
N ASP B 127 17.06 1.19 -34.69
CA ASP B 127 17.14 2.42 -33.86
C ASP B 127 18.11 3.40 -34.53
N ILE B 128 19.24 2.92 -35.02
CA ILE B 128 20.23 3.76 -35.72
C ILE B 128 19.65 4.30 -37.02
N LEU B 129 19.10 3.49 -37.91
CA LEU B 129 18.52 3.93 -39.20
C LEU B 129 17.29 4.80 -39.08
N THR B 130 16.48 4.70 -38.04
CA THR B 130 15.30 5.55 -37.80
C THR B 130 15.76 6.99 -37.50
N TYR B 131 16.76 7.07 -36.62
CA TYR B 131 17.43 8.31 -36.21
C TYR B 131 17.97 8.99 -37.48
N ALA B 132 18.62 8.18 -38.30
CA ALA B 132 19.19 8.59 -39.59
C ALA B 132 18.09 9.19 -40.46
N THR B 133 16.99 8.48 -40.70
CA THR B 133 15.88 9.02 -41.50
C THR B 133 15.36 10.37 -40.95
N TRP B 134 15.29 10.46 -39.63
CA TRP B 134 14.81 11.70 -38.97
C TRP B 134 15.85 12.75 -39.37
N LYS B 135 17.09 12.56 -38.99
CA LYS B 135 18.22 13.42 -39.35
C LYS B 135 18.09 13.86 -40.81
N PHE B 136 18.13 12.90 -41.72
CA PHE B 136 18.05 13.12 -43.17
C PHE B 136 16.70 13.70 -43.62
N SER B 137 15.60 13.37 -42.97
CA SER B 137 14.28 13.85 -43.42
C SER B 137 14.00 15.30 -43.05
N GLY B 138 14.51 15.73 -41.92
CA GLY B 138 14.31 17.09 -41.43
C GLY B 138 12.85 17.33 -41.00
N LEU B 139 12.09 16.28 -40.86
CA LEU B 139 10.67 16.31 -40.42
C LEU B 139 10.74 16.26 -38.88
N PRO B 140 9.69 16.61 -38.17
CA PRO B 140 9.72 16.56 -36.69
C PRO B 140 9.72 15.09 -36.31
N HIS B 141 10.50 14.73 -35.32
CA HIS B 141 10.69 13.34 -34.89
C HIS B 141 9.45 12.56 -34.54
N GLU B 142 8.28 13.17 -34.52
CA GLU B 142 7.05 12.42 -34.22
C GLU B 142 6.54 11.68 -35.46
N ARG B 143 7.17 12.00 -36.57
CA ARG B 143 6.83 11.42 -37.88
C ARG B 143 7.85 10.39 -38.37
N VAL B 144 8.81 10.10 -37.52
CA VAL B 144 9.85 9.12 -37.87
C VAL B 144 9.88 8.09 -36.72
N ILE B 145 9.14 7.03 -36.99
CA ILE B 145 8.93 5.84 -36.18
C ILE B 145 9.77 4.66 -36.68
N GLY B 146 10.42 3.93 -35.82
CA GLY B 146 11.19 2.70 -36.21
C GLY B 146 10.33 1.58 -35.56
N SER B 147 10.49 0.35 -36.03
CA SER B 147 9.72 -0.78 -35.46
C SER B 147 10.31 -1.20 -34.11
N GLY B 148 11.52 -0.74 -33.80
CA GLY B 148 12.24 -1.01 -32.56
C GLY B 148 12.01 -2.32 -31.85
N THR B 149 11.27 -2.35 -30.75
CA THR B 149 11.04 -3.62 -30.02
C THR B 149 9.65 -4.21 -30.20
N ILE B 150 9.04 -4.12 -31.36
CA ILE B 150 7.69 -4.68 -31.51
C ILE B 150 7.68 -6.19 -31.71
N LEU B 151 8.67 -6.73 -32.35
CA LEU B 151 8.81 -8.18 -32.60
C LEU B 151 9.37 -8.82 -31.33
N ASP B 152 10.37 -8.10 -30.82
CA ASP B 152 11.00 -8.55 -29.57
C ASP B 152 9.83 -8.78 -28.60
N THR B 153 8.84 -7.91 -28.69
CA THR B 153 7.69 -8.02 -27.77
C THR B 153 6.68 -9.01 -28.32
N ALA B 154 6.61 -9.16 -29.64
CA ALA B 154 5.63 -10.17 -30.16
C ALA B 154 6.12 -11.53 -29.67
N ARG B 155 7.42 -11.69 -29.60
CA ARG B 155 8.13 -12.90 -29.14
C ARG B 155 7.98 -13.22 -27.66
N PHE B 156 8.22 -12.34 -26.74
CA PHE B 156 8.09 -12.52 -25.29
C PHE B 156 6.68 -13.00 -24.96
N ARG B 157 5.67 -12.32 -25.50
CA ARG B 157 4.26 -12.71 -25.20
C ARG B 157 3.94 -14.07 -25.78
N PHE B 158 4.43 -14.40 -26.96
CA PHE B 158 4.09 -15.74 -27.47
C PHE B 158 4.75 -16.77 -26.53
N LEU B 159 6.03 -16.68 -26.21
CA LEU B 159 6.68 -17.64 -25.31
C LEU B 159 6.05 -17.81 -23.93
N LEU B 160 5.70 -16.70 -23.29
CA LEU B 160 5.06 -16.75 -21.97
C LEU B 160 3.63 -17.27 -22.15
N GLY B 161 2.98 -16.82 -23.20
CA GLY B 161 1.58 -17.24 -23.49
C GLY B 161 1.62 -18.77 -23.44
N GLU B 162 2.76 -19.34 -23.85
CA GLU B 162 2.91 -20.80 -23.86
C GLU B 162 3.34 -21.34 -22.52
N TYR B 163 4.33 -20.70 -21.95
CA TYR B 163 4.78 -21.18 -20.62
C TYR B 163 3.56 -21.26 -19.69
N PHE B 164 2.71 -20.24 -19.75
CA PHE B 164 1.54 -20.22 -18.87
C PHE B 164 0.27 -20.83 -19.43
N SER B 165 0.18 -21.04 -20.72
CA SER B 165 -1.00 -21.62 -21.39
C SER B 165 -2.20 -20.67 -21.50
N VAL B 166 -1.94 -19.40 -21.70
CA VAL B 166 -2.98 -18.36 -21.88
C VAL B 166 -2.77 -17.83 -23.31
N ALA B 167 -3.76 -17.15 -23.86
CA ALA B 167 -3.59 -16.61 -25.25
C ALA B 167 -2.47 -15.58 -25.12
N PRO B 168 -1.54 -15.52 -26.06
CA PRO B 168 -0.41 -14.56 -25.99
C PRO B 168 -1.01 -13.17 -25.91
N GLN B 169 -2.09 -13.05 -26.67
CA GLN B 169 -2.88 -11.82 -26.66
C GLN B 169 -3.24 -11.53 -25.20
N ASN B 170 -3.00 -12.39 -24.22
CA ASN B 170 -3.36 -12.16 -22.81
C ASN B 170 -2.15 -11.98 -21.88
N VAL B 171 -0.93 -12.10 -22.33
CA VAL B 171 0.28 -11.92 -21.51
C VAL B 171 0.62 -10.44 -21.53
N HIS B 172 0.72 -9.65 -20.49
CA HIS B 172 1.07 -8.20 -20.67
C HIS B 172 2.51 -7.92 -20.25
N ALA B 173 3.40 -7.90 -21.24
CA ALA B 173 4.82 -7.65 -20.94
C ALA B 173 5.54 -6.99 -22.10
N TYR B 174 6.64 -6.34 -21.71
CA TYR B 174 7.41 -5.65 -22.76
C TYR B 174 8.90 -5.97 -22.71
N ILE B 175 9.45 -5.62 -23.86
CA ILE B 175 10.86 -5.63 -24.21
C ILE B 175 11.11 -4.16 -24.64
N ILE B 176 12.14 -3.59 -24.04
CA ILE B 176 12.49 -2.18 -24.32
C ILE B 176 13.99 -2.02 -24.55
N GLY B 177 14.34 -0.88 -25.15
CA GLY B 177 15.75 -0.58 -25.46
C GLY B 177 15.99 -1.00 -26.92
N GLU B 178 17.26 -1.00 -27.23
CA GLU B 178 17.79 -1.37 -28.54
C GLU B 178 17.22 -2.67 -29.10
N HIS B 179 16.76 -2.61 -30.34
CA HIS B 179 16.27 -3.85 -31.00
C HIS B 179 17.60 -4.58 -31.30
N GLY B 180 18.04 -5.29 -30.29
CA GLY B 180 19.33 -6.01 -30.39
C GLY B 180 19.73 -6.55 -29.03
N ASP B 181 21.04 -6.71 -28.90
CA ASP B 181 21.67 -7.27 -27.69
C ASP B 181 21.39 -6.61 -26.35
N THR B 182 21.31 -5.29 -26.34
CA THR B 182 21.08 -4.61 -25.05
C THR B 182 19.64 -4.50 -24.61
N GLU B 183 18.69 -4.97 -25.41
CA GLU B 183 17.27 -4.95 -25.05
C GLU B 183 17.10 -5.60 -23.68
N LEU B 184 16.01 -5.32 -23.00
CA LEU B 184 15.67 -5.86 -21.70
C LEU B 184 14.17 -6.13 -21.58
N PRO B 185 13.83 -7.22 -20.92
CA PRO B 185 12.43 -7.58 -20.69
C PRO B 185 12.01 -6.71 -19.51
N VAL B 186 10.88 -6.04 -19.57
CA VAL B 186 10.53 -5.20 -18.38
C VAL B 186 9.84 -6.22 -17.47
N TRP B 187 10.61 -6.94 -16.66
CA TRP B 187 9.99 -7.96 -15.76
C TRP B 187 9.13 -7.35 -14.66
N SER B 188 9.60 -6.28 -14.05
CA SER B 188 8.98 -5.56 -12.95
C SER B 188 7.57 -5.05 -13.20
N GLN B 189 7.16 -5.21 -14.45
CA GLN B 189 5.82 -4.69 -14.82
C GLN B 189 5.07 -5.60 -15.77
N ALA B 190 5.24 -6.92 -15.72
CA ALA B 190 4.58 -7.91 -16.58
C ALA B 190 3.59 -8.82 -15.86
N TYR B 191 2.44 -8.93 -16.49
CA TYR B 191 1.28 -9.68 -16.13
C TYR B 191 0.92 -10.68 -17.22
N ILE B 192 0.10 -11.57 -16.75
CA ILE B 192 -0.54 -12.66 -17.41
C ILE B 192 -1.96 -12.36 -16.89
N GLY B 193 -2.68 -11.54 -17.61
CA GLY B 193 -4.05 -11.12 -17.20
C GLY B 193 -3.94 -9.77 -16.50
N VAL B 194 -4.37 -9.81 -15.24
CA VAL B 194 -4.30 -8.61 -14.36
C VAL B 194 -3.34 -9.04 -13.22
N MET B 195 -2.79 -10.23 -13.36
CA MET B 195 -1.89 -10.79 -12.35
C MET B 195 -0.42 -10.84 -12.71
N PRO B 196 0.37 -10.31 -11.79
CA PRO B 196 1.83 -10.24 -11.91
C PRO B 196 2.49 -11.59 -12.06
N ILE B 197 3.34 -11.63 -13.06
CA ILE B 197 4.12 -12.82 -13.41
C ILE B 197 4.90 -13.28 -12.18
N ARG B 198 5.85 -12.44 -11.83
CA ARG B 198 6.73 -12.75 -10.66
C ARG B 198 5.76 -12.51 -9.49
N LYS B 199 4.90 -13.49 -9.34
CA LYS B 199 3.83 -13.66 -8.38
C LYS B 199 3.12 -15.01 -8.61
N LEU B 200 3.06 -15.33 -9.89
CA LEU B 200 2.44 -16.62 -10.31
C LEU B 200 3.53 -17.70 -10.17
N VAL B 201 4.74 -17.30 -10.52
CA VAL B 201 5.92 -18.17 -10.46
C VAL B 201 6.48 -18.13 -9.04
N GLU B 202 5.94 -17.25 -8.21
CA GLU B 202 6.37 -17.01 -6.83
C GLU B 202 6.40 -18.27 -5.98
N SER B 203 5.39 -19.04 -6.32
CA SER B 203 5.06 -20.32 -5.69
C SER B 203 5.89 -21.55 -6.06
N LYS B 204 6.85 -21.48 -6.96
CA LYS B 204 7.63 -22.66 -7.38
C LYS B 204 9.03 -22.13 -7.69
N GLY B 205 9.38 -21.28 -6.74
CA GLY B 205 10.68 -20.60 -6.75
C GLY B 205 11.78 -21.44 -7.39
N GLU B 206 12.67 -20.68 -8.01
CA GLU B 206 13.88 -21.09 -8.71
C GLU B 206 13.73 -22.15 -9.78
N GLU B 207 12.51 -22.33 -10.22
CA GLU B 207 12.11 -23.29 -11.28
C GLU B 207 11.41 -22.31 -12.23
N ALA B 208 10.42 -21.67 -11.61
CA ALA B 208 9.73 -20.58 -12.36
C ALA B 208 10.90 -19.62 -12.66
N GLN B 209 11.73 -19.25 -11.70
CA GLN B 209 12.88 -18.39 -11.91
C GLN B 209 13.74 -18.73 -13.14
N LYS B 210 14.21 -19.97 -13.24
CA LYS B 210 15.05 -20.40 -14.38
C LYS B 210 14.31 -20.41 -15.71
N ASP B 211 13.06 -20.85 -15.61
CA ASP B 211 12.16 -20.94 -16.79
C ASP B 211 12.08 -19.61 -17.50
N LEU B 212 11.77 -18.62 -16.73
CA LEU B 212 11.64 -17.22 -17.08
C LEU B 212 12.87 -16.59 -17.71
N GLU B 213 14.07 -16.97 -17.33
CA GLU B 213 15.34 -16.38 -17.86
C GLU B 213 15.76 -17.02 -19.17
N ARG B 214 15.25 -18.22 -19.40
CA ARG B 214 15.48 -18.98 -20.63
C ARG B 214 14.67 -18.27 -21.72
N ILE B 215 13.40 -18.15 -21.32
CA ILE B 215 12.45 -17.47 -22.22
C ILE B 215 13.14 -16.21 -22.71
N PHE B 216 13.48 -15.37 -21.73
CA PHE B 216 14.14 -14.10 -22.04
C PHE B 216 15.27 -14.25 -23.08
N VAL B 217 16.13 -15.22 -22.85
CA VAL B 217 17.26 -15.48 -23.74
C VAL B 217 16.83 -15.93 -25.13
N ASN B 218 15.80 -16.74 -25.13
CA ASN B 218 15.24 -17.24 -26.39
C ASN B 218 14.77 -16.05 -27.22
N VAL B 219 14.27 -15.07 -26.47
CA VAL B 219 13.73 -13.85 -27.08
C VAL B 219 14.92 -13.06 -27.65
N ARG B 220 15.80 -12.75 -26.72
CA ARG B 220 17.04 -12.03 -27.10
C ARG B 220 17.77 -12.56 -28.34
N ASP B 221 17.98 -13.86 -28.41
CA ASP B 221 18.61 -14.65 -29.44
C ASP B 221 17.72 -15.06 -30.64
N ALA B 222 16.41 -15.04 -30.57
CA ALA B 222 15.51 -15.50 -31.62
C ALA B 222 15.93 -15.09 -33.03
N ALA B 223 16.42 -13.88 -33.14
CA ALA B 223 16.85 -13.43 -34.48
C ALA B 223 17.75 -14.48 -35.12
N TYR B 224 18.82 -14.82 -34.46
CA TYR B 224 19.89 -15.76 -34.80
C TYR B 224 19.48 -17.23 -34.81
N GLN B 225 18.50 -17.68 -34.04
CA GLN B 225 18.17 -19.15 -34.21
C GLN B 225 17.62 -19.26 -35.64
N ILE B 226 16.77 -18.33 -36.03
CA ILE B 226 16.16 -18.24 -37.36
C ILE B 226 17.17 -17.85 -38.46
N ILE B 227 17.97 -16.82 -38.27
CA ILE B 227 18.92 -16.46 -39.35
C ILE B 227 19.59 -17.75 -39.82
N GLU B 228 20.02 -18.54 -38.84
CA GLU B 228 20.71 -19.81 -39.01
C GLU B 228 19.94 -21.02 -39.51
N LYS B 229 18.67 -21.12 -39.24
CA LYS B 229 17.81 -22.23 -39.67
C LYS B 229 17.34 -22.04 -41.11
N LYS B 230 16.87 -20.82 -41.34
CA LYS B 230 16.30 -20.41 -42.64
C LYS B 230 16.93 -19.19 -43.27
N GLY B 231 18.02 -18.62 -42.82
CA GLY B 231 18.74 -17.49 -43.35
C GLY B 231 18.36 -16.04 -43.27
N ALA B 232 17.16 -15.69 -42.89
CA ALA B 232 16.61 -14.34 -42.77
C ALA B 232 15.24 -14.49 -42.08
N THR B 233 14.95 -13.49 -41.27
CA THR B 233 13.63 -13.49 -40.59
C THR B 233 12.79 -12.50 -41.39
N TYR B 234 11.48 -12.73 -41.41
CA TYR B 234 10.59 -11.81 -42.11
C TYR B 234 9.10 -12.03 -41.86
N TYR B 235 8.70 -13.05 -41.11
CA TYR B 235 7.24 -13.20 -40.89
C TYR B 235 6.79 -12.43 -39.66
N GLY B 236 7.60 -12.42 -38.62
CA GLY B 236 7.23 -11.68 -37.38
C GLY B 236 7.30 -10.19 -37.70
N ILE B 237 8.46 -9.70 -38.10
CA ILE B 237 8.62 -8.29 -38.46
C ILE B 237 7.53 -7.76 -39.39
N ALA B 238 6.99 -8.55 -40.30
CA ALA B 238 5.94 -8.17 -41.24
C ALA B 238 4.56 -8.06 -40.57
N MET B 239 4.29 -8.75 -39.48
CA MET B 239 2.99 -8.71 -38.78
C MET B 239 3.01 -7.51 -37.81
N GLY B 240 4.26 -7.28 -37.43
CA GLY B 240 4.64 -6.17 -36.53
C GLY B 240 4.44 -4.88 -37.36
N LEU B 241 5.07 -4.81 -38.51
CA LEU B 241 4.92 -3.64 -39.42
C LEU B 241 3.42 -3.49 -39.70
N ALA B 242 2.71 -4.51 -40.13
CA ALA B 242 1.25 -4.43 -40.39
C ALA B 242 0.46 -3.85 -39.22
N ARG B 243 0.88 -4.20 -38.02
CA ARG B 243 0.20 -3.72 -36.79
C ARG B 243 0.35 -2.20 -36.60
N VAL B 244 1.58 -1.69 -36.64
CA VAL B 244 1.87 -0.25 -36.54
C VAL B 244 0.95 0.38 -37.60
N THR B 245 1.26 0.05 -38.86
CA THR B 245 0.52 0.51 -40.03
C THR B 245 -0.98 0.67 -39.69
N ARG B 246 -1.56 -0.30 -39.00
CA ARG B 246 -3.00 -0.07 -38.72
C ARG B 246 -3.21 0.90 -37.57
N ALA B 247 -2.21 1.00 -36.72
CA ALA B 247 -2.35 1.91 -35.57
C ALA B 247 -2.51 3.31 -36.14
N ILE B 248 -1.66 3.61 -37.09
CA ILE B 248 -1.62 4.91 -37.77
C ILE B 248 -2.85 5.19 -38.62
N LEU B 249 -3.02 4.31 -39.59
CA LEU B 249 -4.10 4.36 -40.58
C LEU B 249 -5.47 4.37 -39.91
N HIS B 250 -5.53 3.80 -38.72
CA HIS B 250 -6.84 3.85 -38.04
C HIS B 250 -6.76 4.93 -36.98
N ASN B 251 -5.66 5.69 -36.94
CA ASN B 251 -5.67 6.75 -35.87
C ASN B 251 -6.26 6.03 -34.64
N GLU B 252 -5.66 4.93 -34.25
CA GLU B 252 -6.07 4.07 -33.13
C GLU B 252 -5.68 4.45 -31.71
N ASN B 253 -4.62 5.21 -31.50
CA ASN B 253 -4.19 5.65 -30.13
C ASN B 253 -3.93 4.37 -29.32
N ALA B 254 -3.08 3.59 -29.95
CA ALA B 254 -2.61 2.27 -29.54
C ALA B 254 -1.32 2.46 -28.78
N ILE B 255 -0.99 1.49 -27.93
CA ILE B 255 0.28 1.58 -27.20
C ILE B 255 1.12 0.37 -27.68
N LEU B 256 2.21 0.74 -28.36
CA LEU B 256 3.13 -0.27 -28.91
C LEU B 256 4.54 0.04 -28.43
N THR B 257 5.43 -0.94 -28.37
CA THR B 257 6.82 -0.63 -28.00
C THR B 257 7.58 -0.44 -29.34
N VAL B 258 7.71 0.82 -29.71
CA VAL B 258 8.40 1.27 -30.92
C VAL B 258 9.70 2.02 -30.56
N SER B 259 10.38 2.29 -31.65
CA SER B 259 11.66 3.02 -31.62
C SER B 259 11.14 4.46 -31.71
N ALA B 260 11.42 5.20 -30.67
CA ALA B 260 10.94 6.61 -30.58
C ALA B 260 12.05 7.51 -30.06
N TYR B 261 11.91 8.82 -30.29
CA TYR B 261 12.97 9.74 -29.80
C TYR B 261 12.78 10.03 -28.31
N LEU B 262 13.89 10.08 -27.62
CA LEU B 262 13.98 10.36 -26.20
C LEU B 262 14.57 11.76 -26.00
N ASP B 263 13.78 12.58 -25.35
CA ASP B 263 14.20 13.96 -25.05
C ASP B 263 14.00 14.26 -23.57
N GLY B 264 14.42 13.34 -22.73
CA GLY B 264 14.29 13.40 -21.28
C GLY B 264 13.54 12.23 -20.61
N LEU B 265 12.53 11.70 -21.28
CA LEU B 265 11.71 10.63 -20.71
C LEU B 265 12.42 9.51 -19.97
N TYR B 266 13.39 8.77 -20.44
CA TYR B 266 13.87 7.70 -19.49
C TYR B 266 15.24 8.18 -19.03
N GLY B 267 15.22 9.48 -18.74
CA GLY B 267 16.45 10.15 -18.32
C GLY B 267 17.51 10.02 -19.40
N GLU B 268 17.05 10.02 -20.64
CA GLU B 268 17.91 9.95 -21.81
C GLU B 268 17.37 10.96 -22.85
N ARG B 269 18.32 11.57 -23.57
CA ARG B 269 17.83 12.50 -24.63
C ARG B 269 18.68 12.22 -25.88
N ASP B 270 18.14 12.72 -26.96
CA ASP B 270 18.72 12.67 -28.30
C ASP B 270 19.21 11.30 -28.72
N VAL B 271 18.30 10.36 -28.68
CA VAL B 271 18.54 8.95 -29.07
C VAL B 271 17.19 8.41 -29.56
N TYR B 272 17.22 7.44 -30.45
CA TYR B 272 15.94 6.83 -30.91
C TYR B 272 15.94 5.42 -30.31
N ILE B 273 14.87 5.00 -29.66
CA ILE B 273 14.89 3.64 -29.03
C ILE B 273 13.49 3.10 -28.71
N GLY B 274 13.50 1.81 -28.45
CA GLY B 274 12.35 0.97 -28.12
C GLY B 274 11.78 1.36 -26.75
N VAL B 275 10.58 1.90 -26.82
CA VAL B 275 9.87 2.37 -25.63
C VAL B 275 8.39 2.33 -25.97
N PRO B 276 7.49 2.06 -25.05
CA PRO B 276 6.05 2.08 -25.34
C PRO B 276 5.69 3.49 -25.77
N ALA B 277 4.68 3.70 -26.58
CA ALA B 277 4.23 5.01 -27.09
C ALA B 277 2.84 4.96 -27.72
N VAL B 278 2.05 6.00 -27.58
CA VAL B 278 0.69 6.05 -28.19
C VAL B 278 0.93 6.40 -29.67
N ILE B 279 0.26 5.70 -30.58
CA ILE B 279 0.42 5.93 -32.02
C ILE B 279 -0.94 6.20 -32.64
N ASN B 280 -1.00 7.18 -33.52
CA ASN B 280 -2.26 7.58 -34.20
C ASN B 280 -1.92 8.16 -35.57
N ARG B 281 -2.96 8.60 -36.28
CA ARG B 281 -2.85 9.20 -37.62
C ARG B 281 -1.69 10.15 -37.87
N ASN B 282 -1.20 10.78 -36.82
CA ASN B 282 -0.10 11.76 -36.88
C ASN B 282 1.26 11.25 -36.40
N GLY B 283 1.34 9.94 -36.27
CA GLY B 283 2.55 9.23 -35.83
C GLY B 283 2.53 9.15 -34.31
N ILE B 284 3.68 9.44 -33.70
CA ILE B 284 3.76 9.41 -32.25
C ILE B 284 3.12 10.61 -31.53
N ARG B 285 2.21 10.21 -30.65
CA ARG B 285 1.46 11.12 -29.78
C ARG B 285 2.36 11.39 -28.58
N GLU B 286 2.90 10.37 -27.92
CA GLU B 286 3.82 10.55 -26.78
C GLU B 286 4.62 9.29 -26.45
N VAL B 287 5.76 9.49 -25.77
CA VAL B 287 6.57 8.33 -25.32
C VAL B 287 5.88 7.99 -23.98
N ILE B 288 5.79 6.72 -23.61
CA ILE B 288 5.14 6.35 -22.33
C ILE B 288 6.30 5.95 -21.40
N GLU B 289 6.43 6.73 -20.34
CA GLU B 289 7.47 6.47 -19.34
C GLU B 289 6.84 5.63 -18.21
N ILE B 290 7.14 4.35 -18.30
CA ILE B 290 6.69 3.35 -17.33
C ILE B 290 7.69 3.38 -16.17
N GLU B 291 7.41 2.65 -15.11
CA GLU B 291 8.28 2.57 -13.93
C GLU B 291 9.18 1.33 -13.92
N LEU B 292 10.46 1.57 -13.75
CA LEU B 292 11.51 0.58 -13.71
C LEU B 292 12.24 0.35 -12.39
N ASN B 293 12.47 -0.94 -12.17
CA ASN B 293 13.25 -1.34 -10.96
C ASN B 293 14.65 -0.79 -11.28
N ASP B 294 15.53 -0.71 -10.31
CA ASP B 294 16.90 -0.23 -10.55
C ASP B 294 17.55 -0.94 -11.75
N ASP B 295 17.43 -2.26 -11.65
CA ASP B 295 18.00 -3.16 -12.66
C ASP B 295 17.53 -2.73 -14.04
N GLU B 296 16.24 -2.76 -14.33
CA GLU B 296 15.78 -2.35 -15.68
C GLU B 296 16.36 -1.02 -16.10
N LYS B 297 16.31 -0.06 -15.17
CA LYS B 297 16.81 1.30 -15.44
C LYS B 297 18.23 1.27 -16.01
N ASN B 298 19.06 0.57 -15.27
CA ASN B 298 20.48 0.39 -15.50
C ASN B 298 20.88 -0.09 -16.90
N ARG B 299 20.12 -1.08 -17.30
CA ARG B 299 20.35 -1.75 -18.59
C ARG B 299 19.78 -0.84 -19.67
N PHE B 300 18.62 -0.35 -19.18
CA PHE B 300 17.97 0.58 -20.17
C PHE B 300 19.02 1.67 -20.37
N HIS B 301 19.47 2.38 -19.35
CA HIS B 301 20.51 3.39 -19.55
C HIS B 301 21.67 2.83 -20.39
N HIS B 302 22.15 1.67 -19.99
CA HIS B 302 23.28 0.96 -20.64
C HIS B 302 23.05 0.78 -22.14
N SER B 303 21.86 0.34 -22.50
CA SER B 303 21.42 0.12 -23.89
C SER B 303 21.53 1.43 -24.68
N ALA B 304 20.98 2.44 -24.05
CA ALA B 304 20.94 3.82 -24.57
C ALA B 304 22.38 4.25 -24.87
N ALA B 305 23.16 3.88 -23.84
CA ALA B 305 24.59 4.17 -23.77
C ALA B 305 25.30 3.69 -25.04
N THR B 306 24.78 2.57 -25.52
CA THR B 306 25.27 1.87 -26.72
C THR B 306 24.80 2.48 -28.03
N LEU B 307 23.48 2.70 -28.14
CA LEU B 307 22.96 3.30 -29.39
C LEU B 307 23.84 4.54 -29.59
N LYS B 308 23.79 5.36 -28.56
CA LYS B 308 24.52 6.63 -28.43
C LYS B 308 25.97 6.57 -28.88
N SER B 309 26.74 5.50 -28.71
CA SER B 309 28.14 5.48 -29.20
C SER B 309 28.21 5.33 -30.73
N VAL B 310 27.33 4.50 -31.27
CA VAL B 310 27.26 4.20 -32.70
C VAL B 310 26.96 5.46 -33.49
N LEU B 311 25.95 6.17 -33.01
CA LEU B 311 25.48 7.40 -33.65
C LEU B 311 26.62 8.42 -33.69
N ALA B 312 27.29 8.56 -32.56
CA ALA B 312 28.39 9.55 -32.43
C ALA B 312 29.39 9.45 -33.59
N ARG B 313 29.64 8.19 -33.95
CA ARG B 313 30.60 7.91 -35.03
C ARG B 313 29.88 7.73 -36.37
N ALA B 314 28.64 7.25 -36.32
CA ALA B 314 27.92 6.96 -37.55
C ALA B 314 27.49 8.19 -38.31
N PHE B 315 28.08 9.42 -38.24
CA PHE B 315 27.20 10.26 -39.16
C PHE B 315 27.79 10.46 -40.54
N THR B 316 27.09 9.66 -41.33
CA THR B 316 26.94 9.20 -42.69
C THR B 316 28.23 8.92 -43.47
N MET C 1 -9.95 -26.20 -32.22
CA MET C 1 -8.85 -26.26 -31.26
C MET C 1 -7.49 -25.98 -31.94
N LYS C 2 -6.75 -25.11 -31.28
CA LYS C 2 -5.38 -24.75 -31.67
C LYS C 2 -4.64 -25.98 -31.07
N ASN C 3 -5.59 -26.54 -30.32
CA ASN C 3 -5.40 -27.69 -29.46
C ASN C 3 -6.10 -28.99 -29.80
N ASN C 4 -5.70 -29.47 -30.98
CA ASN C 4 -6.22 -30.78 -31.41
C ASN C 4 -7.74 -30.88 -31.33
N GLY C 5 -8.48 -30.00 -31.98
CA GLY C 5 -9.97 -30.07 -31.94
C GLY C 5 -10.54 -29.17 -33.02
N GLY C 6 -9.58 -28.43 -33.60
CA GLY C 6 -9.95 -27.49 -34.68
C GLY C 6 -9.91 -28.12 -36.07
N ALA C 7 -9.85 -27.18 -37.02
CA ALA C 7 -9.74 -27.54 -38.46
C ALA C 7 -8.21 -27.66 -38.53
N ARG C 8 -7.70 -28.77 -39.01
CA ARG C 8 -6.22 -28.87 -39.02
C ARG C 8 -5.74 -28.97 -40.46
N VAL C 9 -4.72 -28.19 -40.82
CA VAL C 9 -4.21 -28.25 -42.20
C VAL C 9 -2.76 -28.70 -42.18
N VAL C 10 -2.40 -29.75 -42.90
CA VAL C 10 -0.98 -30.17 -42.86
C VAL C 10 -0.35 -29.66 -44.15
N VAL C 11 0.80 -29.02 -44.05
CA VAL C 11 1.49 -28.48 -45.25
C VAL C 11 2.82 -29.22 -45.41
N ILE C 12 2.85 -29.95 -46.51
CA ILE C 12 4.02 -30.76 -46.90
C ILE C 12 4.80 -29.98 -47.96
N GLY C 13 5.86 -29.36 -47.48
CA GLY C 13 6.73 -28.52 -48.31
C GLY C 13 6.46 -27.04 -47.97
N ALA C 14 7.34 -26.57 -47.11
CA ALA C 14 7.32 -25.20 -46.60
C ALA C 14 8.30 -24.40 -47.43
N GLY C 15 8.07 -24.48 -48.74
CA GLY C 15 9.00 -23.69 -49.62
C GLY C 15 8.27 -22.35 -49.84
N PHE C 16 8.47 -21.76 -50.98
CA PHE C 16 7.85 -20.51 -51.41
C PHE C 16 6.33 -20.66 -51.47
N VAL C 17 5.92 -21.60 -52.32
CA VAL C 17 4.50 -21.87 -52.45
C VAL C 17 3.82 -22.21 -51.11
N GLY C 18 4.45 -23.11 -50.38
CA GLY C 18 4.06 -23.69 -49.12
C GLY C 18 3.87 -22.73 -47.95
N ALA C 19 4.96 -22.06 -47.73
CA ALA C 19 5.06 -21.06 -46.66
C ALA C 19 4.22 -19.81 -46.88
N SER C 20 4.10 -19.37 -48.11
CA SER C 20 3.31 -18.18 -48.48
C SER C 20 1.82 -18.47 -48.25
N TYR C 21 1.46 -19.69 -48.53
CA TYR C 21 0.10 -20.23 -48.39
C TYR C 21 -0.18 -20.29 -46.89
N VAL C 22 0.82 -20.67 -46.10
CA VAL C 22 0.60 -20.70 -44.65
C VAL C 22 0.43 -19.22 -44.21
N PHE C 23 1.34 -18.38 -44.70
CA PHE C 23 1.24 -16.94 -44.31
C PHE C 23 -0.18 -16.43 -44.62
N ALA C 24 -0.84 -16.88 -45.67
CA ALA C 24 -2.20 -16.48 -46.03
C ALA C 24 -3.22 -16.98 -45.02
N LEU C 25 -3.25 -18.28 -44.81
CA LEU C 25 -4.23 -18.82 -43.83
C LEU C 25 -4.22 -17.99 -42.55
N MET C 26 -3.03 -17.72 -42.05
CA MET C 26 -2.85 -16.94 -40.81
C MET C 26 -3.32 -15.48 -40.84
N ASN C 27 -3.05 -14.70 -41.88
CA ASN C 27 -3.50 -13.29 -41.92
C ASN C 27 -5.01 -13.27 -42.21
N GLN C 28 -5.54 -14.39 -42.66
CA GLN C 28 -6.98 -14.48 -42.99
C GLN C 28 -7.77 -15.16 -41.88
N GLY C 29 -7.01 -15.71 -40.95
CA GLY C 29 -7.66 -16.41 -39.82
C GLY C 29 -8.53 -17.54 -40.39
N ILE C 30 -7.97 -18.46 -41.17
CA ILE C 30 -8.79 -19.53 -41.76
C ILE C 30 -8.80 -20.88 -41.05
N ALA C 31 -7.68 -21.37 -40.49
CA ALA C 31 -7.74 -22.69 -39.80
C ALA C 31 -7.29 -22.60 -38.34
N ASP C 32 -7.60 -23.58 -37.50
CA ASP C 32 -7.24 -23.60 -36.07
C ASP C 32 -5.84 -24.14 -35.80
N GLU C 33 -5.44 -25.11 -36.61
CA GLU C 33 -4.12 -25.71 -36.48
C GLU C 33 -3.48 -25.90 -37.86
N ILE C 34 -2.23 -25.49 -37.97
CA ILE C 34 -1.36 -25.52 -39.14
C ILE C 34 -0.02 -26.23 -38.87
N VAL C 35 0.09 -27.43 -39.41
CA VAL C 35 1.25 -28.31 -39.30
C VAL C 35 2.17 -28.20 -40.50
N LEU C 36 3.47 -28.06 -40.28
CA LEU C 36 4.39 -27.93 -41.43
C LEU C 36 5.39 -29.09 -41.52
N ILE C 37 5.26 -29.86 -42.58
CA ILE C 37 6.22 -30.97 -42.77
C ILE C 37 6.98 -30.63 -44.06
N ASP C 38 8.27 -30.53 -43.86
CA ASP C 38 9.15 -30.19 -44.98
C ASP C 38 10.30 -31.18 -44.85
N ALA C 39 10.77 -31.67 -45.96
CA ALA C 39 11.91 -32.59 -45.91
C ALA C 39 13.14 -31.90 -45.34
N ASN C 40 13.02 -30.58 -45.22
CA ASN C 40 14.10 -29.72 -44.72
C ASN C 40 13.63 -29.19 -43.36
N GLU C 41 14.22 -29.86 -42.40
CA GLU C 41 14.05 -29.62 -40.98
C GLU C 41 14.27 -28.15 -40.61
N SER C 42 15.52 -27.75 -40.50
CA SER C 42 15.88 -26.37 -40.13
C SER C 42 14.82 -25.41 -40.65
N LYS C 43 14.68 -25.29 -41.94
CA LYS C 43 13.71 -24.46 -42.67
C LYS C 43 12.33 -24.53 -42.01
N ALA C 44 11.70 -25.70 -42.03
CA ALA C 44 10.38 -25.92 -41.44
C ALA C 44 10.37 -25.34 -40.01
N ILE C 45 11.52 -25.51 -39.35
CA ILE C 45 11.69 -25.01 -37.97
C ILE C 45 11.83 -23.49 -38.07
N GLY C 46 12.76 -23.03 -38.88
CA GLY C 46 12.96 -21.59 -39.09
C GLY C 46 11.61 -20.90 -39.24
N ASP C 47 10.72 -21.47 -40.05
CA ASP C 47 9.41 -20.82 -40.27
C ASP C 47 8.32 -21.01 -39.23
N ALA C 48 8.23 -22.18 -38.66
CA ALA C 48 7.13 -22.35 -37.67
C ALA C 48 7.34 -21.21 -36.66
N MET C 49 8.61 -21.03 -36.33
CA MET C 49 9.11 -20.03 -35.38
C MET C 49 8.64 -18.64 -35.79
N ASP C 50 9.14 -18.23 -36.93
CA ASP C 50 8.83 -16.94 -37.59
C ASP C 50 7.32 -16.72 -37.74
N PHE C 51 6.56 -17.81 -37.95
CA PHE C 51 5.09 -17.69 -38.03
C PHE C 51 4.58 -17.20 -36.66
N ASN C 52 4.98 -17.98 -35.67
CA ASN C 52 4.66 -17.89 -34.26
C ASN C 52 4.85 -16.56 -33.55
N HIS C 53 5.96 -15.92 -33.81
CA HIS C 53 6.36 -14.63 -33.28
C HIS C 53 5.48 -13.48 -33.76
N GLY C 54 4.61 -13.74 -34.73
CA GLY C 54 3.77 -12.67 -35.25
C GLY C 54 2.29 -12.77 -34.95
N LYS C 55 1.82 -14.00 -34.70
CA LYS C 55 0.41 -14.29 -34.41
C LYS C 55 -0.20 -13.49 -33.27
N VAL C 56 0.63 -12.89 -32.41
CA VAL C 56 0.08 -12.02 -31.37
C VAL C 56 -0.69 -10.96 -32.23
N PHE C 57 -0.14 -10.65 -33.41
CA PHE C 57 -0.80 -9.64 -34.27
C PHE C 57 -1.81 -10.28 -35.19
N ALA C 58 -1.85 -11.61 -35.18
CA ALA C 58 -2.81 -12.34 -36.02
C ALA C 58 -4.23 -12.01 -35.59
N PRO C 59 -5.12 -11.88 -36.57
CA PRO C 59 -6.55 -11.62 -36.37
C PRO C 59 -7.33 -12.73 -35.69
N LYS C 60 -6.69 -13.91 -35.73
CA LYS C 60 -7.37 -15.06 -35.14
C LYS C 60 -6.32 -16.03 -34.60
N PRO C 61 -6.68 -16.43 -33.39
CA PRO C 61 -5.84 -17.41 -32.71
C PRO C 61 -5.70 -18.56 -33.72
N VAL C 62 -4.46 -19.00 -33.93
CA VAL C 62 -4.10 -20.10 -34.83
C VAL C 62 -2.90 -20.80 -34.19
N ASP C 63 -2.91 -22.11 -34.15
CA ASP C 63 -1.79 -22.90 -33.57
C ASP C 63 -0.87 -23.39 -34.69
N ILE C 64 0.37 -22.93 -34.82
CA ILE C 64 1.28 -23.35 -35.90
C ILE C 64 2.46 -24.16 -35.37
N TRP C 65 2.79 -25.28 -36.01
CA TRP C 65 3.95 -26.06 -35.49
C TRP C 65 4.64 -26.82 -36.62
N HIS C 66 5.84 -27.23 -36.29
CA HIS C 66 6.68 -28.02 -37.20
C HIS C 66 6.30 -29.46 -36.80
N GLY C 67 5.59 -30.17 -37.64
CA GLY C 67 5.17 -31.54 -37.29
C GLY C 67 5.86 -32.65 -38.05
N ASP C 68 5.08 -33.72 -38.16
CA ASP C 68 5.49 -34.98 -38.81
C ASP C 68 4.19 -35.69 -39.21
N TYR C 69 4.36 -36.85 -39.82
CA TYR C 69 3.25 -37.69 -40.31
C TYR C 69 2.24 -38.24 -39.34
N ASP C 70 2.49 -38.23 -38.04
CA ASP C 70 1.44 -38.75 -37.12
C ASP C 70 0.40 -37.63 -37.08
N ASP C 71 0.99 -36.46 -37.36
CA ASP C 71 0.18 -35.23 -37.38
C ASP C 71 -1.00 -35.33 -38.33
N CYS C 72 -0.82 -36.12 -39.39
CA CYS C 72 -1.81 -36.29 -40.47
C CYS C 72 -3.03 -37.13 -40.14
N ARG C 73 -3.02 -37.93 -39.11
CA ARG C 73 -4.21 -38.74 -38.78
C ARG C 73 -5.46 -37.91 -38.52
N ASP C 74 -5.24 -36.76 -37.87
CA ASP C 74 -6.33 -35.83 -37.49
C ASP C 74 -6.49 -34.50 -38.25
N ALA C 75 -5.78 -34.37 -39.34
CA ALA C 75 -5.87 -33.17 -40.19
C ALA C 75 -7.09 -33.28 -41.09
N ASP C 76 -7.73 -32.18 -41.43
CA ASP C 76 -8.87 -32.12 -42.33
C ASP C 76 -8.43 -31.92 -43.79
N LEU C 77 -7.23 -31.39 -43.87
CA LEU C 77 -6.59 -31.08 -45.13
C LEU C 77 -5.08 -31.31 -45.18
N VAL C 78 -4.66 -31.93 -46.27
CA VAL C 78 -3.25 -32.16 -46.59
C VAL C 78 -3.06 -31.50 -47.98
N VAL C 79 -2.25 -30.46 -47.88
CA VAL C 79 -1.89 -29.62 -49.03
C VAL C 79 -0.42 -29.93 -49.36
N ILE C 80 -0.19 -30.31 -50.61
CA ILE C 80 1.19 -30.65 -51.02
C ILE C 80 1.80 -29.60 -51.95
N CYS C 81 2.82 -28.93 -51.46
CA CYS C 81 3.54 -27.88 -52.23
C CYS C 81 5.02 -28.21 -52.32
N ALA C 82 5.31 -29.51 -52.24
CA ALA C 82 6.67 -30.05 -52.28
C ALA C 82 7.07 -30.58 -53.67
N GLY C 83 8.38 -30.58 -53.78
CA GLY C 83 9.11 -31.04 -54.94
C GLY C 83 9.64 -29.93 -55.82
N ALA C 84 10.25 -30.41 -56.89
CA ALA C 84 10.83 -29.61 -57.95
C ALA C 84 9.81 -28.79 -58.73
N ASN C 85 10.16 -27.57 -59.00
CA ASN C 85 9.80 -26.31 -59.60
C ASN C 85 10.40 -26.10 -61.01
N GLN C 86 9.66 -25.46 -61.91
CA GLN C 86 10.26 -25.29 -63.25
C GLN C 86 11.33 -24.18 -63.20
N LYS C 87 12.28 -24.46 -64.10
CA LYS C 87 13.39 -23.46 -64.14
C LYS C 87 13.11 -22.58 -65.33
N PRO C 88 13.86 -21.49 -65.40
CA PRO C 88 13.69 -20.56 -66.54
C PRO C 88 14.00 -21.58 -67.63
N GLY C 89 13.18 -21.57 -68.67
CA GLY C 89 13.37 -22.56 -69.75
C GLY C 89 12.41 -23.74 -69.59
N GLU C 90 12.34 -24.28 -68.38
CA GLU C 90 11.43 -25.43 -68.21
C GLU C 90 9.96 -25.05 -68.27
N THR C 91 9.23 -26.11 -68.57
CA THR C 91 7.78 -26.18 -68.68
C THR C 91 7.33 -27.09 -67.52
N ARG C 92 6.03 -27.01 -67.28
CA ARG C 92 5.37 -27.77 -66.20
C ARG C 92 5.75 -29.25 -66.21
N LEU C 93 5.41 -29.87 -67.33
CA LEU C 93 5.66 -31.32 -67.51
C LEU C 93 7.12 -31.76 -67.48
N ASP C 94 8.14 -30.94 -67.74
CA ASP C 94 9.52 -31.47 -67.64
C ASP C 94 9.77 -31.99 -66.21
N LEU C 95 8.86 -31.64 -65.32
CA LEU C 95 8.99 -32.01 -63.90
C LEU C 95 8.45 -33.39 -63.54
N VAL C 96 7.58 -33.97 -64.34
CA VAL C 96 6.91 -35.25 -64.08
C VAL C 96 7.64 -36.37 -63.34
N ASP C 97 8.76 -36.77 -63.89
CA ASP C 97 9.61 -37.87 -63.37
C ASP C 97 10.10 -37.51 -61.97
N LYS C 98 10.85 -36.43 -61.98
CA LYS C 98 11.42 -35.83 -60.76
C LYS C 98 10.41 -35.93 -59.62
N ASN C 99 9.29 -35.24 -59.86
CA ASN C 99 8.20 -35.17 -58.89
C ASN C 99 7.34 -36.42 -58.71
N ILE C 100 6.91 -37.27 -59.64
CA ILE C 100 6.04 -38.40 -59.20
C ILE C 100 6.70 -39.21 -58.09
N ALA C 101 8.00 -39.29 -58.21
CA ALA C 101 8.85 -39.98 -57.22
C ALA C 101 8.49 -39.57 -55.80
N ILE C 102 8.57 -38.28 -55.54
CA ILE C 102 8.25 -37.61 -54.29
C ILE C 102 6.81 -37.83 -53.79
N PHE C 103 5.84 -37.97 -54.69
CA PHE C 103 4.46 -38.16 -54.16
C PHE C 103 4.28 -39.58 -53.65
N ARG C 104 5.02 -40.56 -54.15
CA ARG C 104 4.89 -41.93 -53.66
C ARG C 104 5.10 -42.05 -52.14
N SER C 105 6.23 -41.55 -51.66
CA SER C 105 6.59 -41.59 -50.24
C SER C 105 5.63 -40.74 -49.40
N ILE C 106 5.52 -39.51 -49.86
CA ILE C 106 4.65 -38.50 -49.22
C ILE C 106 3.24 -39.08 -49.15
N VAL C 107 2.67 -39.40 -50.28
CA VAL C 107 1.30 -39.94 -50.33
C VAL C 107 1.17 -41.16 -49.43
N GLU C 108 2.22 -41.96 -49.40
CA GLU C 108 2.26 -43.17 -48.58
C GLU C 108 2.39 -42.86 -47.09
N SER C 109 3.45 -42.17 -46.74
CA SER C 109 3.71 -41.68 -45.39
C SER C 109 2.43 -41.09 -44.80
N VAL C 110 1.61 -40.32 -45.53
CA VAL C 110 0.35 -39.79 -44.96
C VAL C 110 -0.76 -40.84 -44.90
N MET C 111 -1.06 -41.59 -45.93
CA MET C 111 -2.11 -42.62 -45.88
C MET C 111 -1.93 -43.57 -44.68
N ALA C 112 -0.69 -43.90 -44.36
CA ALA C 112 -0.32 -44.78 -43.23
C ALA C 112 -0.47 -44.01 -41.91
N SER C 113 -0.32 -42.70 -41.97
CA SER C 113 -0.47 -41.85 -40.78
C SER C 113 -1.86 -42.08 -40.17
N GLY C 114 -2.79 -42.64 -40.93
CA GLY C 114 -4.17 -42.93 -40.51
C GLY C 114 -5.17 -41.92 -41.07
N PHE C 115 -4.60 -41.13 -41.97
CA PHE C 115 -5.21 -40.03 -42.70
C PHE C 115 -6.49 -40.44 -43.42
N GLN C 116 -7.46 -39.56 -43.14
CA GLN C 116 -8.78 -39.81 -43.78
C GLN C 116 -9.48 -38.52 -44.19
N GLY C 117 -8.72 -37.46 -44.49
CA GLY C 117 -9.31 -36.18 -44.92
C GLY C 117 -9.15 -35.96 -46.43
N LEU C 118 -9.26 -34.73 -46.92
CA LEU C 118 -9.14 -34.33 -48.32
C LEU C 118 -7.70 -33.89 -48.69
N PHE C 119 -7.33 -34.20 -49.94
CA PHE C 119 -5.98 -33.82 -50.45
C PHE C 119 -6.04 -32.60 -51.38
N LEU C 120 -5.19 -31.60 -51.16
CA LEU C 120 -5.21 -30.46 -52.12
C LEU C 120 -3.75 -30.40 -52.60
N VAL C 121 -3.54 -30.67 -53.86
CA VAL C 121 -2.22 -30.71 -54.51
C VAL C 121 -1.88 -29.43 -55.28
N ALA C 122 -0.64 -29.00 -55.33
CA ALA C 122 -0.26 -27.79 -56.06
C ALA C 122 1.08 -27.96 -56.77
N THR C 123 1.86 -28.93 -56.38
CA THR C 123 3.15 -29.18 -57.06
C THR C 123 2.94 -29.36 -58.56
N ASN C 124 3.85 -28.91 -59.42
CA ASN C 124 3.64 -29.10 -60.88
C ASN C 124 4.36 -30.34 -61.45
N PRO C 125 3.78 -30.80 -62.55
CA PRO C 125 2.58 -30.31 -63.23
C PRO C 125 1.32 -30.67 -62.47
N VAL C 126 0.68 -29.68 -61.89
CA VAL C 126 -0.52 -29.88 -61.06
C VAL C 126 -1.56 -30.89 -61.49
N ASP C 127 -1.75 -31.37 -62.70
CA ASP C 127 -2.84 -32.34 -62.99
C ASP C 127 -2.39 -33.81 -63.07
N ILE C 128 -1.11 -34.04 -63.29
CA ILE C 128 -0.47 -35.36 -63.38
C ILE C 128 -0.33 -35.92 -61.96
N LEU C 129 0.12 -35.02 -61.10
CA LEU C 129 0.32 -35.25 -59.66
C LEU C 129 -0.99 -35.28 -58.89
N THR C 130 -2.14 -34.89 -59.44
CA THR C 130 -3.41 -34.95 -58.72
C THR C 130 -4.01 -36.35 -58.94
N TYR C 131 -3.66 -36.77 -60.12
CA TYR C 131 -4.01 -38.12 -60.63
C TYR C 131 -3.11 -39.07 -59.82
N ALA C 132 -1.79 -38.92 -59.85
CA ALA C 132 -0.84 -39.76 -59.08
C ALA C 132 -1.25 -39.84 -57.61
N THR C 133 -1.57 -38.69 -57.03
CA THR C 133 -2.02 -38.61 -55.65
C THR C 133 -3.32 -39.33 -55.30
N TRP C 134 -4.26 -39.48 -56.21
CA TRP C 134 -5.54 -40.17 -55.98
C TRP C 134 -5.34 -41.69 -56.11
N LYS C 135 -4.56 -42.06 -57.10
CA LYS C 135 -4.15 -43.44 -57.44
C LYS C 135 -3.44 -43.98 -56.18
N PHE C 136 -2.21 -43.54 -55.96
CA PHE C 136 -1.32 -43.89 -54.88
C PHE C 136 -1.99 -43.77 -53.50
N SER C 137 -3.12 -43.13 -53.45
CA SER C 137 -3.84 -42.91 -52.19
C SER C 137 -4.99 -43.91 -52.07
N GLY C 138 -5.50 -44.17 -53.27
CA GLY C 138 -6.62 -45.11 -53.41
C GLY C 138 -7.80 -44.56 -52.59
N LEU C 139 -8.04 -43.26 -52.75
CA LEU C 139 -9.17 -42.61 -52.08
C LEU C 139 -10.14 -42.42 -53.27
N PRO C 140 -11.36 -42.05 -52.97
CA PRO C 140 -12.32 -41.75 -54.04
C PRO C 140 -11.74 -40.46 -54.64
N HIS C 141 -11.72 -40.35 -55.93
CA HIS C 141 -11.22 -39.20 -56.69
C HIS C 141 -11.82 -37.87 -56.24
N GLU C 142 -13.04 -37.87 -55.71
CA GLU C 142 -13.70 -36.65 -55.22
C GLU C 142 -13.05 -36.14 -53.93
N ARG C 143 -12.00 -36.81 -53.47
CA ARG C 143 -11.36 -36.33 -52.22
C ARG C 143 -9.90 -35.96 -52.41
N VAL C 144 -9.54 -35.99 -53.68
CA VAL C 144 -8.17 -35.64 -54.11
C VAL C 144 -8.41 -34.48 -55.09
N ILE C 145 -8.08 -33.29 -54.66
CA ILE C 145 -8.26 -32.05 -55.42
C ILE C 145 -6.92 -31.37 -55.77
N GLY C 146 -6.88 -30.90 -57.01
CA GLY C 146 -5.64 -30.24 -57.52
C GLY C 146 -6.02 -28.78 -57.72
N SER C 147 -5.05 -27.91 -57.58
CA SER C 147 -5.31 -26.44 -57.72
C SER C 147 -5.79 -26.16 -59.14
N GLY C 148 -5.16 -26.82 -60.11
CA GLY C 148 -5.58 -26.69 -61.50
C GLY C 148 -5.58 -25.30 -62.09
N THR C 149 -6.73 -24.85 -62.57
CA THR C 149 -6.75 -23.51 -63.20
C THR C 149 -7.35 -22.42 -62.33
N ILE C 150 -7.25 -22.56 -61.02
CA ILE C 150 -7.82 -21.52 -60.13
C ILE C 150 -6.99 -20.24 -60.31
N LEU C 151 -5.68 -20.37 -60.42
CA LEU C 151 -4.74 -19.27 -60.60
C LEU C 151 -4.87 -18.61 -61.98
N ASP C 152 -5.12 -19.46 -62.96
CA ASP C 152 -5.28 -19.11 -64.38
C ASP C 152 -6.50 -18.21 -64.55
N THR C 153 -7.58 -18.64 -63.91
CA THR C 153 -8.88 -17.97 -63.91
C THR C 153 -8.74 -16.60 -63.24
N ALA C 154 -7.96 -16.69 -62.17
CA ALA C 154 -7.68 -15.51 -61.34
C ALA C 154 -6.97 -14.44 -62.15
N ARG C 155 -6.01 -14.77 -62.99
CA ARG C 155 -5.26 -13.77 -63.80
C ARG C 155 -6.08 -13.21 -64.96
N PHE C 156 -7.06 -14.00 -65.34
CA PHE C 156 -8.02 -13.62 -66.42
C PHE C 156 -8.85 -12.45 -65.87
N ARG C 157 -9.64 -12.76 -64.83
CA ARG C 157 -10.47 -11.71 -64.18
C ARG C 157 -9.68 -10.47 -63.77
N PHE C 158 -8.48 -10.65 -63.27
CA PHE C 158 -7.59 -9.58 -62.85
C PHE C 158 -7.42 -8.65 -64.07
N LEU C 159 -6.90 -9.26 -65.11
CA LEU C 159 -6.67 -8.61 -66.40
C LEU C 159 -7.94 -8.07 -67.01
N LEU C 160 -8.96 -8.90 -67.12
CA LEU C 160 -10.26 -8.47 -67.70
C LEU C 160 -10.89 -7.36 -66.88
N GLY C 161 -10.65 -7.41 -65.58
CA GLY C 161 -11.19 -6.40 -64.66
C GLY C 161 -10.50 -5.07 -65.01
N GLU C 162 -9.19 -5.13 -65.13
CA GLU C 162 -8.36 -3.98 -65.46
C GLU C 162 -8.66 -3.32 -66.80
N TYR C 163 -8.85 -4.12 -67.83
CA TYR C 163 -9.15 -3.61 -69.17
C TYR C 163 -10.48 -2.86 -69.08
N PHE C 164 -11.55 -3.54 -68.71
CA PHE C 164 -12.89 -2.93 -68.63
C PHE C 164 -13.15 -2.07 -67.40
N SER C 165 -12.13 -1.90 -66.59
CA SER C 165 -12.21 -1.11 -65.34
C SER C 165 -13.33 -1.62 -64.43
N VAL C 166 -13.41 -2.91 -64.14
CA VAL C 166 -14.47 -3.42 -63.25
C VAL C 166 -13.68 -4.28 -62.26
N ALA C 167 -14.31 -4.53 -61.14
CA ALA C 167 -13.62 -5.34 -60.11
C ALA C 167 -13.31 -6.74 -60.63
N PRO C 168 -12.11 -7.19 -60.31
CA PRO C 168 -11.73 -8.56 -60.71
C PRO C 168 -13.02 -9.35 -60.45
N GLN C 169 -13.42 -9.30 -59.18
CA GLN C 169 -14.62 -9.92 -58.65
C GLN C 169 -15.87 -9.62 -59.48
N ASN C 170 -15.89 -8.76 -60.47
CA ASN C 170 -17.11 -8.48 -61.28
C ASN C 170 -16.96 -9.04 -62.71
N VAL C 171 -15.82 -9.61 -63.09
CA VAL C 171 -15.60 -10.25 -64.40
C VAL C 171 -15.98 -11.73 -64.29
N HIS C 172 -16.84 -12.37 -65.06
CA HIS C 172 -17.18 -13.79 -64.94
C HIS C 172 -16.69 -14.67 -66.09
N ALA C 173 -15.47 -15.08 -66.04
CA ALA C 173 -14.80 -15.90 -67.05
C ALA C 173 -13.91 -17.02 -66.52
N TYR C 174 -13.85 -18.13 -67.24
CA TYR C 174 -13.03 -19.25 -66.81
C TYR C 174 -11.84 -19.50 -67.72
N ILE C 175 -10.80 -20.12 -67.24
CA ILE C 175 -9.61 -20.61 -67.93
C ILE C 175 -9.72 -22.14 -67.66
N ILE C 176 -10.11 -23.02 -68.57
CA ILE C 176 -10.21 -24.46 -68.31
C ILE C 176 -9.09 -25.26 -68.99
N GLY C 177 -9.16 -26.56 -68.72
CA GLY C 177 -8.20 -27.54 -69.22
C GLY C 177 -6.96 -27.50 -68.32
N GLU C 178 -5.90 -28.00 -68.90
CA GLU C 178 -4.55 -28.10 -68.36
C GLU C 178 -4.06 -26.78 -67.75
N HIS C 179 -3.30 -26.98 -66.69
CA HIS C 179 -2.61 -25.93 -65.93
C HIS C 179 -1.16 -26.03 -66.50
N GLY C 180 -1.12 -25.46 -67.69
CA GLY C 180 0.07 -25.35 -68.54
C GLY C 180 -0.35 -24.64 -69.84
N ASP C 181 0.45 -24.86 -70.87
CA ASP C 181 0.26 -24.22 -72.18
C ASP C 181 -0.94 -24.65 -73.00
N THR C 182 -1.68 -25.70 -72.68
CA THR C 182 -2.83 -26.10 -73.51
C THR C 182 -4.18 -25.62 -73.00
N GLU C 183 -4.12 -24.89 -71.90
CA GLU C 183 -5.29 -24.32 -71.23
C GLU C 183 -5.98 -23.48 -72.29
N LEU C 184 -7.22 -23.13 -72.08
CA LEU C 184 -7.99 -22.32 -73.06
C LEU C 184 -8.98 -21.39 -72.38
N PRO C 185 -9.34 -20.29 -73.00
CA PRO C 185 -10.32 -19.34 -72.44
C PRO C 185 -11.71 -19.66 -72.97
N VAL C 186 -12.68 -19.80 -72.07
CA VAL C 186 -14.04 -20.11 -72.56
C VAL C 186 -14.59 -18.72 -72.91
N TRP C 187 -14.23 -18.18 -74.07
CA TRP C 187 -14.74 -16.82 -74.42
C TRP C 187 -16.26 -16.79 -74.63
N SER C 188 -16.82 -17.96 -74.84
CA SER C 188 -18.25 -18.16 -75.12
C SER C 188 -19.19 -17.99 -73.94
N GLN C 189 -18.66 -18.08 -72.74
CA GLN C 189 -19.36 -18.01 -71.46
C GLN C 189 -18.79 -17.02 -70.44
N ALA C 190 -18.19 -15.96 -70.90
CA ALA C 190 -17.56 -14.89 -70.13
C ALA C 190 -18.49 -13.69 -70.05
N TYR C 191 -18.56 -13.11 -68.87
CA TYR C 191 -19.41 -11.93 -68.65
C TYR C 191 -18.71 -10.91 -67.78
N ILE C 192 -19.16 -9.69 -67.94
CA ILE C 192 -18.73 -8.53 -67.10
C ILE C 192 -20.17 -8.36 -66.57
N GLY C 193 -20.36 -8.77 -65.32
CA GLY C 193 -21.71 -8.77 -64.72
C GLY C 193 -22.55 -9.90 -65.34
N VAL C 194 -23.55 -9.46 -66.10
CA VAL C 194 -24.49 -10.35 -66.79
C VAL C 194 -24.41 -10.02 -68.28
N MET C 195 -23.43 -9.21 -68.60
CA MET C 195 -23.20 -8.73 -69.98
C MET C 195 -22.05 -9.51 -70.63
N PRO C 196 -22.48 -10.26 -71.63
CA PRO C 196 -21.60 -11.10 -72.45
C PRO C 196 -20.41 -10.28 -72.90
N ILE C 197 -19.22 -10.78 -72.63
CA ILE C 197 -17.98 -10.06 -72.98
C ILE C 197 -17.99 -9.71 -74.46
N ARG C 198 -18.11 -10.72 -75.28
CA ARG C 198 -18.11 -10.48 -76.76
C ARG C 198 -19.44 -9.83 -77.14
N LYS C 199 -19.63 -8.57 -76.80
CA LYS C 199 -20.83 -7.75 -77.08
C LYS C 199 -20.67 -6.32 -76.53
N LEU C 200 -19.64 -6.19 -75.72
CA LEU C 200 -19.24 -4.92 -75.09
C LEU C 200 -18.12 -4.46 -76.03
N VAL C 201 -17.41 -5.49 -76.49
CA VAL C 201 -16.30 -5.20 -77.43
C VAL C 201 -16.89 -5.26 -78.85
N GLU C 202 -18.13 -5.73 -78.88
CA GLU C 202 -18.86 -5.87 -80.17
C GLU C 202 -19.11 -4.48 -80.72
N SER C 203 -19.06 -3.53 -79.79
CA SER C 203 -19.28 -2.12 -80.13
C SER C 203 -18.01 -1.38 -80.59
N LYS C 204 -16.88 -1.78 -80.03
CA LYS C 204 -15.56 -1.18 -80.23
C LYS C 204 -14.97 -1.06 -81.63
N GLY C 205 -13.83 -0.39 -81.48
CA GLY C 205 -12.94 -0.02 -82.57
C GLY C 205 -11.70 -0.90 -82.67
N GLU C 206 -10.59 -0.30 -82.28
CA GLU C 206 -9.21 -0.80 -82.30
C GLU C 206 -9.04 -2.08 -81.49
N GLU C 207 -9.75 -3.01 -82.12
CA GLU C 207 -9.83 -4.37 -81.67
C GLU C 207 -9.60 -4.45 -80.16
N ALA C 208 -10.82 -4.59 -79.68
CA ALA C 208 -11.18 -4.89 -78.30
C ALA C 208 -10.87 -6.41 -78.49
N GLN C 209 -11.17 -6.75 -79.76
CA GLN C 209 -10.97 -8.10 -80.33
C GLN C 209 -9.55 -8.58 -80.08
N LYS C 210 -8.62 -7.87 -80.66
CA LYS C 210 -7.18 -8.05 -80.59
C LYS C 210 -6.65 -8.08 -79.15
N ASP C 211 -7.20 -7.13 -78.41
CA ASP C 211 -6.92 -6.83 -77.01
C ASP C 211 -7.28 -8.01 -76.11
N LEU C 212 -8.51 -8.44 -76.33
CA LEU C 212 -9.07 -9.57 -75.58
C LEU C 212 -8.10 -10.74 -75.71
N GLU C 213 -7.81 -10.94 -76.98
CA GLU C 213 -6.93 -11.96 -77.56
C GLU C 213 -5.57 -11.88 -76.90
N ARG C 214 -5.09 -10.65 -76.75
CA ARG C 214 -3.76 -10.40 -76.14
C ARG C 214 -3.76 -10.72 -74.65
N ILE C 215 -4.93 -10.64 -74.03
CA ILE C 215 -5.02 -10.88 -72.59
C ILE C 215 -4.64 -12.31 -72.26
N PHE C 216 -5.42 -13.13 -72.96
CA PHE C 216 -5.24 -14.57 -72.77
C PHE C 216 -3.76 -14.99 -72.91
N VAL C 217 -3.04 -14.41 -73.83
CA VAL C 217 -1.62 -14.73 -74.06
C VAL C 217 -0.86 -14.40 -72.77
N ASN C 218 -1.33 -13.26 -72.26
CA ASN C 218 -0.71 -12.76 -71.01
C ASN C 218 -1.08 -13.74 -69.91
N VAL C 219 -2.31 -14.20 -69.99
CA VAL C 219 -2.71 -15.17 -68.91
C VAL C 219 -1.79 -16.39 -69.03
N ARG C 220 -1.88 -17.03 -70.17
CA ARG C 220 -1.16 -18.22 -70.57
C ARG C 220 0.29 -18.19 -70.12
N ASP C 221 1.02 -17.18 -70.47
CA ASP C 221 2.41 -16.86 -70.24
C ASP C 221 2.93 -16.22 -68.95
N ALA C 222 2.02 -15.91 -68.08
CA ALA C 222 2.21 -15.25 -66.78
C ALA C 222 3.26 -15.88 -65.89
N ALA C 223 3.24 -17.20 -65.74
CA ALA C 223 4.22 -17.85 -64.87
C ALA C 223 5.59 -17.47 -65.43
N TYR C 224 5.73 -17.71 -66.72
CA TYR C 224 6.98 -17.49 -67.49
C TYR C 224 7.49 -16.06 -67.34
N GLN C 225 6.69 -15.04 -67.56
CA GLN C 225 7.15 -13.65 -67.35
C GLN C 225 7.52 -13.45 -65.86
N ILE C 226 6.70 -13.95 -64.94
CA ILE C 226 6.94 -13.81 -63.51
C ILE C 226 8.20 -14.59 -63.08
N ILE C 227 8.32 -15.80 -63.62
CA ILE C 227 9.50 -16.60 -63.22
C ILE C 227 10.74 -15.82 -63.65
N GLU C 228 10.65 -15.25 -64.84
CA GLU C 228 11.77 -14.51 -65.42
C GLU C 228 12.13 -13.24 -64.68
N LYS C 229 11.26 -12.66 -63.87
CA LYS C 229 11.49 -11.45 -63.07
C LYS C 229 11.99 -11.72 -61.64
N LYS C 230 11.24 -12.55 -60.93
CA LYS C 230 11.60 -12.87 -59.54
C LYS C 230 11.98 -14.32 -59.21
N GLY C 231 12.19 -15.22 -60.15
CA GLY C 231 12.63 -16.59 -59.95
C GLY C 231 11.68 -17.72 -59.72
N ALA C 232 10.49 -17.40 -59.30
CA ALA C 232 9.43 -18.36 -59.02
C ALA C 232 8.18 -17.53 -58.69
N THR C 233 7.08 -18.20 -58.83
CA THR C 233 5.72 -17.71 -58.55
C THR C 233 5.29 -18.46 -57.29
N TYR C 234 4.55 -17.76 -56.42
CA TYR C 234 4.07 -18.32 -55.15
C TYR C 234 2.96 -17.48 -54.52
N TYR C 235 2.93 -16.18 -54.82
CA TYR C 235 1.86 -15.43 -54.14
C TYR C 235 0.51 -15.70 -54.81
N GLY C 236 0.46 -15.74 -56.13
CA GLY C 236 -0.83 -15.94 -56.81
C GLY C 236 -1.52 -17.19 -56.26
N ILE C 237 -0.78 -18.27 -56.40
CA ILE C 237 -1.13 -19.61 -55.98
C ILE C 237 -1.44 -19.76 -54.49
N ALA C 238 -0.79 -18.94 -53.69
CA ALA C 238 -1.00 -18.97 -52.23
C ALA C 238 -2.44 -18.50 -51.92
N MET C 239 -2.92 -17.58 -52.79
CA MET C 239 -4.26 -16.97 -52.67
C MET C 239 -5.30 -17.94 -53.27
N GLY C 240 -4.98 -18.66 -54.32
CA GLY C 240 -5.96 -19.63 -54.89
C GLY C 240 -6.18 -20.73 -53.81
N LEU C 241 -5.11 -21.26 -53.28
CA LEU C 241 -5.03 -22.29 -52.24
C LEU C 241 -5.92 -21.89 -51.06
N ALA C 242 -5.48 -20.83 -50.41
CA ALA C 242 -6.32 -20.36 -49.28
C ALA C 242 -7.76 -20.25 -49.75
N ARG C 243 -8.08 -19.89 -50.99
CA ARG C 243 -9.48 -19.77 -51.42
C ARG C 243 -10.32 -21.04 -51.36
N VAL C 244 -9.72 -22.08 -51.94
CA VAL C 244 -10.27 -23.43 -52.00
C VAL C 244 -10.41 -23.91 -50.53
N THR C 245 -9.30 -23.77 -49.80
CA THR C 245 -9.20 -24.14 -48.39
C THR C 245 -10.47 -23.74 -47.65
N ARG C 246 -10.90 -22.55 -48.07
CA ARG C 246 -12.11 -21.93 -47.53
C ARG C 246 -13.39 -22.64 -47.98
N ALA C 247 -13.47 -22.94 -49.27
CA ALA C 247 -14.66 -23.60 -49.82
C ALA C 247 -14.98 -24.87 -49.06
N ILE C 248 -13.89 -25.57 -48.79
CA ILE C 248 -13.83 -26.85 -48.08
C ILE C 248 -14.21 -26.69 -46.61
N LEU C 249 -13.30 -26.15 -45.82
CA LEU C 249 -13.46 -25.90 -44.39
C LEU C 249 -14.79 -25.22 -44.04
N HIS C 250 -15.43 -24.57 -45.00
CA HIS C 250 -16.70 -23.87 -44.78
C HIS C 250 -17.90 -24.54 -45.42
N ASN C 251 -17.70 -25.74 -45.94
CA ASN C 251 -18.86 -26.44 -46.52
C ASN C 251 -19.62 -25.48 -47.40
N GLU C 252 -18.88 -24.72 -48.18
CA GLU C 252 -19.36 -23.65 -49.04
C GLU C 252 -20.21 -23.82 -50.27
N ASN C 253 -19.99 -24.85 -51.06
CA ASN C 253 -20.76 -25.03 -52.30
C ASN C 253 -20.47 -23.83 -53.22
N ALA C 254 -19.17 -23.75 -53.42
CA ALA C 254 -18.47 -22.73 -54.21
C ALA C 254 -18.12 -23.34 -55.55
N ILE C 255 -18.40 -22.60 -56.60
CA ILE C 255 -18.05 -23.09 -57.96
C ILE C 255 -16.61 -22.69 -58.21
N LEU C 256 -15.70 -23.64 -58.31
CA LEU C 256 -14.29 -23.26 -58.57
C LEU C 256 -13.81 -24.13 -59.74
N THR C 257 -12.79 -23.63 -60.41
CA THR C 257 -12.14 -24.27 -61.56
C THR C 257 -10.80 -24.78 -61.05
N VAL C 258 -10.87 -26.03 -60.63
CA VAL C 258 -9.85 -26.86 -60.02
C VAL C 258 -9.63 -28.08 -60.93
N SER C 259 -8.58 -28.79 -60.65
CA SER C 259 -8.14 -30.05 -61.31
C SER C 259 -9.06 -31.09 -60.68
N ALA C 260 -10.05 -31.54 -61.39
CA ALA C 260 -11.08 -32.53 -61.01
C ALA C 260 -11.02 -33.78 -61.89
N TYR C 261 -11.45 -34.95 -61.48
CA TYR C 261 -11.42 -36.18 -62.33
C TYR C 261 -12.76 -36.32 -63.08
N LEU C 262 -12.67 -36.55 -64.39
CA LEU C 262 -13.75 -36.72 -65.36
C LEU C 262 -13.94 -38.20 -65.75
N ASP C 263 -15.19 -38.56 -65.62
CA ASP C 263 -15.69 -39.90 -65.90
C ASP C 263 -16.85 -39.79 -66.89
N GLY C 264 -16.45 -39.30 -68.05
CA GLY C 264 -17.31 -39.08 -69.22
C GLY C 264 -17.93 -37.69 -69.24
N LEU C 265 -17.49 -36.83 -68.32
CA LEU C 265 -18.09 -35.50 -68.27
C LEU C 265 -17.80 -34.60 -69.47
N TYR C 266 -16.58 -34.29 -69.85
CA TYR C 266 -16.54 -33.38 -71.04
C TYR C 266 -16.33 -34.10 -72.36
N GLY C 267 -16.66 -35.37 -72.39
CA GLY C 267 -16.53 -36.26 -73.54
C GLY C 267 -15.15 -36.95 -73.39
N GLU C 268 -14.63 -36.78 -72.18
CA GLU C 268 -13.34 -37.30 -71.75
C GLU C 268 -13.46 -38.15 -70.50
N ARG C 269 -12.52 -39.09 -70.35
CA ARG C 269 -12.53 -39.94 -69.14
C ARG C 269 -11.17 -40.44 -68.66
N ASP C 270 -11.21 -40.60 -67.34
CA ASP C 270 -10.04 -41.08 -66.59
C ASP C 270 -8.88 -40.11 -66.86
N VAL C 271 -9.07 -38.91 -66.36
CA VAL C 271 -8.13 -37.79 -66.41
C VAL C 271 -8.49 -36.74 -65.36
N TYR C 272 -7.49 -36.08 -64.82
CA TYR C 272 -7.55 -34.97 -63.87
C TYR C 272 -7.33 -33.66 -64.65
N ILE C 273 -8.26 -32.74 -64.76
CA ILE C 273 -8.01 -31.50 -65.57
C ILE C 273 -8.81 -30.30 -65.08
N GLY C 274 -8.49 -29.06 -65.42
CA GLY C 274 -9.19 -27.83 -65.02
C GLY C 274 -10.58 -27.84 -65.60
N VAL C 275 -11.56 -27.67 -64.76
CA VAL C 275 -13.01 -27.70 -65.15
C VAL C 275 -13.76 -27.09 -63.97
N PRO C 276 -14.88 -26.43 -64.14
CA PRO C 276 -15.66 -25.85 -63.03
C PRO C 276 -16.30 -26.96 -62.19
N ALA C 277 -16.21 -26.78 -60.89
CA ALA C 277 -16.74 -27.77 -59.97
C ALA C 277 -17.18 -27.17 -58.64
N VAL C 278 -18.29 -27.66 -58.12
CA VAL C 278 -18.82 -27.26 -56.80
C VAL C 278 -18.00 -27.94 -55.69
N ILE C 279 -17.39 -27.15 -54.84
CA ILE C 279 -16.55 -27.53 -53.71
C ILE C 279 -17.24 -27.34 -52.34
N ASN C 280 -17.15 -28.33 -51.46
CA ASN C 280 -17.76 -28.23 -50.12
C ASN C 280 -16.97 -29.10 -49.15
N ARG C 281 -17.52 -29.32 -47.96
CA ARG C 281 -16.80 -30.07 -46.90
C ARG C 281 -16.35 -31.48 -47.22
N ASN C 282 -16.95 -32.20 -48.15
CA ASN C 282 -16.59 -33.57 -48.51
C ASN C 282 -15.84 -33.77 -49.83
N GLY C 283 -14.98 -32.83 -50.17
CA GLY C 283 -14.18 -32.87 -51.43
C GLY C 283 -15.05 -32.13 -52.46
N ILE C 284 -15.12 -32.73 -53.64
CA ILE C 284 -15.87 -32.22 -54.79
C ILE C 284 -17.30 -32.75 -54.82
N ARG C 285 -18.32 -31.92 -54.90
CA ARG C 285 -19.70 -32.41 -55.00
C ARG C 285 -20.04 -32.86 -56.43
N GLU C 286 -19.43 -32.20 -57.42
CA GLU C 286 -19.69 -32.55 -58.83
C GLU C 286 -18.93 -31.67 -59.80
N VAL C 287 -18.70 -32.21 -61.00
CA VAL C 287 -18.03 -31.37 -62.02
C VAL C 287 -19.17 -30.68 -62.77
N ILE C 288 -18.94 -29.42 -63.10
CA ILE C 288 -20.01 -28.68 -63.83
C ILE C 288 -19.64 -28.88 -65.30
N GLU C 289 -20.60 -29.05 -66.16
CA GLU C 289 -20.32 -29.24 -67.59
C GLU C 289 -20.86 -28.05 -68.39
N ILE C 290 -20.03 -27.01 -68.34
CA ILE C 290 -20.33 -25.76 -69.06
C ILE C 290 -20.50 -26.19 -70.51
N GLU C 291 -21.22 -25.46 -71.34
CA GLU C 291 -21.42 -25.79 -72.77
C GLU C 291 -20.32 -25.10 -73.59
N LEU C 292 -19.40 -25.87 -74.17
CA LEU C 292 -18.35 -25.20 -74.96
C LEU C 292 -18.74 -24.98 -76.41
N ASN C 293 -17.92 -24.17 -77.07
CA ASN C 293 -18.12 -23.89 -78.53
C ASN C 293 -17.19 -24.87 -79.24
N ASP C 294 -17.36 -24.98 -80.54
CA ASP C 294 -16.59 -25.93 -81.38
C ASP C 294 -15.09 -25.73 -81.21
N ASP C 295 -14.63 -24.48 -81.18
CA ASP C 295 -13.18 -24.21 -81.05
C ASP C 295 -12.67 -24.70 -79.69
N GLU C 296 -13.48 -24.34 -78.71
CA GLU C 296 -13.21 -24.69 -77.32
C GLU C 296 -13.34 -26.20 -77.08
N LYS C 297 -14.39 -26.89 -77.55
CA LYS C 297 -14.52 -28.35 -77.31
C LYS C 297 -13.21 -28.98 -77.78
N ASN C 298 -12.83 -28.45 -78.90
CA ASN C 298 -11.62 -28.79 -79.63
C ASN C 298 -10.32 -28.66 -78.88
N ARG C 299 -10.12 -27.57 -78.16
CA ARG C 299 -8.85 -27.35 -77.46
C ARG C 299 -8.90 -27.97 -76.09
N PHE C 300 -10.14 -28.18 -75.69
CA PHE C 300 -10.37 -28.82 -74.38
C PHE C 300 -9.81 -30.24 -74.58
N HIS C 301 -10.46 -30.81 -75.58
CA HIS C 301 -10.15 -32.19 -75.98
C HIS C 301 -8.67 -32.43 -76.28
N HIS C 302 -8.01 -31.50 -76.94
CA HIS C 302 -6.58 -31.63 -77.27
C HIS C 302 -5.68 -31.53 -76.05
N SER C 303 -6.22 -30.90 -75.04
CA SER C 303 -5.57 -30.62 -73.75
C SER C 303 -5.58 -31.91 -72.94
N ALA C 304 -6.75 -32.52 -72.93
CA ALA C 304 -7.03 -33.78 -72.21
C ALA C 304 -6.10 -34.84 -72.79
N ALA C 305 -6.01 -34.79 -74.12
CA ALA C 305 -5.17 -35.69 -74.92
C ALA C 305 -3.69 -35.57 -74.54
N THR C 306 -3.25 -34.33 -74.37
CA THR C 306 -1.85 -34.10 -73.97
C THR C 306 -1.59 -34.71 -72.60
N LEU C 307 -2.59 -34.57 -71.73
CA LEU C 307 -2.46 -35.10 -70.36
C LEU C 307 -2.39 -36.64 -70.33
N LYS C 308 -3.42 -37.24 -70.90
CA LYS C 308 -3.48 -38.73 -70.88
C LYS C 308 -2.14 -39.33 -71.24
N SER C 309 -1.50 -38.87 -72.29
CA SER C 309 -0.19 -39.35 -72.73
C SER C 309 0.86 -39.42 -71.62
N VAL C 310 0.91 -38.38 -70.79
CA VAL C 310 1.90 -38.35 -69.71
C VAL C 310 1.46 -39.35 -68.62
N LEU C 311 0.16 -39.35 -68.41
CA LEU C 311 -0.38 -40.31 -67.40
C LEU C 311 0.11 -41.66 -67.90
N ALA C 312 -0.24 -41.88 -69.15
CA ALA C 312 0.07 -43.07 -69.94
C ALA C 312 1.55 -43.36 -70.03
N ARG C 313 2.36 -42.32 -70.12
CA ARG C 313 3.79 -42.61 -70.25
C ARG C 313 4.57 -42.43 -68.96
N ALA C 314 3.95 -41.88 -67.91
CA ALA C 314 4.87 -41.71 -66.75
C ALA C 314 4.27 -42.01 -65.41
N PHE C 315 3.72 -43.24 -65.40
CA PHE C 315 3.13 -43.74 -64.15
C PHE C 315 4.18 -44.55 -63.33
N THR C 316 4.65 -43.81 -62.35
CA THR C 316 5.54 -43.93 -61.22
C THR C 316 6.87 -44.65 -61.41
N MET D 1 -19.36 -27.69 -41.37
CA MET D 1 -20.47 -27.63 -42.31
C MET D 1 -21.57 -26.67 -41.83
N LYS D 2 -22.13 -26.17 -42.92
CA LYS D 2 -23.29 -25.22 -42.74
C LYS D 2 -24.43 -26.24 -42.89
N ASN D 3 -23.89 -27.31 -43.52
CA ASN D 3 -24.80 -28.44 -43.79
C ASN D 3 -24.37 -29.63 -42.95
N ASN D 4 -24.71 -29.43 -41.69
CA ASN D 4 -24.58 -30.33 -40.53
C ASN D 4 -23.23 -31.05 -40.40
N GLY D 5 -22.21 -30.35 -39.92
CA GLY D 5 -20.86 -30.94 -39.73
C GLY D 5 -19.86 -29.85 -39.34
N GLY D 6 -20.46 -28.67 -39.08
CA GLY D 6 -19.72 -27.46 -38.70
C GLY D 6 -19.97 -26.96 -37.29
N ALA D 7 -19.79 -25.65 -37.14
CA ALA D 7 -19.99 -24.93 -35.86
C ALA D 7 -21.45 -24.51 -35.80
N ARG D 8 -22.24 -25.35 -35.14
CA ARG D 8 -23.67 -25.03 -35.02
C ARG D 8 -23.89 -24.42 -33.64
N VAL D 9 -24.36 -23.19 -33.60
CA VAL D 9 -24.70 -22.36 -32.44
C VAL D 9 -26.23 -22.22 -32.41
N VAL D 10 -26.92 -22.55 -31.34
CA VAL D 10 -28.40 -22.48 -31.25
C VAL D 10 -28.88 -21.35 -30.35
N VAL D 11 -29.68 -20.43 -30.88
CA VAL D 11 -30.15 -19.29 -30.09
C VAL D 11 -31.59 -19.53 -29.69
N ILE D 12 -31.71 -19.65 -28.37
CA ILE D 12 -33.04 -19.84 -27.74
C ILE D 12 -33.38 -18.47 -27.13
N GLY D 13 -34.43 -17.87 -27.69
CA GLY D 13 -34.89 -16.53 -27.27
C GLY D 13 -34.24 -15.52 -28.21
N ALA D 14 -34.98 -15.25 -29.26
CA ALA D 14 -34.61 -14.34 -30.35
C ALA D 14 -35.19 -12.94 -30.27
N GLY D 15 -34.97 -12.23 -29.17
CA GLY D 15 -35.54 -10.84 -29.12
C GLY D 15 -34.32 -9.96 -29.42
N PHE D 16 -34.34 -8.78 -28.84
CA PHE D 16 -33.21 -7.87 -29.06
C PHE D 16 -31.84 -8.51 -28.79
N VAL D 17 -31.64 -9.05 -27.61
CA VAL D 17 -30.34 -9.65 -27.25
C VAL D 17 -30.03 -10.80 -28.21
N GLY D 18 -31.03 -11.66 -28.33
CA GLY D 18 -30.99 -12.83 -29.18
C GLY D 18 -30.53 -12.55 -30.60
N ALA D 19 -31.40 -11.91 -31.32
CA ALA D 19 -31.22 -11.55 -32.73
C ALA D 19 -29.99 -10.70 -32.95
N SER D 20 -29.70 -9.78 -32.04
CA SER D 20 -28.49 -8.92 -32.21
C SER D 20 -27.29 -9.87 -32.17
N TYR D 21 -27.37 -10.74 -31.17
CA TYR D 21 -26.33 -11.78 -31.02
C TYR D 21 -26.12 -12.38 -32.43
N VAL D 22 -27.17 -12.94 -33.01
CA VAL D 22 -27.12 -13.54 -34.35
C VAL D 22 -26.52 -12.57 -35.38
N PHE D 23 -26.95 -11.32 -35.51
CA PHE D 23 -26.43 -10.37 -36.52
C PHE D 23 -24.92 -10.17 -36.40
N ALA D 24 -24.41 -10.16 -35.18
CA ALA D 24 -22.98 -9.99 -34.88
C ALA D 24 -22.12 -11.18 -35.33
N LEU D 25 -22.70 -12.36 -35.24
CA LEU D 25 -22.01 -13.61 -35.60
C LEU D 25 -21.84 -13.70 -37.12
N MET D 26 -22.90 -13.28 -37.79
CA MET D 26 -23.05 -13.25 -39.25
C MET D 26 -22.08 -12.24 -39.87
N ASN D 27 -22.04 -11.08 -39.24
CA ASN D 27 -21.19 -9.96 -39.66
C ASN D 27 -19.72 -10.29 -39.40
N GLN D 28 -19.58 -10.96 -38.27
CA GLN D 28 -18.28 -11.41 -37.73
C GLN D 28 -17.85 -12.74 -38.36
N GLY D 29 -18.81 -13.50 -38.81
CA GLY D 29 -18.54 -14.79 -39.47
C GLY D 29 -17.86 -15.72 -38.45
N ILE D 30 -18.63 -16.03 -37.44
CA ILE D 30 -18.24 -16.91 -36.34
C ILE D 30 -18.86 -18.29 -36.45
N ALA D 31 -20.16 -18.52 -36.54
CA ALA D 31 -20.62 -19.95 -36.63
C ALA D 31 -20.84 -20.49 -38.04
N ASP D 32 -20.97 -21.81 -38.19
CA ASP D 32 -21.23 -22.52 -39.45
C ASP D 32 -22.74 -22.63 -39.73
N GLU D 33 -23.47 -22.98 -38.71
CA GLU D 33 -24.93 -23.12 -38.68
C GLU D 33 -25.37 -22.35 -37.45
N ILE D 34 -26.51 -21.70 -37.54
CA ILE D 34 -27.13 -20.87 -36.51
C ILE D 34 -28.63 -21.16 -36.46
N VAL D 35 -29.11 -21.72 -35.36
CA VAL D 35 -30.54 -22.08 -35.23
C VAL D 35 -31.26 -21.05 -34.37
N LEU D 36 -32.48 -20.69 -34.76
CA LEU D 36 -33.27 -19.73 -33.97
C LEU D 36 -34.51 -20.53 -33.54
N ILE D 37 -34.64 -20.50 -32.25
CA ILE D 37 -35.70 -21.17 -31.50
C ILE D 37 -36.25 -20.03 -30.64
N ASP D 38 -37.54 -19.82 -30.73
CA ASP D 38 -38.24 -18.77 -29.95
C ASP D 38 -39.72 -19.21 -29.90
N ALA D 39 -40.28 -18.81 -28.77
CA ALA D 39 -41.70 -19.08 -28.49
C ALA D 39 -42.49 -18.41 -29.60
N ASN D 40 -42.12 -17.16 -29.91
CA ASN D 40 -42.81 -16.44 -31.00
C ASN D 40 -42.19 -16.91 -32.33
N GLU D 41 -42.65 -18.09 -32.68
CA GLU D 41 -42.19 -18.74 -33.92
C GLU D 41 -42.00 -17.76 -35.06
N SER D 42 -43.02 -16.92 -35.24
CA SER D 42 -43.13 -15.88 -36.25
C SER D 42 -41.85 -15.01 -36.18
N LYS D 43 -41.58 -14.62 -34.93
CA LYS D 43 -40.36 -13.80 -34.73
C LYS D 43 -39.23 -14.64 -35.33
N ALA D 44 -38.97 -15.80 -34.75
CA ALA D 44 -37.93 -16.73 -35.19
C ALA D 44 -37.83 -16.84 -36.72
N ILE D 45 -38.97 -16.84 -37.36
CA ILE D 45 -39.22 -16.95 -38.79
C ILE D 45 -38.89 -15.72 -39.64
N GLY D 46 -39.51 -14.60 -39.38
CA GLY D 46 -39.21 -13.38 -40.18
C GLY D 46 -37.71 -13.11 -39.97
N ASP D 47 -37.31 -12.95 -38.73
CA ASP D 47 -35.90 -12.72 -38.40
C ASP D 47 -34.95 -13.53 -39.29
N ALA D 48 -35.18 -14.82 -39.38
CA ALA D 48 -34.39 -15.80 -40.12
C ALA D 48 -34.27 -15.48 -41.62
N MET D 49 -35.42 -15.09 -42.13
CA MET D 49 -35.59 -14.71 -43.53
C MET D 49 -34.67 -13.47 -43.66
N ASP D 50 -35.08 -12.53 -42.82
CA ASP D 50 -34.36 -11.23 -42.81
C ASP D 50 -32.86 -11.48 -42.85
N PHE D 51 -32.34 -12.37 -42.03
CA PHE D 51 -30.89 -12.61 -42.07
C PHE D 51 -30.48 -13.21 -43.43
N ASN D 52 -31.16 -14.29 -43.78
CA ASN D 52 -30.78 -14.98 -45.04
C ASN D 52 -30.76 -13.99 -46.21
N HIS D 53 -31.69 -13.10 -46.39
CA HIS D 53 -31.75 -12.11 -47.47
C HIS D 53 -30.54 -11.18 -47.59
N GLY D 54 -29.72 -11.01 -46.57
CA GLY D 54 -28.56 -10.12 -46.60
C GLY D 54 -27.23 -10.86 -46.73
N LYS D 55 -27.38 -12.16 -46.57
CA LYS D 55 -26.30 -13.14 -46.63
C LYS D 55 -25.43 -13.03 -47.86
N VAL D 56 -25.99 -12.56 -48.96
CA VAL D 56 -25.14 -12.49 -50.16
C VAL D 56 -23.91 -11.62 -49.86
N PHE D 57 -24.07 -10.80 -48.84
CA PHE D 57 -23.01 -9.84 -48.46
C PHE D 57 -22.17 -10.07 -47.21
N ALA D 58 -22.57 -11.09 -46.44
CA ALA D 58 -21.79 -11.36 -45.20
C ALA D 58 -20.38 -11.68 -45.70
N PRO D 59 -19.45 -11.54 -44.79
CA PRO D 59 -18.05 -11.82 -45.11
C PRO D 59 -17.85 -13.31 -45.31
N LYS D 60 -18.61 -14.14 -44.60
CA LYS D 60 -18.45 -15.59 -44.75
C LYS D 60 -19.81 -16.26 -44.85
N PRO D 61 -19.87 -17.39 -45.56
CA PRO D 61 -21.13 -18.16 -45.68
C PRO D 61 -21.41 -18.84 -44.34
N VAL D 62 -22.68 -18.82 -43.98
CA VAL D 62 -23.26 -19.36 -42.76
C VAL D 62 -24.69 -19.82 -43.05
N ASP D 63 -25.13 -20.84 -42.33
CA ASP D 63 -26.49 -21.38 -42.51
C ASP D 63 -27.44 -20.91 -41.42
N ILE D 64 -28.36 -20.01 -41.67
CA ILE D 64 -29.34 -19.53 -40.68
C ILE D 64 -30.68 -20.18 -41.05
N TRP D 65 -31.42 -20.63 -40.04
CA TRP D 65 -32.71 -21.30 -40.22
C TRP D 65 -33.42 -21.33 -38.87
N HIS D 66 -34.73 -21.29 -38.94
CA HIS D 66 -35.57 -21.31 -37.72
C HIS D 66 -35.72 -22.78 -37.33
N GLY D 67 -35.53 -23.19 -36.09
CA GLY D 67 -35.67 -24.61 -35.79
C GLY D 67 -36.51 -25.01 -34.60
N ASP D 68 -36.12 -26.19 -34.14
CA ASP D 68 -36.70 -26.88 -32.95
C ASP D 68 -35.55 -27.54 -32.16
N TYR D 69 -35.88 -28.04 -30.98
CA TYR D 69 -34.99 -28.64 -29.96
C TYR D 69 -34.17 -29.81 -30.45
N ASP D 70 -34.72 -30.44 -31.46
CA ASP D 70 -33.97 -31.55 -32.08
C ASP D 70 -32.72 -30.94 -32.75
N ASP D 71 -32.72 -29.64 -33.00
CA ASP D 71 -31.57 -29.01 -33.70
C ASP D 71 -30.42 -28.90 -32.71
N CYS D 72 -30.86 -29.09 -31.47
CA CYS D 72 -29.96 -29.03 -30.32
C CYS D 72 -28.96 -30.17 -30.29
N ARG D 73 -29.54 -31.36 -30.28
CA ARG D 73 -28.78 -32.61 -30.23
C ARG D 73 -27.35 -32.50 -30.76
N ASP D 74 -27.33 -31.83 -31.91
CA ASP D 74 -26.13 -31.61 -32.70
C ASP D 74 -25.38 -30.30 -32.59
N ALA D 75 -26.03 -29.31 -32.03
CA ALA D 75 -25.35 -28.00 -31.86
C ALA D 75 -24.21 -28.16 -30.87
N ASP D 76 -23.26 -27.25 -30.93
CA ASP D 76 -22.07 -27.17 -30.08
C ASP D 76 -22.27 -26.30 -28.85
N LEU D 77 -23.03 -25.24 -29.02
CA LEU D 77 -23.32 -24.28 -27.95
C LEU D 77 -24.80 -23.91 -27.97
N VAL D 78 -25.40 -23.85 -26.79
CA VAL D 78 -26.84 -23.47 -26.71
C VAL D 78 -26.77 -22.14 -25.96
N VAL D 79 -27.10 -21.09 -26.70
CA VAL D 79 -27.06 -19.71 -26.15
C VAL D 79 -28.53 -19.36 -25.89
N ILE D 80 -28.79 -19.01 -24.63
CA ILE D 80 -30.12 -18.65 -24.13
C ILE D 80 -30.36 -17.17 -23.87
N CYS D 81 -31.25 -16.61 -24.66
CA CYS D 81 -31.62 -15.19 -24.56
C CYS D 81 -33.14 -15.01 -24.42
N ALA D 82 -33.90 -16.04 -24.05
CA ALA D 82 -35.36 -15.88 -23.87
C ALA D 82 -35.60 -15.34 -22.46
N GLY D 83 -36.83 -14.88 -22.25
CA GLY D 83 -37.27 -14.32 -20.99
C GLY D 83 -37.51 -12.84 -20.83
N ALA D 84 -37.98 -12.53 -19.62
CA ALA D 84 -38.31 -11.16 -19.21
C ALA D 84 -37.07 -10.32 -18.85
N ASN D 85 -37.19 -9.14 -19.41
CA ASN D 85 -36.43 -7.90 -19.54
C ASN D 85 -36.79 -6.91 -18.43
N GLN D 86 -35.76 -6.25 -17.84
CA GLN D 86 -36.09 -5.28 -16.76
C GLN D 86 -36.58 -3.97 -17.42
N LYS D 87 -37.75 -3.65 -16.88
CA LYS D 87 -38.47 -2.42 -17.30
C LYS D 87 -37.84 -1.32 -16.47
N PRO D 88 -38.15 -0.09 -16.80
CA PRO D 88 -37.58 1.05 -16.07
C PRO D 88 -38.05 0.92 -14.62
N GLY D 89 -37.02 1.03 -13.79
CA GLY D 89 -37.28 0.95 -12.34
C GLY D 89 -36.74 -0.37 -11.79
N GLU D 90 -37.24 -1.46 -12.33
CA GLU D 90 -36.79 -2.77 -11.87
C GLU D 90 -35.29 -3.04 -11.98
N THR D 91 -34.91 -3.89 -11.04
CA THR D 91 -33.56 -4.43 -10.92
C THR D 91 -33.61 -5.75 -11.74
N ARG D 92 -32.44 -6.36 -11.68
CA ARG D 92 -32.17 -7.64 -12.32
C ARG D 92 -32.97 -8.73 -11.59
N LEU D 93 -32.75 -8.75 -10.27
CA LEU D 93 -33.37 -9.74 -9.39
C LEU D 93 -34.89 -9.77 -9.41
N ASP D 94 -35.59 -8.70 -9.76
CA ASP D 94 -37.06 -8.65 -9.85
C ASP D 94 -37.65 -9.60 -10.90
N LEU D 95 -36.76 -10.33 -11.55
CA LEU D 95 -37.07 -11.29 -12.62
C LEU D 95 -36.92 -12.76 -12.25
N VAL D 96 -36.18 -13.05 -11.19
CA VAL D 96 -35.91 -14.45 -10.84
C VAL D 96 -37.12 -15.37 -10.93
N ASP D 97 -38.22 -15.01 -10.28
CA ASP D 97 -39.40 -15.92 -10.32
C ASP D 97 -39.89 -16.15 -11.75
N LYS D 98 -39.89 -15.09 -12.51
CA LYS D 98 -40.29 -15.06 -13.90
C LYS D 98 -39.56 -16.04 -14.84
N ASN D 99 -38.24 -15.95 -14.90
CA ASN D 99 -37.27 -16.67 -15.72
C ASN D 99 -36.85 -18.09 -15.36
N ILE D 100 -36.58 -18.32 -14.09
CA ILE D 100 -36.16 -19.66 -13.56
C ILE D 100 -37.16 -20.64 -14.17
N ALA D 101 -38.42 -20.23 -14.13
CA ALA D 101 -39.63 -20.86 -14.64
C ALA D 101 -39.45 -21.36 -16.08
N ILE D 102 -39.20 -20.38 -16.94
CA ILE D 102 -38.93 -20.49 -18.38
C ILE D 102 -37.75 -21.47 -18.57
N PHE D 103 -36.71 -21.33 -17.76
CA PHE D 103 -35.51 -22.20 -17.82
C PHE D 103 -35.80 -23.69 -17.61
N ARG D 104 -36.72 -24.00 -16.72
CA ARG D 104 -37.09 -25.41 -16.50
C ARG D 104 -37.50 -26.10 -17.81
N SER D 105 -38.28 -25.42 -18.64
CA SER D 105 -38.77 -25.92 -19.93
C SER D 105 -37.65 -25.98 -20.98
N ILE D 106 -37.13 -24.80 -21.26
CA ILE D 106 -36.06 -24.58 -22.22
C ILE D 106 -34.94 -25.62 -22.03
N VAL D 107 -34.40 -25.55 -20.82
CA VAL D 107 -33.31 -26.47 -20.48
C VAL D 107 -33.74 -27.93 -20.62
N GLU D 108 -34.95 -28.26 -20.18
CA GLU D 108 -35.42 -29.64 -20.31
C GLU D 108 -35.53 -30.15 -21.76
N SER D 109 -36.06 -29.28 -22.58
CA SER D 109 -36.28 -29.58 -24.02
C SER D 109 -34.91 -29.79 -24.67
N VAL D 110 -33.97 -28.87 -24.49
CA VAL D 110 -32.65 -29.09 -25.14
C VAL D 110 -31.98 -30.36 -24.59
N MET D 111 -32.05 -30.67 -23.30
CA MET D 111 -31.40 -31.91 -22.80
C MET D 111 -32.11 -33.06 -23.52
N ALA D 112 -33.42 -33.12 -23.32
CA ALA D 112 -34.18 -34.19 -24.02
C ALA D 112 -33.68 -34.39 -25.45
N SER D 113 -33.33 -33.34 -26.16
CA SER D 113 -32.88 -33.41 -27.56
C SER D 113 -31.79 -34.43 -27.82
N GLY D 114 -30.96 -34.59 -26.81
CA GLY D 114 -29.80 -35.50 -26.87
C GLY D 114 -28.55 -34.60 -26.83
N PHE D 115 -28.79 -33.32 -26.60
CA PHE D 115 -27.73 -32.29 -26.54
C PHE D 115 -26.55 -32.62 -25.63
N GLN D 116 -25.40 -32.02 -25.99
CA GLN D 116 -24.21 -32.23 -25.12
C GLN D 116 -23.08 -31.25 -25.37
N GLY D 117 -23.33 -30.02 -25.74
CA GLY D 117 -22.14 -29.12 -25.87
C GLY D 117 -22.20 -28.28 -24.57
N LEU D 118 -21.92 -27.00 -24.76
CA LEU D 118 -21.93 -26.03 -23.68
C LEU D 118 -23.21 -25.19 -23.84
N PHE D 119 -23.49 -24.54 -22.72
CA PHE D 119 -24.60 -23.63 -22.49
C PHE D 119 -24.00 -22.24 -22.16
N LEU D 120 -24.51 -21.25 -22.87
CA LEU D 120 -24.09 -19.84 -22.73
C LEU D 120 -25.38 -19.10 -22.35
N VAL D 121 -25.45 -18.74 -21.08
CA VAL D 121 -26.72 -18.06 -20.67
C VAL D 121 -26.41 -16.57 -20.68
N ALA D 122 -27.48 -15.85 -21.02
CA ALA D 122 -27.38 -14.38 -21.08
C ALA D 122 -28.52 -13.72 -20.33
N THR D 123 -29.66 -14.36 -20.15
CA THR D 123 -30.84 -13.83 -19.44
C THR D 123 -30.60 -13.39 -17.99
N ASN D 124 -31.29 -12.32 -17.61
CA ASN D 124 -31.15 -11.77 -16.24
C ASN D 124 -32.22 -12.31 -15.28
N PRO D 125 -31.78 -12.63 -14.07
CA PRO D 125 -30.41 -12.48 -13.55
C PRO D 125 -29.42 -13.50 -14.04
N VAL D 126 -28.48 -13.03 -14.84
CA VAL D 126 -27.45 -13.97 -15.38
C VAL D 126 -26.84 -14.79 -14.26
N ASP D 127 -26.45 -14.32 -13.08
CA ASP D 127 -25.83 -15.30 -12.14
C ASP D 127 -26.82 -16.33 -11.59
N ILE D 128 -28.06 -15.95 -11.39
CA ILE D 128 -29.10 -16.82 -10.85
C ILE D 128 -29.47 -17.85 -11.90
N LEU D 129 -29.78 -17.35 -13.09
CA LEU D 129 -30.17 -18.25 -14.20
C LEU D 129 -29.05 -19.12 -14.75
N THR D 130 -27.77 -18.96 -14.49
CA THR D 130 -26.74 -19.86 -15.03
C THR D 130 -26.61 -21.04 -14.07
N TYR D 131 -26.79 -20.73 -12.80
CA TYR D 131 -26.73 -21.74 -11.72
C TYR D 131 -27.87 -22.73 -11.98
N ALA D 132 -29.03 -22.14 -12.21
CA ALA D 132 -30.26 -22.89 -12.55
C ALA D 132 -30.04 -23.67 -13.84
N THR D 133 -29.43 -23.14 -14.89
CA THR D 133 -29.15 -23.85 -16.16
C THR D 133 -28.21 -25.02 -15.85
N TRP D 134 -27.32 -24.77 -14.93
CA TRP D 134 -26.34 -25.77 -14.51
C TRP D 134 -27.03 -26.91 -13.77
N LYS D 135 -28.00 -26.60 -12.95
CA LYS D 135 -28.84 -27.44 -12.13
C LYS D 135 -29.86 -28.32 -12.86
N PHE D 136 -30.67 -27.64 -13.65
CA PHE D 136 -31.77 -28.14 -14.45
C PHE D 136 -31.38 -29.10 -15.58
N SER D 137 -30.09 -29.04 -15.82
CA SER D 137 -29.41 -29.81 -16.86
C SER D 137 -28.55 -30.95 -16.30
N GLY D 138 -27.80 -30.75 -15.24
CA GLY D 138 -26.94 -31.76 -14.61
C GLY D 138 -25.60 -32.00 -15.28
N LEU D 139 -25.20 -31.09 -16.16
CA LEU D 139 -23.88 -31.25 -16.84
C LEU D 139 -22.89 -30.57 -15.86
N PRO D 140 -21.61 -30.71 -16.09
CA PRO D 140 -20.58 -30.08 -15.27
C PRO D 140 -20.67 -28.56 -15.38
N HIS D 141 -20.51 -27.95 -14.22
CA HIS D 141 -20.56 -26.51 -14.04
C HIS D 141 -19.61 -25.86 -15.05
N GLU D 142 -18.66 -26.69 -15.47
CA GLU D 142 -17.63 -26.24 -16.42
C GLU D 142 -18.12 -26.04 -17.87
N ARG D 143 -19.36 -26.39 -18.09
CA ARG D 143 -19.94 -26.27 -19.43
C ARG D 143 -21.22 -25.46 -19.39
N VAL D 144 -21.41 -24.69 -18.34
CA VAL D 144 -22.61 -23.82 -18.20
C VAL D 144 -21.93 -22.50 -17.86
N ILE D 145 -22.02 -21.57 -18.79
CA ILE D 145 -21.43 -20.24 -18.73
C ILE D 145 -22.46 -19.14 -18.88
N GLY D 146 -22.29 -18.11 -18.06
CA GLY D 146 -23.21 -16.96 -18.10
C GLY D 146 -22.42 -15.75 -18.56
N SER D 147 -23.06 -14.83 -19.28
CA SER D 147 -22.32 -13.62 -19.73
C SER D 147 -21.55 -13.10 -18.52
N GLY D 148 -22.19 -13.05 -17.37
CA GLY D 148 -21.43 -12.60 -16.17
C GLY D 148 -21.12 -11.11 -16.33
N THR D 149 -19.91 -10.73 -15.98
CA THR D 149 -19.45 -9.34 -16.08
C THR D 149 -18.67 -9.00 -17.36
N ILE D 150 -19.00 -9.67 -18.47
CA ILE D 150 -18.26 -9.35 -19.71
C ILE D 150 -18.76 -8.02 -20.26
N LEU D 151 -20.05 -7.75 -20.17
CA LEU D 151 -20.59 -6.47 -20.67
C LEU D 151 -20.10 -5.33 -19.77
N ASP D 152 -20.13 -5.57 -18.47
CA ASP D 152 -19.69 -4.57 -17.50
C ASP D 152 -18.18 -4.37 -17.67
N THR D 153 -17.42 -5.44 -17.88
CA THR D 153 -15.96 -5.23 -17.95
C THR D 153 -15.57 -4.37 -19.14
N ALA D 154 -16.16 -4.60 -20.27
CA ALA D 154 -15.97 -3.89 -21.55
C ALA D 154 -16.34 -2.41 -21.44
N ARG D 155 -17.42 -2.10 -20.76
CA ARG D 155 -17.85 -0.71 -20.49
C ARG D 155 -16.73 -0.01 -19.68
N PHE D 156 -16.12 -0.70 -18.74
CA PHE D 156 -15.04 -0.20 -17.87
C PHE D 156 -13.91 0.24 -18.79
N ARG D 157 -13.43 -0.74 -19.52
CA ARG D 157 -12.35 -0.55 -20.50
C ARG D 157 -12.66 0.61 -21.43
N PHE D 158 -13.89 0.71 -21.88
CA PHE D 158 -14.35 1.78 -22.77
C PHE D 158 -14.22 3.15 -22.07
N LEU D 159 -14.86 3.28 -20.93
CA LEU D 159 -14.84 4.52 -20.13
C LEU D 159 -13.43 4.95 -19.78
N LEU D 160 -12.58 4.07 -19.34
CA LEU D 160 -11.18 4.34 -18.95
C LEU D 160 -10.25 4.56 -20.13
N GLY D 161 -10.64 3.99 -21.26
CA GLY D 161 -9.93 4.06 -22.56
C GLY D 161 -10.21 5.53 -22.94
N GLU D 162 -11.45 5.93 -22.62
CA GLU D 162 -11.77 7.35 -22.92
C GLU D 162 -11.12 8.34 -21.98
N TYR D 163 -11.12 8.10 -20.68
CA TYR D 163 -10.50 9.02 -19.72
C TYR D 163 -9.04 9.29 -20.06
N PHE D 164 -8.27 8.28 -20.43
CA PHE D 164 -6.85 8.42 -20.76
C PHE D 164 -6.56 8.49 -22.27
N SER D 165 -7.55 8.50 -23.11
CA SER D 165 -7.40 8.53 -24.57
C SER D 165 -6.36 7.52 -25.06
N VAL D 166 -6.68 6.25 -24.92
CA VAL D 166 -5.86 5.10 -25.33
C VAL D 166 -6.89 4.06 -25.80
N ALA D 167 -6.50 3.08 -26.59
CA ALA D 167 -7.44 2.06 -27.07
C ALA D 167 -8.05 1.38 -25.85
N PRO D 168 -9.36 1.13 -25.87
CA PRO D 168 -10.03 0.45 -24.75
C PRO D 168 -9.23 -0.83 -24.52
N GLN D 169 -9.00 -1.41 -25.69
CA GLN D 169 -8.24 -2.63 -25.83
C GLN D 169 -6.91 -2.54 -25.10
N ASN D 170 -6.33 -1.40 -24.80
CA ASN D 170 -5.02 -1.37 -24.10
C ASN D 170 -5.31 -1.01 -22.62
N VAL D 171 -6.59 -1.08 -22.26
CA VAL D 171 -6.99 -0.73 -20.87
C VAL D 171 -7.18 -2.06 -20.15
N HIS D 172 -6.40 -2.35 -19.14
CA HIS D 172 -6.49 -3.62 -18.39
C HIS D 172 -7.13 -3.56 -17.02
N ALA D 173 -8.43 -3.81 -16.95
CA ALA D 173 -9.22 -3.80 -15.71
C ALA D 173 -10.54 -4.57 -15.87
N TYR D 174 -10.95 -5.06 -14.70
CA TYR D 174 -12.15 -5.83 -14.47
C TYR D 174 -13.14 -5.29 -13.42
N ILE D 175 -14.33 -5.83 -13.60
CA ILE D 175 -15.53 -5.62 -12.78
C ILE D 175 -15.84 -7.11 -12.49
N ILE D 176 -16.13 -7.36 -11.23
CA ILE D 176 -16.41 -8.78 -10.90
C ILE D 176 -17.61 -8.73 -9.97
N GLY D 177 -18.07 -9.88 -9.56
CA GLY D 177 -19.22 -10.02 -8.66
C GLY D 177 -20.45 -10.19 -9.57
N GLU D 178 -21.59 -10.10 -8.94
CA GLU D 178 -22.89 -10.16 -9.54
C GLU D 178 -22.98 -9.29 -10.79
N HIS D 179 -23.46 -9.81 -11.89
CA HIS D 179 -23.59 -8.90 -13.05
C HIS D 179 -24.90 -8.19 -12.66
N GLY D 180 -24.63 -7.07 -12.02
CA GLY D 180 -25.71 -6.20 -11.52
C GLY D 180 -25.20 -5.17 -10.52
N ASP D 181 -26.06 -4.89 -9.56
CA ASP D 181 -25.75 -3.88 -8.52
C ASP D 181 -24.58 -4.16 -7.58
N THR D 182 -24.21 -5.38 -7.21
CA THR D 182 -23.08 -5.59 -6.27
C THR D 182 -21.71 -5.76 -6.92
N GLU D 183 -21.69 -5.54 -8.23
CA GLU D 183 -20.46 -5.67 -9.01
C GLU D 183 -19.40 -4.72 -8.47
N LEU D 184 -18.14 -4.97 -8.77
CA LEU D 184 -17.07 -4.10 -8.24
C LEU D 184 -15.88 -3.97 -9.18
N PRO D 185 -15.31 -2.77 -9.13
CA PRO D 185 -14.15 -2.43 -9.97
C PRO D 185 -12.95 -2.96 -9.19
N VAL D 186 -12.11 -3.69 -9.86
CA VAL D 186 -10.91 -4.24 -9.17
C VAL D 186 -9.81 -3.21 -9.44
N TRP D 187 -9.91 -2.03 -8.85
CA TRP D 187 -8.93 -0.97 -9.09
C TRP D 187 -7.50 -1.42 -8.77
N SER D 188 -7.47 -2.20 -7.71
CA SER D 188 -6.22 -2.74 -7.12
C SER D 188 -5.31 -3.37 -8.16
N GLN D 189 -5.94 -3.84 -9.21
CA GLN D 189 -5.30 -4.56 -10.32
C GLN D 189 -5.76 -4.13 -11.69
N ALA D 190 -5.77 -2.81 -11.86
CA ALA D 190 -6.18 -2.17 -13.11
C ALA D 190 -4.92 -1.48 -13.67
N TYR D 191 -4.79 -1.55 -14.98
CA TYR D 191 -3.65 -1.01 -15.70
C TYR D 191 -3.99 -0.47 -17.08
N ILE D 192 -3.19 0.52 -17.39
CA ILE D 192 -3.18 1.22 -18.70
C ILE D 192 -1.73 0.85 -19.06
N GLY D 193 -1.66 -0.08 -19.99
CA GLY D 193 -0.38 -0.64 -20.45
C GLY D 193 0.04 -1.78 -19.49
N VAL D 194 1.04 -1.34 -18.74
CA VAL D 194 1.67 -2.23 -17.74
C VAL D 194 1.89 -1.34 -16.54
N MET D 195 1.47 -0.10 -16.79
CA MET D 195 1.61 0.98 -15.76
C MET D 195 0.31 0.95 -14.96
N PRO D 196 0.33 0.59 -13.70
CA PRO D 196 -0.92 0.53 -12.89
C PRO D 196 -1.70 1.81 -13.04
N ILE D 197 -3.02 1.87 -12.85
CA ILE D 197 -3.86 3.07 -12.98
C ILE D 197 -3.78 3.99 -11.76
N ARG D 198 -3.92 3.37 -10.62
CA ARG D 198 -3.89 4.02 -9.29
C ARG D 198 -2.44 4.38 -9.01
N LYS D 199 -1.92 5.19 -9.91
CA LYS D 199 -0.52 5.62 -9.89
C LYS D 199 -0.22 6.65 -10.97
N LEU D 200 -1.11 6.79 -11.94
CA LEU D 200 -0.98 7.78 -13.01
C LEU D 200 -1.92 8.92 -12.52
N VAL D 201 -2.72 8.50 -11.51
CA VAL D 201 -3.66 9.49 -10.95
C VAL D 201 -3.07 10.01 -9.65
N GLU D 202 -2.27 9.25 -8.93
CA GLU D 202 -1.64 9.67 -7.67
C GLU D 202 -0.90 11.00 -7.84
N SER D 203 -0.72 11.35 -9.11
CA SER D 203 -0.05 12.62 -9.45
C SER D 203 -1.11 13.73 -9.61
N LYS D 204 -2.40 13.43 -9.64
CA LYS D 204 -3.48 14.41 -9.83
C LYS D 204 -4.63 14.34 -8.80
N GLY D 205 -4.25 14.23 -7.56
CA GLY D 205 -4.97 14.11 -6.33
C GLY D 205 -6.35 14.67 -6.12
N GLU D 206 -7.19 13.67 -5.82
CA GLU D 206 -8.62 13.97 -5.55
C GLU D 206 -9.30 14.75 -6.64
N GLU D 207 -9.22 14.18 -7.79
CA GLU D 207 -9.61 14.50 -9.16
C GLU D 207 -9.56 13.15 -9.85
N ALA D 208 -8.31 12.75 -10.12
CA ALA D 208 -8.16 11.40 -10.68
C ALA D 208 -9.25 10.72 -9.84
N GLN D 209 -8.89 10.77 -8.57
CA GLN D 209 -9.72 10.23 -7.48
C GLN D 209 -11.22 10.30 -7.71
N LYS D 210 -11.81 11.47 -7.79
CA LYS D 210 -13.28 11.54 -7.98
C LYS D 210 -13.68 11.02 -9.36
N ASP D 211 -12.83 11.41 -10.28
CA ASP D 211 -13.00 11.03 -11.70
C ASP D 211 -13.18 9.52 -11.77
N LEU D 212 -12.26 8.77 -11.22
CA LEU D 212 -12.29 7.30 -11.21
C LEU D 212 -13.59 6.75 -10.62
N GLU D 213 -13.99 7.32 -9.50
CA GLU D 213 -15.24 6.84 -8.87
C GLU D 213 -16.45 7.03 -9.76
N ARG D 214 -16.42 8.13 -10.47
CA ARG D 214 -17.43 8.62 -11.42
C ARG D 214 -17.66 7.61 -12.52
N ILE D 215 -16.56 7.14 -13.10
CA ILE D 215 -16.62 6.14 -14.18
C ILE D 215 -17.40 4.93 -13.64
N PHE D 216 -16.84 4.31 -12.61
CA PHE D 216 -17.44 3.13 -11.97
C PHE D 216 -18.95 3.30 -11.84
N VAL D 217 -19.38 4.41 -11.31
CA VAL D 217 -20.85 4.64 -11.17
C VAL D 217 -21.52 4.57 -12.55
N ASN D 218 -20.94 5.24 -13.54
CA ASN D 218 -21.56 5.22 -14.90
C ASN D 218 -21.62 3.80 -15.43
N VAL D 219 -20.56 3.12 -15.01
CA VAL D 219 -20.36 1.71 -15.39
C VAL D 219 -21.58 0.96 -14.84
N ARG D 220 -21.62 1.06 -13.52
CA ARG D 220 -22.62 0.32 -12.72
C ARG D 220 -24.05 0.62 -13.08
N ASP D 221 -24.34 1.79 -13.63
CA ASP D 221 -25.73 2.17 -13.99
C ASP D 221 -26.06 2.25 -15.47
N ALA D 222 -25.05 1.81 -16.21
CA ALA D 222 -25.13 1.80 -17.67
C ALA D 222 -26.52 1.41 -18.14
N ALA D 223 -26.87 0.19 -17.77
CA ALA D 223 -28.15 -0.43 -18.19
C ALA D 223 -29.30 0.52 -17.92
N TYR D 224 -29.40 0.96 -16.69
CA TYR D 224 -30.50 1.87 -16.31
C TYR D 224 -30.42 3.11 -17.20
N GLN D 225 -29.21 3.65 -17.32
CA GLN D 225 -29.15 4.87 -18.17
C GLN D 225 -29.57 4.55 -19.60
N ILE D 226 -29.20 3.38 -20.11
CA ILE D 226 -29.61 3.10 -21.52
C ILE D 226 -31.05 2.62 -21.61
N ILE D 227 -31.51 1.90 -20.61
CA ILE D 227 -32.87 1.35 -20.54
C ILE D 227 -33.79 2.57 -20.63
N GLU D 228 -33.38 3.53 -19.79
CA GLU D 228 -34.13 4.79 -19.69
C GLU D 228 -34.15 5.50 -21.05
N LYS D 229 -33.03 5.50 -21.75
CA LYS D 229 -32.83 6.15 -23.05
C LYS D 229 -33.43 5.46 -24.26
N LYS D 230 -33.43 4.13 -24.36
CA LYS D 230 -34.02 3.45 -25.53
C LYS D 230 -34.77 2.15 -25.21
N GLY D 231 -35.11 1.93 -23.94
CA GLY D 231 -35.86 0.80 -23.43
C GLY D 231 -35.30 -0.54 -23.02
N ALA D 232 -34.28 -1.00 -23.71
CA ALA D 232 -33.57 -2.26 -23.55
C ALA D 232 -32.14 -2.09 -24.09
N THR D 233 -31.25 -2.96 -23.63
CA THR D 233 -29.85 -2.87 -24.14
C THR D 233 -29.61 -4.19 -24.88
N TYR D 234 -28.69 -4.21 -25.85
CA TYR D 234 -28.48 -5.48 -26.56
C TYR D 234 -27.32 -5.42 -27.54
N TYR D 235 -26.78 -4.24 -27.82
CA TYR D 235 -25.66 -4.25 -28.78
C TYR D 235 -24.40 -4.53 -27.94
N GLY D 236 -24.44 -4.01 -26.73
CA GLY D 236 -23.31 -4.16 -25.80
C GLY D 236 -23.11 -5.63 -25.41
N ILE D 237 -24.26 -6.28 -25.23
CA ILE D 237 -24.29 -7.72 -24.87
C ILE D 237 -23.95 -8.58 -26.09
N ALA D 238 -24.60 -8.37 -27.22
CA ALA D 238 -24.38 -9.09 -28.48
C ALA D 238 -22.89 -9.33 -28.80
N MET D 239 -22.09 -8.30 -28.65
CA MET D 239 -20.64 -8.25 -28.88
C MET D 239 -19.88 -9.08 -27.86
N GLY D 240 -20.40 -9.06 -26.65
CA GLY D 240 -19.88 -9.76 -25.47
C GLY D 240 -20.05 -11.27 -25.64
N LEU D 241 -21.23 -11.61 -26.09
CA LEU D 241 -21.60 -13.02 -26.33
C LEU D 241 -20.82 -13.55 -27.54
N ALA D 242 -20.72 -12.74 -28.58
CA ALA D 242 -20.03 -13.06 -29.84
C ALA D 242 -18.55 -13.27 -29.55
N ARG D 243 -18.12 -12.50 -28.55
CA ARG D 243 -16.69 -12.60 -28.18
C ARG D 243 -16.42 -13.89 -27.40
N VAL D 244 -17.29 -14.26 -26.48
CA VAL D 244 -17.13 -15.49 -25.68
C VAL D 244 -17.23 -16.69 -26.62
N THR D 245 -18.25 -16.58 -27.48
CA THR D 245 -18.49 -17.67 -28.45
C THR D 245 -17.25 -17.95 -29.28
N ARG D 246 -16.40 -16.97 -29.55
CA ARG D 246 -15.24 -17.42 -30.36
C ARG D 246 -14.18 -17.99 -29.42
N ALA D 247 -14.04 -17.53 -28.20
CA ALA D 247 -12.97 -18.19 -27.38
C ALA D 247 -13.19 -19.70 -27.47
N ILE D 248 -14.43 -20.14 -27.36
CA ILE D 248 -14.87 -21.51 -27.42
C ILE D 248 -14.67 -22.22 -28.76
N LEU D 249 -15.40 -21.78 -29.78
CA LEU D 249 -15.29 -22.47 -31.09
C LEU D 249 -13.86 -22.39 -31.62
N HIS D 250 -13.06 -21.50 -31.11
CA HIS D 250 -11.64 -21.41 -31.58
C HIS D 250 -10.71 -21.91 -30.50
N ASN D 251 -11.32 -22.44 -29.45
CA ASN D 251 -10.50 -23.04 -28.37
C ASN D 251 -9.28 -22.15 -28.16
N GLU D 252 -9.62 -20.94 -27.74
CA GLU D 252 -8.70 -19.86 -27.46
C GLU D 252 -7.94 -19.73 -26.15
N ASN D 253 -8.51 -20.13 -25.03
CA ASN D 253 -7.87 -20.02 -23.71
C ASN D 253 -7.60 -18.51 -23.50
N ALA D 254 -8.65 -17.76 -23.73
CA ALA D 254 -8.73 -16.31 -23.59
C ALA D 254 -9.27 -16.04 -22.18
N ILE D 255 -8.56 -15.21 -21.42
CA ILE D 255 -9.15 -15.01 -20.03
C ILE D 255 -10.38 -14.16 -20.31
N LEU D 256 -11.49 -14.37 -19.65
CA LEU D 256 -12.75 -13.60 -19.86
C LEU D 256 -13.43 -13.53 -18.50
N THR D 257 -13.99 -12.39 -18.12
CA THR D 257 -14.64 -12.29 -16.80
C THR D 257 -16.04 -12.81 -17.01
N VAL D 258 -16.27 -14.10 -16.84
CA VAL D 258 -17.67 -14.54 -17.08
C VAL D 258 -18.22 -15.12 -15.80
N SER D 259 -19.45 -15.54 -15.87
CA SER D 259 -20.13 -16.23 -14.75
C SER D 259 -19.62 -17.67 -14.60
N ALA D 260 -18.67 -17.87 -13.71
CA ALA D 260 -17.99 -19.11 -13.33
C ALA D 260 -18.60 -19.57 -11.99
N TYR D 261 -18.66 -20.88 -11.73
CA TYR D 261 -19.22 -21.40 -10.46
C TYR D 261 -18.00 -21.61 -9.55
N LEU D 262 -18.19 -21.22 -8.29
CA LEU D 262 -17.07 -21.34 -7.32
C LEU D 262 -17.49 -22.34 -6.23
N ASP D 263 -16.48 -22.91 -5.62
CA ASP D 263 -16.61 -23.87 -4.50
C ASP D 263 -15.27 -23.74 -3.75
N GLY D 264 -15.13 -22.63 -3.05
CA GLY D 264 -13.92 -22.29 -2.32
C GLY D 264 -12.94 -21.36 -2.99
N LEU D 265 -12.89 -21.28 -4.30
CA LEU D 265 -11.89 -20.40 -4.95
C LEU D 265 -11.77 -18.98 -4.42
N TYR D 266 -12.83 -18.21 -4.23
CA TYR D 266 -12.68 -16.83 -3.73
C TYR D 266 -13.08 -16.69 -2.27
N GLY D 267 -12.98 -17.84 -1.62
CA GLY D 267 -13.37 -17.99 -0.21
C GLY D 267 -14.91 -18.07 -0.16
N GLU D 268 -15.52 -18.40 -1.29
CA GLU D 268 -16.98 -18.54 -1.40
C GLU D 268 -17.27 -19.91 -1.99
N ARG D 269 -18.49 -20.41 -1.84
CA ARG D 269 -18.80 -21.73 -2.41
C ARG D 269 -20.24 -21.81 -2.90
N ASP D 270 -20.42 -22.74 -3.80
CA ASP D 270 -21.74 -23.05 -4.39
C ASP D 270 -22.44 -21.80 -4.90
N VAL D 271 -21.70 -21.04 -5.70
CA VAL D 271 -22.32 -19.84 -6.29
C VAL D 271 -21.66 -19.66 -7.66
N TYR D 272 -22.43 -19.07 -8.53
CA TYR D 272 -22.00 -18.73 -9.90
C TYR D 272 -21.88 -17.19 -9.80
N ILE D 273 -20.72 -16.70 -10.20
CA ILE D 273 -20.48 -15.24 -10.09
C ILE D 273 -19.39 -14.87 -11.08
N GLY D 274 -19.36 -13.61 -11.50
CA GLY D 274 -18.37 -13.12 -12.48
C GLY D 274 -17.00 -13.00 -11.88
N VAL D 275 -16.10 -13.75 -12.47
CA VAL D 275 -14.67 -13.89 -12.09
C VAL D 275 -13.85 -14.22 -13.32
N PRO D 276 -12.56 -13.92 -13.40
CA PRO D 276 -11.72 -14.27 -14.54
C PRO D 276 -11.65 -15.79 -14.64
N ALA D 277 -11.84 -16.35 -15.82
CA ALA D 277 -11.78 -17.81 -16.05
C ALA D 277 -11.11 -18.05 -17.40
N VAL D 278 -10.32 -19.11 -17.62
CA VAL D 278 -9.73 -19.30 -18.96
C VAL D 278 -10.77 -20.06 -19.82
N ILE D 279 -11.28 -19.49 -20.88
CA ILE D 279 -12.28 -20.13 -21.75
C ILE D 279 -11.63 -20.84 -22.96
N ASN D 280 -12.13 -22.03 -23.27
CA ASN D 280 -11.63 -22.87 -24.39
C ASN D 280 -12.74 -23.70 -25.04
N ARG D 281 -12.33 -24.69 -25.82
CA ARG D 281 -13.21 -25.56 -26.61
C ARG D 281 -14.18 -26.39 -25.79
N ASN D 282 -13.72 -26.66 -24.58
CA ASN D 282 -14.42 -27.46 -23.55
C ASN D 282 -15.08 -26.69 -22.40
N GLY D 283 -15.36 -25.41 -22.56
CA GLY D 283 -15.97 -24.51 -21.56
C GLY D 283 -14.82 -24.04 -20.64
N ILE D 284 -15.19 -23.68 -19.44
CA ILE D 284 -14.24 -23.17 -18.46
C ILE D 284 -13.05 -24.05 -18.13
N ARG D 285 -11.89 -23.68 -18.65
CA ARG D 285 -10.69 -24.48 -18.32
C ARG D 285 -10.48 -24.33 -16.80
N GLU D 286 -10.54 -23.15 -16.23
CA GLU D 286 -10.40 -22.82 -14.82
C GLU D 286 -10.67 -21.35 -14.45
N VAL D 287 -11.07 -21.13 -13.19
CA VAL D 287 -11.37 -19.78 -12.68
C VAL D 287 -10.03 -19.22 -12.17
N ILE D 288 -9.80 -17.96 -12.47
CA ILE D 288 -8.55 -17.28 -12.05
C ILE D 288 -8.82 -16.59 -10.73
N GLU D 289 -7.93 -16.82 -9.78
CA GLU D 289 -8.13 -16.22 -8.44
C GLU D 289 -7.09 -15.13 -8.27
N ILE D 290 -7.56 -13.94 -8.62
CA ILE D 290 -6.75 -12.73 -8.59
C ILE D 290 -6.65 -12.22 -7.16
N GLU D 291 -5.59 -11.49 -6.91
CA GLU D 291 -5.30 -10.92 -5.59
C GLU D 291 -6.16 -9.69 -5.35
N LEU D 292 -7.05 -9.75 -4.37
CA LEU D 292 -7.92 -8.59 -4.02
C LEU D 292 -7.43 -7.86 -2.76
N ASN D 293 -7.86 -6.61 -2.66
CA ASN D 293 -7.46 -5.78 -1.48
C ASN D 293 -8.58 -6.11 -0.49
N ASP D 294 -8.38 -5.72 0.75
CA ASP D 294 -9.37 -6.04 1.79
C ASP D 294 -10.70 -5.42 1.35
N ASP D 295 -10.53 -4.24 0.77
CA ASP D 295 -11.72 -3.51 0.29
C ASP D 295 -12.53 -4.37 -0.68
N GLU D 296 -11.79 -4.95 -1.63
CA GLU D 296 -12.41 -5.78 -2.68
C GLU D 296 -12.88 -7.08 -2.07
N LYS D 297 -11.98 -7.65 -1.27
CA LYS D 297 -12.26 -8.92 -0.58
C LYS D 297 -13.70 -8.90 -0.06
N ASN D 298 -13.92 -7.75 0.56
CA ASN D 298 -15.15 -7.36 1.24
C ASN D 298 -16.40 -7.16 0.42
N ARG D 299 -16.31 -6.44 -0.69
CA ARG D 299 -17.55 -6.23 -1.49
C ARG D 299 -17.84 -7.41 -2.39
N PHE D 300 -16.77 -8.11 -2.74
CA PHE D 300 -16.91 -9.32 -3.60
C PHE D 300 -17.78 -10.27 -2.76
N HIS D 301 -17.17 -10.39 -1.56
CA HIS D 301 -17.80 -11.22 -0.55
C HIS D 301 -19.23 -10.70 -0.34
N HIS D 302 -19.41 -9.42 -0.11
CA HIS D 302 -20.79 -8.87 0.05
C HIS D 302 -21.66 -9.29 -1.12
N SER D 303 -21.15 -9.28 -2.34
CA SER D 303 -21.87 -9.66 -3.56
C SER D 303 -22.23 -11.16 -3.59
N ALA D 304 -21.21 -11.96 -3.23
CA ALA D 304 -21.44 -13.42 -3.21
C ALA D 304 -22.61 -13.76 -2.29
N ALA D 305 -22.63 -13.10 -1.14
CA ALA D 305 -23.67 -13.28 -0.10
C ALA D 305 -25.04 -12.96 -0.69
N THR D 306 -25.10 -11.85 -1.41
CA THR D 306 -26.32 -11.33 -2.04
C THR D 306 -27.07 -12.30 -2.96
N LEU D 307 -26.25 -12.94 -3.80
CA LEU D 307 -26.72 -13.93 -4.79
C LEU D 307 -27.25 -15.16 -4.04
N LYS D 308 -26.32 -15.58 -3.20
CA LYS D 308 -26.45 -16.70 -2.27
C LYS D 308 -27.87 -16.86 -1.77
N SER D 309 -28.35 -15.80 -1.15
CA SER D 309 -29.70 -15.67 -0.59
C SER D 309 -30.76 -15.81 -1.67
N VAL D 310 -30.57 -15.12 -2.80
CA VAL D 310 -31.59 -15.23 -3.87
C VAL D 310 -31.81 -16.72 -4.19
N LEU D 311 -30.67 -17.35 -4.41
CA LEU D 311 -30.70 -18.79 -4.71
C LEU D 311 -31.49 -19.50 -3.60
N ALA D 312 -31.06 -19.25 -2.39
CA ALA D 312 -31.62 -19.83 -1.17
C ALA D 312 -33.13 -20.00 -1.29
N ARG D 313 -33.76 -18.85 -1.46
CA ARG D 313 -35.21 -18.82 -1.54
C ARG D 313 -35.79 -18.94 -2.93
N ALA D 314 -34.90 -19.09 -3.89
CA ALA D 314 -35.40 -19.11 -5.27
C ALA D 314 -35.36 -20.43 -6.01
N PHE D 315 -35.08 -21.57 -5.38
CA PHE D 315 -35.02 -22.80 -6.21
C PHE D 315 -36.26 -23.61 -6.57
N THR D 316 -36.56 -23.31 -7.82
CA THR D 316 -37.51 -23.55 -8.87
C THR D 316 -38.86 -22.88 -8.51
N MET E 1 14.83 -4.14 54.21
CA MET E 1 14.38 -3.84 55.56
C MET E 1 15.00 -2.56 56.13
N LYS E 2 14.10 -1.61 56.43
CA LYS E 2 14.60 -0.35 57.07
C LYS E 2 15.05 -0.95 58.43
N ASN E 3 14.53 -2.17 58.52
CA ASN E 3 14.70 -3.04 59.69
C ASN E 3 15.37 -4.38 59.36
N ASN E 4 16.67 -4.19 59.15
CA ASN E 4 17.59 -5.31 58.89
C ASN E 4 17.02 -6.23 57.80
N GLY E 5 17.15 -5.72 56.57
CA GLY E 5 16.69 -6.49 55.39
C GLY E 5 17.07 -5.83 54.06
N GLY E 6 17.74 -4.66 54.15
CA GLY E 6 18.07 -4.02 52.87
C GLY E 6 19.50 -3.53 52.87
N ALA E 7 19.70 -2.60 51.94
CA ALA E 7 21.04 -2.00 51.83
C ALA E 7 21.29 -1.10 53.04
N ARG E 8 22.21 -1.58 53.84
CA ARG E 8 22.63 -0.76 54.99
C ARG E 8 23.90 -0.07 54.45
N VAL E 9 24.07 1.21 54.70
CA VAL E 9 25.22 2.04 54.27
C VAL E 9 25.72 2.75 55.54
N VAL E 10 26.91 2.45 55.96
CA VAL E 10 27.54 3.03 57.17
C VAL E 10 28.43 4.22 56.76
N VAL E 11 28.14 5.43 57.22
CA VAL E 11 28.91 6.64 56.90
C VAL E 11 29.85 6.96 58.08
N ILE E 12 31.13 6.77 57.82
CA ILE E 12 32.17 7.03 58.84
C ILE E 12 32.74 8.44 58.69
N GLY E 13 32.15 9.37 59.42
CA GLY E 13 32.56 10.80 59.44
C GLY E 13 31.35 11.59 58.96
N ALA E 14 30.76 12.32 59.90
CA ALA E 14 29.58 13.13 59.62
C ALA E 14 29.98 14.60 59.53
N GLY E 15 31.01 14.84 58.73
CA GLY E 15 31.52 16.21 58.51
C GLY E 15 30.66 16.88 57.43
N PHE E 16 31.23 17.77 56.64
CA PHE E 16 30.50 18.45 55.56
C PHE E 16 30.13 17.49 54.43
N VAL E 17 31.19 16.76 54.08
CA VAL E 17 31.09 15.76 53.03
C VAL E 17 30.19 14.63 53.53
N GLY E 18 30.54 14.17 54.72
CA GLY E 18 29.81 13.09 55.38
C GLY E 18 28.30 13.20 55.35
N ALA E 19 27.71 14.30 55.80
CA ALA E 19 26.25 14.52 55.82
C ALA E 19 25.66 15.06 54.51
N SER E 20 26.49 15.60 53.62
CA SER E 20 25.96 16.14 52.35
C SER E 20 25.53 14.88 51.61
N TYR E 21 26.45 13.95 51.68
CA TYR E 21 26.24 12.61 51.10
C TYR E 21 24.95 11.98 51.61
N VAL E 22 24.71 11.90 52.93
CA VAL E 22 23.54 11.30 53.61
C VAL E 22 22.24 12.03 53.25
N PHE E 23 22.42 13.32 53.00
CA PHE E 23 21.27 14.17 52.60
C PHE E 23 21.01 13.72 51.16
N ALA E 24 22.05 13.58 50.36
CA ALA E 24 21.83 13.08 48.99
C ALA E 24 21.04 11.77 49.04
N LEU E 25 21.50 10.72 49.66
CA LEU E 25 20.80 9.40 49.69
C LEU E 25 19.32 9.41 50.02
N MET E 26 18.99 10.23 50.98
CA MET E 26 17.62 10.36 51.49
C MET E 26 16.63 10.93 50.49
N ASN E 27 17.03 12.04 49.91
CA ASN E 27 16.26 12.81 48.93
C ASN E 27 16.10 11.98 47.65
N GLN E 28 17.19 11.33 47.27
CA GLN E 28 17.24 10.47 46.06
C GLN E 28 16.44 9.17 46.23
N GLY E 29 16.46 8.63 47.43
CA GLY E 29 15.80 7.39 47.84
C GLY E 29 16.75 6.22 47.55
N ILE E 30 18.00 6.32 47.96
CA ILE E 30 18.94 5.22 47.66
C ILE E 30 19.07 4.06 48.61
N ALA E 31 19.43 4.22 49.88
CA ALA E 31 19.54 2.94 50.67
C ALA E 31 18.26 2.64 51.45
N ASP E 32 18.31 1.69 52.36
CA ASP E 32 17.17 1.30 53.21
C ASP E 32 17.49 1.53 54.71
N GLU E 33 18.78 1.62 54.95
CA GLU E 33 19.27 1.85 56.33
C GLU E 33 20.60 2.59 56.20
N ILE E 34 20.79 3.58 57.03
CA ILE E 34 21.99 4.43 57.00
C ILE E 34 22.45 4.70 58.44
N VAL E 35 23.67 4.31 58.77
CA VAL E 35 24.22 4.49 60.11
C VAL E 35 25.30 5.56 60.18
N LEU E 36 25.19 6.47 61.13
CA LEU E 36 26.25 7.49 61.22
C LEU E 36 27.18 7.14 62.37
N ILE E 37 28.44 7.04 61.94
CA ILE E 37 29.48 6.76 62.95
C ILE E 37 30.38 8.00 62.89
N ASP E 38 30.45 8.68 64.01
CA ASP E 38 31.32 9.88 64.11
C ASP E 38 32.03 9.77 65.48
N ALA E 39 33.23 10.31 65.51
CA ALA E 39 34.00 10.25 66.80
C ALA E 39 33.31 11.19 67.78
N ASN E 40 32.73 12.20 67.17
CA ASN E 40 31.95 13.29 67.79
C ASN E 40 30.47 12.88 67.67
N GLU E 41 30.13 11.96 68.55
CA GLU E 41 28.80 11.39 68.67
C GLU E 41 27.74 12.49 68.67
N SER E 42 28.02 13.57 69.36
CA SER E 42 27.08 14.71 69.51
C SER E 42 26.53 15.08 68.12
N LYS E 43 27.49 15.34 67.28
CA LYS E 43 27.35 15.66 65.86
C LYS E 43 26.53 14.57 65.17
N ALA E 44 27.00 13.33 65.15
CA ALA E 44 26.27 12.21 64.51
C ALA E 44 24.86 12.05 65.05
N ILE E 45 24.74 12.39 66.32
CA ILE E 45 23.49 12.31 67.09
C ILE E 45 22.52 13.41 66.70
N GLY E 46 23.13 14.53 66.42
CA GLY E 46 22.45 15.75 65.97
C GLY E 46 22.02 15.61 64.52
N ASP E 47 22.80 14.94 63.69
CA ASP E 47 22.44 14.77 62.25
C ASP E 47 21.39 13.68 62.09
N ALA E 48 21.39 12.80 63.07
CA ALA E 48 20.47 11.70 63.20
C ALA E 48 19.01 12.19 63.33
N MET E 49 18.69 12.93 64.36
CA MET E 49 17.38 13.49 64.70
C MET E 49 16.82 14.45 63.65
N ASP E 50 17.77 15.16 63.09
CA ASP E 50 17.60 16.18 62.08
C ASP E 50 17.22 15.62 60.71
N PHE E 51 17.85 14.54 60.28
CA PHE E 51 17.48 13.92 58.98
C PHE E 51 16.06 13.34 59.22
N ASN E 52 16.01 12.59 60.30
CA ASN E 52 14.84 11.86 60.80
C ASN E 52 13.56 12.68 60.71
N HIS E 53 13.76 13.91 61.15
CA HIS E 53 12.62 14.84 61.18
C HIS E 53 12.13 15.21 59.79
N GLY E 54 12.95 15.10 58.73
CA GLY E 54 12.40 15.50 57.41
C GLY E 54 11.72 14.45 56.56
N LYS E 55 11.96 13.21 56.96
CA LYS E 55 11.51 12.00 56.28
C LYS E 55 10.02 11.78 56.20
N VAL E 56 9.16 12.34 57.05
CA VAL E 56 7.73 12.08 56.75
C VAL E 56 7.59 12.55 55.27
N PHE E 57 8.56 13.32 54.81
CA PHE E 57 8.74 13.93 53.51
C PHE E 57 9.83 13.29 52.63
N ALA E 58 10.76 12.45 53.07
CA ALA E 58 11.71 11.90 52.06
C ALA E 58 10.89 11.19 50.97
N PRO E 59 11.48 11.00 49.78
CA PRO E 59 10.76 10.34 48.67
C PRO E 59 10.62 8.86 48.95
N LYS E 60 11.54 8.43 49.83
CA LYS E 60 11.54 7.00 50.16
C LYS E 60 11.72 6.71 51.64
N PRO E 61 11.01 5.66 52.06
CA PRO E 61 11.14 5.23 53.46
C PRO E 61 12.64 4.99 53.63
N VAL E 62 13.20 5.37 54.76
CA VAL E 62 14.65 5.20 55.03
C VAL E 62 14.77 5.13 56.55
N ASP E 63 15.91 4.66 57.01
CA ASP E 63 16.09 4.49 58.47
C ASP E 63 17.48 4.98 58.83
N ILE E 64 17.45 6.24 59.26
CA ILE E 64 18.78 6.81 59.61
C ILE E 64 18.97 6.61 61.11
N TRP E 65 20.22 6.44 61.48
CA TRP E 65 20.59 6.27 62.90
C TRP E 65 22.12 6.30 63.03
N HIS E 66 22.55 6.83 64.16
CA HIS E 66 23.93 6.95 64.62
C HIS E 66 24.33 5.62 65.29
N GLY E 67 25.35 4.91 64.80
CA GLY E 67 25.71 3.63 65.43
C GLY E 67 27.15 3.58 65.90
N ASP E 68 27.62 2.38 66.09
CA ASP E 68 28.92 1.88 66.53
C ASP E 68 29.38 0.87 65.44
N TYR E 69 30.64 0.51 65.57
CA TYR E 69 31.28 -0.44 64.65
C TYR E 69 30.50 -1.72 64.58
N ASP E 70 29.87 -2.08 65.69
CA ASP E 70 29.07 -3.34 65.65
C ASP E 70 28.08 -3.32 64.48
N ASP E 71 27.60 -2.18 63.98
CA ASP E 71 26.61 -2.23 62.88
C ASP E 71 27.27 -2.29 61.49
N CYS E 72 28.52 -2.70 61.47
CA CYS E 72 29.22 -2.82 60.17
C CYS E 72 29.06 -4.27 59.68
N ARG E 73 29.11 -5.18 60.61
CA ARG E 73 29.03 -6.63 60.36
C ARG E 73 28.01 -7.03 59.29
N ASP E 74 26.99 -6.19 59.16
CA ASP E 74 25.89 -6.40 58.21
C ASP E 74 25.69 -5.29 57.18
N ALA E 75 26.69 -4.43 57.09
CA ALA E 75 26.67 -3.28 56.17
C ALA E 75 27.18 -3.63 54.79
N ASP E 76 26.40 -3.35 53.77
CA ASP E 76 26.78 -3.64 52.38
C ASP E 76 27.96 -2.78 51.96
N LEU E 77 27.84 -1.51 52.28
CA LEU E 77 28.86 -0.51 51.93
C LEU E 77 29.29 0.40 53.08
N VAL E 78 30.59 0.71 53.09
CA VAL E 78 31.15 1.59 54.11
C VAL E 78 31.87 2.78 53.43
N VAL E 79 31.25 3.95 53.48
CA VAL E 79 31.85 5.16 52.88
C VAL E 79 32.67 5.88 53.94
N ILE E 80 33.98 6.03 53.66
CA ILE E 80 34.88 6.67 54.63
C ILE E 80 35.10 8.13 54.24
N CYS E 81 34.58 9.00 55.08
CA CYS E 81 34.58 10.45 54.95
C CYS E 81 35.20 11.20 56.12
N ALA E 82 35.95 10.46 56.89
CA ALA E 82 36.62 10.87 58.11
C ALA E 82 37.99 11.47 57.86
N GLY E 83 38.32 12.46 58.72
CA GLY E 83 39.61 13.13 58.60
C GLY E 83 39.63 14.62 58.32
N ALA E 84 40.84 15.02 57.94
CA ALA E 84 41.39 16.30 57.60
C ALA E 84 41.11 16.93 56.23
N ASN E 85 40.47 18.07 56.34
CA ASN E 85 40.03 19.01 55.29
C ASN E 85 41.16 19.99 54.97
N GLN E 86 41.55 20.18 53.71
CA GLN E 86 42.63 21.15 53.44
C GLN E 86 42.15 22.62 53.46
N LYS E 87 43.00 23.30 54.21
CA LYS E 87 43.05 24.73 54.53
C LYS E 87 43.56 25.36 53.24
N PRO E 88 43.20 26.60 53.03
CA PRO E 88 43.67 27.28 51.79
C PRO E 88 45.17 27.21 52.03
N GLY E 89 45.95 27.21 50.96
CA GLY E 89 47.41 27.08 51.23
C GLY E 89 47.74 25.61 50.91
N GLU E 90 47.07 24.70 51.61
CA GLU E 90 47.29 23.26 51.39
C GLU E 90 46.64 22.67 50.13
N THR E 91 47.24 21.56 49.77
CA THR E 91 46.90 20.69 48.64
C THR E 91 46.42 19.38 49.23
N ARG E 92 45.89 18.47 48.42
CA ARG E 92 45.40 17.18 48.92
C ARG E 92 46.35 16.56 49.98
N LEU E 93 47.47 16.16 49.43
CA LEU E 93 48.65 15.50 49.95
C LEU E 93 49.26 16.01 51.24
N ASP E 94 48.97 17.27 51.56
CA ASP E 94 49.56 17.75 52.83
C ASP E 94 48.80 16.98 53.94
N LEU E 95 47.70 16.30 53.58
CA LEU E 95 46.90 15.60 54.61
C LEU E 95 47.29 14.19 55.05
N VAL E 96 48.18 13.59 54.31
CA VAL E 96 48.70 12.23 54.46
C VAL E 96 48.91 11.61 55.84
N ASP E 97 49.96 12.04 56.49
CA ASP E 97 50.40 11.52 57.81
C ASP E 97 49.28 11.60 58.84
N LYS E 98 48.54 12.68 58.59
CA LYS E 98 47.39 12.99 59.43
C LYS E 98 46.34 11.93 59.12
N ASN E 99 45.81 12.00 57.91
CA ASN E 99 44.76 11.07 57.47
C ASN E 99 45.12 9.59 57.56
N ILE E 100 46.31 9.18 57.14
CA ILE E 100 46.64 7.74 57.20
C ILE E 100 46.53 7.24 58.64
N ALA E 101 47.00 8.05 59.56
CA ALA E 101 46.87 7.64 60.99
C ALA E 101 45.45 7.15 61.26
N ILE E 102 44.42 7.95 61.04
CA ILE E 102 42.99 7.68 61.24
C ILE E 102 42.43 6.48 60.50
N PHE E 103 43.00 6.09 59.37
CA PHE E 103 42.40 4.91 58.68
C PHE E 103 42.73 3.59 59.33
N ARG E 104 43.93 3.46 59.89
CA ARG E 104 44.29 2.18 60.50
C ARG E 104 43.18 1.80 61.48
N SER E 105 42.78 2.89 62.14
CA SER E 105 41.76 2.73 63.19
C SER E 105 40.44 2.18 62.64
N ILE E 106 39.88 3.12 61.90
CA ILE E 106 38.59 2.94 61.24
C ILE E 106 38.64 1.57 60.59
N VAL E 107 39.51 1.53 59.58
CA VAL E 107 39.67 0.27 58.81
C VAL E 107 39.52 -0.88 59.78
N GLU E 108 40.48 -1.02 60.67
CA GLU E 108 40.53 -2.04 61.72
C GLU E 108 39.30 -2.35 62.56
N SER E 109 38.56 -1.33 62.94
CA SER E 109 37.35 -1.54 63.77
C SER E 109 36.20 -2.02 62.90
N VAL E 110 36.10 -1.56 61.64
CA VAL E 110 34.98 -2.03 60.79
C VAL E 110 35.15 -3.55 60.58
N MET E 111 36.38 -3.89 60.31
CA MET E 111 36.90 -5.25 60.05
C MET E 111 36.51 -6.21 61.17
N ALA E 112 37.01 -5.86 62.35
CA ALA E 112 36.69 -6.67 63.56
C ALA E 112 35.16 -6.78 63.72
N SER E 113 34.44 -5.80 63.16
CA SER E 113 32.96 -5.84 63.28
C SER E 113 32.46 -7.13 62.61
N GLY E 114 33.22 -7.58 61.62
CA GLY E 114 32.83 -8.82 60.89
C GLY E 114 32.23 -8.43 59.54
N PHE E 115 32.70 -7.23 59.17
CA PHE E 115 32.23 -6.61 57.91
C PHE E 115 32.82 -7.39 56.74
N GLN E 116 32.03 -7.40 55.67
CA GLN E 116 32.46 -8.09 54.42
C GLN E 116 31.74 -7.51 53.22
N GLY E 117 31.59 -6.20 53.21
CA GLY E 117 30.94 -5.42 52.14
C GLY E 117 32.06 -4.59 51.48
N LEU E 118 31.66 -3.65 50.65
CA LEU E 118 32.63 -2.79 49.97
C LEU E 118 32.96 -1.54 50.81
N PHE E 119 34.02 -0.89 50.32
CA PHE E 119 34.54 0.36 50.87
C PHE E 119 34.64 1.47 49.80
N LEU E 120 33.99 2.58 50.09
CA LEU E 120 34.02 3.83 49.30
C LEU E 120 34.70 4.91 50.16
N VAL E 121 35.94 5.20 49.81
CA VAL E 121 36.84 6.17 50.45
C VAL E 121 36.64 7.54 49.79
N ALA E 122 36.51 8.58 50.59
CA ALA E 122 36.28 9.98 50.16
C ALA E 122 37.44 10.89 50.61
N THR E 123 37.88 10.73 51.84
CA THR E 123 38.95 11.50 52.50
C THR E 123 40.19 11.67 51.64
N ASN E 124 40.76 12.87 51.61
CA ASN E 124 41.95 13.17 50.80
C ASN E 124 43.27 12.92 51.53
N PRO E 125 44.28 12.48 50.79
CA PRO E 125 44.22 12.18 49.34
C PRO E 125 43.50 10.89 49.02
N VAL E 126 42.35 10.94 48.35
CA VAL E 126 41.56 9.72 48.07
C VAL E 126 42.39 8.56 47.51
N ASP E 127 43.41 8.75 46.74
CA ASP E 127 44.20 7.64 46.18
C ASP E 127 45.11 6.95 47.20
N ILE E 128 45.86 7.75 47.93
CA ILE E 128 46.78 7.20 48.94
C ILE E 128 45.92 6.48 49.98
N LEU E 129 44.86 7.16 50.37
CA LEU E 129 43.89 6.66 51.37
C LEU E 129 43.14 5.47 50.79
N THR E 130 42.83 5.41 49.50
CA THR E 130 42.15 4.19 49.00
C THR E 130 43.11 2.99 48.97
N TYR E 131 44.39 3.22 48.79
CA TYR E 131 45.41 2.15 48.81
C TYR E 131 45.51 1.63 50.25
N ALA E 132 45.79 2.53 51.17
CA ALA E 132 45.89 2.36 52.61
C ALA E 132 44.75 1.58 53.27
N THR E 133 43.53 1.72 52.78
CA THR E 133 42.32 1.07 53.25
C THR E 133 42.37 -0.38 52.71
N TRP E 134 42.76 -0.41 51.44
CA TRP E 134 42.89 -1.70 50.72
C TRP E 134 43.80 -2.58 51.59
N LYS E 135 44.97 -2.06 51.88
CA LYS E 135 46.06 -2.58 52.66
C LYS E 135 45.70 -2.91 54.10
N PHE E 136 45.29 -1.89 54.85
CA PHE E 136 44.90 -2.01 56.27
C PHE E 136 43.77 -3.03 56.53
N SER E 137 42.81 -3.22 55.65
CA SER E 137 41.63 -4.10 55.67
C SER E 137 41.84 -5.55 55.22
N GLY E 138 42.78 -5.79 54.34
CA GLY E 138 43.18 -7.04 53.74
C GLY E 138 42.15 -7.59 52.77
N LEU E 139 41.29 -6.72 52.24
CA LEU E 139 40.28 -7.19 51.27
C LEU E 139 40.92 -7.14 49.88
N PRO E 140 40.22 -7.75 48.94
CA PRO E 140 40.64 -7.72 47.54
C PRO E 140 40.51 -6.25 47.15
N HIS E 141 41.38 -5.83 46.27
CA HIS E 141 41.33 -4.44 45.82
C HIS E 141 40.06 -4.08 45.06
N GLU E 142 39.24 -5.04 44.65
CA GLU E 142 38.03 -4.73 43.88
C GLU E 142 36.87 -4.31 44.80
N ARG E 143 37.20 -4.46 46.09
CA ARG E 143 36.10 -4.11 47.03
C ARG E 143 36.46 -2.83 47.76
N VAL E 144 37.67 -2.36 47.54
CA VAL E 144 38.11 -1.08 48.10
C VAL E 144 38.20 -0.09 46.91
N ILE E 145 37.21 0.78 46.87
CA ILE E 145 36.94 1.82 45.90
C ILE E 145 37.18 3.21 46.48
N GLY E 146 37.67 4.10 45.66
CA GLY E 146 37.89 5.53 46.02
C GLY E 146 36.97 6.40 45.14
N SER E 147 36.70 7.64 45.55
CA SER E 147 35.83 8.53 44.72
C SER E 147 36.61 8.96 43.46
N GLY E 148 37.93 8.98 43.48
CA GLY E 148 38.81 9.30 42.37
C GLY E 148 38.55 10.52 41.54
N THR E 149 38.54 10.43 40.22
CA THR E 149 38.30 11.60 39.37
C THR E 149 36.82 11.77 39.07
N ILE E 150 35.97 11.12 39.84
CA ILE E 150 34.51 11.10 39.69
C ILE E 150 33.96 12.54 39.65
N LEU E 151 34.36 13.24 40.70
CA LEU E 151 34.02 14.64 40.94
C LEU E 151 34.53 15.47 39.76
N ASP E 152 35.84 15.42 39.62
CA ASP E 152 36.59 16.12 38.57
C ASP E 152 35.95 15.92 37.19
N THR E 153 35.62 14.67 36.91
CA THR E 153 35.01 14.35 35.62
C THR E 153 33.67 15.10 35.49
N ALA E 154 32.96 15.12 36.58
CA ALA E 154 31.66 15.75 36.73
C ALA E 154 31.82 17.24 36.48
N ARG E 155 33.01 17.75 36.71
CA ARG E 155 33.37 19.16 36.56
C ARG E 155 33.65 19.65 35.14
N PHE E 156 34.30 18.80 34.37
CA PHE E 156 34.70 18.94 32.96
C PHE E 156 33.44 19.04 32.09
N ARG E 157 32.58 18.09 32.34
CA ARG E 157 31.26 17.78 31.83
C ARG E 157 30.34 18.98 31.97
N PHE E 158 30.39 19.47 33.20
CA PHE E 158 29.60 20.66 33.55
C PHE E 158 30.19 21.82 32.73
N LEU E 159 31.43 22.17 33.02
CA LEU E 159 32.10 23.27 32.31
C LEU E 159 31.86 23.23 30.79
N LEU E 160 32.11 22.13 30.11
CA LEU E 160 31.93 22.01 28.65
C LEU E 160 30.46 22.04 28.18
N GLY E 161 29.58 21.54 29.04
CA GLY E 161 28.13 21.45 28.78
C GLY E 161 27.79 22.92 28.40
N GLU E 162 28.10 23.72 29.41
CA GLU E 162 27.93 25.17 29.33
C GLU E 162 28.69 25.80 28.17
N TYR E 163 29.94 25.38 28.00
CA TYR E 163 30.70 26.02 26.89
C TYR E 163 29.97 25.83 25.56
N PHE E 164 29.65 24.61 25.22
CA PHE E 164 28.96 24.21 23.99
C PHE E 164 27.45 24.30 24.06
N SER E 165 26.99 24.58 25.26
CA SER E 165 25.54 24.70 25.45
C SER E 165 24.77 23.40 25.27
N VAL E 166 25.22 22.32 25.90
CA VAL E 166 24.54 21.02 25.80
C VAL E 166 24.58 20.32 27.16
N ALA E 167 23.51 19.57 27.39
CA ALA E 167 23.39 18.78 28.63
C ALA E 167 24.80 18.26 28.91
N PRO E 168 25.22 18.49 30.15
CA PRO E 168 26.58 18.05 30.57
C PRO E 168 26.48 16.52 30.46
N GLN E 169 25.26 16.06 30.63
CA GLN E 169 24.95 14.63 30.48
C GLN E 169 25.23 14.30 28.99
N ASN E 170 25.24 15.25 28.07
CA ASN E 170 25.53 14.84 26.65
C ASN E 170 27.02 15.04 26.39
N VAL E 171 27.82 15.42 27.38
CA VAL E 171 29.26 15.61 27.26
C VAL E 171 30.06 14.39 27.74
N HIS E 172 30.76 13.71 26.86
CA HIS E 172 31.59 12.54 27.17
C HIS E 172 33.08 12.81 27.22
N ALA E 173 33.55 13.24 28.37
CA ALA E 173 35.00 13.52 28.52
C ALA E 173 35.34 13.07 29.94
N TYR E 174 36.59 12.76 30.17
CA TYR E 174 37.05 12.30 31.48
C TYR E 174 38.27 13.05 32.03
N ILE E 175 38.41 12.90 33.35
CA ILE E 175 39.59 13.38 34.08
C ILE E 175 40.13 12.04 34.64
N ILE E 176 41.43 11.86 34.53
CA ILE E 176 42.00 10.60 35.03
C ILE E 176 43.27 11.01 35.78
N GLY E 177 43.83 10.05 36.49
CA GLY E 177 45.09 10.25 37.25
C GLY E 177 44.75 10.61 38.70
N GLU E 178 45.64 11.37 39.34
CA GLU E 178 45.44 11.84 40.72
C GLU E 178 44.25 12.75 40.97
N HIS E 179 43.46 12.49 42.02
CA HIS E 179 42.34 13.36 42.41
C HIS E 179 43.13 14.55 43.03
N GLY E 180 43.53 15.42 42.12
CA GLY E 180 44.34 16.61 42.40
C GLY E 180 45.21 17.05 41.22
N ASP E 181 46.23 17.82 41.55
CA ASP E 181 47.26 18.51 40.78
C ASP E 181 47.81 17.81 39.54
N THR E 182 48.07 16.52 39.63
CA THR E 182 48.65 15.81 38.46
C THR E 182 47.55 15.32 37.53
N GLU E 183 46.30 15.63 37.84
CA GLU E 183 45.19 15.15 36.96
C GLU E 183 45.36 15.64 35.52
N LEU E 184 44.75 14.91 34.60
CA LEU E 184 44.86 15.31 33.18
C LEU E 184 43.52 15.11 32.49
N PRO E 185 43.35 15.91 31.47
CA PRO E 185 42.14 15.87 30.63
C PRO E 185 42.45 14.87 29.52
N VAL E 186 41.48 14.07 29.11
CA VAL E 186 41.70 13.11 28.01
C VAL E 186 40.90 13.70 26.84
N TRP E 187 41.52 14.62 26.14
CA TRP E 187 41.01 15.34 24.99
C TRP E 187 40.89 14.46 23.74
N SER E 188 41.78 13.47 23.73
CA SER E 188 41.82 12.49 22.62
C SER E 188 40.49 11.72 22.56
N GLN E 189 39.92 11.42 23.71
CA GLN E 189 38.67 10.68 23.89
C GLN E 189 37.46 11.53 24.26
N ALA E 190 37.53 12.83 24.10
CA ALA E 190 36.43 13.74 24.47
C ALA E 190 35.54 14.05 23.27
N TYR E 191 34.26 13.77 23.43
CA TYR E 191 33.13 13.90 22.51
C TYR E 191 32.00 14.76 23.06
N ILE E 192 30.99 15.07 22.28
CA ILE E 192 29.79 15.87 22.50
C ILE E 192 28.80 15.23 21.54
N GLY E 193 27.82 14.57 22.11
CA GLY E 193 26.87 13.82 21.21
C GLY E 193 27.91 12.74 20.79
N VAL E 194 28.14 12.49 19.52
CA VAL E 194 29.15 11.47 19.16
C VAL E 194 30.37 12.18 18.54
N MET E 195 30.22 13.47 18.36
CA MET E 195 31.15 14.40 17.73
C MET E 195 32.36 14.81 18.58
N PRO E 196 33.52 14.49 18.04
CA PRO E 196 34.78 14.83 18.73
C PRO E 196 34.83 16.30 19.06
N ILE E 197 35.44 16.60 20.21
CA ILE E 197 35.57 17.98 20.64
C ILE E 197 36.56 18.73 19.76
N ARG E 198 37.71 18.08 19.70
CA ARG E 198 38.91 18.54 18.96
C ARG E 198 38.52 18.38 17.48
N LYS E 199 37.57 19.24 17.11
CA LYS E 199 37.05 19.18 15.74
C LYS E 199 35.76 19.95 15.57
N LEU E 200 35.12 20.26 16.68
CA LEU E 200 33.86 21.05 16.59
C LEU E 200 34.44 22.47 16.79
N VAL E 201 35.62 22.41 17.42
CA VAL E 201 36.37 23.62 17.74
C VAL E 201 37.60 23.71 16.86
N GLU E 202 37.74 22.75 15.95
CA GLU E 202 38.93 22.79 15.06
C GLU E 202 38.79 23.97 14.07
N SER E 203 37.54 24.18 13.67
CA SER E 203 37.06 25.21 12.76
C SER E 203 37.05 26.64 13.31
N LYS E 204 37.51 26.84 14.53
CA LYS E 204 37.62 28.09 15.27
C LYS E 204 38.88 28.10 16.15
N GLY E 205 39.85 27.38 15.64
CA GLY E 205 41.17 27.15 16.25
C GLY E 205 41.68 28.32 17.06
N GLU E 206 42.76 27.98 17.75
CA GLU E 206 43.58 28.87 18.58
C GLU E 206 42.88 29.97 19.35
N GLU E 207 41.64 29.66 19.61
CA GLU E 207 40.63 30.45 20.32
C GLU E 207 39.77 29.39 21.01
N ALA E 208 39.41 28.42 20.17
CA ALA E 208 38.63 27.30 20.74
C ALA E 208 39.74 26.68 21.63
N GLN E 209 40.88 26.71 20.97
CA GLN E 209 42.12 26.17 21.55
C GLN E 209 42.42 26.64 22.95
N LYS E 210 42.21 27.93 23.12
CA LYS E 210 42.52 28.54 24.45
C LYS E 210 41.35 28.46 25.41
N ASP E 211 40.14 28.37 24.87
CA ASP E 211 38.95 28.21 25.71
C ASP E 211 38.98 26.87 26.45
N LEU E 212 39.35 25.83 25.74
CA LEU E 212 39.37 24.46 26.26
C LEU E 212 40.49 24.30 27.28
N GLU E 213 41.57 24.98 27.01
CA GLU E 213 42.74 24.94 27.93
C GLU E 213 42.34 25.53 29.28
N ARG E 214 41.55 26.59 29.15
CA ARG E 214 41.06 27.27 30.33
C ARG E 214 40.00 26.37 30.97
N ILE E 215 39.06 25.82 30.18
CA ILE E 215 38.05 24.99 30.87
C ILE E 215 38.82 24.01 31.76
N PHE E 216 39.94 23.55 31.21
CA PHE E 216 40.74 22.61 32.05
C PHE E 216 41.27 23.21 33.36
N VAL E 217 41.91 24.36 33.37
CA VAL E 217 42.45 24.96 34.61
C VAL E 217 41.37 25.08 35.70
N ASN E 218 40.17 25.32 35.20
CA ASN E 218 38.97 25.48 36.04
C ASN E 218 38.63 24.18 36.75
N VAL E 219 38.87 23.06 36.09
CA VAL E 219 38.59 21.75 36.70
C VAL E 219 39.62 21.50 37.80
N ARG E 220 40.88 21.61 37.41
CA ARG E 220 41.98 21.38 38.34
C ARG E 220 42.01 22.23 39.61
N ASP E 221 41.67 23.50 39.50
CA ASP E 221 41.76 24.44 40.64
C ASP E 221 40.45 24.67 41.35
N ALA E 222 39.40 24.03 40.88
CA ALA E 222 38.08 24.20 41.51
C ALA E 222 38.05 24.03 43.02
N ALA E 223 38.71 23.07 43.63
CA ALA E 223 38.64 22.86 45.09
C ALA E 223 39.11 24.08 45.88
N TYR E 224 40.10 24.74 45.30
CA TYR E 224 40.81 25.93 45.74
C TYR E 224 40.00 27.21 45.51
N GLN E 225 39.22 27.28 44.45
CA GLN E 225 38.36 28.45 44.16
C GLN E 225 37.21 28.44 45.18
N ILE E 226 36.69 27.27 45.45
CA ILE E 226 35.59 26.91 46.35
C ILE E 226 35.97 26.98 47.83
N ILE E 227 37.13 26.49 48.23
CA ILE E 227 37.64 26.53 49.61
C ILE E 227 37.84 28.00 50.05
N GLU E 228 38.12 28.88 49.09
CA GLU E 228 38.32 30.33 49.33
C GLU E 228 37.01 31.10 49.28
N LYS E 229 35.96 30.57 48.67
CA LYS E 229 34.68 31.27 48.70
C LYS E 229 33.91 30.84 49.96
N LYS E 230 33.80 29.54 50.16
CA LYS E 230 33.04 29.01 51.31
C LYS E 230 33.77 28.11 52.30
N GLY E 231 35.08 27.90 52.17
CA GLY E 231 35.92 27.07 53.04
C GLY E 231 36.14 25.61 52.71
N ALA E 232 35.12 24.98 52.13
CA ALA E 232 35.18 23.56 51.76
C ALA E 232 34.19 23.21 50.63
N THR E 233 34.48 22.07 50.00
CA THR E 233 33.63 21.53 48.89
C THR E 233 32.97 20.29 49.49
N TYR E 234 31.69 20.06 49.19
CA TYR E 234 31.02 18.89 49.78
C TYR E 234 29.69 18.55 49.11
N TYR E 235 29.22 19.47 48.29
CA TYR E 235 27.97 19.32 47.54
C TYR E 235 28.28 18.53 46.26
N GLY E 236 29.46 18.80 45.71
CA GLY E 236 30.00 18.16 44.51
C GLY E 236 30.18 16.65 44.65
N ILE E 237 31.06 16.28 45.55
CA ILE E 237 31.46 14.94 45.92
C ILE E 237 30.32 14.11 46.53
N ALA E 238 29.39 14.68 47.26
CA ALA E 238 28.25 13.96 47.86
C ALA E 238 27.24 13.46 46.83
N MET E 239 27.28 14.07 45.66
CA MET E 239 26.42 13.71 44.51
C MET E 239 27.17 12.65 43.67
N GLY E 240 28.49 12.78 43.70
CA GLY E 240 29.43 11.87 43.03
C GLY E 240 29.40 10.54 43.81
N LEU E 241 29.36 10.76 45.13
CA LEU E 241 29.33 9.66 46.12
C LEU E 241 27.96 8.99 45.98
N ALA E 242 26.82 9.64 45.81
CA ALA E 242 25.53 8.91 45.67
C ALA E 242 25.44 8.28 44.29
N ARG E 243 26.25 8.74 43.36
CA ARG E 243 26.27 8.11 42.02
C ARG E 243 26.88 6.71 42.21
N VAL E 244 28.17 6.68 42.50
CA VAL E 244 28.94 5.45 42.73
C VAL E 244 28.05 4.48 43.52
N THR E 245 27.54 4.91 44.66
CA THR E 245 26.67 4.21 45.57
C THR E 245 25.43 3.57 44.91
N ARG E 246 24.94 4.18 43.85
CA ARG E 246 23.75 3.54 43.22
C ARG E 246 24.20 2.51 42.17
N ALA E 247 25.38 2.75 41.62
CA ALA E 247 25.94 1.76 40.65
C ALA E 247 26.14 0.47 41.45
N ILE E 248 26.62 0.58 42.68
CA ILE E 248 26.86 -0.56 43.58
C ILE E 248 25.52 -1.18 43.93
N LEU E 249 24.75 -0.55 44.78
CA LEU E 249 23.45 -1.16 45.18
C LEU E 249 22.62 -1.68 44.03
N HIS E 250 22.76 -1.23 42.79
CA HIS E 250 21.88 -1.73 41.70
C HIS E 250 22.51 -2.59 40.63
N ASN E 251 23.60 -3.24 40.99
CA ASN E 251 24.36 -4.13 40.08
C ASN E 251 24.22 -3.57 38.67
N GLU E 252 24.54 -2.28 38.58
CA GLU E 252 24.49 -1.49 37.36
C GLU E 252 25.46 -1.69 36.21
N ASN E 253 26.75 -1.80 36.48
CA ASN E 253 27.81 -1.98 35.48
C ASN E 253 28.02 -0.67 34.69
N ALA E 254 28.06 0.42 35.44
CA ALA E 254 28.26 1.73 34.82
C ALA E 254 29.78 1.98 34.84
N ILE E 255 30.16 2.75 33.82
CA ILE E 255 31.55 3.14 33.65
C ILE E 255 31.76 4.51 34.30
N LEU E 256 32.47 4.55 35.40
CA LEU E 256 32.77 5.76 36.17
C LEU E 256 34.28 5.87 36.37
N THR E 257 34.83 7.07 36.39
CA THR E 257 36.28 7.20 36.61
C THR E 257 36.45 7.33 38.14
N VAL E 258 36.82 6.22 38.76
CA VAL E 258 37.05 6.09 40.20
C VAL E 258 38.48 5.61 40.49
N SER E 259 38.83 5.70 41.77
CA SER E 259 40.18 5.26 42.22
C SER E 259 40.23 3.73 42.15
N ALA E 260 41.09 3.17 41.31
CA ALA E 260 41.21 1.72 41.11
C ALA E 260 42.65 1.24 41.14
N TYR E 261 42.79 -0.06 41.34
CA TYR E 261 44.14 -0.66 41.47
C TYR E 261 44.69 -1.09 40.13
N LEU E 262 45.89 -0.55 39.92
CA LEU E 262 46.69 -0.74 38.70
C LEU E 262 47.76 -1.81 38.92
N ASP E 263 47.64 -2.85 38.13
CA ASP E 263 48.63 -3.95 38.23
C ASP E 263 49.08 -4.21 36.79
N GLY E 264 49.53 -3.17 36.10
CA GLY E 264 50.01 -3.23 34.73
C GLY E 264 49.04 -2.76 33.65
N LEU E 265 47.81 -2.37 34.02
CA LEU E 265 46.89 -1.98 32.96
C LEU E 265 47.20 -0.67 32.24
N TYR E 266 47.66 0.37 32.87
CA TYR E 266 47.90 1.59 32.01
C TYR E 266 49.42 1.77 32.02
N GLY E 267 50.04 0.61 32.01
CA GLY E 267 51.50 0.48 32.02
C GLY E 267 52.07 0.95 33.35
N GLU E 268 51.38 0.67 34.43
CA GLU E 268 51.75 1.03 35.81
C GLU E 268 51.20 -0.04 36.75
N ARG E 269 51.84 -0.32 37.87
CA ARG E 269 51.29 -1.33 38.78
C ARG E 269 51.52 -0.92 40.23
N ASP E 270 50.81 -1.61 41.08
CA ASP E 270 50.78 -1.43 42.54
C ASP E 270 50.47 0.05 42.83
N VAL E 271 49.28 0.42 42.35
CA VAL E 271 48.83 1.82 42.53
C VAL E 271 47.33 1.94 42.27
N TYR E 272 46.76 2.78 43.11
CA TYR E 272 45.30 3.09 42.98
C TYR E 272 45.26 4.46 42.28
N ILE E 273 44.51 4.69 41.24
CA ILE E 273 44.50 5.99 40.53
C ILE E 273 43.19 6.14 39.77
N GLY E 274 42.77 7.39 39.61
CA GLY E 274 41.51 7.67 38.91
C GLY E 274 41.63 7.16 37.49
N VAL E 275 40.71 6.31 37.07
CA VAL E 275 40.75 5.72 35.70
C VAL E 275 39.38 5.12 35.41
N PRO E 276 38.95 4.97 34.17
CA PRO E 276 37.62 4.41 33.86
C PRO E 276 37.52 2.97 34.36
N ALA E 277 36.36 2.55 34.84
CA ALA E 277 36.18 1.18 35.39
C ALA E 277 34.74 0.69 35.50
N VAL E 278 34.48 -0.56 35.09
CA VAL E 278 33.09 -1.07 35.20
C VAL E 278 32.74 -1.36 36.67
N ILE E 279 31.86 -0.60 37.25
CA ILE E 279 31.39 -0.73 38.63
C ILE E 279 29.99 -1.36 38.70
N ASN E 280 29.88 -2.31 39.60
CA ASN E 280 28.61 -3.06 39.78
C ASN E 280 28.51 -3.57 41.21
N ARG E 281 27.57 -4.46 41.45
CA ARG E 281 27.28 -5.03 42.77
C ARG E 281 28.41 -5.72 43.52
N ASN E 282 29.56 -5.95 42.93
CA ASN E 282 30.71 -6.61 43.56
C ASN E 282 31.92 -5.68 43.58
N GLY E 283 31.65 -4.39 43.65
CA GLY E 283 32.81 -3.45 43.64
C GLY E 283 33.15 -3.44 42.13
N ILE E 284 34.43 -3.30 41.87
CA ILE E 284 34.96 -3.20 40.53
C ILE E 284 35.10 -4.44 39.67
N ARG E 285 34.22 -4.50 38.67
CA ARG E 285 34.21 -5.63 37.72
C ARG E 285 35.53 -5.60 36.93
N GLU E 286 35.91 -4.46 36.37
CA GLU E 286 37.12 -4.23 35.60
C GLU E 286 37.47 -2.74 35.39
N VAL E 287 38.77 -2.51 35.14
CA VAL E 287 39.29 -1.18 34.80
C VAL E 287 39.34 -1.13 33.26
N ILE E 288 39.21 0.08 32.74
CA ILE E 288 39.25 0.16 31.25
C ILE E 288 40.55 0.83 30.85
N GLU E 289 41.18 0.20 29.87
CA GLU E 289 42.48 0.76 29.41
C GLU E 289 42.11 1.65 28.24
N ILE E 290 41.96 2.94 28.52
CA ILE E 290 41.58 3.81 27.36
C ILE E 290 42.85 4.14 26.59
N GLU E 291 42.55 4.32 25.28
CA GLU E 291 43.66 4.63 24.36
C GLU E 291 44.02 6.11 24.46
N LEU E 292 45.21 6.33 25.03
CA LEU E 292 45.76 7.67 25.22
C LEU E 292 46.77 8.04 24.13
N ASN E 293 46.91 9.36 24.01
CA ASN E 293 47.92 9.88 23.04
C ASN E 293 49.18 9.99 23.95
N ASP E 294 50.31 9.99 23.28
CA ASP E 294 51.62 9.99 23.94
C ASP E 294 51.69 11.01 25.07
N ASP E 295 51.19 12.20 24.78
CA ASP E 295 51.21 13.28 25.80
C ASP E 295 50.37 12.89 27.01
N GLU E 296 49.24 12.30 26.71
CA GLU E 296 48.33 11.81 27.76
C GLU E 296 49.04 10.67 28.47
N LYS E 297 49.61 9.75 27.67
CA LYS E 297 50.31 8.59 28.27
C LYS E 297 51.33 9.17 29.26
N ASN E 298 51.95 10.24 28.79
CA ASN E 298 52.97 10.96 29.53
C ASN E 298 52.66 11.44 30.93
N ARG E 299 51.64 12.25 31.05
CA ARG E 299 51.28 12.81 32.37
C ARG E 299 50.64 11.71 33.20
N PHE E 300 49.96 10.81 32.48
CA PHE E 300 49.33 9.72 33.27
C PHE E 300 50.44 9.13 34.17
N HIS E 301 51.45 8.70 33.42
CA HIS E 301 52.67 8.09 33.98
C HIS E 301 53.20 9.00 35.08
N HIS E 302 53.20 10.26 34.72
CA HIS E 302 53.66 11.32 35.63
C HIS E 302 52.84 11.32 36.91
N SER E 303 51.53 11.42 36.65
CA SER E 303 50.50 11.42 37.67
C SER E 303 50.75 10.22 38.59
N ALA E 304 50.72 9.10 37.90
CA ALA E 304 50.92 7.79 38.56
C ALA E 304 52.18 7.86 39.42
N ALA E 305 53.23 8.21 38.70
CA ALA E 305 54.60 8.33 39.24
C ALA E 305 54.61 9.13 40.54
N THR E 306 53.84 10.21 40.60
CA THR E 306 53.77 11.04 41.81
C THR E 306 53.16 10.34 43.01
N LEU E 307 52.16 9.53 42.69
CA LEU E 307 51.44 8.83 43.76
C LEU E 307 52.35 7.83 44.45
N LYS E 308 52.91 7.00 43.59
CA LYS E 308 53.80 5.91 44.00
C LYS E 308 54.75 6.38 45.10
N SER E 309 55.46 7.46 44.84
CA SER E 309 56.39 7.94 45.90
C SER E 309 55.69 8.30 47.18
N VAL E 310 54.49 8.88 47.23
CA VAL E 310 53.87 9.18 48.55
C VAL E 310 53.69 7.86 49.31
N LEU E 311 53.23 6.90 48.51
CA LEU E 311 52.95 5.53 48.94
C LEU E 311 54.19 4.93 49.61
N ALA E 312 55.28 4.96 48.86
CA ALA E 312 56.60 4.46 49.26
C ALA E 312 57.22 5.16 50.48
N ARG E 313 56.85 6.39 50.75
CA ARG E 313 57.46 7.04 51.91
C ARG E 313 56.47 7.03 53.10
N ALA E 314 55.20 7.13 52.77
CA ALA E 314 54.13 7.26 53.77
C ALA E 314 53.45 5.98 54.16
N PHE E 315 54.20 4.89 54.48
CA PHE E 315 53.27 3.77 54.83
C PHE E 315 53.14 3.37 56.29
N THR E 316 52.13 4.05 56.82
CA THR E 316 51.46 4.16 58.10
C THR E 316 52.44 4.59 59.21
N MET F 1 21.05 -6.24 42.79
CA MET F 1 21.80 -6.94 41.72
C MET F 1 20.85 -7.22 40.54
N LYS F 2 21.32 -6.81 39.36
CA LYS F 2 20.52 -6.99 38.11
C LYS F 2 20.81 -8.40 37.58
N ASN F 3 21.96 -8.80 38.14
CA ASN F 3 22.49 -10.12 37.84
C ASN F 3 22.45 -10.98 39.12
N ASN F 4 21.22 -11.39 39.41
CA ASN F 4 20.84 -12.29 40.50
C ASN F 4 21.22 -11.94 41.95
N GLY F 5 20.97 -10.72 42.41
CA GLY F 5 21.35 -10.52 43.85
C GLY F 5 20.52 -9.35 44.40
N GLY F 6 19.41 -9.12 43.68
CA GLY F 6 18.53 -8.00 44.05
C GLY F 6 17.14 -8.42 44.46
N ALA F 7 16.20 -7.57 44.06
CA ALA F 7 14.78 -7.87 44.37
C ALA F 7 14.28 -8.51 43.07
N ARG F 8 13.82 -9.74 43.27
CA ARG F 8 13.32 -10.45 42.09
C ARG F 8 11.81 -10.52 42.28
N VAL F 9 11.12 -10.01 41.29
CA VAL F 9 9.66 -10.02 41.23
C VAL F 9 9.32 -10.94 40.04
N VAL F 10 8.45 -11.91 40.22
CA VAL F 10 8.06 -12.81 39.11
C VAL F 10 6.56 -12.46 38.92
N VAL F 11 6.21 -12.25 37.68
CA VAL F 11 4.86 -11.92 37.21
C VAL F 11 4.43 -13.09 36.31
N ILE F 12 3.36 -13.74 36.68
CA ILE F 12 2.77 -14.88 35.97
C ILE F 12 1.47 -14.40 35.34
N GLY F 13 1.47 -14.10 34.07
CA GLY F 13 0.25 -13.59 33.39
C GLY F 13 0.60 -12.14 33.00
N ALA F 14 1.25 -12.16 31.87
CA ALA F 14 1.76 -11.03 31.13
C ALA F 14 0.58 -10.53 30.29
N GLY F 15 -0.63 -10.58 30.82
CA GLY F 15 -1.83 -10.09 30.06
C GLY F 15 -1.90 -8.58 30.35
N PHE F 16 -3.06 -7.96 30.34
CA PHE F 16 -3.24 -6.53 30.64
C PHE F 16 -2.75 -6.11 32.03
N VAL F 17 -3.20 -6.76 33.08
CA VAL F 17 -2.84 -6.47 34.47
C VAL F 17 -1.33 -6.66 34.63
N GLY F 18 -0.86 -7.83 34.29
CA GLY F 18 0.54 -8.24 34.39
C GLY F 18 1.54 -7.31 33.75
N ALA F 19 1.32 -6.95 32.49
CA ALA F 19 2.20 -6.05 31.73
C ALA F 19 2.16 -4.60 32.19
N SER F 20 0.97 -4.09 32.49
CA SER F 20 0.81 -2.69 32.97
C SER F 20 1.60 -2.64 34.27
N TYR F 21 1.56 -3.76 34.99
CA TYR F 21 2.25 -3.94 36.28
C TYR F 21 3.73 -3.74 36.05
N VAL F 22 4.31 -4.50 35.14
CA VAL F 22 5.77 -4.35 34.91
C VAL F 22 6.18 -2.95 34.52
N PHE F 23 5.37 -2.34 33.69
CA PHE F 23 5.62 -0.99 33.17
C PHE F 23 5.64 0.02 34.31
N ALA F 24 4.89 -0.19 35.39
CA ALA F 24 4.95 0.80 36.49
C ALA F 24 6.28 0.57 37.21
N LEU F 25 6.53 -0.67 37.61
CA LEU F 25 7.77 -0.96 38.34
C LEU F 25 8.98 -0.33 37.65
N MET F 26 9.05 -0.54 36.34
CA MET F 26 10.22 -0.03 35.58
C MET F 26 10.29 1.49 35.67
N ASN F 27 9.17 2.13 35.37
CA ASN F 27 8.98 3.57 35.36
C ASN F 27 9.16 4.18 36.75
N GLN F 28 8.78 3.47 37.79
CA GLN F 28 8.94 4.08 39.14
C GLN F 28 10.31 3.70 39.70
N GLY F 29 10.91 2.74 39.03
CA GLY F 29 12.20 2.18 39.44
C GLY F 29 11.98 1.25 40.64
N ILE F 30 10.98 0.41 40.78
CA ILE F 30 10.91 -0.44 41.99
C ILE F 30 11.81 -1.67 42.11
N ALA F 31 11.86 -2.66 41.24
CA ALA F 31 12.75 -3.84 41.50
C ALA F 31 14.07 -3.80 40.76
N ASP F 32 14.91 -4.81 40.98
CA ASP F 32 16.23 -5.03 40.38
C ASP F 32 16.28 -6.08 39.26
N GLU F 33 15.32 -6.97 39.25
CA GLU F 33 15.19 -8.03 38.26
C GLU F 33 13.70 -8.34 38.19
N ILE F 34 13.12 -8.34 37.01
CA ILE F 34 11.69 -8.59 36.76
C ILE F 34 11.60 -9.78 35.79
N VAL F 35 10.88 -10.82 36.18
CA VAL F 35 10.71 -12.02 35.35
C VAL F 35 9.25 -12.13 34.91
N LEU F 36 9.03 -12.45 33.64
CA LEU F 36 7.69 -12.64 33.07
C LEU F 36 7.52 -14.10 32.61
N ILE F 37 6.48 -14.74 33.08
CA ILE F 37 6.14 -16.11 32.72
C ILE F 37 4.67 -16.05 32.29
N ASP F 38 4.44 -16.25 31.02
CA ASP F 38 3.01 -16.26 30.62
C ASP F 38 2.85 -17.68 30.05
N ALA F 39 1.59 -18.08 29.96
CA ALA F 39 1.28 -19.40 29.39
C ALA F 39 1.66 -19.31 27.91
N ASN F 40 1.64 -18.06 27.45
CA ASN F 40 1.94 -17.66 26.06
C ASN F 40 3.37 -17.10 26.02
N GLU F 41 4.35 -17.96 25.87
CA GLU F 41 5.75 -17.50 25.83
C GLU F 41 6.03 -16.44 24.76
N SER F 42 5.25 -16.32 23.70
CA SER F 42 5.51 -15.31 22.64
C SER F 42 5.12 -13.94 23.22
N LYS F 43 3.89 -13.90 23.72
CA LYS F 43 3.44 -12.63 24.38
C LYS F 43 4.62 -12.25 25.30
N ALA F 44 4.91 -13.13 26.25
CA ALA F 44 5.99 -13.03 27.23
C ALA F 44 7.27 -12.54 26.57
N ILE F 45 7.60 -13.12 25.43
CA ILE F 45 8.80 -12.74 24.67
C ILE F 45 8.71 -11.34 24.08
N GLY F 46 7.56 -10.95 23.58
CA GLY F 46 7.29 -9.66 22.93
C GLY F 46 7.33 -8.53 23.95
N ASP F 47 6.70 -8.78 25.09
CA ASP F 47 6.65 -7.74 26.14
C ASP F 47 8.02 -7.37 26.70
N ALA F 48 8.80 -8.37 27.05
CA ALA F 48 10.13 -8.28 27.63
C ALA F 48 11.12 -7.70 26.61
N MET F 49 10.72 -7.84 25.34
CA MET F 49 11.60 -7.27 24.28
C MET F 49 11.32 -5.76 24.22
N ASP F 50 10.05 -5.41 24.17
CA ASP F 50 9.47 -4.05 24.12
C ASP F 50 9.95 -3.16 25.27
N PHE F 51 9.96 -3.78 26.44
CA PHE F 51 10.38 -3.30 27.74
C PHE F 51 11.88 -2.91 27.70
N ASN F 52 12.74 -3.88 27.49
CA ASN F 52 14.19 -3.71 27.41
C ASN F 52 14.64 -2.64 26.41
N HIS F 53 13.85 -2.55 25.36
CA HIS F 53 14.11 -1.58 24.28
C HIS F 53 13.94 -0.18 24.87
N GLY F 54 12.99 0.03 25.75
CA GLY F 54 12.77 1.37 26.32
C GLY F 54 13.60 1.71 27.55
N LYS F 55 14.22 0.70 28.13
CA LYS F 55 15.02 0.88 29.34
C LYS F 55 16.28 1.74 29.26
N VAL F 56 16.78 2.29 28.15
CA VAL F 56 17.99 3.11 28.37
C VAL F 56 17.34 4.40 28.95
N PHE F 57 16.03 4.52 28.78
CA PHE F 57 15.33 5.74 29.25
C PHE F 57 14.66 5.62 30.61
N ALA F 58 14.78 4.54 31.35
CA ALA F 58 14.14 4.39 32.66
C ALA F 58 15.05 4.95 33.77
N PRO F 59 14.40 5.43 34.83
CA PRO F 59 15.00 5.99 36.04
C PRO F 59 16.11 5.23 36.76
N LYS F 60 15.78 3.94 36.89
CA LYS F 60 16.56 2.88 37.50
C LYS F 60 16.83 1.68 36.57
N PRO F 61 18.07 1.22 36.53
CA PRO F 61 18.44 0.05 35.71
C PRO F 61 17.68 -1.13 36.30
N VAL F 62 17.03 -1.92 35.46
CA VAL F 62 16.23 -3.08 35.96
C VAL F 62 16.51 -4.29 35.07
N ASP F 63 16.32 -5.52 35.54
CA ASP F 63 16.58 -6.66 34.62
C ASP F 63 15.26 -7.34 34.25
N ILE F 64 14.84 -7.08 33.01
CA ILE F 64 13.54 -7.65 32.57
C ILE F 64 13.85 -8.84 31.68
N TRP F 65 13.07 -9.90 31.83
CA TRP F 65 13.25 -11.14 31.02
C TRP F 65 12.05 -12.08 31.21
N HIS F 66 12.01 -13.00 30.26
CA HIS F 66 11.03 -14.09 30.12
C HIS F 66 11.68 -15.34 30.74
N GLY F 67 11.13 -15.88 31.81
CA GLY F 67 11.80 -17.07 32.42
C GLY F 67 10.75 -18.18 32.49
N ASP F 68 10.99 -18.95 33.53
CA ASP F 68 10.15 -20.09 33.90
C ASP F 68 10.31 -20.31 35.42
N TYR F 69 9.50 -21.23 35.90
CA TYR F 69 9.46 -21.55 37.33
C TYR F 69 10.85 -21.68 37.95
N ASP F 70 11.93 -22.09 37.30
CA ASP F 70 13.18 -22.19 38.10
C ASP F 70 13.64 -20.81 38.54
N ASP F 71 13.09 -19.80 37.87
CA ASP F 71 13.54 -18.44 38.28
C ASP F 71 12.87 -18.00 39.58
N CYS F 72 11.88 -18.72 40.06
CA CYS F 72 11.14 -18.43 41.29
C CYS F 72 11.82 -18.87 42.58
N ARG F 73 12.78 -19.78 42.43
CA ARG F 73 13.34 -20.19 43.74
C ARG F 73 13.85 -18.92 44.42
N ASP F 74 14.58 -18.18 43.60
CA ASP F 74 15.20 -16.96 44.18
C ASP F 74 14.41 -15.67 44.18
N ALA F 75 13.12 -15.82 43.99
CA ALA F 75 12.22 -14.63 43.97
C ALA F 75 11.73 -14.25 45.37
N ASP F 76 11.74 -12.94 45.59
CA ASP F 76 11.32 -12.27 46.84
C ASP F 76 9.79 -12.18 46.88
N LEU F 77 9.25 -11.99 45.67
CA LEU F 77 7.81 -11.87 45.51
C LEU F 77 7.42 -12.45 44.16
N VAL F 78 6.24 -13.05 44.15
CA VAL F 78 5.63 -13.69 42.99
C VAL F 78 4.24 -13.07 42.86
N VAL F 79 4.03 -12.38 41.74
CA VAL F 79 2.77 -11.68 41.43
C VAL F 79 1.99 -12.55 40.45
N ILE F 80 0.73 -12.87 40.69
CA ILE F 80 -0.09 -13.71 39.84
C ILE F 80 -1.26 -12.86 39.34
N CYS F 81 -1.20 -12.53 38.08
CA CYS F 81 -2.14 -11.72 37.31
C CYS F 81 -2.74 -12.53 36.17
N ALA F 82 -2.48 -13.83 36.33
CA ALA F 82 -2.89 -14.90 35.43
C ALA F 82 -4.34 -15.37 35.54
N GLY F 83 -4.99 -15.48 34.37
CA GLY F 83 -6.38 -15.99 34.54
C GLY F 83 -7.42 -15.33 33.68
N ALA F 84 -8.65 -15.80 33.90
CA ALA F 84 -9.81 -15.29 33.15
C ALA F 84 -10.32 -14.02 33.79
N ASN F 85 -10.50 -13.07 32.92
CA ASN F 85 -11.02 -11.70 33.00
C ASN F 85 -12.54 -11.72 33.05
N GLN F 86 -13.20 -10.73 33.64
CA GLN F 86 -14.66 -10.67 33.70
C GLN F 86 -15.08 -10.05 32.34
N LYS F 87 -16.05 -10.73 31.82
CA LYS F 87 -16.61 -10.28 30.53
C LYS F 87 -17.79 -9.42 31.00
N PRO F 88 -18.23 -8.58 30.09
CA PRO F 88 -19.36 -7.68 30.34
C PRO F 88 -20.54 -8.44 30.93
N GLY F 89 -21.09 -7.88 32.00
CA GLY F 89 -22.24 -8.50 32.70
C GLY F 89 -21.79 -9.62 33.64
N GLU F 90 -20.62 -10.21 33.40
CA GLU F 90 -20.12 -11.25 34.29
C GLU F 90 -19.60 -10.50 35.53
N THR F 91 -19.78 -11.14 36.66
CA THR F 91 -19.33 -10.66 37.96
C THR F 91 -17.99 -11.40 38.21
N ARG F 92 -17.31 -10.84 39.19
CA ARG F 92 -15.99 -11.35 39.59
C ARG F 92 -16.15 -12.83 39.98
N LEU F 93 -17.22 -13.13 40.69
CA LEU F 93 -17.47 -14.51 41.17
C LEU F 93 -17.68 -15.57 40.10
N ASP F 94 -18.02 -15.12 38.90
CA ASP F 94 -18.24 -16.05 37.77
C ASP F 94 -17.00 -16.89 37.54
N LEU F 95 -15.88 -16.21 37.68
CA LEU F 95 -14.53 -16.72 37.55
C LEU F 95 -14.02 -17.78 38.55
N VAL F 96 -14.65 -18.13 39.66
CA VAL F 96 -14.08 -19.09 40.60
C VAL F 96 -13.60 -20.47 40.13
N ASP F 97 -14.45 -21.29 39.55
CA ASP F 97 -14.14 -22.67 39.15
C ASP F 97 -12.99 -22.70 38.12
N LYS F 98 -13.07 -21.75 37.24
CA LYS F 98 -12.19 -21.48 36.11
C LYS F 98 -10.73 -21.26 36.47
N ASN F 99 -10.59 -20.18 37.21
CA ASN F 99 -9.38 -19.61 37.77
C ASN F 99 -8.85 -20.39 38.97
N ILE F 100 -9.74 -21.14 39.63
CA ILE F 100 -9.34 -21.94 40.79
C ILE F 100 -8.43 -23.02 40.20
N ALA F 101 -9.03 -23.56 39.14
CA ALA F 101 -8.37 -24.59 38.32
C ALA F 101 -6.92 -24.19 38.03
N ILE F 102 -6.66 -23.05 37.43
CA ILE F 102 -5.35 -22.51 37.01
C ILE F 102 -4.30 -22.35 38.09
N PHE F 103 -4.75 -21.96 39.27
CA PHE F 103 -3.80 -21.75 40.40
C PHE F 103 -3.24 -23.08 40.91
N ARG F 104 -4.10 -24.10 40.87
CA ARG F 104 -3.56 -25.39 41.38
C ARG F 104 -2.13 -25.51 40.83
N SER F 105 -2.09 -25.52 39.50
CA SER F 105 -0.81 -25.68 38.77
C SER F 105 0.25 -24.63 39.03
N ILE F 106 -0.19 -23.38 38.90
CA ILE F 106 0.77 -22.28 39.08
C ILE F 106 1.39 -22.41 40.48
N VAL F 107 0.52 -22.62 41.45
CA VAL F 107 1.00 -22.70 42.86
C VAL F 107 2.05 -23.80 43.01
N GLU F 108 1.71 -24.95 42.48
CA GLU F 108 2.52 -26.14 42.44
C GLU F 108 3.94 -25.96 41.87
N SER F 109 3.90 -25.26 40.74
CA SER F 109 5.17 -25.00 40.02
C SER F 109 6.02 -23.97 40.74
N VAL F 110 5.42 -22.88 41.20
CA VAL F 110 6.28 -21.88 41.90
C VAL F 110 6.95 -22.58 43.09
N MET F 111 6.08 -23.17 43.89
CA MET F 111 6.42 -23.90 45.11
C MET F 111 7.53 -24.94 44.94
N ALA F 112 7.54 -25.62 43.82
CA ALA F 112 8.52 -26.67 43.48
C ALA F 112 9.89 -26.10 43.11
N SER F 113 9.85 -24.91 42.55
CA SER F 113 11.04 -24.18 42.13
C SER F 113 11.96 -23.99 43.34
N GLY F 114 11.41 -24.16 44.54
CA GLY F 114 12.17 -23.97 45.79
C GLY F 114 11.91 -22.57 46.36
N PHE F 115 10.89 -21.98 45.76
CA PHE F 115 10.39 -20.66 46.10
C PHE F 115 10.05 -20.64 47.60
N GLN F 116 10.33 -19.47 48.16
CA GLN F 116 10.11 -19.19 49.57
C GLN F 116 10.15 -17.69 49.90
N GLY F 117 9.29 -16.95 49.19
CA GLY F 117 9.09 -15.50 49.34
C GLY F 117 7.58 -15.31 49.58
N LEU F 118 7.11 -14.16 49.12
CA LEU F 118 5.69 -13.81 49.24
C LEU F 118 5.02 -14.01 47.87
N PHE F 119 3.73 -14.16 48.00
CA PHE F 119 2.73 -14.25 46.95
C PHE F 119 1.91 -12.94 47.15
N LEU F 120 1.62 -12.28 46.05
CA LEU F 120 0.77 -11.08 45.95
C LEU F 120 -0.13 -11.46 44.73
N VAL F 121 -1.38 -11.80 44.93
CA VAL F 121 -2.39 -12.23 43.97
C VAL F 121 -3.35 -11.19 43.41
N ALA F 122 -3.56 -11.21 42.09
CA ALA F 122 -4.47 -10.25 41.48
C ALA F 122 -5.59 -10.89 40.70
N THR F 123 -5.41 -12.14 40.33
CA THR F 123 -6.48 -12.80 39.55
C THR F 123 -7.79 -12.68 40.30
N ASN F 124 -8.90 -12.47 39.59
CA ASN F 124 -10.17 -12.35 40.31
C ASN F 124 -10.88 -13.70 40.41
N PRO F 125 -11.68 -13.93 41.44
CA PRO F 125 -11.96 -13.08 42.61
C PRO F 125 -10.87 -13.10 43.67
N VAL F 126 -9.93 -12.18 43.53
CA VAL F 126 -8.75 -12.00 44.38
C VAL F 126 -8.87 -12.59 45.79
N ASP F 127 -9.98 -12.43 46.48
CA ASP F 127 -10.12 -12.95 47.85
C ASP F 127 -10.21 -14.47 47.90
N ILE F 128 -11.13 -14.97 47.08
CA ILE F 128 -11.28 -16.44 47.01
C ILE F 128 -9.90 -16.98 46.60
N LEU F 129 -9.52 -16.59 45.39
CA LEU F 129 -8.24 -17.02 44.81
C LEU F 129 -7.05 -16.79 45.72
N THR F 130 -7.11 -15.80 46.59
CA THR F 130 -5.97 -15.58 47.51
C THR F 130 -5.94 -16.66 48.57
N TYR F 131 -7.11 -17.11 48.99
CA TYR F 131 -7.35 -18.14 50.01
C TYR F 131 -6.71 -19.46 49.59
N ALA F 132 -7.12 -19.85 48.41
CA ALA F 132 -6.70 -20.99 47.63
C ALA F 132 -5.17 -20.99 47.51
N THR F 133 -4.61 -19.84 47.16
CA THR F 133 -3.15 -19.70 47.03
C THR F 133 -2.44 -19.93 48.35
N TRP F 134 -3.06 -19.56 49.46
CA TRP F 134 -2.33 -19.88 50.73
C TRP F 134 -2.55 -21.39 50.91
N LYS F 135 -3.81 -21.77 50.74
CA LYS F 135 -4.27 -23.15 50.80
C LYS F 135 -3.26 -24.04 50.07
N PHE F 136 -3.24 -23.90 48.73
CA PHE F 136 -2.34 -24.68 47.85
C PHE F 136 -0.86 -24.43 48.15
N SER F 137 -0.49 -23.30 48.69
CA SER F 137 0.94 -23.03 48.90
C SER F 137 1.49 -23.71 50.14
N GLY F 138 0.68 -23.83 51.17
CA GLY F 138 1.15 -24.45 52.44
C GLY F 138 2.09 -23.53 53.22
N LEU F 139 2.14 -22.29 52.77
CA LEU F 139 2.92 -21.17 53.30
C LEU F 139 2.05 -20.53 54.41
N PRO F 140 2.62 -19.76 55.32
CA PRO F 140 1.81 -19.09 56.35
C PRO F 140 1.00 -18.00 55.64
N HIS F 141 -0.21 -17.77 56.09
CA HIS F 141 -1.19 -16.83 55.56
C HIS F 141 -0.64 -15.40 55.48
N GLU F 142 0.47 -15.22 56.17
CA GLU F 142 1.16 -13.94 56.26
C GLU F 142 2.02 -13.61 55.05
N ARG F 143 2.13 -14.51 54.09
CA ARG F 143 3.04 -14.15 52.96
C ARG F 143 2.35 -14.51 51.66
N VAL F 144 1.08 -14.70 51.86
CA VAL F 144 0.13 -15.00 50.79
C VAL F 144 -0.79 -13.78 50.85
N ILE F 145 -0.32 -12.67 50.29
CA ILE F 145 -1.14 -11.45 50.32
C ILE F 145 -2.06 -11.30 49.12
N GLY F 146 -3.14 -10.57 49.24
CA GLY F 146 -4.08 -10.36 48.08
C GLY F 146 -4.34 -8.86 47.90
N SER F 147 -4.65 -8.46 46.67
CA SER F 147 -4.89 -7.01 46.44
C SER F 147 -6.20 -6.67 47.14
N GLY F 148 -7.13 -7.62 47.20
CA GLY F 148 -8.40 -7.28 47.89
C GLY F 148 -8.90 -5.88 47.53
N THR F 149 -8.89 -4.91 48.42
CA THR F 149 -9.43 -3.58 48.07
C THR F 149 -8.49 -2.39 48.10
N ILE F 150 -7.28 -2.57 47.61
CA ILE F 150 -6.32 -1.46 47.56
C ILE F 150 -6.76 -0.56 46.40
N LEU F 151 -7.51 -1.17 45.50
CA LEU F 151 -8.01 -0.46 44.30
C LEU F 151 -9.27 0.33 44.63
N ASP F 152 -10.20 -0.32 45.33
CA ASP F 152 -11.48 0.34 45.68
C ASP F 152 -11.21 1.47 46.69
N THR F 153 -10.15 1.31 47.46
CA THR F 153 -9.77 2.32 48.48
C THR F 153 -9.11 3.48 47.75
N ALA F 154 -8.40 3.17 46.69
CA ALA F 154 -7.69 4.08 45.78
C ALA F 154 -8.65 4.86 44.89
N ARG F 155 -9.80 4.34 44.54
CA ARG F 155 -10.83 5.01 43.73
C ARG F 155 -11.75 5.91 44.57
N PHE F 156 -11.92 5.59 45.85
CA PHE F 156 -12.77 6.30 46.82
C PHE F 156 -12.27 7.73 47.10
N ARG F 157 -10.99 7.77 47.38
CA ARG F 157 -10.16 8.93 47.67
C ARG F 157 -10.09 9.92 46.53
N PHE F 158 -9.93 9.29 45.36
CA PHE F 158 -9.84 10.10 44.13
C PHE F 158 -11.13 10.89 43.98
N LEU F 159 -12.24 10.19 44.10
CA LEU F 159 -13.60 10.73 43.99
C LEU F 159 -13.97 11.70 45.10
N LEU F 160 -13.51 11.45 46.32
CA LEU F 160 -13.80 12.38 47.44
C LEU F 160 -12.80 13.55 47.29
N GLY F 161 -11.65 13.11 46.79
CA GLY F 161 -10.55 14.10 46.52
C GLY F 161 -11.25 15.04 45.50
N GLU F 162 -12.08 14.44 44.62
CA GLU F 162 -12.72 15.40 43.69
C GLU F 162 -13.78 16.21 44.38
N TYR F 163 -14.70 15.61 45.08
CA TYR F 163 -15.74 16.36 45.82
C TYR F 163 -15.26 17.58 46.60
N PHE F 164 -14.36 17.33 47.53
CA PHE F 164 -13.75 18.28 48.46
C PHE F 164 -12.70 19.21 47.86
N SER F 165 -12.27 18.83 46.67
CA SER F 165 -11.22 19.62 45.98
C SER F 165 -9.97 19.72 46.85
N VAL F 166 -9.35 18.60 47.13
CA VAL F 166 -8.15 18.42 47.95
C VAL F 166 -7.37 17.26 47.30
N ALA F 167 -6.11 17.08 47.59
CA ALA F 167 -5.40 15.91 46.98
C ALA F 167 -6.01 14.66 47.62
N PRO F 168 -6.13 13.57 46.86
CA PRO F 168 -6.72 12.32 47.37
C PRO F 168 -5.80 11.76 48.43
N GLN F 169 -4.53 12.15 48.30
CA GLN F 169 -3.54 11.70 49.28
C GLN F 169 -3.97 12.34 50.62
N ASN F 170 -4.77 13.39 50.57
CA ASN F 170 -5.16 14.04 51.85
C ASN F 170 -6.52 13.50 52.29
N VAL F 171 -7.14 12.67 51.47
CA VAL F 171 -8.44 12.06 51.80
C VAL F 171 -8.11 10.76 52.54
N HIS F 172 -8.72 10.38 53.65
CA HIS F 172 -8.36 9.13 54.34
C HIS F 172 -9.58 8.29 54.68
N ALA F 173 -10.00 7.48 53.75
CA ALA F 173 -11.18 6.62 53.95
C ALA F 173 -10.92 5.20 53.45
N TYR F 174 -11.70 4.24 53.95
CA TYR F 174 -11.44 2.89 53.44
C TYR F 174 -12.65 2.33 52.70
N ILE F 175 -12.32 1.25 52.03
CA ILE F 175 -13.26 0.37 51.34
C ILE F 175 -12.68 -0.95 51.89
N ILE F 176 -13.59 -1.71 52.44
CA ILE F 176 -13.31 -2.99 53.07
C ILE F 176 -14.40 -4.00 52.69
N GLY F 177 -14.09 -5.26 52.95
CA GLY F 177 -15.01 -6.39 52.66
C GLY F 177 -14.52 -7.01 51.35
N GLU F 178 -15.42 -7.68 50.66
CA GLU F 178 -15.02 -8.27 49.37
C GLU F 178 -14.63 -7.25 48.33
N HIS F 179 -13.56 -7.51 47.59
CA HIS F 179 -13.20 -6.54 46.50
C HIS F 179 -14.29 -6.80 45.47
N GLY F 180 -15.45 -6.19 45.55
CA GLY F 180 -16.56 -6.46 44.60
C GLY F 180 -17.89 -5.98 45.19
N ASP F 181 -19.02 -6.32 44.59
CA ASP F 181 -20.37 -5.93 45.04
C ASP F 181 -20.68 -5.94 46.54
N THR F 182 -20.06 -6.75 47.39
CA THR F 182 -20.36 -6.80 48.83
C THR F 182 -19.48 -5.82 49.64
N GLU F 183 -18.54 -5.16 48.98
CA GLU F 183 -17.65 -4.19 49.62
C GLU F 183 -18.47 -3.10 50.32
N LEU F 184 -17.82 -2.47 51.29
CA LEU F 184 -18.42 -1.41 52.07
C LEU F 184 -17.41 -0.30 52.39
N PRO F 185 -17.98 0.89 52.40
CA PRO F 185 -17.22 2.10 52.71
C PRO F 185 -17.20 2.31 54.23
N VAL F 186 -16.07 2.66 54.84
CA VAL F 186 -16.00 2.91 56.29
C VAL F 186 -16.06 4.44 56.47
N TRP F 187 -17.33 4.80 56.36
CA TRP F 187 -17.75 6.20 56.45
C TRP F 187 -17.54 6.64 57.90
N SER F 188 -17.98 5.76 58.78
CA SER F 188 -17.92 6.01 60.23
C SER F 188 -16.52 6.47 60.63
N GLN F 189 -15.54 6.29 59.76
CA GLN F 189 -14.11 6.61 60.06
C GLN F 189 -13.30 7.20 58.91
N ALA F 190 -13.95 7.95 58.06
CA ALA F 190 -13.54 8.64 56.85
C ALA F 190 -13.31 10.11 57.19
N TYR F 191 -12.12 10.63 56.96
CA TYR F 191 -11.65 11.99 57.20
C TYR F 191 -11.03 12.63 55.96
N ILE F 192 -10.99 13.94 55.91
CA ILE F 192 -10.38 14.78 54.87
C ILE F 192 -9.41 15.62 55.71
N GLY F 193 -8.14 15.38 55.65
CA GLY F 193 -7.27 16.19 56.58
C GLY F 193 -7.49 15.47 57.91
N VAL F 194 -7.75 16.16 59.01
CA VAL F 194 -7.96 15.39 60.26
C VAL F 194 -9.44 15.53 60.59
N MET F 195 -10.19 15.89 59.59
CA MET F 195 -11.63 16.17 59.81
C MET F 195 -12.65 15.25 59.18
N PRO F 196 -13.50 14.80 60.10
CA PRO F 196 -14.61 13.90 59.80
C PRO F 196 -15.30 14.29 58.50
N ILE F 197 -15.48 13.25 57.70
CA ILE F 197 -16.16 13.49 56.43
C ILE F 197 -17.54 14.03 56.84
N ARG F 198 -18.21 13.14 57.57
CA ARG F 198 -19.61 13.51 57.96
C ARG F 198 -19.54 14.40 59.19
N LYS F 199 -19.63 15.68 58.83
CA LYS F 199 -19.54 16.81 59.75
C LYS F 199 -19.28 18.06 58.89
N LEU F 200 -18.39 17.78 57.95
CA LEU F 200 -17.95 18.73 56.93
C LEU F 200 -19.07 18.92 55.89
N VAL F 201 -20.01 17.99 55.94
CA VAL F 201 -21.12 18.01 54.99
C VAL F 201 -22.39 17.88 55.85
N GLU F 202 -22.11 17.78 57.15
CA GLU F 202 -23.19 17.67 58.14
C GLU F 202 -23.97 19.00 58.04
N SER F 203 -23.17 20.00 57.67
CA SER F 203 -23.58 21.39 57.47
C SER F 203 -24.23 21.63 56.09
N LYS F 204 -25.12 20.73 55.69
CA LYS F 204 -25.77 20.83 54.38
C LYS F 204 -26.43 19.54 53.92
N GLY F 205 -27.21 18.87 54.74
CA GLY F 205 -27.90 17.63 54.48
C GLY F 205 -28.66 17.28 53.22
N GLU F 206 -28.88 15.97 53.13
CA GLU F 206 -29.59 15.25 52.05
C GLU F 206 -29.38 15.81 50.64
N GLU F 207 -28.10 16.00 50.42
CA GLU F 207 -27.42 16.54 49.27
C GLU F 207 -25.98 16.02 49.45
N ALA F 208 -25.38 16.63 50.47
CA ALA F 208 -23.98 16.22 50.79
C ALA F 208 -24.21 14.70 50.85
N GLN F 209 -25.13 14.42 51.74
CA GLN F 209 -25.62 13.08 52.03
C GLN F 209 -25.73 12.24 50.75
N LYS F 210 -26.60 12.69 49.88
CA LYS F 210 -26.89 12.08 48.57
C LYS F 210 -25.67 12.02 47.64
N ASP F 211 -24.85 13.05 47.74
CA ASP F 211 -23.60 13.23 46.98
C ASP F 211 -22.65 12.14 47.43
N LEU F 212 -22.42 11.97 48.71
CA LEU F 212 -21.55 10.95 49.28
C LEU F 212 -22.04 9.53 48.99
N GLU F 213 -23.33 9.31 48.99
CA GLU F 213 -23.85 7.96 48.68
C GLU F 213 -23.59 7.64 47.21
N ARG F 214 -23.49 8.63 46.33
CA ARG F 214 -23.23 8.43 44.90
C ARG F 214 -21.77 8.08 44.66
N ILE F 215 -20.90 8.77 45.40
CA ILE F 215 -19.46 8.52 45.25
C ILE F 215 -19.35 7.00 45.36
N PHE F 216 -19.67 6.50 46.54
CA PHE F 216 -19.60 5.05 46.75
C PHE F 216 -20.09 4.19 45.59
N VAL F 217 -21.26 4.50 45.05
CA VAL F 217 -21.83 3.69 43.95
C VAL F 217 -20.85 3.54 42.79
N ASN F 218 -20.32 4.66 42.31
CA ASN F 218 -19.35 4.72 41.22
C ASN F 218 -18.05 4.01 41.65
N VAL F 219 -17.97 3.76 42.94
CA VAL F 219 -16.73 3.10 43.42
C VAL F 219 -16.93 1.60 43.17
N ARG F 220 -18.03 1.19 43.78
CA ARG F 220 -18.46 -0.22 43.76
C ARG F 220 -18.71 -0.70 42.33
N ASP F 221 -19.05 0.23 41.47
CA ASP F 221 -19.36 -0.08 40.06
C ASP F 221 -18.30 0.41 39.07
N ALA F 222 -17.24 0.93 39.65
CA ALA F 222 -16.09 1.44 38.88
C ALA F 222 -15.75 0.41 37.82
N ALA F 223 -15.43 -0.80 38.25
CA ALA F 223 -15.09 -1.99 37.45
C ALA F 223 -15.87 -2.21 36.15
N TYR F 224 -17.18 -2.41 36.26
CA TYR F 224 -18.12 -2.63 35.16
C TYR F 224 -18.28 -1.37 34.31
N GLN F 225 -18.28 -0.21 34.97
CA GLN F 225 -18.36 1.07 34.24
C GLN F 225 -17.23 1.11 33.18
N ILE F 226 -15.99 0.78 33.53
CA ILE F 226 -14.84 0.77 32.64
C ILE F 226 -14.79 -0.40 31.65
N ILE F 227 -15.04 -1.59 32.16
CA ILE F 227 -14.99 -2.82 31.35
C ILE F 227 -15.70 -2.62 30.01
N GLU F 228 -16.87 -2.03 30.22
CA GLU F 228 -17.83 -1.68 29.17
C GLU F 228 -17.44 -0.43 28.40
N LYS F 229 -16.36 0.17 28.86
CA LYS F 229 -15.92 1.43 28.21
C LYS F 229 -14.70 1.00 27.42
N LYS F 230 -13.72 0.40 28.06
CA LYS F 230 -12.49 0.01 27.35
C LYS F 230 -12.05 -1.45 27.49
N GLY F 231 -13.03 -2.32 27.59
CA GLY F 231 -12.85 -3.76 27.71
C GLY F 231 -12.34 -4.36 29.00
N ALA F 232 -11.50 -3.65 29.71
CA ALA F 232 -10.91 -4.07 30.97
C ALA F 232 -10.16 -2.92 31.68
N THR F 233 -10.11 -3.10 32.98
CA THR F 233 -9.41 -2.17 33.88
C THR F 233 -8.02 -2.78 34.02
N TYR F 234 -6.97 -2.01 34.23
CA TYR F 234 -5.64 -2.65 34.37
C TYR F 234 -4.56 -1.67 34.77
N TYR F 235 -4.82 -0.37 34.71
CA TYR F 235 -3.86 0.68 35.09
C TYR F 235 -3.99 0.99 36.59
N GLY F 236 -5.24 1.10 37.02
CA GLY F 236 -5.60 1.40 38.42
C GLY F 236 -5.08 0.30 39.35
N ILE F 237 -5.26 -0.94 38.91
CA ILE F 237 -4.84 -2.12 39.68
C ILE F 237 -3.31 -2.20 39.75
N ALA F 238 -2.70 -1.93 38.62
CA ALA F 238 -1.24 -1.97 38.47
C ALA F 238 -0.56 -0.99 39.42
N MET F 239 -1.17 0.18 39.52
CA MET F 239 -0.60 1.23 40.42
C MET F 239 -0.76 0.64 41.83
N GLY F 240 -1.92 0.01 41.98
CA GLY F 240 -2.25 -0.66 43.26
C GLY F 240 -1.15 -1.67 43.61
N LEU F 241 -0.94 -2.66 42.75
CA LEU F 241 0.06 -3.71 42.93
C LEU F 241 1.44 -3.09 43.19
N ALA F 242 1.80 -2.06 42.42
CA ALA F 242 3.11 -1.42 42.52
C ALA F 242 3.28 -0.79 43.90
N ARG F 243 2.22 -0.35 44.50
CA ARG F 243 2.27 0.28 45.86
C ARG F 243 2.63 -0.78 46.88
N VAL F 244 1.77 -1.82 46.92
CA VAL F 244 1.96 -2.96 47.82
C VAL F 244 3.38 -3.52 47.71
N THR F 245 3.93 -3.54 46.52
CA THR F 245 5.28 -4.05 46.27
C THR F 245 6.38 -3.24 46.92
N ARG F 246 6.16 -1.93 46.98
CA ARG F 246 7.20 -1.09 47.58
C ARG F 246 7.13 -1.29 49.10
N ALA F 247 5.90 -1.52 49.51
CA ALA F 247 5.61 -1.75 50.93
C ALA F 247 6.46 -2.93 51.37
N ILE F 248 6.41 -3.97 50.55
CA ILE F 248 7.18 -5.18 50.85
C ILE F 248 8.67 -4.89 50.69
N LEU F 249 9.10 -4.84 49.46
CA LEU F 249 10.52 -4.59 49.15
C LEU F 249 11.15 -3.50 50.02
N HIS F 250 10.38 -2.69 50.74
CA HIS F 250 11.00 -1.63 51.57
C HIS F 250 10.76 -1.73 53.07
N ASN F 251 10.30 -2.85 53.60
CA ASN F 251 10.13 -2.91 55.06
C ASN F 251 9.46 -1.62 55.51
N GLU F 252 8.49 -1.20 54.70
CA GLU F 252 7.73 0.04 54.88
C GLU F 252 6.88 0.25 56.11
N ASN F 253 6.09 -0.72 56.51
CA ASN F 253 5.22 -0.57 57.71
C ASN F 253 4.02 0.30 57.30
N ALA F 254 3.74 0.22 55.99
CA ALA F 254 2.66 0.89 55.31
C ALA F 254 1.32 0.24 55.66
N ILE F 255 0.35 1.03 56.06
CA ILE F 255 -0.95 0.41 56.36
C ILE F 255 -1.78 0.39 55.06
N LEU F 256 -2.02 -0.75 54.46
CA LEU F 256 -2.85 -0.85 53.24
C LEU F 256 -4.01 -1.82 53.44
N THR F 257 -5.11 -1.64 52.71
CA THR F 257 -6.30 -2.50 52.79
C THR F 257 -6.14 -3.62 51.74
N VAL F 258 -5.51 -4.68 52.17
CA VAL F 258 -5.26 -5.83 51.28
C VAL F 258 -6.25 -6.93 51.67
N SER F 259 -6.12 -8.07 51.02
CA SER F 259 -6.92 -9.28 51.28
C SER F 259 -6.08 -9.97 52.37
N ALA F 260 -6.60 -10.06 53.58
CA ALA F 260 -5.87 -10.70 54.69
C ALA F 260 -6.77 -11.76 55.32
N TYR F 261 -6.10 -12.66 56.01
CA TYR F 261 -6.76 -13.79 56.69
C TYR F 261 -7.17 -13.41 58.11
N LEU F 262 -8.44 -13.68 58.30
CA LEU F 262 -9.13 -13.43 59.55
C LEU F 262 -9.40 -14.80 60.21
N ASP F 263 -9.22 -14.82 61.51
CA ASP F 263 -9.43 -15.97 62.40
C ASP F 263 -9.77 -15.38 63.78
N GLY F 264 -10.99 -14.87 63.87
CA GLY F 264 -11.51 -14.28 65.10
C GLY F 264 -11.70 -12.76 65.02
N LEU F 265 -10.77 -12.06 64.45
CA LEU F 265 -10.67 -10.61 64.34
C LEU F 265 -11.86 -9.76 63.95
N TYR F 266 -12.57 -9.86 62.85
CA TYR F 266 -13.69 -8.88 62.68
C TYR F 266 -15.03 -9.56 63.01
N GLY F 267 -14.88 -10.45 63.99
CA GLY F 267 -15.99 -11.31 64.45
C GLY F 267 -16.17 -12.37 63.34
N GLU F 268 -15.06 -12.73 62.71
CA GLU F 268 -14.97 -13.67 61.61
C GLU F 268 -13.74 -14.55 61.61
N ARG F 269 -13.89 -15.65 60.89
CA ARG F 269 -12.76 -16.60 60.83
C ARG F 269 -12.72 -17.38 59.51
N ASP F 270 -11.49 -17.74 59.18
CA ASP F 270 -11.20 -18.55 57.99
C ASP F 270 -11.81 -17.98 56.71
N VAL F 271 -11.22 -16.86 56.36
CA VAL F 271 -11.63 -16.11 55.16
C VAL F 271 -10.60 -15.00 54.94
N TYR F 272 -10.35 -14.82 53.63
CA TYR F 272 -9.42 -13.75 53.26
C TYR F 272 -10.34 -12.56 52.90
N ILE F 273 -10.01 -11.38 53.40
CA ILE F 273 -10.92 -10.25 53.02
C ILE F 273 -10.13 -8.97 53.24
N GLY F 274 -10.59 -7.97 52.49
CA GLY F 274 -10.00 -6.62 52.50
C GLY F 274 -10.11 -6.04 53.91
N VAL F 275 -8.95 -5.62 54.38
CA VAL F 275 -9.03 -5.02 55.76
C VAL F 275 -7.72 -4.29 55.91
N PRO F 276 -7.68 -3.25 56.72
CA PRO F 276 -6.42 -2.52 56.96
C PRO F 276 -5.33 -3.46 57.47
N ALA F 277 -4.07 -3.30 57.08
CA ALA F 277 -3.02 -4.21 57.58
C ALA F 277 -1.61 -3.67 57.38
N VAL F 278 -0.81 -3.82 58.42
CA VAL F 278 0.59 -3.39 58.37
C VAL F 278 1.32 -4.41 57.49
N ILE F 279 1.74 -4.01 56.33
CA ILE F 279 2.46 -4.73 55.29
C ILE F 279 3.95 -4.48 55.45
N ASN F 280 4.86 -5.36 55.12
CA ASN F 280 6.31 -5.00 55.27
C ASN F 280 7.18 -6.04 54.60
N ARG F 281 8.49 -5.87 54.72
CA ARG F 281 9.43 -6.86 54.16
C ARG F 281 8.98 -8.31 54.38
N ASN F 282 8.42 -8.60 55.54
CA ASN F 282 7.98 -9.97 55.90
C ASN F 282 6.56 -10.26 55.45
N GLY F 283 5.93 -9.26 54.85
CA GLY F 283 4.53 -9.52 54.39
C GLY F 283 3.67 -8.80 55.44
N ILE F 284 2.57 -9.46 55.72
CA ILE F 284 1.60 -8.93 56.68
C ILE F 284 2.10 -9.08 58.11
N ARG F 285 2.37 -7.89 58.63
CA ARG F 285 2.83 -7.82 60.02
C ARG F 285 1.56 -8.08 60.85
N GLU F 286 0.47 -7.40 60.50
CA GLU F 286 -0.80 -7.58 61.20
C GLU F 286 -2.03 -7.01 60.50
N VAL F 287 -3.17 -7.51 60.94
CA VAL F 287 -4.51 -7.06 60.48
C VAL F 287 -4.90 -6.02 61.56
N ILE F 288 -5.37 -4.89 61.09
CA ILE F 288 -5.77 -3.77 61.97
C ILE F 288 -7.28 -3.86 62.17
N GLU F 289 -7.70 -3.91 63.43
CA GLU F 289 -9.16 -3.99 63.72
C GLU F 289 -9.77 -2.61 63.95
N ILE F 290 -10.15 -1.99 62.82
CA ILE F 290 -10.73 -0.64 62.89
C ILE F 290 -12.04 -0.84 63.65
N GLU F 291 -12.47 0.21 64.31
CA GLU F 291 -13.73 0.17 65.12
C GLU F 291 -14.83 0.47 64.13
N LEU F 292 -15.80 -0.42 63.98
CA LEU F 292 -16.91 -0.22 63.03
C LEU F 292 -18.29 -0.02 63.66
N ASN F 293 -19.03 0.84 62.97
CA ASN F 293 -20.43 1.10 63.44
C ASN F 293 -21.22 -0.18 63.17
N ASP F 294 -22.44 -0.19 63.67
CA ASP F 294 -23.38 -1.32 63.51
C ASP F 294 -23.73 -1.57 62.06
N ASP F 295 -24.12 -0.47 61.40
CA ASP F 295 -24.47 -0.66 59.98
C ASP F 295 -23.27 -1.34 59.29
N GLU F 296 -22.08 -0.84 59.55
CA GLU F 296 -20.83 -1.36 58.97
C GLU F 296 -20.50 -2.79 59.42
N LYS F 297 -20.65 -3.07 60.71
CA LYS F 297 -20.34 -4.40 61.26
C LYS F 297 -21.26 -5.42 60.57
N ASN F 298 -22.44 -4.90 60.32
CA ASN F 298 -23.46 -5.69 59.68
C ASN F 298 -23.15 -6.00 58.22
N ARG F 299 -22.69 -4.97 57.53
CA ARG F 299 -22.42 -5.24 56.08
C ARG F 299 -21.06 -5.87 55.93
N PHE F 300 -20.21 -5.73 56.93
CA PHE F 300 -18.90 -6.41 56.84
C PHE F 300 -19.19 -7.91 57.05
N HIS F 301 -20.03 -8.12 58.04
CA HIS F 301 -20.43 -9.50 58.41
C HIS F 301 -21.19 -10.06 57.21
N HIS F 302 -21.82 -9.20 56.43
CA HIS F 302 -22.52 -9.78 55.24
C HIS F 302 -21.53 -9.97 54.08
N SER F 303 -20.41 -9.24 54.02
CA SER F 303 -19.41 -9.42 52.96
C SER F 303 -18.74 -10.79 53.11
N ALA F 304 -18.23 -11.07 54.29
CA ALA F 304 -17.53 -12.29 54.73
C ALA F 304 -18.42 -13.48 54.42
N ALA F 305 -19.60 -13.40 55.03
CA ALA F 305 -20.62 -14.45 54.78
C ALA F 305 -20.63 -14.84 53.30
N THR F 306 -20.63 -13.91 52.37
CA THR F 306 -20.63 -14.20 50.93
C THR F 306 -19.36 -14.96 50.51
N LEU F 307 -18.26 -14.40 51.02
CA LEU F 307 -16.93 -14.97 50.72
C LEU F 307 -16.96 -16.45 51.09
N LYS F 308 -17.31 -16.74 52.34
CA LYS F 308 -17.41 -18.05 52.99
C LYS F 308 -18.14 -19.13 52.18
N SER F 309 -19.27 -18.84 51.56
CA SER F 309 -20.00 -19.82 50.73
C SER F 309 -19.21 -20.20 49.46
N VAL F 310 -18.68 -19.20 48.74
CA VAL F 310 -17.92 -19.57 47.55
C VAL F 310 -16.87 -20.63 47.92
N LEU F 311 -16.16 -20.47 49.01
CA LEU F 311 -15.11 -21.40 49.45
C LEU F 311 -15.70 -22.79 49.76
N ALA F 312 -16.69 -22.61 50.62
CA ALA F 312 -17.48 -23.74 51.12
C ALA F 312 -17.77 -24.64 49.92
N ARG F 313 -18.33 -24.01 48.91
CA ARG F 313 -18.76 -24.67 47.68
C ARG F 313 -17.82 -24.72 46.51
N ALA F 314 -16.55 -24.36 46.54
CA ALA F 314 -15.86 -24.52 45.22
C ALA F 314 -14.38 -24.52 45.51
N PHE F 315 -14.10 -25.32 46.54
CA PHE F 315 -12.64 -25.31 46.81
C PHE F 315 -11.97 -26.37 45.92
N THR F 316 -11.31 -25.81 44.91
CA THR F 316 -10.54 -26.38 43.81
C THR F 316 -11.48 -27.14 42.88
N MET G 1 0.39 23.31 37.01
CA MET G 1 -1.02 23.57 37.35
C MET G 1 -1.83 22.45 36.65
N LYS G 2 -2.52 21.71 37.48
CA LYS G 2 -3.40 20.58 37.11
C LYS G 2 -4.78 21.22 36.93
N ASN G 3 -4.58 22.52 37.28
CA ASN G 3 -5.71 23.43 37.14
C ASN G 3 -5.26 24.63 36.31
N ASN G 4 -5.31 24.25 35.04
CA ASN G 4 -5.06 25.12 33.89
C ASN G 4 -4.01 26.20 34.07
N GLY G 5 -2.77 25.80 34.34
CA GLY G 5 -1.69 26.81 34.50
C GLY G 5 -0.31 26.14 34.49
N GLY G 6 -0.29 24.84 34.15
CA GLY G 6 0.98 24.12 34.13
C GLY G 6 1.40 23.61 32.77
N ALA G 7 1.95 22.41 32.79
CA ALA G 7 2.43 21.74 31.57
C ALA G 7 1.25 20.83 31.21
N ARG G 8 0.62 21.25 30.12
CA ARG G 8 -0.54 20.43 29.73
C ARG G 8 -0.07 19.72 28.46
N VAL G 9 -0.14 18.41 28.47
CA VAL G 9 0.23 17.60 27.30
C VAL G 9 -1.12 17.06 26.75
N VAL G 10 -1.22 17.08 25.43
CA VAL G 10 -2.42 16.60 24.71
C VAL G 10 -2.01 15.38 23.88
N VAL G 11 -2.71 14.28 24.12
CA VAL G 11 -2.45 13.00 23.44
C VAL G 11 -3.60 12.69 22.50
N ILE G 12 -3.29 12.72 21.21
CA ILE G 12 -4.27 12.44 20.14
C ILE G 12 -4.08 10.99 19.70
N GLY G 13 -5.12 10.20 19.91
CA GLY G 13 -5.12 8.76 19.61
C GLY G 13 -4.78 8.03 20.91
N ALA G 14 -5.82 7.64 21.62
CA ALA G 14 -5.72 6.96 22.91
C ALA G 14 -5.57 5.45 22.76
N GLY G 15 -4.66 5.03 21.91
CA GLY G 15 -4.49 3.57 21.73
C GLY G 15 -3.35 3.02 22.58
N PHE G 16 -2.67 2.04 22.02
CA PHE G 16 -1.57 1.32 22.61
C PHE G 16 -0.37 2.28 22.81
N VAL G 17 -0.03 2.82 21.65
CA VAL G 17 1.13 3.74 21.61
C VAL G 17 0.79 4.95 22.47
N GLY G 18 -0.42 5.43 22.35
CA GLY G 18 -0.83 6.58 23.16
C GLY G 18 -1.18 6.40 24.61
N ALA G 19 -1.69 5.25 25.04
CA ALA G 19 -2.09 5.14 26.46
C ALA G 19 -0.92 4.71 27.33
N SER G 20 0.02 4.10 26.62
CA SER G 20 1.22 3.64 27.37
C SER G 20 2.02 4.92 27.61
N TYR G 21 2.15 5.75 26.58
CA TYR G 21 2.87 7.04 26.70
C TYR G 21 2.40 7.78 27.95
N VAL G 22 1.09 7.84 28.12
CA VAL G 22 0.44 8.51 29.26
C VAL G 22 0.75 7.73 30.55
N PHE G 23 0.76 6.41 30.41
CA PHE G 23 1.07 5.57 31.59
C PHE G 23 2.51 5.84 31.99
N ALA G 24 3.36 6.25 31.07
CA ALA G 24 4.77 6.54 31.35
C ALA G 24 4.92 7.93 31.97
N LEU G 25 4.12 8.80 31.37
CA LEU G 25 4.07 10.20 31.82
C LEU G 25 3.73 10.20 33.31
N MET G 26 2.54 9.72 33.64
CA MET G 26 2.09 9.66 35.03
C MET G 26 3.09 9.07 36.02
N ASN G 27 3.83 8.04 35.67
CA ASN G 27 4.77 7.41 36.62
C ASN G 27 6.11 8.10 36.77
N GLN G 28 6.54 8.78 35.74
CA GLN G 28 7.86 9.47 35.87
C GLN G 28 7.50 10.81 36.52
N GLY G 29 6.20 11.10 36.43
CA GLY G 29 5.58 12.32 36.96
C GLY G 29 6.06 13.52 36.15
N ILE G 30 5.96 13.43 34.82
CA ILE G 30 6.43 14.52 33.94
C ILE G 30 5.47 15.68 33.76
N ALA G 31 4.24 15.49 33.30
CA ALA G 31 3.42 16.74 33.16
C ALA G 31 2.47 17.06 34.30
N ASP G 32 1.73 18.15 34.11
CA ASP G 32 0.74 18.68 35.05
C ASP G 32 -0.71 18.40 34.68
N GLU G 33 -0.86 18.40 33.36
CA GLU G 33 -2.15 18.16 32.71
C GLU G 33 -1.89 17.35 31.45
N ILE G 34 -2.64 16.29 31.32
CA ILE G 34 -2.64 15.35 30.22
C ILE G 34 -4.09 15.21 29.76
N VAL G 35 -4.33 15.57 28.50
CA VAL G 35 -5.67 15.48 27.90
C VAL G 35 -5.71 14.33 26.91
N LEU G 36 -6.73 13.49 27.00
CA LEU G 36 -6.86 12.37 26.05
C LEU G 36 -7.97 12.81 25.08
N ILE G 37 -7.69 12.73 23.82
CA ILE G 37 -8.50 13.04 22.66
C ILE G 37 -8.42 11.81 21.73
N ASP G 38 -9.57 11.22 21.50
CA ASP G 38 -9.70 10.03 20.67
C ASP G 38 -11.00 9.99 19.85
N ALA G 39 -10.87 9.38 18.69
CA ALA G 39 -12.00 9.18 17.75
C ALA G 39 -13.06 8.31 18.43
N ASN G 40 -12.56 7.29 19.13
CA ASN G 40 -13.39 6.37 19.95
C ASN G 40 -13.41 7.07 21.33
N GLU G 41 -14.49 7.77 21.68
CA GLU G 41 -14.43 8.45 22.98
C GLU G 41 -14.28 7.46 24.14
N SER G 42 -15.16 6.50 24.13
CA SER G 42 -15.32 5.42 25.10
C SER G 42 -14.00 4.86 25.59
N LYS G 43 -13.05 4.70 24.70
CA LYS G 43 -11.68 4.23 24.98
C LYS G 43 -11.03 5.27 25.89
N ALA G 44 -10.86 6.41 25.28
CA ALA G 44 -10.30 7.65 25.86
C ALA G 44 -10.77 7.88 27.29
N ILE G 45 -12.02 7.64 27.55
CA ILE G 45 -12.76 7.76 28.79
C ILE G 45 -12.48 6.56 29.69
N GLY G 46 -12.84 5.40 29.15
CA GLY G 46 -12.50 4.21 29.98
C GLY G 46 -11.05 4.49 30.44
N ASP G 47 -10.22 4.91 29.50
CA ASP G 47 -8.79 5.10 29.86
C ASP G 47 -8.53 6.13 30.95
N ALA G 48 -9.07 7.33 30.88
CA ALA G 48 -8.79 8.35 31.91
C ALA G 48 -9.26 7.91 33.29
N MET G 49 -10.39 7.23 33.33
CA MET G 49 -11.01 6.73 34.56
C MET G 49 -9.95 5.90 35.27
N ASP G 50 -9.64 4.91 34.45
CA ASP G 50 -8.62 3.90 34.81
C ASP G 50 -7.36 4.62 35.31
N PHE G 51 -6.84 5.59 34.58
CA PHE G 51 -5.62 6.30 35.03
C PHE G 51 -5.82 7.03 36.36
N ASN G 52 -6.88 7.82 36.47
CA ASN G 52 -7.12 8.56 37.71
C ASN G 52 -7.33 7.65 38.91
N HIS G 53 -7.88 6.46 38.71
CA HIS G 53 -8.16 5.53 39.82
C HIS G 53 -6.90 5.12 40.56
N GLY G 54 -5.80 5.16 39.85
CA GLY G 54 -4.50 4.81 40.42
C GLY G 54 -3.57 5.96 40.71
N LYS G 55 -3.91 7.22 40.52
CA LYS G 55 -2.98 8.34 40.80
C LYS G 55 -2.70 8.74 42.23
N VAL G 56 -3.37 8.15 43.23
CA VAL G 56 -3.10 8.42 44.65
C VAL G 56 -1.70 7.81 44.92
N PHE G 57 -1.34 6.89 44.04
CA PHE G 57 -0.04 6.18 44.13
C PHE G 57 0.97 6.89 43.23
N ALA G 58 0.48 7.86 42.46
CA ALA G 58 1.34 8.63 41.52
C ALA G 58 2.41 9.32 42.36
N PRO G 59 3.59 9.36 41.79
CA PRO G 59 4.76 9.97 42.43
C PRO G 59 4.62 11.48 42.61
N LYS G 60 3.84 12.03 41.70
CA LYS G 60 3.56 13.46 41.58
C LYS G 60 2.12 13.60 41.18
N PRO G 61 1.54 14.71 41.56
CA PRO G 61 0.13 14.99 41.26
C PRO G 61 -0.03 15.40 39.80
N VAL G 62 -1.08 14.90 39.15
CA VAL G 62 -1.33 15.25 37.74
C VAL G 62 -2.82 15.23 37.37
N ASP G 63 -3.15 15.93 36.29
CA ASP G 63 -4.55 16.02 35.85
C ASP G 63 -4.76 15.32 34.50
N ILE G 64 -5.47 14.22 34.57
CA ILE G 64 -5.78 13.40 33.36
C ILE G 64 -7.27 13.61 33.05
N TRP G 65 -7.61 13.72 31.77
CA TRP G 65 -9.04 13.91 31.41
C TRP G 65 -9.24 13.67 29.91
N HIS G 66 -10.48 13.43 29.58
CA HIS G 66 -10.94 13.22 28.20
C HIS G 66 -11.39 14.58 27.70
N GLY G 67 -10.70 15.19 26.78
CA GLY G 67 -11.07 16.50 26.24
C GLY G 67 -11.42 16.45 24.75
N ASP G 68 -11.25 17.62 24.15
CA ASP G 68 -11.41 17.88 22.71
C ASP G 68 -10.46 19.08 22.44
N TYR G 69 -10.28 19.36 21.19
CA TYR G 69 -9.39 20.36 20.63
C TYR G 69 -9.28 21.69 21.34
N ASP G 70 -10.49 22.12 21.69
CA ASP G 70 -10.48 23.44 22.41
C ASP G 70 -9.42 23.37 23.51
N ASP G 71 -9.17 22.16 24.01
CA ASP G 71 -8.16 21.93 25.08
C ASP G 71 -6.73 22.16 24.58
N CYS G 72 -6.53 22.13 23.27
CA CYS G 72 -5.22 22.32 22.65
C CYS G 72 -4.74 23.77 22.79
N ARG G 73 -5.70 24.67 22.68
CA ARG G 73 -5.47 26.13 22.73
C ARG G 73 -4.39 26.48 23.74
N ASP G 74 -4.55 25.85 24.89
CA ASP G 74 -3.56 26.07 25.98
C ASP G 74 -2.54 24.94 26.07
N ALA G 75 -2.61 23.98 25.14
CA ALA G 75 -1.60 22.89 25.26
C ALA G 75 -0.23 23.42 24.93
N ASP G 76 0.74 23.05 25.74
CA ASP G 76 2.15 23.38 25.52
C ASP G 76 2.72 22.49 24.39
N LEU G 77 2.35 21.21 24.41
CA LEU G 77 2.70 20.08 23.55
C LEU G 77 1.55 19.17 23.10
N VAL G 78 1.47 18.87 21.80
CA VAL G 78 0.39 18.02 21.24
C VAL G 78 1.09 16.82 20.59
N VAL G 79 0.94 15.62 21.13
CA VAL G 79 1.58 14.41 20.59
C VAL G 79 0.53 13.54 19.87
N ILE G 80 0.80 13.25 18.62
CA ILE G 80 -0.08 12.49 17.73
C ILE G 80 0.34 11.02 17.61
N CYS G 81 -0.55 10.16 18.06
CA CYS G 81 -0.39 8.70 18.09
C CYS G 81 -1.57 7.97 17.45
N ALA G 82 -2.34 8.73 16.70
CA ALA G 82 -3.54 8.23 16.01
C ALA G 82 -3.08 7.79 14.61
N GLY G 83 -3.85 6.80 14.16
CA GLY G 83 -3.50 6.26 12.83
C GLY G 83 -3.48 4.74 12.84
N ALA G 84 -3.01 4.26 11.71
CA ALA G 84 -2.93 2.83 11.41
C ALA G 84 -1.59 2.26 11.87
N ASN G 85 -1.83 1.01 12.30
CA ASN G 85 -0.66 0.20 12.83
C ASN G 85 -0.25 -0.68 11.66
N GLN G 86 1.03 -1.02 11.60
CA GLN G 86 1.40 -1.88 10.45
C GLN G 86 1.11 -3.33 10.91
N LYS G 87 0.53 -3.96 9.90
CA LYS G 87 0.12 -5.37 9.99
C LYS G 87 1.38 -6.22 9.76
N PRO G 88 1.11 -7.48 10.06
CA PRO G 88 2.22 -8.48 9.93
C PRO G 88 2.37 -8.49 8.42
N GLY G 89 3.55 -8.16 7.92
CA GLY G 89 3.64 -8.14 6.44
C GLY G 89 3.66 -6.69 5.95
N GLU G 90 2.89 -5.79 6.57
CA GLU G 90 3.01 -4.40 6.08
C GLU G 90 4.34 -3.77 6.49
N THR G 91 4.70 -2.70 5.80
CA THR G 91 5.91 -1.91 6.08
C THR G 91 5.29 -0.57 6.55
N ARG G 92 6.10 0.31 7.14
CA ARG G 92 5.47 1.56 7.61
C ARG G 92 4.91 2.29 6.38
N LEU G 93 5.82 2.44 5.43
CA LEU G 93 5.53 3.12 4.15
C LEU G 93 4.16 2.74 3.62
N ASP G 94 3.71 1.50 3.89
CA ASP G 94 2.37 1.14 3.41
C ASP G 94 1.27 1.94 4.14
N LEU G 95 1.51 2.54 5.30
CA LEU G 95 0.38 3.22 5.97
C LEU G 95 0.19 4.66 5.49
N VAL G 96 1.11 5.15 4.69
CA VAL G 96 1.12 6.52 4.21
C VAL G 96 -0.21 7.21 3.93
N ASP G 97 -0.75 6.83 2.80
CA ASP G 97 -2.01 7.45 2.30
C ASP G 97 -3.08 7.20 3.36
N LYS G 98 -2.98 6.02 3.97
CA LYS G 98 -3.92 5.65 5.04
C LYS G 98 -4.03 6.79 6.07
N ASN G 99 -2.87 6.96 6.69
CA ASN G 99 -2.57 7.93 7.74
C ASN G 99 -2.40 9.37 7.28
N ILE G 100 -2.14 9.67 6.00
CA ILE G 100 -1.99 11.10 5.68
C ILE G 100 -3.30 11.86 5.69
N ALA G 101 -4.41 11.21 5.41
CA ALA G 101 -5.74 11.84 5.40
C ALA G 101 -6.23 12.19 6.82
N ILE G 102 -5.90 11.29 7.74
CA ILE G 102 -6.22 11.43 9.18
C ILE G 102 -5.58 12.70 9.77
N PHE G 103 -4.38 13.05 9.31
CA PHE G 103 -3.65 14.22 9.79
C PHE G 103 -4.24 15.57 9.40
N ARG G 104 -4.63 15.71 8.14
CA ARG G 104 -5.21 16.97 7.66
C ARG G 104 -6.20 17.46 8.71
N SER G 105 -7.08 16.56 9.09
CA SER G 105 -8.10 16.90 10.11
C SER G 105 -7.54 17.14 11.50
N ILE G 106 -6.77 16.21 12.03
CA ILE G 106 -6.20 16.36 13.38
C ILE G 106 -5.48 17.72 13.45
N VAL G 107 -4.67 17.99 12.43
CA VAL G 107 -3.88 19.23 12.47
C VAL G 107 -4.73 20.43 12.13
N GLU G 108 -5.80 20.10 11.41
CA GLU G 108 -6.60 21.29 11.09
C GLU G 108 -7.22 21.78 12.39
N SER G 109 -7.93 20.82 12.92
CA SER G 109 -8.65 20.97 14.21
C SER G 109 -7.78 21.45 15.36
N VAL G 110 -6.49 21.17 15.55
CA VAL G 110 -5.67 21.68 16.67
C VAL G 110 -5.24 23.12 16.42
N MET G 111 -4.93 23.41 15.16
CA MET G 111 -4.52 24.75 14.69
C MET G 111 -5.68 25.73 14.87
N ALA G 112 -6.88 25.24 14.63
CA ALA G 112 -8.12 26.02 14.76
C ALA G 112 -8.36 26.36 16.23
N SER G 113 -7.89 25.53 17.14
CA SER G 113 -8.05 25.72 18.60
C SER G 113 -7.41 27.01 19.11
N GLY G 114 -6.34 27.42 18.46
CA GLY G 114 -5.54 28.61 18.79
C GLY G 114 -4.17 28.11 19.24
N PHE G 115 -4.00 26.80 19.09
CA PHE G 115 -2.78 26.08 19.46
C PHE G 115 -1.52 26.84 19.04
N GLN G 116 -0.49 26.73 19.88
CA GLN G 116 0.79 27.40 19.51
C GLN G 116 1.99 26.80 20.27
N GLY G 117 1.87 25.56 20.70
CA GLY G 117 2.97 24.86 21.41
C GLY G 117 3.76 24.09 20.34
N LEU G 118 4.41 23.01 20.75
CA LEU G 118 5.19 22.14 19.86
C LEU G 118 4.31 20.95 19.46
N PHE G 119 4.74 20.23 18.45
CA PHE G 119 4.09 19.03 17.91
C PHE G 119 5.18 17.93 17.92
N LEU G 120 4.80 16.84 18.52
CA LEU G 120 5.64 15.63 18.66
C LEU G 120 4.78 14.48 18.09
N VAL G 121 5.17 14.01 16.93
CA VAL G 121 4.49 12.96 16.13
C VAL G 121 5.06 11.55 16.28
N ALA G 122 4.16 10.58 16.44
CA ALA G 122 4.53 9.18 16.60
C ALA G 122 4.00 8.21 15.55
N THR G 123 2.91 8.47 14.89
CA THR G 123 2.26 7.65 13.84
C THR G 123 3.16 7.23 12.69
N ASN G 124 2.96 6.06 12.09
CA ASN G 124 3.85 5.59 11.00
C ASN G 124 3.23 5.85 9.62
N PRO G 125 4.07 6.26 8.66
CA PRO G 125 5.54 6.43 8.76
C PRO G 125 5.96 7.71 9.44
N VAL G 126 6.54 7.64 10.63
CA VAL G 126 6.90 8.88 11.35
C VAL G 126 7.58 9.95 10.52
N ASP G 127 8.37 9.71 9.48
CA ASP G 127 9.02 10.86 8.80
C ASP G 127 8.11 11.55 7.79
N ILE G 128 7.29 10.73 7.14
CA ILE G 128 6.35 11.27 6.16
C ILE G 128 5.35 12.16 6.92
N LEU G 129 4.80 11.63 7.99
CA LEU G 129 3.82 12.34 8.83
C LEU G 129 4.43 13.49 9.61
N THR G 130 5.70 13.47 9.94
CA THR G 130 6.24 14.64 10.67
C THR G 130 6.30 15.81 9.68
N TYR G 131 6.70 15.42 8.48
CA TYR G 131 6.82 16.36 7.35
C TYR G 131 5.40 16.88 7.16
N ALA G 132 4.50 15.95 6.94
CA ALA G 132 3.08 16.30 6.70
C ALA G 132 2.47 17.21 7.76
N THR G 133 2.76 16.95 9.02
CA THR G 133 2.26 17.72 10.18
C THR G 133 2.78 19.16 10.09
N TRP G 134 4.06 19.26 9.74
CA TRP G 134 4.74 20.54 9.56
C TRP G 134 4.18 21.31 8.37
N LYS G 135 3.82 20.59 7.33
CA LYS G 135 3.24 21.19 6.11
C LYS G 135 1.83 21.74 6.35
N PHE G 136 0.94 20.90 6.87
CA PHE G 136 -0.47 21.20 7.14
C PHE G 136 -0.80 22.15 8.30
N SER G 137 0.19 22.53 9.07
CA SER G 137 0.08 23.40 10.23
C SER G 137 0.65 24.80 9.98
N GLY G 138 1.66 24.80 9.11
CA GLY G 138 2.38 26.00 8.73
C GLY G 138 3.13 26.65 9.90
N LEU G 139 3.37 25.92 10.97
CA LEU G 139 4.15 26.44 12.11
C LEU G 139 5.56 26.28 11.50
N PRO G 140 6.54 26.82 12.16
CA PRO G 140 7.95 26.71 11.72
C PRO G 140 8.37 25.28 11.99
N HIS G 141 9.27 24.74 11.19
CA HIS G 141 9.70 23.34 11.28
C HIS G 141 10.45 22.94 12.55
N GLU G 142 10.96 23.94 13.23
CA GLU G 142 11.70 23.82 14.49
C GLU G 142 10.73 23.39 15.59
N ARG G 143 9.46 23.65 15.29
CA ARG G 143 8.34 23.36 16.19
C ARG G 143 7.57 22.09 15.94
N VAL G 144 7.90 21.34 14.91
CA VAL G 144 7.24 20.06 14.57
C VAL G 144 8.31 18.99 14.83
N ILE G 145 8.09 18.14 15.83
CA ILE G 145 9.07 17.06 16.17
C ILE G 145 8.49 15.67 15.89
N GLY G 146 9.23 14.76 15.26
CA GLY G 146 8.74 13.39 14.95
C GLY G 146 9.54 12.39 15.77
N SER G 147 8.97 11.34 16.34
CA SER G 147 9.81 10.42 17.17
C SER G 147 11.08 9.96 16.46
N GLY G 148 11.17 9.90 15.14
CA GLY G 148 12.38 9.50 14.41
C GLY G 148 13.05 8.21 14.85
N THR G 149 14.38 8.20 14.79
CA THR G 149 15.14 6.98 15.16
C THR G 149 15.41 6.91 16.66
N ILE G 150 14.68 7.65 17.47
CA ILE G 150 14.82 7.68 18.92
C ILE G 150 14.62 6.25 19.45
N LEU G 151 13.67 5.49 18.93
CA LEU G 151 13.40 4.12 19.35
C LEU G 151 14.52 3.18 18.88
N ASP G 152 14.99 3.40 17.67
CA ASP G 152 16.07 2.56 17.11
C ASP G 152 17.40 2.71 17.89
N THR G 153 17.74 3.94 18.21
CA THR G 153 18.97 4.27 18.93
C THR G 153 19.05 3.53 20.25
N ALA G 154 17.91 3.56 20.92
CA ALA G 154 17.81 2.90 22.25
C ALA G 154 17.91 1.39 22.04
N ARG G 155 17.23 0.88 21.03
CA ARG G 155 17.26 -0.55 20.71
C ARG G 155 18.73 -0.88 20.45
N PHE G 156 19.42 0.03 19.81
CA PHE G 156 20.85 -0.19 19.48
C PHE G 156 21.72 -0.11 20.73
N ARG G 157 21.46 0.78 21.66
CA ARG G 157 22.32 0.87 22.87
C ARG G 157 22.22 -0.37 23.71
N PHE G 158 21.02 -0.79 23.94
CA PHE G 158 20.60 -1.95 24.70
C PHE G 158 21.30 -3.26 24.33
N LEU G 159 21.30 -3.56 23.05
CA LEU G 159 21.88 -4.79 22.44
C LEU G 159 23.40 -4.83 22.45
N LEU G 160 24.00 -3.66 22.52
CA LEU G 160 25.43 -3.34 22.56
C LEU G 160 25.91 -3.40 23.99
N GLY G 161 25.03 -2.85 24.81
CA GLY G 161 25.22 -2.80 26.29
C GLY G 161 25.15 -4.28 26.68
N GLU G 162 24.17 -5.01 26.15
CA GLU G 162 24.12 -6.45 26.49
C GLU G 162 25.35 -7.18 26.00
N TYR G 163 25.85 -6.98 24.81
CA TYR G 163 27.05 -7.62 24.24
C TYR G 163 28.30 -7.40 25.09
N PHE G 164 28.63 -6.14 25.28
CA PHE G 164 29.76 -5.62 26.04
C PHE G 164 29.55 -5.70 27.55
N SER G 165 28.32 -6.01 27.93
CA SER G 165 27.94 -6.08 29.35
C SER G 165 28.32 -4.82 30.10
N VAL G 166 27.78 -3.69 29.69
CA VAL G 166 27.99 -2.36 30.30
C VAL G 166 26.60 -1.70 30.32
N ALA G 167 26.40 -0.66 31.11
CA ALA G 167 25.03 -0.05 31.10
C ALA G 167 24.79 0.44 29.68
N PRO G 168 23.57 0.25 29.19
CA PRO G 168 23.21 0.63 27.81
C PRO G 168 23.47 2.13 27.74
N GLN G 169 23.17 2.65 28.93
CA GLN G 169 23.32 4.08 29.20
C GLN G 169 24.76 4.46 28.88
N ASN G 170 25.76 3.58 28.92
CA ASN G 170 27.13 3.96 28.60
C ASN G 170 27.63 3.50 27.21
N VAL G 171 26.68 3.26 26.33
CA VAL G 171 26.97 2.87 24.93
C VAL G 171 26.63 4.13 24.12
N HIS G 172 27.57 4.58 23.32
CA HIS G 172 27.43 5.80 22.49
C HIS G 172 27.46 5.46 21.01
N ALA G 173 26.25 5.36 20.50
CA ALA G 173 25.96 5.00 19.11
C ALA G 173 24.56 5.48 18.71
N TYR G 174 24.42 5.79 17.43
CA TYR G 174 23.18 6.28 16.83
C TYR G 174 22.63 5.47 15.67
N ILE G 175 21.34 5.63 15.46
CA ILE G 175 20.64 5.01 14.31
C ILE G 175 20.04 6.26 13.64
N ILE G 176 20.36 6.41 12.38
CA ILE G 176 19.89 7.56 11.60
C ILE G 176 19.28 7.11 10.29
N GLY G 177 18.72 8.13 9.66
CA GLY G 177 18.00 7.85 8.37
C GLY G 177 16.59 7.55 8.91
N GLU G 178 15.86 6.86 8.11
CA GLU G 178 14.49 6.46 8.34
C GLU G 178 14.22 5.48 9.49
N HIS G 179 13.12 5.89 10.12
CA HIS G 179 12.48 5.13 11.19
C HIS G 179 11.79 4.09 10.28
N GLY G 180 12.61 3.13 9.89
CA GLY G 180 12.09 2.09 8.99
C GLY G 180 13.26 1.28 8.45
N ASP G 181 12.99 0.72 7.28
CA ASP G 181 13.98 -0.17 6.66
C ASP G 181 15.22 0.51 6.13
N THR G 182 15.22 1.82 5.87
CA THR G 182 16.50 2.34 5.30
C THR G 182 17.45 2.88 6.35
N GLU G 183 17.08 2.85 7.62
CA GLU G 183 17.97 3.41 8.68
C GLU G 183 19.36 2.85 8.51
N LEU G 184 20.25 3.46 9.28
CA LEU G 184 21.64 2.98 9.19
C LEU G 184 22.42 3.35 10.44
N PRO G 185 23.26 2.42 10.89
CA PRO G 185 24.07 2.66 12.08
C PRO G 185 25.29 3.48 11.76
N VAL G 186 25.67 4.34 12.71
CA VAL G 186 26.91 5.10 12.40
C VAL G 186 27.99 4.48 13.29
N TRP G 187 28.61 3.45 12.73
CA TRP G 187 29.66 2.67 13.39
C TRP G 187 30.90 3.56 13.53
N SER G 188 31.15 4.34 12.51
CA SER G 188 32.32 5.27 12.49
C SER G 188 32.38 6.13 13.76
N GLN G 189 31.26 6.42 14.41
CA GLN G 189 31.22 7.22 15.64
C GLN G 189 30.37 6.57 16.73
N ALA G 190 30.73 5.37 17.11
CA ALA G 190 30.01 4.61 18.12
C ALA G 190 31.01 4.19 19.20
N TYR G 191 30.74 4.66 20.40
CA TYR G 191 31.57 4.41 21.58
C TYR G 191 30.84 3.65 22.68
N ILE G 192 31.68 3.14 23.55
CA ILE G 192 31.33 2.38 24.77
C ILE G 192 32.16 3.19 25.75
N GLY G 193 31.55 4.12 26.45
CA GLY G 193 32.43 5.01 27.30
C GLY G 193 32.91 6.10 26.32
N VAL G 194 34.20 6.12 26.07
CA VAL G 194 34.86 7.06 25.16
C VAL G 194 35.69 6.25 24.15
N MET G 195 35.70 4.95 24.35
CA MET G 195 36.42 3.95 23.56
C MET G 195 35.67 3.39 22.35
N PRO G 196 36.17 3.66 21.16
CA PRO G 196 35.61 3.22 19.88
C PRO G 196 35.33 1.73 19.74
N ILE G 197 34.06 1.45 19.48
CA ILE G 197 33.58 0.06 19.33
C ILE G 197 34.56 -0.72 18.47
N ARG G 198 34.59 -0.29 17.22
CA ARG G 198 35.51 -0.91 16.23
C ARG G 198 36.96 -0.54 16.59
N LYS G 199 37.46 -1.20 17.62
CA LYS G 199 38.81 -1.04 18.16
C LYS G 199 38.88 -1.83 19.48
N LEU G 200 37.70 -2.12 19.96
CA LEU G 200 37.42 -2.90 21.14
C LEU G 200 37.11 -4.29 20.55
N VAL G 201 36.67 -4.23 19.29
CA VAL G 201 36.35 -5.48 18.55
C VAL G 201 37.53 -5.73 17.61
N GLU G 202 38.27 -4.64 17.42
CA GLU G 202 39.45 -4.65 16.56
C GLU G 202 40.31 -5.90 16.82
N SER G 203 40.46 -6.09 18.12
CA SER G 203 41.29 -7.17 18.68
C SER G 203 40.67 -8.55 18.62
N LYS G 204 39.48 -8.72 18.04
CA LYS G 204 38.83 -10.04 17.99
C LYS G 204 37.93 -10.28 16.78
N GLY G 205 38.42 -9.87 15.64
CA GLY G 205 37.89 -9.91 14.30
C GLY G 205 36.90 -10.98 13.84
N GLU G 206 36.24 -10.62 12.75
CA GLU G 206 35.24 -11.43 12.04
C GLU G 206 34.50 -12.33 13.02
N GLU G 207 34.33 -11.71 14.17
CA GLU G 207 33.63 -12.25 15.35
C GLU G 207 33.10 -10.96 15.95
N ALA G 208 34.02 -10.17 16.49
CA ALA G 208 33.46 -8.87 16.99
C ALA G 208 32.68 -8.51 15.73
N GLN G 209 33.47 -8.40 14.67
CA GLN G 209 32.89 -8.10 13.35
C GLN G 209 31.53 -8.72 13.06
N LYS G 210 31.44 -10.02 12.89
CA LYS G 210 30.14 -10.64 12.55
C LYS G 210 29.04 -10.46 13.58
N ASP G 211 29.38 -10.23 14.83
CA ASP G 211 28.32 -10.12 15.88
C ASP G 211 27.69 -8.74 15.81
N LEU G 212 28.52 -7.79 15.47
CA LEU G 212 28.13 -6.39 15.33
C LEU G 212 27.10 -6.21 14.21
N GLU G 213 27.33 -6.90 13.08
CA GLU G 213 26.42 -6.83 11.93
C GLU G 213 25.06 -7.42 12.27
N ARG G 214 25.21 -8.51 12.98
CA ARG G 214 24.11 -9.35 13.51
C ARG G 214 23.24 -8.56 14.49
N ILE G 215 23.86 -7.69 15.26
CA ILE G 215 23.21 -6.82 16.25
C ILE G 215 22.42 -5.71 15.59
N PHE G 216 23.08 -5.13 14.57
CA PHE G 216 22.41 -4.05 13.83
C PHE G 216 21.19 -4.68 13.10
N VAL G 217 21.25 -5.95 12.77
CA VAL G 217 20.08 -6.56 12.10
C VAL G 217 18.90 -6.71 13.04
N ASN G 218 19.16 -6.93 14.33
CA ASN G 218 18.04 -7.09 15.29
C ASN G 218 17.32 -5.77 15.51
N VAL G 219 18.09 -4.71 15.31
CA VAL G 219 17.53 -3.35 15.45
C VAL G 219 16.37 -3.19 14.45
N ARG G 220 16.77 -3.05 13.20
CA ARG G 220 15.94 -2.81 12.04
C ARG G 220 14.69 -3.64 11.86
N ASP G 221 14.75 -4.86 12.40
CA ASP G 221 13.60 -5.80 12.23
C ASP G 221 12.88 -5.99 13.57
N ALA G 222 13.48 -5.32 14.55
CA ALA G 222 12.91 -5.42 15.90
C ALA G 222 11.41 -5.22 15.76
N ALA G 223 11.04 -4.23 14.94
CA ALA G 223 9.61 -3.97 14.73
C ALA G 223 8.82 -5.23 14.38
N TYR G 224 9.21 -5.94 13.32
CA TYR G 224 8.51 -7.13 12.87
C TYR G 224 8.62 -8.26 13.88
N GLN G 225 9.69 -8.36 14.64
CA GLN G 225 9.85 -9.43 15.66
C GLN G 225 8.77 -9.23 16.73
N ILE G 226 8.69 -8.04 17.32
CA ILE G 226 7.66 -7.74 18.32
C ILE G 226 6.27 -7.83 17.69
N ILE G 227 6.11 -7.17 16.53
CA ILE G 227 4.79 -7.19 15.87
C ILE G 227 4.35 -8.64 15.86
N GLU G 228 5.27 -9.46 15.41
CA GLU G 228 5.03 -10.92 15.30
C GLU G 228 4.74 -11.58 16.65
N LYS G 229 5.40 -11.33 17.75
CA LYS G 229 5.13 -11.94 19.06
C LYS G 229 3.96 -11.36 19.86
N LYS G 230 3.50 -10.14 19.67
CA LYS G 230 2.39 -9.69 20.54
C LYS G 230 1.42 -8.73 19.87
N GLY G 231 1.58 -8.50 18.58
CA GLY G 231 0.74 -7.66 17.73
C GLY G 231 1.16 -6.23 17.42
N ALA G 232 1.95 -5.66 18.32
CA ALA G 232 2.40 -4.27 18.22
C ALA G 232 3.50 -3.93 19.20
N THR G 233 4.05 -2.73 18.97
CA THR G 233 5.10 -2.21 19.86
C THR G 233 4.56 -0.95 20.55
N TYR G 234 4.83 -0.84 21.84
CA TYR G 234 4.29 0.37 22.50
C TYR G 234 5.13 0.90 23.65
N TYR G 235 5.59 0.01 24.48
CA TYR G 235 6.43 0.28 25.64
C TYR G 235 7.77 0.98 25.46
N GLY G 236 8.34 0.76 24.29
CA GLY G 236 9.66 1.29 23.92
C GLY G 236 9.41 2.73 23.45
N ILE G 237 8.50 2.84 22.51
CA ILE G 237 8.14 4.17 21.95
C ILE G 237 7.63 5.04 23.09
N ALA G 238 6.78 4.48 23.94
CA ALA G 238 6.25 5.24 25.08
C ALA G 238 7.40 5.82 25.90
N MET G 239 8.47 5.08 26.12
CA MET G 239 9.67 5.50 26.86
C MET G 239 10.43 6.57 26.07
N GLY G 240 10.33 6.43 24.75
CA GLY G 240 10.97 7.29 23.75
C GLY G 240 10.28 8.66 23.75
N LEU G 241 9.00 8.61 23.47
CA LEU G 241 8.11 9.78 23.48
C LEU G 241 8.31 10.51 24.81
N ALA G 242 8.33 9.84 25.96
CA ALA G 242 8.52 10.46 27.27
C ALA G 242 9.90 11.07 27.43
N ARG G 243 10.94 10.44 26.90
CA ARG G 243 12.29 11.01 27.01
C ARG G 243 12.37 12.38 26.30
N VAL G 244 11.71 12.47 25.17
CA VAL G 244 11.68 13.71 24.37
C VAL G 244 10.79 14.69 25.18
N THR G 245 9.61 14.22 25.56
CA THR G 245 8.67 15.06 26.33
C THR G 245 9.40 15.81 27.45
N ARG G 246 10.41 15.24 28.05
CA ARG G 246 11.20 15.83 29.12
C ARG G 246 12.20 16.89 28.64
N ALA G 247 12.86 16.63 27.53
CA ALA G 247 13.85 17.57 26.96
C ALA G 247 13.13 18.90 26.74
N ILE G 248 11.95 18.76 26.13
CA ILE G 248 11.09 19.93 25.89
C ILE G 248 10.73 20.57 27.25
N LEU G 249 9.64 20.05 27.81
CA LEU G 249 9.06 20.50 29.08
C LEU G 249 10.16 20.98 30.03
N HIS G 250 11.40 20.58 29.92
CA HIS G 250 12.43 21.06 30.84
C HIS G 250 13.61 21.73 30.15
N ASN G 251 13.30 22.36 29.04
CA ASN G 251 14.38 23.11 28.34
C ASN G 251 15.74 22.56 28.72
N GLU G 252 15.90 21.30 28.34
CA GLU G 252 17.10 20.54 28.63
C GLU G 252 18.29 20.78 27.71
N ASN G 253 18.06 20.96 26.43
CA ASN G 253 19.12 21.13 25.42
C ASN G 253 19.88 19.78 25.36
N ALA G 254 19.08 18.73 25.43
CA ALA G 254 19.52 17.33 25.40
C ALA G 254 19.70 16.94 23.93
N ILE G 255 20.74 16.16 23.66
CA ILE G 255 20.87 15.80 22.23
C ILE G 255 20.22 14.46 21.97
N LEU G 256 19.15 14.38 21.22
CA LEU G 256 18.44 13.15 20.83
C LEU G 256 18.44 13.04 19.29
N THR G 257 18.11 11.87 18.74
CA THR G 257 18.09 11.60 17.32
C THR G 257 16.64 11.46 16.89
N VAL G 258 16.04 12.55 16.49
CA VAL G 258 14.61 12.56 16.06
C VAL G 258 14.48 12.95 14.60
N SER G 259 13.24 13.10 14.18
CA SER G 259 12.89 13.53 12.81
C SER G 259 13.05 15.07 12.81
N ALA G 260 14.04 15.57 12.08
CA ALA G 260 14.28 17.02 11.96
C ALA G 260 14.13 17.39 10.50
N TYR G 261 13.94 18.65 10.13
CA TYR G 261 13.85 19.04 8.71
C TYR G 261 15.31 19.33 8.32
N LEU G 262 15.70 19.06 7.10
CA LEU G 262 17.05 19.30 6.58
C LEU G 262 16.96 20.25 5.37
N ASP G 263 17.86 21.22 5.38
CA ASP G 263 17.90 22.18 4.23
C ASP G 263 19.36 22.47 3.90
N GLY G 264 19.99 21.42 3.42
CA GLY G 264 21.35 21.28 2.97
C GLY G 264 22.37 20.71 3.94
N LEU G 265 21.88 20.46 5.14
CA LEU G 265 22.69 19.96 6.25
C LEU G 265 23.25 18.56 6.13
N TYR G 266 22.64 17.52 5.60
CA TYR G 266 23.45 16.25 5.60
C TYR G 266 23.69 15.83 4.15
N GLY G 267 23.70 16.85 3.31
CA GLY G 267 23.80 16.84 1.87
C GLY G 267 22.38 16.81 1.24
N GLU G 268 21.31 17.09 1.97
CA GLU G 268 19.91 17.08 1.56
C GLU G 268 19.07 18.31 1.91
N ARG G 269 17.83 18.22 1.42
CA ARG G 269 16.92 19.33 1.68
C ARG G 269 15.50 18.75 1.68
N ASP G 270 14.67 19.63 2.20
CA ASP G 270 13.24 19.31 2.21
C ASP G 270 12.93 17.85 2.48
N VAL G 271 13.41 17.34 3.61
CA VAL G 271 13.16 15.96 4.08
C VAL G 271 13.21 15.91 5.61
N TYR G 272 12.22 15.31 6.26
CA TYR G 272 12.21 15.16 7.74
C TYR G 272 12.83 13.75 7.93
N ILE G 273 13.96 13.63 8.60
CA ILE G 273 14.62 12.33 8.79
C ILE G 273 15.21 12.12 10.18
N GLY G 274 15.61 10.90 10.49
CA GLY G 274 16.20 10.61 11.81
C GLY G 274 17.57 11.30 11.79
N VAL G 275 17.82 12.10 12.82
CA VAL G 275 19.13 12.83 12.87
C VAL G 275 19.29 13.38 14.28
N PRO G 276 20.51 13.57 14.78
CA PRO G 276 20.72 14.12 16.14
C PRO G 276 20.47 15.62 16.15
N ALA G 277 19.68 16.06 17.11
CA ALA G 277 19.34 17.49 17.25
C ALA G 277 19.26 17.78 18.75
N VAL G 278 19.62 19.00 19.08
CA VAL G 278 19.56 19.50 20.46
C VAL G 278 18.08 19.90 20.60
N ILE G 279 17.32 19.41 21.55
CA ILE G 279 15.90 19.73 21.77
C ILE G 279 15.72 20.63 23.00
N ASN G 280 14.75 21.52 23.04
CA ASN G 280 14.61 22.38 24.26
C ASN G 280 13.17 22.87 24.35
N ARG G 281 12.94 23.88 25.18
CA ARG G 281 11.61 24.45 25.41
C ARG G 281 10.98 25.00 24.12
N ASN G 282 11.79 25.22 23.08
CA ASN G 282 11.28 25.77 21.82
C ASN G 282 11.32 24.83 20.62
N GLY G 283 11.26 23.52 20.81
CA GLY G 283 11.29 22.59 19.65
C GLY G 283 12.77 22.26 19.46
N ILE G 284 13.18 21.96 18.24
CA ILE G 284 14.58 21.63 17.96
C ILE G 284 15.57 22.79 17.92
N ARG G 285 16.57 22.80 18.79
CA ARG G 285 17.55 23.88 18.81
C ARG G 285 18.45 23.84 17.58
N GLU G 286 18.83 22.65 17.14
CA GLU G 286 19.71 22.58 15.97
C GLU G 286 19.89 21.09 15.64
N VAL G 287 20.20 20.97 14.35
CA VAL G 287 20.47 19.66 13.74
C VAL G 287 21.98 19.49 13.86
N ILE G 288 22.43 18.35 14.33
CA ILE G 288 23.88 18.10 14.48
C ILE G 288 24.33 17.27 13.27
N GLU G 289 25.37 17.77 12.63
CA GLU G 289 25.93 17.09 11.45
C GLU G 289 27.11 16.26 11.93
N ILE G 290 26.83 14.97 12.11
CA ILE G 290 28.01 14.17 12.60
C ILE G 290 28.78 13.91 11.30
N GLU G 291 30.05 13.61 11.47
CA GLU G 291 30.89 13.34 10.27
C GLU G 291 30.66 11.86 9.95
N LEU G 292 30.31 11.59 8.71
CA LEU G 292 30.02 10.20 8.28
C LEU G 292 31.19 9.63 7.48
N ASN G 293 31.19 8.31 7.33
CA ASN G 293 32.22 7.63 6.50
C ASN G 293 31.55 7.57 5.10
N ASP G 294 32.34 7.35 4.05
CA ASP G 294 31.76 7.31 2.68
C ASP G 294 30.49 6.44 2.69
N ASP G 295 30.67 5.28 3.32
CA ASP G 295 29.56 4.32 3.39
C ASP G 295 28.38 4.90 4.18
N GLU G 296 28.56 5.57 5.32
CA GLU G 296 27.33 6.07 5.97
C GLU G 296 26.69 7.19 5.18
N LYS G 297 27.47 8.10 4.62
CA LYS G 297 26.96 9.23 3.81
C LYS G 297 26.05 8.79 2.66
N ASN G 298 26.48 7.62 2.19
CA ASN G 298 25.93 6.86 1.08
C ASN G 298 24.59 6.21 1.35
N ARG G 299 24.54 5.48 2.46
CA ARG G 299 23.27 4.79 2.82
C ARG G 299 22.25 5.82 3.30
N PHE G 300 22.85 6.89 3.80
CA PHE G 300 22.12 8.05 4.33
C PHE G 300 21.36 8.67 3.13
N HIS G 301 22.21 9.05 2.18
CA HIS G 301 21.60 9.62 0.96
C HIS G 301 20.57 8.65 0.38
N HIS G 302 20.84 7.35 0.50
CA HIS G 302 19.84 6.41 -0.04
C HIS G 302 18.56 6.52 0.81
N SER G 303 18.73 6.65 2.12
CA SER G 303 17.54 6.78 2.99
C SER G 303 16.89 8.14 2.68
N ALA G 304 17.70 9.18 2.80
CA ALA G 304 17.16 10.54 2.52
C ALA G 304 16.24 10.41 1.32
N ALA G 305 16.92 9.88 0.31
CA ALA G 305 16.43 9.59 -1.05
C ALA G 305 15.09 8.87 -1.15
N THR G 306 14.96 7.75 -0.46
CA THR G 306 13.75 6.93 -0.45
C THR G 306 12.56 7.69 0.16
N LEU G 307 12.83 8.61 1.08
CA LEU G 307 11.67 9.30 1.68
C LEU G 307 11.20 10.38 0.71
N LYS G 308 12.09 11.15 0.10
CA LYS G 308 11.62 12.24 -0.81
C LYS G 308 10.69 11.76 -1.93
N SER G 309 10.68 10.48 -2.23
CA SER G 309 9.85 9.81 -3.21
C SER G 309 8.39 9.79 -2.73
N VAL G 310 8.19 9.11 -1.61
CA VAL G 310 6.85 9.02 -1.02
C VAL G 310 6.26 10.42 -0.83
N LEU G 311 7.20 11.31 -0.51
CA LEU G 311 6.87 12.73 -0.26
C LEU G 311 6.43 13.43 -1.55
N ALA G 312 7.16 13.10 -2.60
CA ALA G 312 6.86 13.64 -3.92
C ALA G 312 5.51 13.08 -4.39
N ARG G 313 5.44 11.77 -4.51
CA ARG G 313 4.19 11.19 -5.03
C ARG G 313 3.00 11.13 -4.11
N ALA G 314 3.14 11.40 -2.82
CA ALA G 314 1.92 11.28 -1.97
C ALA G 314 1.51 12.51 -1.16
N PHE G 315 1.62 13.73 -1.68
CA PHE G 315 1.20 14.94 -0.93
C PHE G 315 -0.17 15.46 -1.40
N THR G 316 -0.10 16.33 -2.35
CA THR G 316 -0.83 17.15 -3.29
C THR G 316 0.07 18.42 -3.49
N MET H 1 11.80 25.89 30.89
CA MET H 1 13.15 26.37 30.65
C MET H 1 13.96 26.53 31.96
N LYS H 2 15.22 26.17 31.74
CA LYS H 2 16.30 26.25 32.73
C LYS H 2 17.00 27.52 32.17
N ASN H 3 16.18 27.98 31.21
CA ASN H 3 16.55 29.15 30.43
C ASN H 3 15.47 30.18 30.11
N ASN H 4 14.86 30.64 31.19
CA ASN H 4 13.84 31.73 31.16
C ASN H 4 12.45 31.35 30.67
N GLY H 5 12.00 30.15 31.06
CA GLY H 5 10.65 29.65 30.68
C GLY H 5 10.05 28.72 31.72
N GLY H 6 10.68 28.47 32.88
CA GLY H 6 10.10 27.55 33.87
C GLY H 6 9.73 27.92 35.27
N ALA H 7 10.17 27.09 36.21
CA ALA H 7 9.95 27.30 37.65
C ALA H 7 11.27 27.90 38.16
N ARG H 8 11.09 29.14 38.60
CA ARG H 8 12.30 29.79 39.13
C ARG H 8 12.01 30.02 40.61
N VAL H 9 12.96 29.57 41.43
CA VAL H 9 12.81 29.76 42.88
C VAL H 9 14.03 30.62 43.22
N VAL H 10 13.82 31.69 43.96
CA VAL H 10 14.93 32.58 44.37
C VAL H 10 15.02 32.47 45.91
N VAL H 11 16.20 32.05 46.33
CA VAL H 11 16.55 31.83 47.73
C VAL H 11 17.50 32.93 48.21
N ILE H 12 16.90 33.73 49.09
CA ILE H 12 17.67 34.84 49.68
C ILE H 12 18.15 34.38 51.05
N GLY H 13 19.41 34.00 51.16
CA GLY H 13 19.97 33.53 52.44
C GLY H 13 20.57 32.13 52.28
N ALA H 14 21.75 32.13 51.71
CA ALA H 14 22.57 30.97 51.44
C ALA H 14 23.19 30.51 52.75
N GLY H 15 22.41 30.40 53.80
CA GLY H 15 22.94 29.96 55.13
C GLY H 15 22.70 28.45 55.22
N PHE H 16 22.75 27.83 56.39
CA PHE H 16 22.48 26.39 56.55
C PHE H 16 21.12 26.04 55.95
N VAL H 17 20.16 26.76 56.49
CA VAL H 17 18.74 26.64 56.07
C VAL H 17 18.65 26.92 54.58
N GLY H 18 19.21 27.93 53.93
CA GLY H 18 19.10 28.13 52.50
C GLY H 18 19.62 27.20 51.42
N ALA H 19 20.77 26.57 51.67
CA ALA H 19 21.41 25.66 50.70
C ALA H 19 20.99 24.23 51.00
N SER H 20 20.71 23.98 52.27
CA SER H 20 20.26 22.61 52.61
C SER H 20 18.97 22.49 51.81
N TYR H 21 18.29 23.63 51.64
CA TYR H 21 17.01 23.75 50.91
C TYR H 21 17.18 23.45 49.42
N VAL H 22 18.17 24.10 48.86
CA VAL H 22 18.59 23.97 47.45
C VAL H 22 19.08 22.53 47.19
N PHE H 23 19.86 21.95 48.10
CA PHE H 23 20.36 20.56 47.90
C PHE H 23 19.14 19.65 47.69
N ALA H 24 18.11 19.76 48.52
CA ALA H 24 16.87 18.96 48.42
C ALA H 24 16.13 19.20 47.11
N LEU H 25 15.83 20.45 46.78
CA LEU H 25 15.12 20.75 45.52
C LEU H 25 15.82 20.00 44.37
N MET H 26 17.12 20.13 44.41
CA MET H 26 18.07 19.58 43.45
C MET H 26 17.95 18.07 43.41
N ASN H 27 18.22 17.40 44.52
CA ASN H 27 18.13 15.92 44.47
C ASN H 27 16.70 15.48 44.23
N GLN H 28 15.71 16.19 44.75
CA GLN H 28 14.30 15.80 44.53
C GLN H 28 13.90 16.27 43.13
N GLY H 29 14.67 17.10 42.45
CA GLY H 29 14.44 17.65 41.11
C GLY H 29 13.14 18.45 40.94
N ILE H 30 12.91 19.38 41.85
CA ILE H 30 11.69 20.19 41.91
C ILE H 30 11.70 21.45 41.05
N ALA H 31 12.73 22.25 40.83
CA ALA H 31 12.51 23.45 39.96
C ALA H 31 13.41 23.54 38.73
N ASP H 32 13.15 24.47 37.81
CA ASP H 32 13.94 24.68 36.60
C ASP H 32 15.09 25.67 36.72
N GLU H 33 14.93 26.57 37.67
CA GLU H 33 15.95 27.62 37.84
C GLU H 33 15.81 28.10 39.28
N ILE H 34 16.93 28.03 39.94
CA ILE H 34 17.16 28.37 41.33
C ILE H 34 18.34 29.34 41.44
N VAL H 35 18.06 30.56 41.80
CA VAL H 35 19.07 31.62 41.94
C VAL H 35 19.39 31.92 43.41
N LEU H 36 20.66 31.98 43.76
CA LEU H 36 21.07 32.30 45.14
C LEU H 36 21.47 33.77 45.33
N ILE H 37 20.84 34.42 46.28
CA ILE H 37 21.08 35.81 46.69
C ILE H 37 21.50 35.78 48.17
N ASP H 38 22.70 36.25 48.43
CA ASP H 38 23.28 36.29 49.78
C ASP H 38 24.05 37.61 49.96
N ALA H 39 23.90 38.13 51.17
CA ALA H 39 24.60 39.37 51.56
C ALA H 39 26.09 39.14 51.28
N ASN H 40 26.45 37.88 51.51
CA ASN H 40 27.79 37.33 51.38
C ASN H 40 27.97 36.56 50.06
N GLU H 41 28.25 37.40 49.07
CA GLU H 41 28.51 37.06 47.69
C GLU H 41 29.15 35.69 47.47
N SER H 42 30.35 35.64 48.00
CA SER H 42 31.32 34.57 48.04
C SER H 42 30.66 33.25 48.45
N LYS H 43 30.03 33.31 49.62
CA LYS H 43 29.34 32.09 50.08
C LYS H 43 28.36 31.78 48.96
N ALA H 44 27.43 32.69 48.68
CA ALA H 44 26.47 32.44 47.59
C ALA H 44 27.16 31.87 46.34
N ILE H 45 28.39 32.22 46.09
CA ILE H 45 29.24 31.80 44.95
C ILE H 45 29.90 30.43 45.12
N GLY H 46 30.50 30.08 46.24
CA GLY H 46 31.09 28.70 46.37
C GLY H 46 29.96 27.69 46.10
N ASP H 47 28.84 27.88 46.77
CA ASP H 47 27.60 27.09 46.75
C ASP H 47 26.97 26.89 45.37
N ALA H 48 26.81 27.94 44.59
CA ALA H 48 26.26 27.77 43.24
C ALA H 48 27.27 26.94 42.43
N MET H 49 28.55 27.06 42.76
CA MET H 49 29.62 26.33 42.07
C MET H 49 29.62 24.86 42.56
N ASP H 50 29.61 24.77 43.87
CA ASP H 50 29.60 23.47 44.55
C ASP H 50 28.39 22.68 44.04
N PHE H 51 27.21 23.30 43.92
CA PHE H 51 26.02 22.59 43.40
C PHE H 51 26.28 22.20 41.91
N ASN H 52 26.24 23.21 41.06
CA ASN H 52 26.48 23.09 39.62
C ASN H 52 27.38 21.89 39.32
N HIS H 53 28.39 21.78 40.17
CA HIS H 53 29.37 20.70 40.05
C HIS H 53 28.79 19.30 40.24
N GLY H 54 27.81 19.11 41.11
CA GLY H 54 27.33 17.72 41.26
C GLY H 54 26.19 17.38 40.32
N LYS H 55 25.66 18.36 39.61
CA LYS H 55 24.54 18.19 38.67
C LYS H 55 24.62 17.17 37.55
N VAL H 56 25.74 16.69 37.00
CA VAL H 56 25.65 15.66 35.95
C VAL H 56 24.94 14.43 36.57
N PHE H 57 24.79 14.43 37.88
CA PHE H 57 24.17 13.33 38.66
C PHE H 57 22.77 13.67 39.18
N ALA H 58 22.26 14.87 38.93
CA ALA H 58 20.91 15.28 39.35
C ALA H 58 19.89 14.54 38.50
N PRO H 59 18.95 13.95 39.22
CA PRO H 59 17.87 13.21 38.51
C PRO H 59 17.29 14.20 37.51
N LYS H 60 17.34 15.43 38.02
CA LYS H 60 16.81 16.49 37.14
C LYS H 60 17.77 17.62 36.82
N PRO H 61 17.57 18.03 35.57
CA PRO H 61 18.32 19.15 34.99
C PRO H 61 17.80 20.40 35.69
N VAL H 62 18.65 21.22 36.25
CA VAL H 62 18.12 22.46 36.92
C VAL H 62 19.14 23.55 36.67
N ASP H 63 18.78 24.81 36.56
CA ASP H 63 19.77 25.89 36.30
C ASP H 63 20.06 26.55 37.65
N ILE H 64 21.27 26.42 38.19
CA ILE H 64 21.62 27.06 39.46
C ILE H 64 22.70 28.12 39.11
N TRP H 65 22.59 29.26 39.76
CA TRP H 65 23.54 30.37 39.54
C TRP H 65 23.42 31.38 40.68
N HIS H 66 24.40 32.21 40.94
CA HIS H 66 24.32 33.27 41.96
C HIS H 66 23.79 34.58 41.34
N GLY H 67 22.63 35.10 41.69
CA GLY H 67 22.09 36.34 41.11
C GLY H 67 21.95 37.54 42.03
N ASP H 68 20.91 38.31 41.76
CA ASP H 68 20.39 39.53 42.40
C ASP H 68 18.87 39.68 42.11
N TYR H 69 18.25 40.64 42.76
CA TYR H 69 16.82 40.95 42.74
C TYR H 69 16.19 41.10 41.37
N ASP H 70 17.03 41.37 40.41
CA ASP H 70 16.44 41.50 39.03
C ASP H 70 15.91 40.12 38.64
N ASP H 71 16.49 39.12 39.29
CA ASP H 71 16.20 37.70 39.17
C ASP H 71 14.79 37.37 39.65
N CYS H 72 14.38 38.15 40.64
CA CYS H 72 13.04 38.01 41.23
C CYS H 72 11.92 38.42 40.26
N ARG H 73 12.26 39.30 39.31
CA ARG H 73 11.22 39.77 38.38
C ARG H 73 10.38 38.62 37.82
N ASP H 74 11.06 37.55 37.41
CA ASP H 74 10.27 36.41 36.86
C ASP H 74 10.41 35.17 37.77
N ALA H 75 10.52 35.42 39.07
CA ALA H 75 10.60 34.29 40.04
C ALA H 75 9.12 34.03 40.34
N ASP H 76 8.77 32.82 40.76
CA ASP H 76 7.43 32.29 41.06
C ASP H 76 7.25 32.12 42.59
N LEU H 77 8.46 31.92 43.11
CA LEU H 77 8.54 31.72 44.55
C LEU H 77 9.88 32.26 44.99
N VAL H 78 9.78 33.16 45.94
CA VAL H 78 10.98 33.80 46.55
C VAL H 78 10.99 33.18 47.95
N VAL H 79 12.09 32.54 48.29
CA VAL H 79 12.17 31.86 49.61
C VAL H 79 13.16 32.65 50.45
N ILE H 80 12.74 33.14 51.61
CA ILE H 80 13.58 33.95 52.50
C ILE H 80 14.07 33.15 53.73
N CYS H 81 15.33 32.78 53.65
CA CYS H 81 16.03 32.02 54.70
C CYS H 81 17.09 32.86 55.39
N ALA H 82 17.05 34.14 55.10
CA ALA H 82 18.04 35.09 55.60
C ALA H 82 17.92 35.45 57.08
N GLY H 83 19.08 35.83 57.62
CA GLY H 83 19.23 36.29 58.98
C GLY H 83 19.72 35.42 60.11
N ALA H 84 19.45 35.98 61.29
CA ALA H 84 19.86 35.40 62.57
C ALA H 84 19.00 34.35 63.24
N ASN H 85 19.74 33.30 63.58
CA ASN H 85 19.63 32.01 64.23
C ASN H 85 19.68 32.04 65.77
N GLN H 86 18.74 31.32 66.38
CA GLN H 86 18.73 31.26 67.84
C GLN H 86 19.98 30.40 68.22
N LYS H 87 20.60 31.04 69.19
CA LYS H 87 21.77 30.56 69.90
C LYS H 87 21.17 29.79 71.10
N PRO H 88 22.03 29.00 71.70
CA PRO H 88 21.68 28.20 72.89
C PRO H 88 21.18 29.08 74.02
N GLY H 89 20.00 28.69 74.50
CA GLY H 89 19.28 29.35 75.60
C GLY H 89 18.15 30.19 74.97
N GLU H 90 18.66 30.86 73.94
CA GLU H 90 17.91 31.74 73.07
C GLU H 90 16.66 31.04 72.49
N THR H 91 15.60 31.81 72.59
CA THR H 91 14.26 31.46 72.10
C THR H 91 14.14 32.06 70.69
N ARG H 92 13.05 31.75 70.01
CA ARG H 92 12.87 32.28 68.64
C ARG H 92 12.75 33.81 68.74
N LEU H 93 11.73 34.15 69.50
CA LEU H 93 11.27 35.50 69.84
C LEU H 93 12.38 36.49 70.17
N ASP H 94 13.51 36.03 70.69
CA ASP H 94 14.63 36.92 71.01
C ASP H 94 15.12 37.63 69.73
N LEU H 95 14.91 37.00 68.59
CA LEU H 95 15.38 37.50 67.30
C LEU H 95 14.50 38.55 66.64
N VAL H 96 13.34 38.83 67.18
CA VAL H 96 12.44 39.77 66.50
C VAL H 96 13.06 41.05 65.94
N ASP H 97 13.65 41.87 66.80
CA ASP H 97 14.18 43.19 66.34
C ASP H 97 15.26 43.07 65.26
N LYS H 98 16.25 42.24 65.48
CA LYS H 98 17.29 42.01 64.47
C LYS H 98 16.64 42.00 63.08
N ASN H 99 15.99 40.85 62.92
CA ASN H 99 15.26 40.36 61.75
C ASN H 99 14.09 41.24 61.29
N ILE H 100 13.23 41.90 62.07
CA ILE H 100 12.20 42.71 61.41
C ILE H 100 13.04 43.70 60.55
N ALA H 101 14.20 43.97 61.17
CA ALA H 101 15.13 44.88 60.49
C ALA H 101 15.50 44.46 59.08
N ILE H 102 15.95 43.27 58.75
CA ILE H 102 16.33 42.80 57.41
C ILE H 102 15.27 42.51 56.35
N PHE H 103 14.15 41.99 56.82
CA PHE H 103 13.07 41.65 55.87
C PHE H 103 12.62 42.92 55.17
N ARG H 104 12.83 44.02 55.87
CA ARG H 104 12.45 45.35 55.35
C ARG H 104 13.19 45.59 54.03
N SER H 105 14.48 45.35 54.10
CA SER H 105 15.42 45.49 52.99
C SER H 105 14.99 44.52 51.88
N ILE H 106 15.24 43.26 52.26
CA ILE H 106 14.94 42.12 51.38
C ILE H 106 13.62 42.40 50.69
N VAL H 107 12.49 42.39 51.38
CA VAL H 107 11.17 42.62 50.75
C VAL H 107 11.11 43.84 49.83
N GLU H 108 11.84 44.87 50.26
CA GLU H 108 11.86 46.13 49.51
C GLU H 108 12.48 45.97 48.12
N SER H 109 13.59 45.28 48.02
CA SER H 109 14.29 45.03 46.75
C SER H 109 13.67 44.07 45.75
N VAL H 110 12.91 43.13 46.27
CA VAL H 110 12.20 42.13 45.46
C VAL H 110 10.99 42.82 44.85
N MET H 111 10.24 43.31 45.84
CA MET H 111 9.01 44.05 45.56
C MET H 111 9.29 44.99 44.39
N ALA H 112 10.51 45.48 44.43
CA ALA H 112 11.16 46.40 43.50
C ALA H 112 11.71 45.78 42.21
N SER H 113 11.99 44.49 42.25
CA SER H 113 12.55 43.82 41.07
C SER H 113 11.54 43.68 39.92
N GLY H 114 10.27 43.73 40.25
CA GLY H 114 9.12 43.55 39.34
C GLY H 114 8.51 42.17 39.65
N PHE H 115 8.78 41.80 40.90
CA PHE H 115 8.35 40.53 41.50
C PHE H 115 6.84 40.56 41.76
N GLN H 116 6.21 39.42 41.50
CA GLN H 116 4.75 39.31 41.72
C GLN H 116 4.32 37.85 41.89
N GLY H 117 5.27 37.04 42.29
CA GLY H 117 5.06 35.61 42.60
C GLY H 117 4.63 35.46 44.07
N LEU H 118 4.95 34.33 44.68
CA LEU H 118 4.59 34.04 46.08
C LEU H 118 5.84 34.19 46.97
N PHE H 119 5.65 34.47 48.26
CA PHE H 119 6.74 34.60 49.23
C PHE H 119 6.62 33.46 50.28
N LEU H 120 7.76 32.82 50.44
CA LEU H 120 7.89 31.71 51.39
C LEU H 120 8.99 32.02 52.41
N VAL H 121 8.45 32.36 53.58
CA VAL H 121 9.28 32.72 54.74
C VAL H 121 9.68 31.55 55.62
N ALA H 122 10.92 31.61 56.12
CA ALA H 122 11.48 30.60 57.03
C ALA H 122 12.27 31.17 58.21
N THR H 123 12.85 32.35 58.09
CA THR H 123 13.61 33.00 59.18
C THR H 123 12.75 33.07 60.43
N ASN H 124 13.35 32.92 61.61
CA ASN H 124 12.69 32.90 62.92
C ASN H 124 12.72 34.28 63.62
N PRO H 125 11.60 34.63 64.21
CA PRO H 125 10.37 33.83 64.29
C PRO H 125 9.45 33.87 63.08
N VAL H 126 9.31 32.71 62.46
CA VAL H 126 8.52 32.44 61.26
C VAL H 126 7.20 33.18 61.22
N ASP H 127 6.39 33.15 62.25
CA ASP H 127 5.04 33.79 62.18
C ASP H 127 5.04 35.31 62.07
N ILE H 128 5.86 35.89 62.90
CA ILE H 128 6.16 37.30 63.06
C ILE H 128 6.80 37.80 61.76
N LEU H 129 7.89 37.20 61.32
CA LEU H 129 8.58 37.59 60.07
C LEU H 129 7.76 37.31 58.81
N THR H 130 6.65 36.59 58.97
CA THR H 130 5.72 36.25 57.88
C THR H 130 4.73 37.42 57.74
N TYR H 131 4.28 37.95 58.85
CA TYR H 131 3.34 39.10 58.91
C TYR H 131 4.00 40.31 58.23
N ALA H 132 5.22 40.49 58.71
CA ALA H 132 6.17 41.51 58.29
C ALA H 132 6.23 41.55 56.76
N THR H 133 6.49 40.38 56.22
CA THR H 133 6.60 40.26 54.74
C THR H 133 5.27 40.64 54.09
N TRP H 134 4.22 40.31 54.83
CA TRP H 134 2.88 40.63 54.26
C TRP H 134 2.82 42.15 54.15
N LYS H 135 2.92 42.79 55.30
CA LYS H 135 2.93 44.25 55.42
C LYS H 135 3.90 44.88 54.43
N PHE H 136 5.16 44.65 54.65
CA PHE H 136 6.31 45.14 53.89
C PHE H 136 6.20 44.83 52.39
N SER H 137 5.29 43.92 52.04
CA SER H 137 5.20 43.56 50.61
C SER H 137 4.01 44.28 49.98
N GLY H 138 2.94 44.27 50.76
CA GLY H 138 1.68 44.89 50.35
C GLY H 138 1.07 43.93 49.31
N LEU H 139 1.13 42.65 49.67
CA LEU H 139 0.57 41.57 48.86
C LEU H 139 -0.64 41.04 49.65
N PRO H 140 -1.57 40.45 48.95
CA PRO H 140 -2.74 39.84 49.63
C PRO H 140 -2.08 38.78 50.53
N HIS H 141 -2.76 38.47 51.62
CA HIS H 141 -2.21 37.50 52.59
C HIS H 141 -2.26 36.12 51.95
N GLU H 142 -2.94 35.97 50.82
CA GLU H 142 -2.93 34.58 50.30
C GLU H 142 -1.52 34.30 49.74
N ARG H 143 -0.73 35.31 49.44
CA ARG H 143 0.61 35.05 48.88
C ARG H 143 1.83 35.20 49.74
N VAL H 144 1.69 35.40 51.03
CA VAL H 144 2.91 35.42 51.86
C VAL H 144 2.64 34.12 52.68
N ILE H 145 3.53 33.18 52.52
CA ILE H 145 3.35 31.89 53.23
C ILE H 145 4.59 31.72 54.11
N GLY H 146 4.30 31.35 55.36
CA GLY H 146 5.40 31.15 56.33
C GLY H 146 5.50 29.65 56.62
N SER H 147 6.72 29.20 56.85
CA SER H 147 6.93 27.78 57.16
C SER H 147 6.06 27.41 58.36
N GLY H 148 5.90 28.22 59.38
CA GLY H 148 5.04 27.99 60.55
C GLY H 148 5.29 26.66 61.22
N THR H 149 4.30 25.79 61.41
CA THR H 149 4.35 24.48 62.03
C THR H 149 4.53 23.23 61.15
N ILE H 150 5.03 23.34 59.94
CA ILE H 150 5.23 22.19 59.06
C ILE H 150 6.36 21.30 59.58
N LEU H 151 7.36 21.83 60.26
CA LEU H 151 8.46 20.98 60.78
C LEU H 151 8.03 20.38 62.13
N ASP H 152 7.14 21.11 62.81
CA ASP H 152 6.66 20.61 64.12
C ASP H 152 5.88 19.33 63.88
N THR H 153 4.89 19.42 63.02
CA THR H 153 4.03 18.29 62.66
C THR H 153 4.76 17.06 62.16
N ALA H 154 5.75 17.29 61.33
CA ALA H 154 6.60 16.27 60.69
C ALA H 154 7.31 15.46 61.78
N ARG H 155 7.78 16.23 62.76
CA ARG H 155 8.45 15.65 63.94
C ARG H 155 7.41 14.87 64.76
N PHE H 156 6.21 15.42 64.91
CA PHE H 156 5.12 14.80 65.72
C PHE H 156 4.79 13.42 65.14
N ARG H 157 4.75 13.39 63.84
CA ARG H 157 4.47 12.28 62.96
C ARG H 157 5.53 11.19 63.03
N PHE H 158 6.74 11.74 63.14
CA PHE H 158 7.95 10.92 63.22
C PHE H 158 7.85 9.96 64.40
N LEU H 159 7.84 10.54 65.57
CA LEU H 159 7.77 9.86 66.88
C LEU H 159 6.54 8.96 66.99
N LEU H 160 5.38 9.56 66.81
CA LEU H 160 4.13 8.78 66.89
C LEU H 160 4.41 7.56 66.00
N GLY H 161 4.95 7.85 64.83
CA GLY H 161 5.32 6.82 63.86
C GLY H 161 6.15 5.79 64.60
N GLU H 162 7.16 6.24 65.32
CA GLU H 162 8.05 5.32 66.03
C GLU H 162 7.34 4.58 67.14
N TYR H 163 6.82 5.35 68.07
CA TYR H 163 6.11 4.75 69.20
C TYR H 163 5.20 3.61 68.74
N PHE H 164 4.37 3.83 67.76
CA PHE H 164 3.36 2.91 67.22
C PHE H 164 3.80 1.88 66.16
N SER H 165 4.95 2.13 65.58
CA SER H 165 5.48 1.27 64.52
C SER H 165 4.69 1.41 63.22
N VAL H 166 4.49 2.59 62.66
CA VAL H 166 3.75 2.68 61.36
C VAL H 166 4.52 3.71 60.56
N ALA H 167 4.38 3.74 59.25
CA ALA H 167 5.13 4.76 58.46
C ALA H 167 4.79 6.11 59.07
N PRO H 168 5.71 7.04 59.25
CA PRO H 168 5.35 8.35 59.84
C PRO H 168 4.16 8.81 58.99
N GLN H 169 4.30 8.47 57.72
CA GLN H 169 3.29 8.79 56.69
C GLN H 169 1.91 8.18 56.97
N ASN H 170 1.69 7.24 57.89
CA ASN H 170 0.30 6.74 58.07
C ASN H 170 -0.20 7.27 59.42
N VAL H 171 0.66 8.09 60.00
CA VAL H 171 0.45 8.78 61.27
C VAL H 171 -0.24 10.12 60.99
N HIS H 172 -1.51 10.36 61.27
CA HIS H 172 -2.16 11.65 60.99
C HIS H 172 -2.48 12.44 62.25
N ALA H 173 -1.65 13.43 62.51
CA ALA H 173 -1.76 14.33 63.67
C ALA H 173 -1.18 15.71 63.37
N TYR H 174 -1.74 16.81 63.86
CA TYR H 174 -1.20 18.14 63.62
C TYR H 174 -0.64 18.78 64.90
N ILE H 175 0.21 19.75 64.65
CA ILE H 175 0.86 20.65 65.60
C ILE H 175 0.51 22.05 65.05
N ILE H 176 -0.20 22.83 65.85
CA ILE H 176 -0.58 24.18 65.39
C ILE H 176 -0.16 25.23 66.41
N GLY H 177 -0.55 26.46 66.10
CA GLY H 177 -0.25 27.61 66.98
C GLY H 177 1.16 28.05 66.60
N GLU H 178 1.73 28.93 67.41
CA GLU H 178 3.07 29.45 67.13
C GLU H 178 4.13 28.39 66.92
N HIS H 179 5.01 28.60 65.94
CA HIS H 179 6.15 27.69 65.69
C HIS H 179 7.13 28.12 66.81
N GLY H 180 6.95 27.52 67.98
CA GLY H 180 7.79 27.80 69.17
C GLY H 180 7.11 27.23 70.42
N ASP H 181 7.46 27.80 71.55
CA ASP H 181 6.92 27.37 72.86
C ASP H 181 5.41 27.36 73.04
N THR H 182 4.62 28.28 72.53
CA THR H 182 3.16 28.22 72.78
C THR H 182 2.44 27.25 71.86
N GLU H 183 3.21 26.50 71.08
CA GLU H 183 2.70 25.53 70.09
C GLU H 183 1.90 24.43 70.76
N LEU H 184 1.03 23.78 69.99
CA LEU H 184 0.22 22.71 70.60
C LEU H 184 -0.03 21.51 69.69
N PRO H 185 -0.36 20.39 70.33
CA PRO H 185 -0.71 19.10 69.72
C PRO H 185 -2.24 18.97 69.70
N VAL H 186 -2.77 18.68 68.53
CA VAL H 186 -4.20 18.51 68.29
C VAL H 186 -4.50 17.01 68.47
N TRP H 187 -4.32 16.59 69.72
CA TRP H 187 -4.55 15.22 70.13
C TRP H 187 -5.96 14.73 69.83
N SER H 188 -6.91 15.65 69.93
CA SER H 188 -8.33 15.33 69.71
C SER H 188 -8.66 14.95 68.27
N GLN H 189 -7.76 15.32 67.37
CA GLN H 189 -7.92 15.06 65.93
C GLN H 189 -6.74 14.28 65.33
N ALA H 190 -6.11 13.37 66.05
CA ALA H 190 -4.98 12.59 65.54
C ALA H 190 -5.32 11.10 65.51
N TYR H 191 -5.04 10.57 64.35
CA TYR H 191 -5.22 9.19 63.95
C TYR H 191 -3.91 8.58 63.45
N ILE H 192 -3.97 7.28 63.58
CA ILE H 192 -2.96 6.30 63.18
C ILE H 192 -3.85 5.46 62.26
N GLY H 193 -3.72 5.75 60.97
CA GLY H 193 -4.59 5.04 59.97
C GLY H 193 -5.90 5.86 60.02
N VAL H 194 -7.00 5.25 60.38
CA VAL H 194 -8.26 6.00 60.51
C VAL H 194 -8.71 5.76 61.96
N MET H 195 -7.83 5.25 62.77
CA MET H 195 -8.03 4.87 64.19
C MET H 195 -7.41 5.87 65.17
N PRO H 196 -8.31 6.44 65.98
CA PRO H 196 -8.00 7.42 67.00
C PRO H 196 -6.81 7.08 67.88
N ILE H 197 -5.82 7.95 68.00
CA ILE H 197 -4.69 7.60 68.89
C ILE H 197 -5.25 7.23 70.28
N ARG H 198 -5.90 8.24 70.86
CA ARG H 198 -6.54 8.13 72.18
C ARG H 198 -7.73 7.19 71.95
N LYS H 199 -7.43 5.91 71.87
CA LYS H 199 -8.40 4.83 71.63
C LYS H 199 -7.61 3.54 71.41
N LEU H 200 -6.41 3.90 70.97
CA LEU H 200 -5.37 2.94 70.63
C LEU H 200 -4.48 2.78 71.87
N VAL H 201 -4.45 3.81 72.68
CA VAL H 201 -3.54 3.69 73.88
C VAL H 201 -4.47 3.63 75.08
N GLU H 202 -5.73 3.57 74.66
CA GLU H 202 -6.91 3.54 75.52
C GLU H 202 -6.98 2.39 76.52
N SER H 203 -6.58 1.27 75.92
CA SER H 203 -6.56 -0.01 76.63
C SER H 203 -5.32 -0.12 77.53
N LYS H 204 -4.42 0.84 77.50
CA LYS H 204 -3.17 0.82 78.26
C LYS H 204 -2.74 2.15 78.88
N GLY H 205 -3.77 2.76 79.47
CA GLY H 205 -3.62 4.04 80.15
C GLY H 205 -2.34 4.12 80.99
N GLU H 206 -2.12 5.41 81.23
CA GLU H 206 -1.04 5.98 82.02
C GLU H 206 0.33 5.49 81.62
N GLU H 207 0.29 4.91 80.44
CA GLU H 207 1.47 4.37 79.74
C GLU H 207 1.28 5.21 78.50
N ALA H 208 0.45 4.57 77.70
CA ALA H 208 0.07 5.37 76.51
C ALA H 208 0.12 6.81 77.02
N GLN H 209 -0.71 6.99 78.04
CA GLN H 209 -0.90 8.28 78.69
C GLN H 209 0.32 9.17 78.82
N LYS H 210 1.20 8.87 79.75
CA LYS H 210 2.37 9.71 79.99
C LYS H 210 3.34 9.71 78.81
N ASP H 211 3.18 8.74 77.96
CA ASP H 211 3.91 8.46 76.72
C ASP H 211 3.65 9.48 75.61
N LEU H 212 2.39 9.91 75.51
CA LEU H 212 2.05 10.90 74.45
C LEU H 212 2.52 12.25 74.96
N GLU H 213 2.36 12.48 76.25
CA GLU H 213 2.77 13.71 76.91
C GLU H 213 4.26 13.98 76.74
N ARG H 214 4.95 12.87 76.82
CA ARG H 214 6.42 12.84 76.71
C ARG H 214 6.81 13.15 75.27
N ILE H 215 6.15 12.43 74.36
CA ILE H 215 6.40 12.62 72.92
C ILE H 215 6.23 14.11 72.59
N PHE H 216 5.03 14.62 72.87
CA PHE H 216 4.81 16.03 72.54
C PHE H 216 5.96 16.91 73.04
N VAL H 217 6.51 16.51 74.17
CA VAL H 217 7.62 17.27 74.79
C VAL H 217 8.89 17.32 73.93
N ASN H 218 9.24 16.17 73.43
CA ASN H 218 10.40 15.98 72.56
C ASN H 218 10.20 16.84 71.31
N VAL H 219 8.91 16.96 71.03
CA VAL H 219 8.50 17.73 69.86
C VAL H 219 8.73 19.21 70.10
N ARG H 220 7.96 19.73 71.06
CA ARG H 220 8.12 21.19 71.29
C ARG H 220 9.53 21.66 71.53
N ASP H 221 10.42 20.77 71.95
CA ASP H 221 11.84 21.03 72.25
C ASP H 221 12.90 20.58 71.25
N ALA H 222 12.66 19.70 70.30
CA ALA H 222 13.67 19.17 69.37
C ALA H 222 14.78 20.14 69.00
N ALA H 223 14.35 21.32 68.57
CA ALA H 223 15.29 22.37 68.14
C ALA H 223 16.45 22.49 69.13
N TYR H 224 16.07 22.94 70.32
CA TYR H 224 16.95 23.19 71.47
C TYR H 224 17.93 22.03 71.66
N GLN H 225 17.32 20.85 71.65
CA GLN H 225 18.16 19.63 71.76
C GLN H 225 19.10 19.59 70.56
N ILE H 226 18.58 19.81 69.33
CA ILE H 226 19.56 19.69 68.22
C ILE H 226 20.58 20.83 68.29
N ILE H 227 20.02 22.00 68.55
CA ILE H 227 20.94 23.16 68.58
C ILE H 227 22.09 22.89 69.53
N GLU H 228 21.66 22.23 70.61
CA GLU H 228 22.63 21.89 71.64
C GLU H 228 23.60 20.80 71.16
N LYS H 229 22.96 19.86 70.49
CA LYS H 229 23.72 18.72 69.96
C LYS H 229 24.59 19.10 68.77
N LYS H 230 24.13 19.86 67.78
CA LYS H 230 25.00 20.17 66.61
C LYS H 230 25.07 21.61 66.15
N GLY H 231 24.53 22.57 66.87
CA GLY H 231 24.56 24.01 66.60
C GLY H 231 23.38 24.74 65.99
N ALA H 232 22.86 24.12 64.94
CA ALA H 232 21.70 24.65 64.21
C ALA H 232 20.88 23.42 63.78
N THR H 233 19.72 23.79 63.33
CA THR H 233 18.69 22.87 62.79
C THR H 233 18.53 23.36 61.34
N TYR H 234 18.59 22.40 60.41
CA TYR H 234 18.47 22.89 59.02
C TYR H 234 17.98 21.84 58.03
N TYR H 235 18.10 20.57 58.34
CA TYR H 235 17.71 19.49 57.41
C TYR H 235 16.24 19.17 57.37
N GLY H 236 15.54 19.21 58.48
CA GLY H 236 14.08 18.91 58.49
C GLY H 236 13.35 20.14 57.91
N ILE H 237 13.81 21.32 58.29
CA ILE H 237 13.29 22.62 57.81
C ILE H 237 13.38 22.46 56.28
N ALA H 238 14.56 22.13 55.77
CA ALA H 238 14.90 21.91 54.35
C ALA H 238 13.85 21.10 53.61
N MET H 239 13.46 20.00 54.19
CA MET H 239 12.51 18.98 53.79
C MET H 239 11.07 19.46 53.77
N GLY H 240 10.71 20.33 54.67
CA GLY H 240 9.32 20.86 54.75
C GLY H 240 9.08 22.07 53.86
N LEU H 241 10.19 22.70 53.54
CA LEU H 241 10.24 23.90 52.67
C LEU H 241 9.81 23.37 51.29
N ALA H 242 10.64 22.46 50.83
CA ALA H 242 10.57 21.72 49.57
C ALA H 242 9.20 21.05 49.42
N ARG H 243 8.70 20.50 50.50
CA ARG H 243 7.35 19.87 50.50
C ARG H 243 6.33 20.98 50.23
N VAL H 244 6.58 22.18 50.75
CA VAL H 244 5.66 23.32 50.55
C VAL H 244 5.79 23.80 49.09
N THR H 245 7.03 23.76 48.63
CA THR H 245 7.35 24.15 47.27
C THR H 245 6.56 23.38 46.22
N ARG H 246 6.56 22.05 46.35
CA ARG H 246 5.81 21.28 45.32
C ARG H 246 4.31 21.38 45.50
N ALA H 247 3.77 21.79 46.63
CA ALA H 247 2.27 21.89 46.64
C ALA H 247 2.00 23.00 45.61
N ILE H 248 2.76 24.08 45.78
CA ILE H 248 2.72 25.28 44.95
C ILE H 248 3.07 25.04 43.47
N LEU H 249 4.35 24.74 43.24
CA LEU H 249 4.84 24.52 41.88
C LEU H 249 4.01 23.51 41.09
N HIS H 250 3.36 22.60 41.76
CA HIS H 250 2.57 21.55 41.13
C HIS H 250 1.09 21.64 41.42
N ASN H 251 0.60 22.85 41.57
CA ASN H 251 -0.81 23.19 41.84
C ASN H 251 -1.59 22.03 42.47
N GLU H 252 -1.03 21.52 43.55
CA GLU H 252 -1.49 20.37 44.32
C GLU H 252 -2.73 20.33 45.18
N ASN H 253 -3.12 21.41 45.81
CA ASN H 253 -4.29 21.40 46.71
C ASN H 253 -4.08 20.40 47.85
N ALA H 254 -2.89 20.54 48.41
CA ALA H 254 -2.36 19.77 49.55
C ALA H 254 -2.76 20.49 50.85
N ILE H 255 -3.01 19.77 51.93
CA ILE H 255 -3.36 20.25 53.28
C ILE H 255 -2.07 20.19 54.11
N LEU H 256 -1.54 21.34 54.48
CA LEU H 256 -0.28 21.47 55.25
C LEU H 256 -0.54 22.44 56.42
N THR H 257 0.22 22.29 57.50
CA THR H 257 0.03 23.17 58.67
C THR H 257 1.15 24.20 58.61
N VAL H 258 0.84 25.35 58.04
CA VAL H 258 1.68 26.50 57.74
C VAL H 258 1.26 27.78 58.46
N SER H 259 2.10 28.80 58.30
CA SER H 259 1.85 30.14 58.85
C SER H 259 0.82 30.82 57.91
N ALA H 260 -0.41 30.78 58.30
CA ALA H 260 -1.55 31.34 57.57
C ALA H 260 -2.11 32.58 58.24
N TYR H 261 -2.79 33.43 57.47
CA TYR H 261 -3.39 34.66 58.04
C TYR H 261 -4.84 34.37 58.42
N LEU H 262 -5.18 34.96 59.56
CA LEU H 262 -6.48 34.83 60.21
C LEU H 262 -7.38 36.03 60.34
N ASP H 263 -8.63 35.89 59.87
CA ASP H 263 -9.56 37.05 60.02
C ASP H 263 -10.85 36.45 60.61
N GLY H 264 -10.58 36.12 61.88
CA GLY H 264 -11.53 35.55 62.81
C GLY H 264 -11.67 34.05 62.71
N LEU H 265 -10.88 33.40 61.88
CA LEU H 265 -11.00 31.94 61.66
C LEU H 265 -10.90 31.04 62.87
N TYR H 266 -10.24 31.48 63.92
CA TYR H 266 -10.18 30.56 65.11
C TYR H 266 -10.55 31.43 66.31
N GLY H 267 -11.52 32.29 65.99
CA GLY H 267 -12.04 33.33 66.92
C GLY H 267 -10.87 34.34 67.11
N GLU H 268 -10.06 34.46 66.06
CA GLU H 268 -8.88 35.33 66.03
C GLU H 268 -8.70 36.10 64.74
N ARG H 269 -8.19 37.33 64.85
CA ARG H 269 -7.99 38.12 63.60
C ARG H 269 -6.70 38.91 63.55
N ASP H 270 -6.34 39.28 62.33
CA ASP H 270 -5.10 40.03 62.04
C ASP H 270 -3.88 39.37 62.71
N VAL H 271 -3.68 38.08 62.44
CA VAL H 271 -2.60 37.22 62.93
C VAL H 271 -2.19 36.16 61.89
N TYR H 272 -0.89 35.88 61.84
CA TYR H 272 -0.27 34.86 60.98
C TYR H 272 0.05 33.66 61.90
N ILE H 273 -0.67 32.56 61.89
CA ILE H 273 -0.32 31.43 62.82
C ILE H 273 -0.40 30.10 62.10
N GLY H 274 0.32 29.12 62.61
CA GLY H 274 0.39 27.75 62.07
C GLY H 274 -0.94 27.00 62.20
N VAL H 275 -1.59 26.90 61.04
CA VAL H 275 -2.91 26.25 60.95
C VAL H 275 -3.10 25.48 59.65
N PRO H 276 -3.83 24.39 59.71
CA PRO H 276 -4.10 23.60 58.49
C PRO H 276 -4.67 24.50 57.39
N ALA H 277 -4.01 24.57 56.25
CA ALA H 277 -4.44 25.37 55.09
C ALA H 277 -4.26 24.59 53.78
N VAL H 278 -4.98 24.89 52.72
CA VAL H 278 -4.89 24.23 51.42
C VAL H 278 -3.99 25.14 50.57
N ILE H 279 -2.90 24.56 50.13
CA ILE H 279 -1.89 25.21 49.30
C ILE H 279 -2.17 24.76 47.87
N ASN H 280 -1.95 25.62 46.92
CA ASN H 280 -2.10 25.33 45.47
C ASN H 280 -1.20 26.35 44.76
N ARG H 281 -1.37 26.49 43.47
CA ARG H 281 -0.43 27.36 42.72
C ARG H 281 -0.59 28.82 43.06
N ASN H 282 -1.65 29.18 43.75
CA ASN H 282 -1.96 30.57 44.12
C ASN H 282 -1.74 30.94 45.58
N GLY H 283 -0.90 30.15 46.22
CA GLY H 283 -0.51 30.29 47.63
C GLY H 283 -1.71 29.73 48.40
N ILE H 284 -2.06 30.24 49.58
CA ILE H 284 -3.21 29.62 50.24
C ILE H 284 -4.59 29.91 49.66
N ARG H 285 -5.21 28.80 49.33
CA ARG H 285 -6.56 28.73 48.81
C ARG H 285 -7.56 28.84 49.96
N GLU H 286 -7.17 28.31 51.11
CA GLU H 286 -8.06 28.32 52.27
C GLU H 286 -7.36 27.87 53.55
N VAL H 287 -7.91 28.33 54.66
CA VAL H 287 -7.38 27.90 55.98
C VAL H 287 -8.51 26.95 56.38
N ILE H 288 -8.12 25.86 57.01
CA ILE H 288 -9.07 24.81 57.44
C ILE H 288 -9.31 25.01 58.94
N GLU H 289 -10.56 25.13 59.33
CA GLU H 289 -10.90 25.33 60.75
C GLU H 289 -11.46 24.02 61.31
N ILE H 290 -10.53 23.31 61.91
CA ILE H 290 -10.75 22.00 62.55
C ILE H 290 -11.45 22.15 63.90
N GLU H 291 -11.91 21.02 64.41
CA GLU H 291 -12.58 20.95 65.71
C GLU H 291 -11.50 20.78 66.78
N LEU H 292 -11.50 21.71 67.73
CA LEU H 292 -10.54 21.71 68.85
C LEU H 292 -11.31 21.43 70.15
N ASN H 293 -10.74 20.56 70.97
CA ASN H 293 -11.45 20.28 72.26
C ASN H 293 -11.39 21.64 72.99
N ASP H 294 -11.97 21.72 74.19
CA ASP H 294 -11.91 23.07 74.87
C ASP H 294 -10.46 23.38 75.26
N ASP H 295 -9.69 22.38 75.65
CA ASP H 295 -8.30 22.54 76.06
C ASP H 295 -7.41 23.08 74.94
N GLU H 296 -7.79 22.68 73.73
CA GLU H 296 -7.03 23.12 72.54
C GLU H 296 -7.44 24.56 72.30
N LYS H 297 -8.74 24.81 72.26
CA LYS H 297 -9.27 26.16 72.04
C LYS H 297 -8.49 27.24 72.76
N ASN H 298 -8.22 26.89 73.99
CA ASN H 298 -7.52 27.76 74.95
C ASN H 298 -6.06 28.03 74.60
N ARG H 299 -5.32 26.95 74.59
CA ARG H 299 -3.89 27.12 74.26
C ARG H 299 -3.77 27.73 72.88
N PHE H 300 -4.67 27.28 71.98
CA PHE H 300 -4.55 27.85 70.60
C PHE H 300 -4.34 29.36 70.84
N HIS H 301 -5.48 29.87 71.26
CA HIS H 301 -5.78 31.26 71.59
C HIS H 301 -4.70 31.96 72.40
N HIS H 302 -4.12 31.13 73.22
CA HIS H 302 -3.06 31.57 74.14
C HIS H 302 -1.86 31.95 73.29
N SER H 303 -1.68 31.04 72.32
CA SER H 303 -0.58 31.15 71.36
C SER H 303 -0.78 32.42 70.53
N ALA H 304 -1.98 32.60 69.98
CA ALA H 304 -2.30 33.79 69.16
C ALA H 304 -2.17 35.02 70.06
N ALA H 305 -2.67 34.87 71.29
CA ALA H 305 -2.51 36.01 72.21
C ALA H 305 -1.01 36.28 72.18
N THR H 306 -0.28 35.26 72.60
CA THR H 306 1.19 35.37 72.57
C THR H 306 1.68 36.07 71.32
N LEU H 307 1.27 35.64 70.13
CA LEU H 307 1.75 36.29 68.89
C LEU H 307 1.41 37.75 68.68
N LYS H 308 0.15 38.07 68.97
CA LYS H 308 -0.38 39.44 68.80
C LYS H 308 0.50 40.50 69.41
N SER H 309 0.97 40.29 70.61
CA SER H 309 1.85 41.21 71.35
C SER H 309 3.17 41.53 70.67
N VAL H 310 4.06 40.56 70.53
CA VAL H 310 5.32 40.87 69.85
C VAL H 310 4.89 41.83 68.72
N LEU H 311 3.90 41.37 67.97
CA LEU H 311 3.41 42.16 66.81
C LEU H 311 3.32 43.63 67.18
N ALA H 312 2.26 43.92 67.91
CA ALA H 312 1.99 45.25 68.42
C ALA H 312 3.28 46.04 68.67
N ARG H 313 3.93 45.55 69.73
CA ARG H 313 5.15 46.20 70.21
C ARG H 313 6.36 46.01 69.32
N ALA H 314 6.19 45.42 68.15
CA ALA H 314 7.47 45.25 67.40
C ALA H 314 7.36 45.60 65.92
N PHE H 315 6.56 46.63 65.58
CA PHE H 315 6.47 46.99 64.15
C PHE H 315 7.48 48.01 63.60
N THR H 316 8.45 47.37 62.99
CA THR H 316 9.68 47.37 62.25
C THR H 316 10.91 47.93 62.98
P1 FBP I . -17.64 -16.50 -59.79
P1 FBP I . -22.00 -10.29 -59.37
O1P FBP I . -17.14 -16.08 -61.12
O1P FBP I . -23.20 -10.99 -59.91
O2P FBP I . -16.94 -17.58 -59.07
O2P FBP I . -22.17 -9.02 -58.65
O3P FBP I . -19.14 -16.92 -59.91
O3P FBP I . -21.00 -10.01 -60.55
O1 FBP I . -17.66 -15.16 -58.92
O1 FBP I . -21.26 -11.38 -58.47
C1 FBP I . -17.71 -15.16 -57.45
C1 FBP I . -20.26 -11.02 -57.46
C2 FBP I . -17.94 -13.71 -57.06
C2 FBP I . -19.78 -12.35 -56.88
O2 FBP I . -16.90 -12.92 -57.58
O2 FBP I . -20.88 -13.16 -56.61
C3 FBP I . -18.05 -13.46 -55.55
C3 FBP I . -18.91 -12.23 -55.62
O3 FBP I . -16.76 -13.37 -54.98
O3 FBP I . -19.74 -12.10 -54.49
C4 FBP I . -18.89 -12.17 -55.49
C4 FBP I . -18.07 -13.52 -55.68
O4 FBP I . -19.62 -12.05 -54.27
O4 FBP I . -16.82 -13.49 -54.98
C5 FBP I . -19.86 -12.36 -56.68
C5 FBP I . -17.85 -13.69 -57.20
O5 FBP I . -19.21 -13.29 -57.58
O5 FBP I . -18.91 -12.97 -57.84
C6 FBP I . -20.13 -11.07 -57.41
C6 FBP I . -17.88 -15.13 -57.62
O6 FBP I . -21.13 -11.23 -58.51
O6 FBP I . -17.45 -15.32 -59.04
P2 FBP I . -22.02 -10.13 -59.30
P2 FBP I . -17.69 -16.57 -60.06
O4P FBP I . -21.29 -9.78 -60.59
O4P FBP I . -19.18 -16.89 -60.07
O5P FBP I . -22.21 -8.93 -58.39
O5P FBP I . -16.85 -17.73 -59.59
O6P FBP I . -23.33 -10.88 -59.50
O6P FBP I . -17.17 -15.99 -61.37
C1 OXM J . -38.70 -2.98 -47.06
N1 OXM J . -39.37 -3.14 -45.93
O1 OXM J . -38.82 -2.05 -47.86
C2 OXM J . -37.98 -4.05 -47.56
O2 OXM J . -37.95 -4.25 -48.79
O3 OXM J . -37.38 -4.80 -46.79
PA NAD K . -38.03 3.59 -37.70
O1A NAD K . -37.73 2.48 -36.75
O2A NAD K . -39.26 4.30 -37.28
O5B NAD K . -36.78 4.58 -37.84
C5B NAD K . -36.83 5.85 -38.57
C4B NAD K . -36.19 6.90 -37.66
O4B NAD K . -36.20 8.21 -38.26
C3B NAD K . -36.90 7.05 -36.30
O3B NAD K . -35.98 6.79 -35.23
C2B NAD K . -37.33 8.51 -36.25
O2B NAD K . -37.18 9.04 -34.93
C1B NAD K . -36.33 9.16 -37.20
N9A NAD K . -36.68 10.44 -37.79
C8A NAD K . -37.83 10.91 -38.37
N7A NAD K . -37.74 12.15 -38.86
C5A NAD K . -36.44 12.50 -38.57
C6A NAD K . -35.72 13.69 -38.81
N6A NAD K . -36.23 14.78 -39.40
N1A NAD K . -34.43 13.71 -38.37
C2A NAD K . -33.90 12.61 -37.73
N3A NAD K . -34.48 11.47 -37.47
C4A NAD K . -35.77 11.48 -37.91
O3 NAD K . -38.12 3.11 -39.23
PN NAD K . -37.27 2.01 -40.03
O1N NAD K . -38.16 0.84 -40.22
O2N NAD K . -36.01 1.68 -39.32
O5D NAD K . -36.90 2.73 -41.36
C5D NAD K . -37.09 3.97 -42.00
C4D NAD K . -37.32 3.70 -43.48
O4D NAD K . -36.64 2.48 -43.91
C3D NAD K . -38.79 3.51 -43.86
O3D NAD K . -39.15 4.71 -44.54
C2D NAD K . -38.79 2.19 -44.65
O2D NAD K . -39.76 2.17 -45.70
C1D NAD K . -37.35 2.06 -45.09
N1N NAD K . -36.92 0.70 -45.34
C2N NAD K . -36.25 0.76 -46.53
C3N NAD K . -35.72 -0.39 -47.07
C7N NAD K . -34.97 -0.36 -48.44
O7N NAD K . -34.87 -1.39 -49.11
N7N NAD K . -34.64 0.87 -48.84
C4N NAD K . -35.79 -1.66 -46.46
C5N NAD K . -36.50 -1.61 -45.25
C6N NAD K . -37.07 -0.52 -44.64
P1 FBP L . -7.53 -8.31 -21.56
P1 FBP L . -1.30 -4.89 -24.35
O1P FBP L . -7.80 -7.22 -20.58
O1P FBP L . -0.39 -5.71 -23.52
O2P FBP L . -8.61 -9.26 -21.87
O2P FBP L . -0.76 -4.17 -25.52
O3P FBP L . -6.31 -9.15 -21.06
O3P FBP L . -2.03 -3.83 -23.44
O1 FBP L . -7.02 -7.57 -22.87
O1 FBP L . -2.47 -5.89 -24.80
C1 FBP L . -7.01 -8.22 -24.19
C1 FBP L . -3.36 -5.62 -25.93
C2 FBP L . -6.39 -7.19 -25.13
C2 FBP L . -4.33 -6.79 -25.96
O2 FBP L . -6.96 -5.94 -24.90
O2 FBP L . -3.62 -7.99 -25.82
C3 FBP L . -6.50 -7.54 -26.62
C3 FBP L . -5.21 -6.87 -27.21
O3 FBP L . -7.77 -7.14 -27.11
O3 FBP L . -4.50 -7.50 -28.26
C4 FBP L . -5.31 -6.79 -27.23
C4 FBP L . -6.45 -7.63 -26.71
O4 FBP L . -4.80 -7.30 -28.47
O4 FBP L . -7.65 -7.42 -27.44
C5 FBP L . -4.25 -6.93 -26.12
C5 FBP L . -6.58 -7.11 -25.27
O5 FBP L . -4.98 -7.16 -24.90
O5 FBP L . -5.27 -6.63 -24.88
C6 FBP L . -3.41 -5.69 -25.98
C6 FBP L . -7.02 -8.18 -24.30
O6 FBP L . -2.24 -5.89 -25.05
O6 FBP L . -7.36 -7.63 -22.94
P2 FBP L . -1.31 -4.81 -24.28
P2 FBP L . -7.49 -8.37 -21.51
O4P FBP L . -2.23 -3.86 -23.53
O4P FBP L . -6.21 -9.17 -21.29
O5P FBP L . -0.45 -4.11 -25.30
O5P FBP L . -8.73 -9.23 -21.53
O6P FBP L . -0.48 -5.71 -23.37
O6P FBP L . -7.64 -7.18 -20.57
C1 OXM M . 15.98 -8.77 -36.74
N1 OXM M . 16.79 -9.31 -37.68
O1 OXM M . 16.31 -7.76 -36.09
C2 OXM M . 15.12 -9.69 -36.14
O2 OXM M . 14.94 -9.69 -34.92
O3 OXM M . 14.56 -10.55 -36.83
PA NAD N . 16.45 -8.33 -48.86
O1A NAD N . 15.60 -9.48 -49.23
O2A NAD N . 17.80 -8.32 -49.43
O5B NAD N . 15.64 -7.00 -49.23
C5B NAD N . 16.34 -5.71 -49.31
C4B NAD N . 15.94 -4.99 -50.58
O4B NAD N . 16.60 -3.67 -50.57
C3B NAD N . 16.33 -5.61 -51.92
O3B NAD N . 15.25 -5.73 -52.83
C2B NAD N . 17.34 -4.60 -52.53
O2B NAD N . 17.45 -4.69 -53.95
C1B NAD N . 16.68 -3.34 -51.97
N9A NAD N . 17.47 -2.11 -52.02
C8A NAD N . 18.79 -2.00 -51.75
N7A NAD N . 19.24 -0.74 -51.84
C5A NAD N . 18.11 -0.04 -52.20
C6A NAD N . 17.98 1.33 -52.46
N6A NAD N . 19.04 2.12 -52.36
N1A NAD N . 16.72 1.74 -52.80
C2A NAD N . 15.69 0.81 -52.86
N3A NAD N . 15.73 -0.48 -52.64
C4A NAD N . 17.00 -0.86 -52.32
O3 NAD N . 16.53 -8.16 -47.25
PN NAD N . 15.46 -8.55 -46.15
O1N NAD N . 15.78 -9.82 -45.42
O2N NAD N . 14.12 -8.64 -46.76
O5D NAD N . 15.61 -7.32 -45.17
C5D NAD N . 16.55 -6.28 -45.15
C4D NAD N . 16.60 -5.63 -43.79
O4D NAD N . 15.52 -6.03 -42.90
C3D NAD N . 17.90 -5.94 -43.02
O3D NAD N . 18.72 -4.78 -43.16
C2D NAD N . 17.44 -6.29 -41.61
O2D NAD N . 18.19 -5.59 -40.63
C1D NAD N . 16.00 -5.85 -41.57
N1N NAD N . 15.21 -6.78 -40.76
C2N NAD N . 14.67 -5.97 -39.81
C3N NAD N . 13.84 -6.49 -38.88
C7N NAD N . 13.16 -5.68 -37.73
O7N NAD N . 12.79 -6.33 -36.74
N7N NAD N . 13.42 -4.36 -37.66
C4N NAD N . 13.49 -7.87 -38.85
C5N NAD N . 14.09 -8.63 -39.87
C6N NAD N . 14.95 -8.18 -40.84
C1 OXM O . 2.98 -21.62 -62.11
N1 OXM O . 4.27 -21.67 -62.46
O1 OXM O . 2.25 -22.62 -62.18
C2 OXM O . 2.37 -20.37 -62.13
O2 OXM O . 1.17 -20.34 -62.46
O3 OXM O . 2.98 -19.33 -61.85
PA NAD P . 10.47 -24.66 -53.43
O1A NAD P . 10.75 -23.27 -53.03
O2A NAD P . 11.77 -25.25 -53.76
O5B NAD P . 9.75 -25.55 -52.31
C5B NAD P . 9.65 -27.00 -52.37
C4B NAD P . 9.76 -27.56 -50.97
O4B NAD P . 9.59 -29.01 -50.95
C3B NAD P . 11.11 -27.29 -50.29
O3B NAD P . 10.90 -26.77 -48.99
C2B NAD P . 11.77 -28.69 -50.25
O2B NAD P . 12.74 -28.90 -49.23
C1B NAD P . 10.53 -29.53 -50.00
N9A NAD P . 10.64 -30.96 -50.21
C8A NAD P . 11.40 -31.67 -51.08
N7A NAD P . 11.20 -32.99 -50.95
C5A NAD P . 10.26 -33.13 -49.94
C6A NAD P . 9.63 -34.22 -49.33
N6A NAD P . 9.83 -35.50 -49.64
N1A NAD P . 8.74 -33.98 -48.34
C2A NAD P . 8.50 -32.70 -47.99
N3A NAD P . 9.04 -31.62 -48.46
C4A NAD P . 9.91 -31.88 -49.47
O3 NAD P . 9.32 -24.78 -54.55
PN NAD P . 8.02 -23.86 -54.61
O1N NAD P . 8.45 -22.63 -55.34
O2N NAD P . 7.58 -23.56 -53.23
O5D NAD P . 6.97 -24.75 -55.37
C5D NAD P . 7.10 -26.15 -55.62
C4D NAD P . 6.09 -26.62 -56.65
O4D NAD P . 4.95 -25.69 -56.67
C3D NAD P . 6.58 -26.75 -58.08
O3D NAD P . 6.12 -27.96 -58.68
C2D NAD P . 5.87 -25.60 -58.80
O2D NAD P . 5.73 -25.94 -60.17
C1D NAD P . 4.57 -25.58 -58.02
N1N NAD P . 3.92 -24.17 -58.34
C2N NAD P . 2.64 -24.56 -58.65
C3N NAD P . 1.67 -23.64 -58.95
C7N NAD P . 0.20 -24.02 -59.31
O7N NAD P . -0.41 -23.01 -59.81
N7N NAD P . -0.20 -25.29 -59.08
C4N NAD P . 1.97 -22.27 -58.96
C5N NAD P . 3.30 -21.97 -58.63
C6N NAD P . 4.33 -22.83 -58.34
C1 OXM Q . -28.23 -5.18 -18.70
N1 OXM Q . -29.32 -4.86 -19.39
O1 OXM Q . -28.25 -5.98 -17.76
C2 OXM Q . -27.05 -4.52 -18.99
O2 OXM Q . -26.13 -4.43 -18.16
O3 OXM Q . -26.88 -4.02 -20.10
PA NAD R . -36.89 -9.86 -25.75
O1A NAD R . -36.47 -9.14 -26.99
O2A NAD R . -38.37 -9.72 -25.55
O5B NAD R . -36.55 -11.40 -25.94
C5B NAD R . -37.10 -12.55 -25.22
C4B NAD R . -37.52 -13.62 -26.20
O4B NAD R . -37.64 -14.91 -25.53
C3B NAD R . -38.88 -13.37 -26.87
O3B NAD R . -38.72 -13.17 -28.26
C2B NAD R . -39.70 -14.63 -26.62
O2B NAD R . -40.42 -15.11 -27.74
C1B NAD R . -38.64 -15.66 -26.18
N9A NAD R . -39.26 -16.60 -25.25
C8A NAD R . -40.11 -16.32 -24.20
N7A NAD R . -40.51 -17.41 -23.54
C5A NAD R . -39.91 -18.44 -24.23
C6A NAD R . -39.92 -19.84 -24.03
N6A NAD R . -40.59 -20.46 -23.06
N1A NAD R . -39.18 -20.58 -24.89
C2A NAD R . -38.48 -19.95 -25.90
N3A NAD R . -38.39 -18.68 -26.16
C4A NAD R . -39.14 -17.97 -25.27
O3 NAD R . -36.01 -9.43 -24.47
PN NAD R . -34.49 -8.94 -24.51
O1N NAD R . -34.47 -7.47 -24.27
O2N NAD R . -33.91 -9.27 -25.85
O5D NAD R . -33.72 -9.82 -23.44
C5D NAD R . -34.34 -10.68 -22.48
C4D NAD R . -33.28 -11.03 -21.44
O4D NAD R . -31.97 -10.56 -21.90
C3D NAD R . -33.54 -10.41 -20.06
O3D NAD R . -33.64 -11.42 -19.07
C2D NAD R . -32.32 -9.53 -19.85
O2D NAD R . -31.94 -9.49 -18.49
C1D NAD R . -31.28 -10.22 -20.73
N1N NAD R . -30.20 -9.22 -20.98
C2N NAD R . -29.10 -9.71 -20.35
C3N NAD R . -27.93 -8.99 -20.38
C7N NAD R . -26.62 -9.47 -19.69
O7N NAD R . -25.58 -8.80 -19.70
N7N NAD R . -26.80 -10.52 -18.86
C4N NAD R . -27.82 -7.74 -21.03
C5N NAD R . -29.01 -7.35 -21.63
C6N NAD R . -30.23 -7.99 -21.64
P1 FBP S . 23.81 10.28 24.89
P1 FBP S . 29.42 8.94 29.88
O1P FBP S . 24.27 9.19 24.00
O1P FBP S . 30.28 10.03 29.33
O2P FBP S . 22.44 10.82 24.70
O2P FBP S . 29.74 8.39 31.21
O3P FBP S . 24.80 11.49 24.79
O3P FBP S . 29.44 7.72 28.88
O1 FBP S . 24.00 9.72 26.37
O1 FBP S . 27.93 9.50 29.81
C1 FBP S . 23.32 10.29 27.54
C1 FBP S . 26.84 8.92 30.60
C2 FBP S . 23.84 9.49 28.72
C2 FBP S . 25.60 9.73 30.19
O2 FBP S . 23.80 8.13 28.43
O2 FBP S . 25.90 11.09 30.20
C3 FBP S . 23.08 9.75 30.04
C3 FBP S . 24.36 9.48 31.06
O3 FBP S . 21.91 8.94 30.09
O3 FBP S . 24.43 10.28 32.23
C4 FBP S . 24.15 9.40 31.10
C4 FBP S . 23.21 9.82 30.10
O4 FBP S . 23.97 10.01 32.39
O4 FBP S . 21.95 9.22 30.40
C5 FBP S . 25.44 9.91 30.44
C5 FBP S . 23.76 9.32 28.75
O5 FBP S . 25.18 9.93 29.00
O5 FBP S . 25.20 9.30 28.89
C6 FBP S . 26.62 9.02 30.71
C6 FBP S . 23.38 10.22 27.61
O6 FBP S . 27.91 9.60 30.25
O6 FBP S . 23.71 9.63 26.27
P2 FBP S . 29.35 8.91 29.96
P2 FBP S . 23.86 10.33 24.82
O4P FBP S . 29.11 7.73 29.03
O4P FBP S . 24.82 11.51 24.98
O5P FBP S . 29.95 8.49 31.29
O5P FBP S . 22.50 10.75 24.34
O6P FBP S . 30.12 10.05 29.33
O6P FBP S . 24.42 9.18 23.99
C1 OXM T . 38.43 18.14 46.98
N1 OXM T . 38.21 18.54 48.23
O1 OXM T . 39.02 17.05 46.85
C2 OXM T . 37.67 18.60 45.91
O2 OXM T . 37.82 18.06 44.80
O3 OXM T . 36.85 19.52 45.94
PA NAD U . 34.73 17.45 58.13
O1A NAD U . 33.44 18.18 57.99
O2A NAD U . 35.59 18.09 59.14
O5B NAD U . 34.45 15.92 58.43
C5B NAD U . 35.38 14.94 59.02
C4B NAD U . 34.54 14.28 60.12
O4B NAD U . 35.25 13.13 60.64
C3B NAD U . 34.23 15.20 61.31
O3B NAD U . 32.83 15.39 61.39
C2B NAD U . 34.91 14.49 62.50
O2B NAD U . 34.26 14.66 63.75
C1B NAD U . 35.00 13.02 62.05
N9A NAD U . 36.16 12.22 62.46
C8A NAD U . 37.44 12.68 62.54
N7A NAD U . 38.31 11.73 62.90
C5A NAD U . 37.53 10.61 63.05
C6A NAD U . 37.88 9.30 63.42
N6A NAD U . 39.14 8.95 63.70
N1A NAD U . 36.86 8.40 63.49
C2A NAD U . 35.59 8.82 63.18
N3A NAD U . 35.17 10.01 62.83
C4A NAD U . 36.20 10.88 62.78
O3 NAD U . 35.51 17.35 56.70
PN NAD U . 34.86 17.51 55.24
O1N NAD U . 34.94 18.93 54.79
O2N NAD U . 33.41 17.15 55.38
O5D NAD U . 35.71 16.45 54.41
C5D NAD U . 36.56 15.47 55.03
C4D NAD U . 37.46 14.91 53.98
O4D NAD U . 36.79 14.83 52.68
C3D NAD U . 38.75 15.70 53.73
O3D NAD U . 39.84 14.82 53.97
C2D NAD U . 38.67 16.14 52.27
O2D NAD U . 39.95 16.13 51.63
C1D NAD U . 37.72 15.14 51.65
N1N NAD U . 36.87 15.89 50.44
C2N NAD U . 37.08 14.96 49.47
C3N NAD U . 36.48 15.10 48.25
C7N NAD U . 36.63 14.10 47.06
O7N NAD U . 35.91 14.27 46.08
N7N NAD U . 37.54 13.11 47.15
C4N NAD U . 35.64 16.20 47.93
C5N NAD U . 35.49 17.10 48.98
C6N NAD U . 36.05 17.03 50.22
P1 FBP V . -1.45 14.00 55.74
P1 FBP V . -3.25 6.62 54.66
O1P FBP V . -1.33 13.82 57.20
O1P FBP V . -4.70 6.91 54.71
O2P FBP V . -0.82 15.17 55.11
O2P FBP V . -2.80 5.35 54.06
O3P FBP V . -2.96 14.02 55.34
O3P FBP V . -2.67 6.65 56.13
O1 FBP V . -0.88 12.65 55.11
O1 FBP V . -2.60 7.86 53.93
C1 FBP V . -0.44 12.54 53.71
C1 FBP V . -1.25 7.82 53.32
C2 FBP V . -0.04 11.09 53.53
C2 FBP V . -1.02 9.23 52.80
O2 FBP V . 0.76 10.69 54.60
O2 FBP V . -2.15 9.66 52.09
C3 FBP V . 0.69 10.77 52.21
C3 FBP V . 0.22 9.37 51.89
O3 FBP V . 2.07 11.09 52.35
O3 FBP V . -0.11 8.98 50.57
C4 FBP V . 0.38 9.29 51.99
C4 FBP V . 0.59 10.86 52.07
O4 FBP V . 0.44 8.82 50.65
O4 FBP V . 1.94 11.21 51.80
C5 FBP V . -1.07 9.18 52.54
C5 FBP V . 0.23 11.11 53.55
O5 FBP V . -1.23 10.29 53.46
O5 FBP V . -0.73 10.09 53.90
C6 FBP V . -1.30 7.89 53.26
C6 FBP V . -0.36 12.46 53.78
O6 FBP V . -2.75 7.68 53.61
O6 FBP V . -0.51 12.79 55.23
P2 FBP V . -3.45 6.70 54.69
P2 FBP V . -1.41 13.90 55.98
O4P FBP V . -2.77 6.93 56.03
O4P FBP V . -2.85 13.75 55.48
O5P FBP V . -3.31 5.28 54.20
O5P FBP V . -0.84 15.27 55.68
O6P FBP V . -4.90 7.17 54.64
O6P FBP V . -1.22 13.54 57.44
C1 OXM W . -11.53 -5.35 38.62
N1 OXM W . -11.58 -5.73 37.34
O1 OXM W . -11.98 -5.98 39.59
C2 OXM W . -11.49 -3.99 38.87
O2 OXM W . -11.93 -3.57 39.93
O3 OXM W . -11.05 -3.22 38.03
PA NAD X . -5.58 -10.87 30.10
O1A NAD X . -5.20 -9.71 29.27
O2A NAD X . -6.46 -11.69 29.22
O5B NAD X . -4.20 -11.59 30.48
C5B NAD X . -4.02 -12.76 31.31
C4B NAD X . -2.84 -13.62 30.95
O4B NAD X . -2.96 -14.90 31.68
C3B NAD X . -2.68 -14.04 29.47
O3B NAD X . -1.48 -13.55 28.89
C2B NAD X . -2.60 -15.57 29.49
O2B NAD X . -1.66 -16.13 28.59
C1B NAD X . -2.17 -15.84 30.93
N9A NAD X . -2.43 -17.20 31.41
C8A NAD X . -3.55 -17.95 31.36
N7A NAD X . -3.40 -19.15 31.90
C5A NAD X . -2.09 -19.19 32.34
C6A NAD X . -1.30 -20.16 33.01
N6A NAD X . -1.69 -21.37 33.40
N1A NAD X . -0.01 -19.83 33.27
C2A NAD X . 0.47 -18.59 32.90
N3A NAD X . -0.17 -17.65 32.29
C4A NAD X . -1.47 -17.98 32.03
O3 NAD X . -6.29 -10.54 31.51
PN NAD X . -6.13 -9.25 32.45
O1N NAD X . -6.96 -8.10 31.98
O2N NAD X . -4.68 -8.87 32.25
O5D NAD X . -6.38 -9.70 33.95
C5D NAD X . -6.42 -11.06 34.40
C4D NAD X . -6.87 -11.17 35.82
O4D NAD X . -6.65 -9.91 36.56
C3D NAD X . -8.37 -11.49 36.02
O3D NAD X . -8.55 -12.40 37.10
C2D NAD X . -8.93 -10.09 36.32
O2D NAD X . -10.23 -10.06 36.90
C1D NAD X . -7.82 -9.69 37.32
N1N NAD X . -8.17 -8.20 37.64
C2N NAD X . -8.01 -8.13 39.01
C3N NAD X . -8.19 -6.95 39.66
C7N NAD X . -8.00 -6.70 41.20
O7N NAD X . -8.30 -5.63 41.60
N7N NAD X . -7.39 -7.69 41.89
C4N NAD X . -8.57 -5.74 39.00
C5N NAD X . -8.73 -5.92 37.63
C6N NAD X . -8.56 -7.07 36.89
C1 OXM Y . 7.58 0.60 14.90
N1 OXM Y . 6.42 -0.04 14.92
O1 OXM Y . 7.86 1.55 14.14
C2 OXM Y . 8.58 0.40 15.84
O2 OXM Y . 9.61 1.07 15.68
O3 OXM Y . 8.52 -0.38 16.79
PA NAD Z . -3.78 1.65 17.97
O1A NAD Z . -3.55 0.90 19.23
O2A NAD Z . -4.78 0.91 17.18
O5B NAD Z . -4.10 3.19 18.13
C5B NAD Z . -4.86 4.09 17.25
C4B NAD Z . -5.65 5.00 18.21
O4B NAD Z . -5.89 6.28 17.58
C3B NAD Z . -7.00 4.43 18.62
O3B NAD Z . -7.37 4.69 19.97
C2B NAD Z . -7.97 5.20 17.71
O2B NAD Z . -9.26 5.11 18.30
C1B NAD Z . -7.28 6.57 17.66
N9A NAD Z . -7.63 7.35 16.46
C8A NAD Z . -7.73 6.87 15.19
N7A NAD Z . -8.11 7.78 14.30
C5A NAD Z . -8.26 8.91 15.06
C6A NAD Z . -8.65 10.21 14.68
N6A NAD Z . -8.93 10.49 13.40
N1A NAD Z . -8.71 11.15 15.66
C2A NAD Z . -8.41 10.77 16.94
N3A NAD Z . -8.05 9.60 17.38
C4A NAD Z . -7.98 8.68 16.38
O3 NAD Z . -2.32 1.87 17.29
PN NAD Z . -1.01 1.98 18.23
O1N NAD Z . -0.46 0.62 18.46
O2N NAD Z . -1.46 2.61 19.52
O5D NAD Z . -0.16 2.95 17.32
C5D NAD Z . -0.78 3.65 16.19
C4D NAD Z . 0.44 4.26 15.53
O4D NAD Z . 1.60 3.78 16.29
C3D NAD Z . 0.69 3.88 14.08
O3D NAD Z . 0.61 5.04 13.26
C2D NAD Z . 2.11 3.30 14.10
O2D NAD Z . 2.78 3.63 12.90
C1D NAD Z . 2.67 3.93 15.36
N1N NAD Z . 3.69 3.32 15.99
C2N NAD Z . 4.76 4.14 15.77
C3N NAD Z . 5.97 3.84 16.34
C7N NAD Z . 7.21 4.74 16.09
O7N NAD Z . 8.34 4.37 16.42
N7N NAD Z . 6.96 5.96 15.59
C4N NAD Z . 6.16 2.70 17.14
C5N NAD Z . 5.01 1.92 17.30
C6N NAD Z . 3.76 2.18 16.79
C1 OXM AA . 13.93 25.99 64.61
N1 OXM AA . 15.17 26.44 64.41
O1 OXM AA . 13.05 26.80 64.89
C2 OXM AA . 13.67 24.63 64.64
O2 OXM AA . 12.52 24.20 64.89
O3 OXM AA . 14.50 23.75 64.43
PA NAD BA . 22.83 31.01 58.66
O1A NAD BA . 23.59 29.84 58.24
O2A NAD BA . 23.72 31.98 59.33
O5B NAD BA . 22.16 31.70 57.36
C5B NAD BA . 22.08 33.19 57.40
C4B NAD BA . 22.34 33.57 55.96
O4B NAD BA . 21.61 34.80 55.68
C3B NAD BA . 23.81 33.85 55.61
O3B NAD BA . 24.10 33.50 54.28
C2B NAD BA . 23.83 35.38 55.75
O2B NAD BA . 25.02 35.99 55.29
C1B NAD BA . 22.53 35.62 54.95
N9A NAD BA . 22.03 36.98 54.92
C8A NAD BA . 22.07 37.87 55.96
N7A NAD BA . 21.57 39.08 55.65
C5A NAD BA . 21.19 38.95 54.33
C6A NAD BA . 20.59 39.89 53.46
N6A NAD BA . 20.31 41.14 53.82
N1A NAD BA . 20.33 39.44 52.21
C2A NAD BA . 20.66 38.15 51.90
N3A NAD BA . 21.23 37.21 52.62
C4A NAD BA . 21.46 37.67 53.86
O3 NAD BA . 21.42 30.79 59.46
PN NAD BA . 20.35 29.62 59.16
O1N NAD BA . 20.73 28.52 60.09
O2N NAD BA . 20.57 29.27 57.72
O5D NAD BA . 18.88 30.19 59.40
C5D NAD BA . 18.48 31.56 59.27
C4D NAD BA . 17.07 31.71 59.76
O4D NAD BA . 16.29 30.47 59.55
C3D NAD BA . 16.96 32.00 61.27
O3D NAD BA . 15.83 32.78 61.55
C2D NAD BA . 16.78 30.58 61.80
O2D NAD BA . 16.34 30.58 63.14
C1D NAD BA . 15.68 30.18 60.80
N1N NAD BA . 15.42 28.75 60.98
C2N NAD BA . 14.06 28.64 60.87
C3N NAD BA . 13.47 27.42 60.99
C7N NAD BA . 11.93 27.23 60.87
O7N NAD BA . 11.47 26.00 61.01
N7N NAD BA . 11.33 28.42 60.69
C4N NAD BA . 14.18 26.22 61.26
C5N NAD BA . 15.56 26.47 61.36
C6N NAD BA . 16.24 27.64 61.26
#